data_2N6D
#
_entry.id   2N6D
#
_cell.length_a   1.000
_cell.length_b   1.000
_cell.length_c   1.000
_cell.angle_alpha   90.00
_cell.angle_beta   90.00
_cell.angle_gamma   90.00
#
_symmetry.space_group_name_H-M   'P 1'
#
_entity_poly.entity_id   1
_entity_poly.type   'polypeptide(L)'
_entity_poly.pdbx_seq_one_letter_code
;MKVPMLVLDPALPANITLKDLPSLYPSFHSASDIFNVAKPKNPSTNVSVVVFDSTKDVEDAHSGLLKGNSRQTVWRGYLT
TDKEVPGLVLMQDLAFLSGFPPTFKETNQLKTKLPENLSSKVKLLQLYSEASVALLKLNNPKDFQELNKQTKKNMTIDGK
ELTISPAYLLWD
;
_entity_poly.pdbx_strand_id   A
#
# COMPACT_ATOMS: atom_id res chain seq x y z
N MET A 1 -10.53 -1.02 11.84
CA MET A 1 -9.31 -1.79 11.57
C MET A 1 -8.10 -0.85 11.63
N LYS A 2 -6.88 -1.33 11.40
CA LYS A 2 -5.65 -0.53 11.19
C LYS A 2 -4.49 -1.49 10.95
N VAL A 3 -3.37 -1.07 10.35
CA VAL A 3 -2.23 -1.98 10.14
C VAL A 3 -0.91 -1.27 10.46
N PRO A 4 0.07 -1.98 11.05
CA PRO A 4 1.38 -1.42 11.32
C PRO A 4 2.15 -1.16 10.03
N MET A 5 2.31 0.10 9.67
CA MET A 5 3.36 0.56 8.76
C MET A 5 4.07 1.75 9.41
N LEU A 6 5.23 2.11 8.86
CA LEU A 6 5.87 3.40 9.08
C LEU A 6 5.75 4.18 7.78
N VAL A 7 5.81 5.50 7.92
CA VAL A 7 5.86 6.44 6.83
C VAL A 7 7.07 7.29 7.14
N LEU A 8 7.81 7.67 6.11
CA LEU A 8 9.04 8.44 6.21
C LEU A 8 8.97 9.52 5.14
N ASP A 9 9.97 10.39 5.07
CA ASP A 9 10.04 11.39 4.02
C ASP A 9 11.39 11.34 3.29
N PRO A 10 11.83 10.17 2.79
CA PRO A 10 13.12 10.01 2.12
C PRO A 10 13.06 10.58 0.70
N ALA A 11 14.11 10.34 -0.07
CA ALA A 11 13.98 9.95 -1.46
C ALA A 11 15.04 8.89 -1.66
N LEU A 12 14.62 7.64 -1.92
CA LEU A 12 15.51 6.65 -2.52
C LEU A 12 15.46 6.88 -4.03
N PRO A 13 16.55 6.62 -4.75
CA PRO A 13 16.54 6.65 -6.20
C PRO A 13 15.91 5.37 -6.73
N ALA A 14 15.65 5.33 -8.03
CA ALA A 14 15.08 4.20 -8.74
C ALA A 14 15.84 2.88 -8.54
N ASN A 15 17.13 2.91 -8.22
CA ASN A 15 17.96 1.71 -8.30
C ASN A 15 17.85 0.80 -7.08
N ILE A 16 17.36 1.29 -5.95
CA ILE A 16 17.51 0.55 -4.69
C ILE A 16 16.37 -0.44 -4.56
N THR A 17 16.72 -1.63 -4.10
CA THR A 17 15.81 -2.73 -3.78
C THR A 17 15.85 -2.99 -2.27
N LEU A 18 15.10 -3.98 -1.80
CA LEU A 18 15.25 -4.53 -0.45
C LEU A 18 16.68 -4.92 -0.12
N LYS A 19 17.52 -5.21 -1.12
CA LYS A 19 18.89 -5.67 -0.89
C LYS A 19 19.90 -4.54 -0.82
N ASP A 20 19.53 -3.33 -1.19
CA ASP A 20 20.34 -2.11 -0.99
C ASP A 20 19.67 -1.10 -0.04
N LEU A 21 18.48 -1.40 0.47
CA LEU A 21 17.83 -0.69 1.58
C LEU A 21 18.77 -0.64 2.82
N PRO A 22 19.14 -1.76 3.46
CA PRO A 22 19.88 -1.72 4.71
C PRO A 22 21.31 -1.17 4.55
N SER A 23 21.76 -0.90 3.32
CA SER A 23 23.00 -0.21 3.03
C SER A 23 23.06 1.13 3.78
N LEU A 24 21.95 1.88 3.83
CA LEU A 24 21.88 3.18 4.50
C LEU A 24 20.82 3.22 5.60
N TYR A 25 19.98 2.19 5.74
CA TYR A 25 18.79 2.17 6.59
C TYR A 25 18.87 0.99 7.56
N PRO A 26 19.78 1.02 8.55
CA PRO A 26 19.98 -0.12 9.44
C PRO A 26 18.71 -0.47 10.21
N SER A 27 18.03 0.49 10.83
CA SER A 27 16.86 0.17 11.65
C SER A 27 15.65 -0.26 10.80
N PHE A 28 15.70 -0.19 9.46
CA PHE A 28 14.60 -0.63 8.59
C PHE A 28 14.90 -1.96 7.91
N HIS A 29 15.94 -2.67 8.34
CA HIS A 29 16.40 -3.92 7.75
C HIS A 29 15.33 -5.04 7.72
N SER A 30 14.30 -5.01 8.57
CA SER A 30 13.37 -6.12 8.75
C SER A 30 12.21 -6.13 7.75
N ALA A 31 12.07 -5.15 6.85
CA ALA A 31 10.99 -5.11 5.90
C ALA A 31 11.15 -6.26 4.91
N SER A 32 10.08 -6.54 4.17
CA SER A 32 10.14 -7.43 3.01
C SER A 32 9.70 -6.73 1.73
N ASP A 33 9.29 -5.45 1.79
CA ASP A 33 8.85 -4.76 0.58
C ASP A 33 9.00 -3.25 0.75
N ILE A 34 9.17 -2.54 -0.36
CA ILE A 34 9.47 -1.12 -0.43
C ILE A 34 8.94 -0.60 -1.76
N PHE A 35 8.37 0.60 -1.82
CA PHE A 35 7.88 1.17 -3.08
C PHE A 35 8.13 2.67 -3.08
N ASN A 36 8.68 3.19 -4.18
CA ASN A 36 8.89 4.61 -4.44
C ASN A 36 7.55 5.22 -4.86
N VAL A 37 7.30 6.46 -4.45
CA VAL A 37 6.04 7.16 -4.65
C VAL A 37 6.29 8.67 -4.74
N ALA A 38 5.24 9.43 -5.06
CA ALA A 38 5.20 10.87 -4.79
C ALA A 38 4.81 11.12 -3.33
N LYS A 39 5.18 12.28 -2.79
CA LYS A 39 4.52 12.80 -1.59
C LYS A 39 3.07 13.16 -1.98
N PRO A 40 2.07 12.99 -1.10
CA PRO A 40 0.66 13.11 -1.46
C PRO A 40 0.26 14.54 -1.86
N LYS A 41 0.99 15.57 -1.41
CA LYS A 41 0.64 16.96 -1.59
C LYS A 41 1.79 17.80 -2.16
N ASN A 42 2.93 17.18 -2.50
CA ASN A 42 4.04 17.89 -3.13
C ASN A 42 4.69 16.98 -4.16
N PRO A 43 4.18 16.93 -5.41
CA PRO A 43 4.75 16.08 -6.45
C PRO A 43 6.14 16.51 -6.91
N SER A 44 6.63 17.68 -6.47
CA SER A 44 8.03 18.07 -6.62
C SER A 44 8.95 17.27 -5.68
N THR A 45 8.43 16.29 -4.94
CA THR A 45 9.21 15.43 -4.08
C THR A 45 8.74 13.99 -4.25
N ASN A 46 9.68 13.12 -4.59
CA ASN A 46 9.55 11.68 -4.40
C ASN A 46 9.66 11.41 -2.90
N VAL A 47 9.11 10.29 -2.45
CA VAL A 47 9.44 9.60 -1.20
C VAL A 47 9.34 8.09 -1.50
N SER A 48 9.35 7.27 -0.46
CA SER A 48 9.17 5.83 -0.55
C SER A 48 8.39 5.37 0.69
N VAL A 49 7.89 4.13 0.69
CA VAL A 49 7.11 3.49 1.73
C VAL A 49 7.66 2.07 1.91
N VAL A 50 7.31 1.39 3.02
CA VAL A 50 7.87 0.11 3.47
C VAL A 50 6.74 -0.83 3.92
N VAL A 51 6.95 -2.16 3.97
CA VAL A 51 6.04 -3.12 4.60
C VAL A 51 6.79 -4.00 5.61
N PHE A 52 6.30 -4.08 6.84
CA PHE A 52 6.84 -4.88 7.95
C PHE A 52 5.78 -5.88 8.43
N ASP A 53 6.25 -6.92 9.13
CA ASP A 53 5.46 -8.04 9.63
C ASP A 53 4.42 -7.60 10.65
N SER A 54 4.83 -6.90 11.71
CA SER A 54 3.92 -6.44 12.75
C SER A 54 4.50 -5.27 13.52
N THR A 55 3.73 -4.78 14.49
CA THR A 55 4.15 -3.81 15.48
C THR A 55 5.49 -4.19 16.12
N LYS A 56 5.77 -5.48 16.33
CA LYS A 56 6.89 -5.99 17.12
C LYS A 56 8.25 -5.59 16.53
N ASP A 57 8.34 -5.41 15.22
CA ASP A 57 9.57 -4.98 14.54
C ASP A 57 9.51 -3.51 14.16
N VAL A 58 8.30 -2.99 13.93
CA VAL A 58 7.99 -1.62 13.58
C VAL A 58 8.35 -0.62 14.67
N GLU A 59 7.98 -0.92 15.91
CA GLU A 59 8.15 0.02 17.00
C GLU A 59 9.62 0.34 17.22
N ASP A 60 10.40 -0.73 17.23
CA ASP A 60 11.84 -0.75 17.34
C ASP A 60 12.51 -0.13 16.10
N ALA A 61 12.04 -0.46 14.89
CA ALA A 61 12.54 0.13 13.64
C ALA A 61 12.45 1.66 13.66
N HIS A 62 11.31 2.17 14.11
CA HIS A 62 11.03 3.60 14.28
C HIS A 62 11.95 4.20 15.34
N SER A 63 12.11 3.49 16.46
CA SER A 63 13.01 3.87 17.55
C SER A 63 14.46 4.05 17.07
N GLY A 64 14.83 3.54 15.89
CA GLY A 64 16.11 3.75 15.24
C GLY A 64 16.56 5.20 15.25
N LEU A 65 15.65 6.13 14.98
CA LEU A 65 16.03 7.47 14.56
C LEU A 65 16.05 8.48 15.71
N LEU A 66 16.01 7.98 16.94
CA LEU A 66 15.78 8.77 18.13
C LEU A 66 17.11 9.05 18.82
N LYS A 67 17.83 10.05 18.30
CA LYS A 67 19.08 10.59 18.85
C LYS A 67 19.08 12.12 18.69
N GLY A 68 17.91 12.75 18.77
CA GLY A 68 17.73 14.20 18.65
C GLY A 68 17.95 14.78 17.25
N ASN A 69 18.64 14.08 16.35
CA ASN A 69 18.82 14.47 14.96
C ASN A 69 18.89 13.22 14.09
N SER A 70 18.60 13.37 12.80
CA SER A 70 18.64 12.36 11.77
C SER A 70 18.84 13.07 10.43
N ARG A 71 19.19 12.35 9.36
CA ARG A 71 19.09 12.83 7.98
C ARG A 71 17.71 12.49 7.40
N GLN A 72 16.77 12.07 8.25
CA GLN A 72 15.53 11.43 7.86
C GLN A 72 14.39 11.96 8.70
N THR A 73 13.19 11.63 8.27
CA THR A 73 11.91 11.94 8.87
C THR A 73 11.17 10.60 9.00
N VAL A 74 10.39 10.45 10.07
CA VAL A 74 9.39 9.42 10.31
C VAL A 74 8.08 10.12 10.68
N TRP A 75 6.95 9.64 10.16
CA TRP A 75 5.58 9.99 10.51
C TRP A 75 4.76 8.71 10.72
N ARG A 76 3.53 8.87 11.22
CA ARG A 76 2.61 7.76 11.41
C ARG A 76 1.70 7.58 10.20
N GLY A 77 1.34 6.34 9.91
CA GLY A 77 0.28 6.01 8.97
C GLY A 77 -0.39 4.68 9.32
N TYR A 78 -1.73 4.62 9.25
CA TYR A 78 -2.56 3.46 9.56
C TYR A 78 -3.68 3.38 8.52
N LEU A 79 -3.51 2.54 7.51
CA LEU A 79 -4.59 2.19 6.57
C LEU A 79 -5.65 1.39 7.32
N THR A 80 -6.92 1.54 6.92
CA THR A 80 -8.03 0.74 7.44
C THR A 80 -9.03 0.54 6.29
N THR A 81 -9.91 -0.46 6.44
CA THR A 81 -11.04 -0.70 5.56
C THR A 81 -12.32 -0.01 6.06
N ASP A 82 -12.41 0.38 7.34
CA ASP A 82 -13.69 0.79 7.94
C ASP A 82 -13.99 2.26 7.71
N LYS A 83 -15.21 2.59 7.29
CA LYS A 83 -15.75 3.94 7.18
C LYS A 83 -16.19 4.47 8.57
N GLU A 84 -15.46 4.10 9.62
CA GLU A 84 -15.87 4.25 11.00
C GLU A 84 -14.75 4.89 11.81
N VAL A 85 -14.11 5.90 11.23
CA VAL A 85 -13.14 6.74 11.90
C VAL A 85 -13.62 8.18 11.64
N PRO A 86 -13.63 9.08 12.64
CA PRO A 86 -13.79 10.50 12.37
C PRO A 86 -12.57 10.99 11.59
N GLY A 87 -12.71 12.09 10.84
CA GLY A 87 -11.60 12.73 10.14
C GLY A 87 -11.08 11.97 8.90
N LEU A 88 -11.58 10.76 8.59
CA LEU A 88 -11.09 9.94 7.47
C LEU A 88 -11.12 10.70 6.15
N VAL A 89 -10.21 10.36 5.23
CA VAL A 89 -10.13 10.92 3.88
C VAL A 89 -9.79 9.79 2.91
N LEU A 90 -10.33 9.82 1.69
CA LEU A 90 -9.97 8.88 0.62
C LEU A 90 -8.47 8.96 0.30
N MET A 91 -7.91 7.87 -0.20
CA MET A 91 -6.51 7.76 -0.61
C MET A 91 -6.20 8.59 -1.88
N GLN A 92 -4.94 8.52 -2.34
CA GLN A 92 -4.42 9.26 -3.48
C GLN A 92 -3.62 8.38 -4.46
N ASP A 93 -3.42 7.08 -4.19
CA ASP A 93 -2.72 6.13 -5.06
C ASP A 93 -2.90 4.70 -4.52
N LEU A 94 -3.94 4.40 -3.74
CA LEU A 94 -3.95 3.17 -2.95
C LEU A 94 -5.39 2.67 -2.77
N ALA A 95 -5.59 1.35 -2.71
CA ALA A 95 -6.90 0.71 -2.72
C ALA A 95 -6.84 -0.68 -2.07
N PHE A 96 -7.94 -1.44 -2.18
CA PHE A 96 -8.08 -2.85 -1.82
C PHE A 96 -8.74 -3.59 -2.99
N LEU A 97 -9.10 -4.86 -2.83
CA LEU A 97 -9.92 -5.67 -3.72
C LEU A 97 -10.63 -6.72 -2.86
N SER A 98 -11.83 -7.17 -3.25
CA SER A 98 -12.60 -8.18 -2.56
C SER A 98 -13.35 -9.08 -3.54
N GLY A 99 -14.11 -10.05 -3.03
CA GLY A 99 -15.11 -10.79 -3.79
C GLY A 99 -14.54 -11.92 -4.66
N PHE A 100 -13.22 -12.04 -4.79
CA PHE A 100 -12.60 -13.14 -5.53
C PHE A 100 -12.88 -14.49 -4.83
N PRO A 101 -12.82 -15.61 -5.57
CA PRO A 101 -13.08 -16.93 -5.02
C PRO A 101 -11.91 -17.47 -4.17
N PRO A 102 -12.10 -18.57 -3.42
CA PRO A 102 -11.07 -19.13 -2.55
C PRO A 102 -9.97 -19.88 -3.31
N THR A 103 -10.09 -20.08 -4.63
CA THR A 103 -9.12 -20.67 -5.55
C THR A 103 -7.86 -19.80 -5.76
N PHE A 104 -7.60 -18.88 -4.85
CA PHE A 104 -6.63 -17.81 -4.95
C PHE A 104 -5.89 -17.68 -3.61
N LYS A 105 -4.85 -18.50 -3.44
CA LYS A 105 -4.01 -18.53 -2.24
C LYS A 105 -2.54 -18.20 -2.55
N GLU A 106 -2.30 -17.45 -3.63
CA GLU A 106 -0.99 -16.91 -4.00
C GLU A 106 -1.20 -15.60 -4.75
N THR A 107 -0.20 -14.71 -4.71
CA THR A 107 -0.23 -13.44 -5.42
C THR A 107 -0.09 -13.68 -6.93
N ASN A 108 0.81 -14.59 -7.34
CA ASN A 108 1.18 -14.83 -8.74
C ASN A 108 -0.03 -15.19 -9.56
N GLN A 109 -0.92 -16.00 -8.98
CA GLN A 109 -2.21 -16.34 -9.55
C GLN A 109 -2.96 -15.08 -10.02
N LEU A 110 -3.41 -14.25 -9.07
CA LEU A 110 -4.25 -13.11 -9.43
C LEU A 110 -3.51 -12.01 -10.17
N LYS A 111 -2.16 -11.98 -10.08
CA LYS A 111 -1.30 -10.97 -10.69
C LYS A 111 -1.63 -10.73 -12.17
N THR A 112 -2.12 -11.75 -12.88
CA THR A 112 -2.39 -11.71 -14.30
C THR A 112 -3.86 -12.08 -14.62
N LYS A 113 -4.75 -12.08 -13.62
CA LYS A 113 -6.19 -12.34 -13.81
C LYS A 113 -7.08 -11.25 -13.20
N LEU A 114 -6.50 -10.22 -12.57
CA LEU A 114 -7.28 -9.02 -12.27
C LEU A 114 -7.69 -8.38 -13.59
N PRO A 115 -8.89 -7.78 -13.65
CA PRO A 115 -9.43 -7.21 -14.87
C PRO A 115 -8.76 -5.87 -15.19
N GLU A 116 -8.81 -5.45 -16.45
CA GLU A 116 -8.18 -4.26 -17.02
C GLU A 116 -8.35 -3.01 -16.14
N ASN A 117 -9.58 -2.68 -15.79
CA ASN A 117 -9.93 -1.50 -14.97
C ASN A 117 -9.13 -1.44 -13.65
N LEU A 118 -8.69 -2.57 -13.12
CA LEU A 118 -7.94 -2.73 -11.88
C LEU A 118 -6.65 -3.51 -12.12
N SER A 119 -6.15 -3.49 -13.34
CA SER A 119 -4.94 -4.16 -13.78
C SER A 119 -4.51 -3.43 -15.06
N SER A 120 -4.10 -2.18 -14.88
CA SER A 120 -3.68 -1.26 -15.93
C SER A 120 -2.34 -0.64 -15.52
N LYS A 121 -2.34 0.30 -14.56
CA LYS A 121 -1.13 0.95 -14.04
C LYS A 121 -1.01 0.69 -12.54
N VAL A 122 -1.20 -0.56 -12.14
CA VAL A 122 -1.28 -0.94 -10.74
C VAL A 122 -0.41 -2.15 -10.43
N LYS A 123 -0.36 -2.55 -9.16
CA LYS A 123 0.34 -3.73 -8.67
C LYS A 123 -0.33 -4.27 -7.42
N LEU A 124 -0.14 -5.57 -7.19
CA LEU A 124 -0.35 -6.18 -5.90
C LEU A 124 0.97 -6.08 -5.15
N LEU A 125 0.90 -6.03 -3.81
CA LEU A 125 2.02 -6.27 -2.91
C LEU A 125 1.54 -6.64 -1.51
N GLN A 126 0.29 -7.12 -1.37
CA GLN A 126 -0.35 -7.38 -0.08
C GLN A 126 -1.63 -8.20 -0.33
N LEU A 127 -1.55 -9.53 -0.25
CA LEU A 127 -2.68 -10.48 -0.34
C LEU A 127 -2.61 -11.41 0.87
N TYR A 128 -3.76 -11.90 1.37
CA TYR A 128 -3.76 -12.89 2.44
C TYR A 128 -3.57 -14.30 1.87
N SER A 129 -2.81 -15.14 2.57
CA SER A 129 -2.46 -16.48 2.12
C SER A 129 -3.60 -17.51 2.33
N GLU A 130 -4.64 -17.11 3.07
CA GLU A 130 -5.55 -18.03 3.74
C GLU A 130 -6.91 -17.35 3.95
N ALA A 131 -6.89 -16.10 4.44
CA ALA A 131 -8.06 -15.22 4.41
C ALA A 131 -8.27 -14.67 3.00
N SER A 132 -9.35 -13.90 2.78
CA SER A 132 -9.77 -13.43 1.46
C SER A 132 -9.95 -11.90 1.44
N VAL A 133 -8.86 -11.13 1.51
CA VAL A 133 -8.82 -9.68 1.29
C VAL A 133 -7.45 -9.35 0.69
N ALA A 134 -7.38 -8.38 -0.22
CA ALA A 134 -6.12 -7.90 -0.78
C ALA A 134 -6.08 -6.39 -0.72
N LEU A 135 -4.88 -5.82 -0.62
CA LEU A 135 -4.60 -4.40 -0.79
C LEU A 135 -4.14 -4.16 -2.23
N LEU A 136 -3.86 -2.91 -2.60
CA LEU A 136 -3.37 -2.52 -3.92
C LEU A 136 -2.57 -1.25 -3.80
N LYS A 137 -1.77 -1.02 -4.84
CA LYS A 137 -1.08 0.22 -5.11
C LYS A 137 -1.36 0.55 -6.57
N LEU A 138 -1.77 1.78 -6.84
CA LEU A 138 -1.96 2.28 -8.20
C LEU A 138 -0.96 3.40 -8.46
N ASN A 139 -0.85 3.81 -9.72
CA ASN A 139 0.04 4.88 -10.15
C ASN A 139 -0.68 5.98 -10.90
N ASN A 140 -1.96 5.80 -11.30
CA ASN A 140 -2.72 6.79 -12.05
C ASN A 140 -4.03 7.08 -11.31
N PRO A 141 -3.99 7.92 -10.25
CA PRO A 141 -5.18 8.25 -9.49
C PRO A 141 -6.18 9.08 -10.30
N LYS A 142 -5.72 9.62 -11.43
CA LYS A 142 -6.52 10.34 -12.41
C LYS A 142 -7.79 9.54 -12.70
N ASP A 143 -7.61 8.28 -13.08
CA ASP A 143 -8.69 7.37 -13.46
C ASP A 143 -9.20 6.59 -12.25
N PHE A 144 -8.39 6.38 -11.20
CA PHE A 144 -8.89 5.71 -10.00
C PHE A 144 -10.09 6.45 -9.44
N GLN A 145 -10.05 7.79 -9.42
CA GLN A 145 -11.15 8.63 -8.95
C GLN A 145 -12.46 8.32 -9.69
N GLU A 146 -12.38 7.86 -10.94
CA GLU A 146 -13.52 7.61 -11.81
C GLU A 146 -14.01 6.18 -11.60
N LEU A 147 -13.08 5.23 -11.51
CA LEU A 147 -13.28 3.83 -11.19
C LEU A 147 -13.96 3.68 -9.82
N ASN A 148 -13.50 4.47 -8.85
CA ASN A 148 -14.01 4.51 -7.49
C ASN A 148 -15.52 4.73 -7.43
N LYS A 149 -16.07 5.39 -8.46
CA LYS A 149 -17.48 5.70 -8.59
C LYS A 149 -18.06 5.19 -9.91
N GLN A 150 -17.45 4.17 -10.53
CA GLN A 150 -17.98 3.51 -11.72
C GLN A 150 -19.32 2.84 -11.43
N THR A 151 -20.02 2.34 -12.46
CA THR A 151 -21.42 1.91 -12.35
C THR A 151 -21.77 0.78 -13.35
N LYS A 152 -20.80 0.15 -14.00
CA LYS A 152 -21.03 -0.90 -15.00
C LYS A 152 -20.23 -2.17 -14.73
N LYS A 153 -20.70 -3.28 -15.31
CA LYS A 153 -20.02 -4.58 -15.36
C LYS A 153 -18.65 -4.42 -16.00
N ASN A 154 -17.58 -4.86 -15.34
CA ASN A 154 -16.24 -4.83 -15.92
C ASN A 154 -15.31 -5.84 -15.28
N MET A 155 -15.49 -6.15 -13.99
CA MET A 155 -14.64 -7.11 -13.30
C MET A 155 -15.26 -8.50 -13.40
N THR A 156 -14.45 -9.52 -13.68
CA THR A 156 -14.88 -10.93 -13.65
C THR A 156 -13.65 -11.81 -13.40
N ILE A 157 -13.79 -12.89 -12.62
CA ILE A 157 -12.85 -14.00 -12.51
C ILE A 157 -13.73 -15.25 -12.47
N ASP A 158 -13.37 -16.29 -13.22
CA ASP A 158 -14.11 -17.55 -13.37
C ASP A 158 -15.59 -17.31 -13.71
N GLY A 159 -15.87 -16.26 -14.51
CA GLY A 159 -17.22 -15.86 -14.90
C GLY A 159 -18.00 -15.11 -13.82
N LYS A 160 -17.44 -14.95 -12.63
CA LYS A 160 -18.06 -14.35 -11.47
C LYS A 160 -17.50 -12.94 -11.30
N GLU A 161 -18.35 -11.93 -11.21
CA GLU A 161 -17.91 -10.56 -11.00
C GLU A 161 -17.39 -10.35 -9.58
N LEU A 162 -16.82 -9.17 -9.33
CA LEU A 162 -16.18 -8.74 -8.09
C LEU A 162 -16.64 -7.30 -7.80
N THR A 163 -16.01 -6.63 -6.84
CA THR A 163 -15.88 -5.19 -6.86
C THR A 163 -14.56 -4.81 -6.18
N ILE A 164 -14.31 -3.50 -6.04
CA ILE A 164 -13.25 -2.95 -5.24
C ILE A 164 -13.87 -2.41 -3.96
N SER A 165 -13.13 -2.50 -2.87
CA SER A 165 -13.45 -1.89 -1.60
C SER A 165 -12.85 -0.47 -1.58
N PRO A 166 -13.38 0.44 -0.75
CA PRO A 166 -12.77 1.73 -0.44
C PRO A 166 -11.46 1.54 0.34
N ALA A 167 -10.68 2.61 0.46
CA ALA A 167 -9.50 2.73 1.33
C ALA A 167 -9.44 4.17 1.85
N TYR A 168 -8.97 4.39 3.08
CA TYR A 168 -8.85 5.73 3.66
C TYR A 168 -7.48 5.92 4.32
N LEU A 169 -7.08 7.19 4.47
CA LEU A 169 -5.78 7.63 4.98
C LEU A 169 -5.96 8.17 6.40
N LEU A 170 -5.20 7.66 7.37
CA LEU A 170 -5.18 8.13 8.76
C LEU A 170 -3.73 8.34 9.15
N TRP A 171 -3.31 9.59 9.43
CA TRP A 171 -2.04 9.90 10.10
C TRP A 171 -2.29 10.07 11.61
N ASP A 172 -1.23 10.15 12.41
CA ASP A 172 -1.32 10.53 13.81
C ASP A 172 -0.39 11.71 14.02
N MET A 1 -11.34 0.66 11.62
CA MET A 1 -10.41 -0.46 11.80
C MET A 1 -9.07 -0.05 11.21
N LYS A 2 -8.00 -0.81 11.43
CA LYS A 2 -6.71 -0.42 10.83
C LYS A 2 -5.84 -1.58 10.39
N VAL A 3 -4.64 -1.27 9.89
CA VAL A 3 -3.57 -2.20 9.54
C VAL A 3 -2.25 -1.61 10.04
N PRO A 4 -1.28 -2.41 10.52
CA PRO A 4 0.06 -1.93 10.85
C PRO A 4 0.85 -1.54 9.60
N MET A 5 1.39 -0.32 9.56
CA MET A 5 2.45 0.05 8.65
C MET A 5 3.28 1.19 9.24
N LEU A 6 4.35 1.57 8.55
CA LEU A 6 5.35 2.52 9.02
C LEU A 6 5.61 3.52 7.90
N VAL A 7 5.96 4.76 8.26
CA VAL A 7 6.03 5.90 7.36
C VAL A 7 7.35 6.64 7.67
N LEU A 8 7.93 7.26 6.65
CA LEU A 8 9.21 7.94 6.68
C LEU A 8 9.23 9.08 5.66
N ASP A 9 10.28 9.89 5.67
CA ASP A 9 10.47 11.04 4.76
C ASP A 9 11.87 11.03 4.10
N PRO A 10 12.26 9.94 3.39
CA PRO A 10 13.53 9.86 2.68
C PRO A 10 13.51 10.64 1.35
N ALA A 11 14.48 10.40 0.46
CA ALA A 11 14.41 10.69 -0.96
C ALA A 11 15.46 9.85 -1.69
N LEU A 12 15.13 8.61 -2.02
CA LEU A 12 16.05 7.70 -2.71
C LEU A 12 16.10 8.07 -4.19
N PRO A 13 17.26 7.88 -4.85
CA PRO A 13 17.40 8.06 -6.28
C PRO A 13 16.72 6.93 -7.07
N ALA A 14 16.54 7.14 -8.38
CA ALA A 14 15.82 6.28 -9.29
C ALA A 14 16.57 4.98 -9.65
N ASN A 15 17.58 4.56 -8.88
CA ASN A 15 18.36 3.34 -9.10
C ASN A 15 18.12 2.25 -8.05
N ILE A 16 17.13 2.43 -7.16
CA ILE A 16 16.99 1.67 -5.93
C ILE A 16 15.73 0.80 -6.03
N THR A 17 15.74 -0.36 -5.37
CA THR A 17 14.56 -1.22 -5.15
C THR A 17 14.56 -1.74 -3.71
N LEU A 18 13.70 -2.73 -3.43
CA LEU A 18 13.77 -3.59 -2.27
C LEU A 18 15.20 -4.10 -2.02
N LYS A 19 15.96 -4.44 -3.06
CA LYS A 19 17.34 -4.93 -2.92
C LYS A 19 18.28 -3.87 -2.36
N ASP A 20 17.95 -2.59 -2.36
CA ASP A 20 18.83 -1.53 -1.84
C ASP A 20 18.23 -0.79 -0.65
N LEU A 21 17.01 -1.14 -0.24
CA LEU A 21 16.41 -0.69 1.01
C LEU A 21 17.34 -0.95 2.22
N PRO A 22 17.73 -2.21 2.53
CA PRO A 22 18.52 -2.49 3.73
C PRO A 22 19.95 -1.94 3.66
N SER A 23 20.37 -1.42 2.50
CA SER A 23 21.68 -0.84 2.31
C SER A 23 21.80 0.56 2.94
N LEU A 24 20.67 1.21 3.27
CA LEU A 24 20.65 2.50 3.96
C LEU A 24 20.00 2.39 5.34
N TYR A 25 19.24 1.31 5.62
CA TYR A 25 18.40 1.20 6.80
C TYR A 25 18.55 -0.21 7.40
N PRO A 26 19.56 -0.43 8.26
CA PRO A 26 19.86 -1.76 8.77
C PRO A 26 18.74 -2.34 9.63
N SER A 27 17.94 -1.52 10.32
CA SER A 27 16.75 -2.00 11.00
C SER A 27 15.71 -2.49 9.98
N PHE A 28 15.43 -1.67 8.96
CA PHE A 28 14.29 -1.85 8.05
C PHE A 28 14.46 -3.05 7.08
N HIS A 29 15.49 -3.87 7.28
CA HIS A 29 15.75 -5.12 6.58
C HIS A 29 14.67 -6.20 6.76
N SER A 30 13.68 -5.98 7.63
CA SER A 30 12.58 -6.91 7.90
C SER A 30 11.30 -6.52 7.16
N ALA A 31 11.31 -5.45 6.34
CA ALA A 31 10.25 -5.16 5.42
C ALA A 31 10.33 -6.15 4.27
N SER A 32 9.20 -6.41 3.63
CA SER A 32 9.12 -7.26 2.45
C SER A 32 8.38 -6.54 1.32
N ASP A 33 8.34 -5.20 1.36
CA ASP A 33 8.12 -4.40 0.15
C ASP A 33 8.57 -2.97 0.37
N ILE A 34 8.79 -2.24 -0.73
CA ILE A 34 9.00 -0.80 -0.74
C ILE A 34 8.73 -0.28 -2.16
N PHE A 35 8.28 0.96 -2.23
CA PHE A 35 8.07 1.75 -3.43
C PHE A 35 8.50 3.18 -3.12
N ASN A 36 9.06 3.87 -4.10
CA ASN A 36 9.56 5.24 -4.02
C ASN A 36 8.56 6.11 -4.76
N VAL A 37 7.80 6.91 -4.02
CA VAL A 37 6.66 7.68 -4.51
C VAL A 37 6.60 9.00 -3.73
N ALA A 38 6.11 10.06 -4.36
CA ALA A 38 6.17 11.43 -3.83
C ALA A 38 5.35 11.61 -2.55
N LYS A 39 5.62 12.70 -1.83
CA LYS A 39 4.88 13.04 -0.62
C LYS A 39 3.43 13.37 -0.98
N PRO A 40 2.44 13.00 -0.14
CA PRO A 40 1.03 13.13 -0.45
C PRO A 40 0.56 14.59 -0.57
N LYS A 41 1.29 15.53 0.03
CA LYS A 41 0.96 16.96 0.03
C LYS A 41 2.21 17.83 -0.02
N ASN A 42 3.33 17.25 -0.47
CA ASN A 42 4.59 17.97 -0.65
C ASN A 42 5.26 17.52 -1.95
N PRO A 43 4.60 17.71 -3.11
CA PRO A 43 5.04 17.18 -4.42
C PRO A 43 6.35 17.79 -4.93
N SER A 44 6.93 18.77 -4.24
CA SER A 44 8.31 19.18 -4.48
C SER A 44 9.33 18.22 -3.84
N THR A 45 8.92 17.11 -3.23
CA THR A 45 9.81 16.20 -2.53
C THR A 45 9.38 14.72 -2.68
N ASN A 46 10.35 13.91 -3.11
CA ASN A 46 10.31 12.44 -3.19
C ASN A 46 10.23 11.88 -1.76
N VAL A 47 9.60 10.71 -1.56
CA VAL A 47 9.70 9.84 -0.38
C VAL A 47 9.58 8.38 -0.81
N SER A 48 9.38 7.48 0.15
CA SER A 48 9.23 6.06 0.03
C SER A 48 8.12 5.63 0.99
N VAL A 49 7.67 4.39 0.85
CA VAL A 49 6.71 3.71 1.70
C VAL A 49 7.26 2.30 1.87
N VAL A 50 7.07 1.70 3.04
CA VAL A 50 7.62 0.39 3.39
C VAL A 50 6.47 -0.50 3.89
N VAL A 51 6.63 -1.82 3.84
CA VAL A 51 5.64 -2.81 4.23
C VAL A 51 6.35 -3.90 5.04
N PHE A 52 5.81 -4.29 6.21
CA PHE A 52 6.36 -5.35 7.04
C PHE A 52 5.30 -6.41 7.31
N ASP A 53 5.74 -7.61 7.70
CA ASP A 53 4.87 -8.76 7.98
C ASP A 53 3.97 -8.52 9.18
N SER A 54 4.51 -8.01 10.28
CA SER A 54 3.78 -7.73 11.52
C SER A 54 4.47 -6.62 12.30
N THR A 55 3.86 -6.24 13.43
CA THR A 55 4.31 -5.17 14.31
C THR A 55 5.73 -5.35 14.86
N LYS A 56 6.28 -6.58 14.87
CA LYS A 56 7.58 -6.96 15.44
C LYS A 56 8.68 -5.97 15.09
N ASP A 57 8.67 -5.50 13.84
CA ASP A 57 9.74 -4.75 13.21
C ASP A 57 9.18 -3.43 12.67
N VAL A 58 8.01 -3.02 13.14
CA VAL A 58 7.33 -1.77 12.83
C VAL A 58 7.41 -0.83 14.03
N GLU A 59 6.83 -1.24 15.17
CA GLU A 59 6.52 -0.28 16.23
C GLU A 59 7.77 0.13 16.99
N ASP A 60 8.57 -0.88 17.28
CA ASP A 60 9.96 -0.74 17.72
C ASP A 60 10.79 -0.01 16.68
N ALA A 61 10.58 -0.28 15.39
CA ALA A 61 11.41 0.30 14.35
C ALA A 61 11.26 1.81 14.30
N HIS A 62 10.08 2.35 14.59
CA HIS A 62 9.92 3.79 14.83
C HIS A 62 10.82 4.17 16.01
N SER A 63 10.65 3.48 17.13
CA SER A 63 11.37 3.68 18.38
C SER A 63 12.89 3.42 18.30
N GLY A 64 13.42 3.02 17.13
CA GLY A 64 14.82 2.76 16.88
C GLY A 64 15.58 3.94 16.29
N LEU A 65 14.88 5.03 15.92
CA LEU A 65 15.48 6.18 15.25
C LEU A 65 15.12 7.51 15.90
N LEU A 66 14.58 7.45 17.11
CA LEU A 66 14.33 8.60 17.98
C LEU A 66 15.62 9.04 18.70
N LYS A 67 16.76 8.98 18.00
CA LYS A 67 18.07 9.35 18.52
C LYS A 67 18.19 10.86 18.43
N GLY A 68 19.25 11.40 19.04
CA GLY A 68 19.63 12.78 18.80
C GLY A 68 20.01 13.06 17.33
N ASN A 69 20.23 12.04 16.48
CA ASN A 69 20.72 12.17 15.11
C ASN A 69 20.26 10.98 14.27
N SER A 70 19.69 11.25 13.10
CA SER A 70 19.42 10.27 12.04
C SER A 70 19.20 11.04 10.74
N ARG A 71 19.80 10.63 9.62
CA ARG A 71 19.44 11.19 8.31
C ARG A 71 18.20 10.48 7.78
N GLN A 72 17.15 10.47 8.60
CA GLN A 72 15.89 9.81 8.39
C GLN A 72 14.92 10.31 9.46
N THR A 73 13.61 10.09 9.26
CA THR A 73 12.56 10.33 10.22
C THR A 73 11.59 9.15 10.25
N VAL A 74 10.91 8.94 11.36
CA VAL A 74 10.01 7.83 11.63
C VAL A 74 8.67 8.40 12.08
N TRP A 75 7.62 8.16 11.31
CA TRP A 75 6.25 8.57 11.63
C TRP A 75 5.40 7.29 11.74
N ARG A 76 4.08 7.44 11.78
CA ARG A 76 3.11 6.35 11.72
C ARG A 76 2.06 6.67 10.66
N GLY A 77 1.45 5.63 10.09
CA GLY A 77 0.28 5.75 9.24
C GLY A 77 -0.53 4.49 9.42
N TYR A 78 -1.83 4.60 9.19
CA TYR A 78 -2.77 3.50 9.22
C TYR A 78 -3.69 3.66 8.00
N LEU A 79 -4.46 2.61 7.70
CA LEU A 79 -5.35 2.49 6.56
C LEU A 79 -6.60 1.80 7.07
N THR A 80 -7.78 2.32 6.78
CA THR A 80 -9.04 1.66 7.10
C THR A 80 -9.77 1.37 5.80
N THR A 81 -10.88 0.62 5.90
CA THR A 81 -11.92 0.65 4.87
C THR A 81 -13.09 1.58 5.24
N ASP A 82 -13.27 1.95 6.52
CA ASP A 82 -14.58 2.44 6.95
C ASP A 82 -14.73 3.95 6.85
N LYS A 83 -15.90 4.38 6.38
CA LYS A 83 -16.31 5.78 6.19
C LYS A 83 -16.42 6.55 7.52
N GLU A 84 -16.40 5.87 8.66
CA GLU A 84 -16.84 6.41 9.95
C GLU A 84 -15.64 6.99 10.70
N VAL A 85 -14.94 7.92 10.04
CA VAL A 85 -13.78 8.60 10.56
C VAL A 85 -13.99 10.11 10.39
N PRO A 86 -13.80 10.92 11.44
CA PRO A 86 -13.90 12.37 11.39
C PRO A 86 -12.75 12.96 10.56
N GLY A 87 -13.07 13.53 9.40
CA GLY A 87 -12.09 14.16 8.54
C GLY A 87 -11.21 13.14 7.85
N LEU A 88 -11.83 12.05 7.34
CA LEU A 88 -11.12 11.09 6.51
C LEU A 88 -10.60 11.78 5.25
N VAL A 89 -9.52 11.24 4.70
CA VAL A 89 -8.86 11.74 3.50
C VAL A 89 -8.83 10.57 2.52
N LEU A 90 -8.96 10.83 1.21
CA LEU A 90 -8.84 9.78 0.21
C LEU A 90 -7.38 9.40 0.08
N MET A 91 -7.10 8.13 -0.20
CA MET A 91 -5.79 7.71 -0.67
C MET A 91 -5.57 8.32 -2.03
N GLN A 92 -4.34 8.74 -2.30
CA GLN A 92 -3.92 9.17 -3.63
C GLN A 92 -3.46 7.96 -4.46
N ASP A 93 -3.26 6.80 -3.82
CA ASP A 93 -2.34 5.79 -4.34
C ASP A 93 -2.56 4.36 -3.83
N LEU A 94 -3.64 4.07 -3.10
CA LEU A 94 -3.91 2.71 -2.59
C LEU A 94 -5.39 2.40 -2.72
N ALA A 95 -5.71 1.13 -2.87
CA ALA A 95 -7.07 0.59 -2.88
C ALA A 95 -7.05 -0.85 -2.34
N PHE A 96 -8.23 -1.39 -1.99
CA PHE A 96 -8.45 -2.78 -1.56
C PHE A 96 -9.14 -3.54 -2.70
N LEU A 97 -9.45 -4.83 -2.52
CA LEU A 97 -10.28 -5.61 -3.44
C LEU A 97 -10.78 -6.84 -2.67
N SER A 98 -12.01 -7.27 -2.94
CA SER A 98 -12.61 -8.44 -2.34
C SER A 98 -13.51 -9.16 -3.36
N GLY A 99 -14.02 -10.33 -2.99
CA GLY A 99 -14.97 -11.13 -3.77
C GLY A 99 -14.33 -12.35 -4.43
N PHE A 100 -13.00 -12.39 -4.54
CA PHE A 100 -12.29 -13.48 -5.20
C PHE A 100 -12.43 -14.78 -4.40
N PRO A 101 -12.44 -15.95 -5.07
CA PRO A 101 -12.41 -17.25 -4.41
C PRO A 101 -11.08 -17.51 -3.66
N PRO A 102 -11.00 -18.61 -2.88
CA PRO A 102 -9.88 -18.85 -1.98
C PRO A 102 -8.62 -19.40 -2.68
N THR A 103 -8.71 -19.79 -3.95
CA THR A 103 -7.58 -20.45 -4.63
C THR A 103 -6.47 -19.43 -4.97
N PHE A 104 -6.66 -18.14 -4.63
CA PHE A 104 -5.65 -17.10 -4.67
C PHE A 104 -5.01 -16.92 -3.29
N LYS A 105 -4.02 -17.74 -2.95
CA LYS A 105 -3.19 -17.59 -1.74
C LYS A 105 -1.73 -17.31 -2.10
N GLU A 106 -1.52 -16.56 -3.16
CA GLU A 106 -0.20 -16.26 -3.68
C GLU A 106 -0.29 -14.93 -4.43
N THR A 107 0.72 -14.08 -4.33
CA THR A 107 0.73 -12.78 -4.97
C THR A 107 0.78 -12.95 -6.49
N ASN A 108 1.67 -13.81 -7.00
CA ASN A 108 1.86 -13.96 -8.45
C ASN A 108 0.65 -14.63 -9.11
N GLN A 109 -0.13 -15.39 -8.34
CA GLN A 109 -1.32 -16.10 -8.79
C GLN A 109 -2.34 -15.13 -9.34
N LEU A 110 -2.82 -14.20 -8.50
CA LEU A 110 -3.95 -13.35 -8.85
C LEU A 110 -3.53 -12.16 -9.71
N LYS A 111 -2.23 -11.84 -9.72
CA LYS A 111 -1.60 -10.73 -10.45
C LYS A 111 -2.12 -10.66 -11.88
N THR A 112 -1.96 -11.76 -12.60
CA THR A 112 -2.34 -11.91 -14.00
C THR A 112 -3.85 -12.11 -14.15
N LYS A 113 -4.51 -12.70 -13.15
CA LYS A 113 -5.93 -13.04 -13.21
C LYS A 113 -6.85 -11.84 -13.01
N LEU A 114 -6.34 -10.64 -12.74
CA LEU A 114 -7.16 -9.48 -12.37
C LEU A 114 -8.30 -9.24 -13.39
N PRO A 115 -9.45 -8.70 -12.93
CA PRO A 115 -10.62 -8.34 -13.75
C PRO A 115 -10.38 -7.25 -14.81
N GLU A 116 -9.12 -6.84 -15.06
CA GLU A 116 -8.62 -5.97 -16.10
C GLU A 116 -8.93 -4.49 -15.86
N ASN A 117 -10.17 -4.15 -15.54
CA ASN A 117 -10.63 -2.80 -15.20
C ASN A 117 -9.77 -2.14 -14.12
N LEU A 118 -9.16 -2.98 -13.27
CA LEU A 118 -8.37 -2.63 -12.10
C LEU A 118 -6.95 -3.18 -12.27
N SER A 119 -6.44 -3.14 -13.50
CA SER A 119 -5.11 -3.56 -13.89
C SER A 119 -4.53 -2.63 -14.99
N SER A 120 -5.18 -1.51 -15.34
CA SER A 120 -4.77 -0.62 -16.43
C SER A 120 -3.38 -0.06 -16.15
N LYS A 121 -3.23 0.77 -15.10
CA LYS A 121 -1.98 1.47 -14.81
C LYS A 121 -1.41 1.08 -13.44
N VAL A 122 -2.06 0.13 -12.77
CA VAL A 122 -1.82 -0.21 -11.37
C VAL A 122 -0.88 -1.42 -11.25
N LYS A 123 -0.61 -1.86 -10.02
CA LYS A 123 0.06 -3.12 -9.69
C LYS A 123 -0.33 -3.57 -8.26
N LEU A 124 0.14 -4.75 -7.83
CA LEU A 124 -0.22 -5.42 -6.57
C LEU A 124 1.05 -5.60 -5.74
N LEU A 125 1.06 -5.18 -4.47
CA LEU A 125 2.24 -5.32 -3.61
C LEU A 125 1.87 -5.36 -2.13
N GLN A 126 0.76 -6.01 -1.83
CA GLN A 126 0.35 -6.39 -0.49
C GLN A 126 -0.68 -7.50 -0.65
N LEU A 127 -0.34 -8.70 -0.19
CA LEU A 127 -1.31 -9.77 0.04
C LEU A 127 -1.10 -10.28 1.46
N TYR A 128 -2.22 -10.53 2.13
CA TYR A 128 -2.25 -10.90 3.55
C TYR A 128 -1.76 -12.35 3.69
N SER A 129 -0.66 -12.55 4.40
CA SER A 129 -0.15 -13.87 4.78
C SER A 129 -1.02 -14.55 5.85
N GLU A 130 -2.34 -14.53 5.69
CA GLU A 130 -3.31 -15.41 6.34
C GLU A 130 -4.68 -15.18 5.69
N ALA A 131 -5.14 -13.92 5.66
CA ALA A 131 -6.45 -13.56 5.15
C ALA A 131 -6.45 -13.43 3.63
N SER A 132 -7.65 -13.41 3.05
CA SER A 132 -7.88 -13.08 1.65
C SER A 132 -8.31 -11.63 1.50
N VAL A 133 -7.35 -10.71 1.62
CA VAL A 133 -7.45 -9.31 1.26
C VAL A 133 -6.08 -8.95 0.63
N ALA A 134 -6.08 -8.08 -0.39
CA ALA A 134 -4.89 -7.70 -1.14
C ALA A 134 -5.00 -6.21 -1.50
N LEU A 135 -3.96 -5.42 -1.18
CA LEU A 135 -3.92 -3.98 -1.39
C LEU A 135 -3.13 -3.64 -2.66
N LEU A 136 -3.43 -2.46 -3.21
CA LEU A 136 -3.02 -2.05 -4.55
C LEU A 136 -2.15 -0.80 -4.56
N LYS A 137 -1.67 -0.45 -5.75
CA LYS A 137 -0.82 0.70 -6.01
C LYS A 137 -1.13 1.20 -7.41
N LEU A 138 -1.64 2.43 -7.52
CA LEU A 138 -1.84 3.12 -8.78
C LEU A 138 -0.69 4.11 -8.99
N ASN A 139 -0.38 4.41 -10.24
CA ASN A 139 0.71 5.30 -10.61
C ASN A 139 0.30 6.76 -10.44
N ASN A 140 -0.96 7.07 -10.74
CA ASN A 140 -1.56 8.38 -10.74
C ASN A 140 -3.07 8.18 -10.58
N PRO A 141 -3.82 9.07 -9.91
CA PRO A 141 -5.22 8.83 -9.59
C PRO A 141 -6.15 8.76 -10.80
N LYS A 142 -5.68 9.18 -11.99
CA LYS A 142 -6.46 9.30 -13.20
C LYS A 142 -7.37 8.08 -13.44
N ASP A 143 -6.79 6.90 -13.67
CA ASP A 143 -7.55 5.71 -14.06
C ASP A 143 -8.35 5.14 -12.88
N PHE A 144 -7.88 5.32 -11.64
CA PHE A 144 -8.63 4.94 -10.46
C PHE A 144 -9.92 5.75 -10.35
N GLN A 145 -9.85 7.07 -10.57
CA GLN A 145 -11.00 7.96 -10.52
C GLN A 145 -12.10 7.53 -11.48
N GLU A 146 -11.73 6.86 -12.57
CA GLU A 146 -12.68 6.40 -13.56
C GLU A 146 -13.26 5.07 -13.08
N LEU A 147 -12.38 4.15 -12.68
CA LEU A 147 -12.70 2.83 -12.18
C LEU A 147 -13.67 2.92 -11.00
N ASN A 148 -13.45 3.89 -10.11
CA ASN A 148 -14.23 4.11 -8.89
C ASN A 148 -15.72 4.34 -9.17
N LYS A 149 -16.08 4.79 -10.38
CA LYS A 149 -17.46 5.02 -10.82
C LYS A 149 -17.95 4.00 -11.86
N GLN A 150 -17.16 2.98 -12.21
CA GLN A 150 -17.53 2.00 -13.22
C GLN A 150 -18.77 1.18 -12.84
N THR A 151 -19.32 0.50 -13.85
CA THR A 151 -20.54 -0.26 -13.84
C THR A 151 -20.50 -1.39 -12.80
N LYS A 152 -21.62 -1.58 -12.09
CA LYS A 152 -21.92 -2.69 -11.18
C LYS A 152 -21.96 -4.09 -11.80
N LYS A 153 -21.49 -4.27 -13.04
CA LYS A 153 -21.36 -5.55 -13.71
C LYS A 153 -20.18 -5.33 -14.66
N ASN A 154 -19.00 -5.87 -14.34
CA ASN A 154 -17.80 -5.63 -15.13
C ASN A 154 -16.63 -6.53 -14.72
N MET A 155 -16.58 -6.96 -13.46
CA MET A 155 -15.48 -7.76 -12.94
C MET A 155 -15.91 -9.22 -12.82
N THR A 156 -15.03 -10.15 -13.15
CA THR A 156 -15.24 -11.59 -12.97
C THR A 156 -13.88 -12.28 -12.94
N ILE A 157 -13.72 -13.30 -12.10
CA ILE A 157 -12.69 -14.32 -12.19
C ILE A 157 -13.38 -15.66 -11.98
N ASP A 158 -13.26 -16.56 -12.96
CA ASP A 158 -13.76 -17.93 -12.88
C ASP A 158 -15.23 -17.94 -12.44
N GLY A 159 -15.98 -16.93 -12.90
CA GLY A 159 -17.42 -16.79 -12.66
C GLY A 159 -17.77 -16.27 -11.26
N LYS A 160 -16.80 -15.76 -10.50
CA LYS A 160 -16.99 -15.03 -9.26
C LYS A 160 -16.69 -13.57 -9.56
N GLU A 161 -17.68 -12.70 -9.42
CA GLU A 161 -17.50 -11.26 -9.57
C GLU A 161 -16.74 -10.70 -8.38
N LEU A 162 -16.20 -9.49 -8.55
CA LEU A 162 -15.35 -8.81 -7.56
C LEU A 162 -15.99 -7.49 -7.17
N THR A 163 -15.49 -6.89 -6.10
CA THR A 163 -15.94 -5.63 -5.54
C THR A 163 -14.67 -4.93 -5.09
N ILE A 164 -14.37 -3.77 -5.66
CA ILE A 164 -13.35 -2.94 -5.07
C ILE A 164 -13.99 -2.24 -3.87
N SER A 165 -13.18 -1.92 -2.88
CA SER A 165 -13.61 -1.26 -1.66
C SER A 165 -12.83 0.07 -1.54
N PRO A 166 -13.41 1.06 -0.85
CA PRO A 166 -12.77 2.35 -0.64
C PRO A 166 -11.50 2.18 0.19
N ALA A 167 -10.58 3.15 0.13
CA ALA A 167 -9.42 3.24 1.01
C ALA A 167 -9.29 4.70 1.45
N TYR A 168 -9.04 4.94 2.75
CA TYR A 168 -8.85 6.27 3.31
C TYR A 168 -7.53 6.36 4.03
N LEU A 169 -6.83 7.49 3.80
CA LEU A 169 -5.55 7.81 4.40
C LEU A 169 -5.82 8.25 5.83
N LEU A 170 -5.45 7.42 6.81
CA LEU A 170 -5.57 7.78 8.22
C LEU A 170 -4.19 8.09 8.75
N TRP A 171 -4.00 9.30 9.26
CA TRP A 171 -2.93 9.56 10.18
C TRP A 171 -3.28 9.02 11.55
N ASP A 172 -2.26 8.36 12.11
CA ASP A 172 -2.18 7.73 13.41
C ASP A 172 -3.37 6.89 13.82
N MET A 1 -12.09 0.72 12.42
CA MET A 1 -10.88 -0.10 12.56
C MET A 1 -9.73 0.60 11.83
N LYS A 2 -8.48 0.12 11.98
CA LYS A 2 -7.31 0.73 11.34
C LYS A 2 -6.14 -0.27 11.34
N VAL A 3 -5.07 0.06 10.62
CA VAL A 3 -3.83 -0.71 10.59
C VAL A 3 -2.67 0.29 10.63
N PRO A 4 -1.55 -0.04 11.32
CA PRO A 4 -0.35 0.79 11.31
C PRO A 4 0.40 0.64 9.99
N MET A 5 1.26 1.60 9.67
CA MET A 5 1.97 1.71 8.41
C MET A 5 3.00 2.82 8.58
N LEU A 6 4.05 2.80 7.77
CA LEU A 6 5.22 3.68 7.98
C LEU A 6 5.38 4.59 6.77
N VAL A 7 4.79 5.77 6.90
CA VAL A 7 4.89 6.97 6.07
C VAL A 7 6.11 7.76 6.53
N LEU A 8 7.18 7.50 5.83
CA LEU A 8 8.45 8.18 5.91
C LEU A 8 8.61 9.11 4.70
N ASP A 9 9.65 9.93 4.74
CA ASP A 9 9.99 10.91 3.73
C ASP A 9 11.44 10.76 3.22
N PRO A 10 11.86 9.56 2.78
CA PRO A 10 13.18 9.35 2.18
C PRO A 10 13.21 9.94 0.77
N ALA A 11 14.27 9.63 0.04
CA ALA A 11 14.26 9.50 -1.40
C ALA A 11 15.10 8.27 -1.72
N LEU A 12 14.55 7.33 -2.48
CA LEU A 12 15.23 6.15 -3.00
C LEU A 12 14.77 5.99 -4.46
N PRO A 13 15.65 5.54 -5.38
CA PRO A 13 15.29 5.40 -6.77
C PRO A 13 14.28 4.28 -6.97
N ALA A 14 13.31 4.48 -7.86
CA ALA A 14 12.25 3.50 -8.11
C ALA A 14 12.74 2.16 -8.70
N ASN A 15 14.02 2.03 -9.06
CA ASN A 15 14.66 0.78 -9.47
C ASN A 15 15.59 0.29 -8.36
N ILE A 16 14.99 -0.16 -7.26
CA ILE A 16 15.55 -0.86 -6.11
C ILE A 16 14.66 -2.08 -5.85
N THR A 17 15.14 -3.05 -5.07
CA THR A 17 14.41 -4.20 -4.56
C THR A 17 14.44 -4.15 -3.03
N LEU A 18 13.65 -4.99 -2.35
CA LEU A 18 13.71 -5.14 -0.91
C LEU A 18 15.11 -5.56 -0.46
N LYS A 19 15.90 -6.15 -1.36
CA LYS A 19 17.28 -6.50 -1.13
C LYS A 19 18.27 -5.35 -1.20
N ASP A 20 17.86 -4.13 -1.58
CA ASP A 20 18.73 -2.93 -1.53
C ASP A 20 18.22 -1.88 -0.54
N LEU A 21 17.05 -2.09 0.07
CA LEU A 21 16.57 -1.33 1.22
C LEU A 21 17.56 -1.44 2.40
N PRO A 22 17.75 -2.61 3.04
CA PRO A 22 18.41 -2.67 4.32
C PRO A 22 19.93 -2.51 4.20
N SER A 23 20.47 -2.43 2.98
CA SER A 23 21.82 -1.99 2.69
C SER A 23 22.14 -0.70 3.45
N LEU A 24 21.20 0.26 3.49
CA LEU A 24 21.39 1.56 4.14
C LEU A 24 20.48 1.73 5.36
N TYR A 25 19.40 0.95 5.44
CA TYR A 25 18.32 1.12 6.42
C TYR A 25 18.16 -0.15 7.28
N PRO A 26 19.17 -0.53 8.09
CA PRO A 26 19.09 -1.72 8.92
C PRO A 26 18.02 -1.58 10.02
N SER A 27 17.73 -0.37 10.49
CA SER A 27 16.67 -0.11 11.44
C SER A 27 15.27 -0.20 10.83
N PHE A 28 15.16 -0.44 9.53
CA PHE A 28 13.90 -0.56 8.80
C PHE A 28 13.87 -1.86 7.99
N HIS A 29 14.79 -2.79 8.27
CA HIS A 29 14.96 -4.02 7.50
C HIS A 29 13.77 -4.99 7.59
N SER A 30 12.98 -4.97 8.66
CA SER A 30 11.92 -5.94 8.94
C SER A 30 10.67 -5.75 8.07
N ALA A 31 10.68 -4.88 7.06
CA ALA A 31 9.61 -4.76 6.11
C ALA A 31 9.60 -5.99 5.22
N SER A 32 8.46 -6.25 4.61
CA SER A 32 8.31 -7.31 3.65
C SER A 32 7.89 -6.72 2.28
N ASP A 33 7.75 -5.39 2.18
CA ASP A 33 7.63 -4.71 0.86
C ASP A 33 7.93 -3.21 0.95
N ILE A 34 8.06 -2.53 -0.19
CA ILE A 34 8.44 -1.12 -0.30
C ILE A 34 7.95 -0.58 -1.64
N PHE A 35 7.61 0.71 -1.75
CA PHE A 35 7.36 1.34 -3.04
C PHE A 35 7.55 2.86 -3.01
N ASN A 36 8.22 3.37 -4.03
CA ASN A 36 8.44 4.78 -4.31
C ASN A 36 7.12 5.45 -4.72
N VAL A 37 6.92 6.71 -4.34
CA VAL A 37 5.80 7.60 -4.70
C VAL A 37 6.32 9.05 -4.58
N ALA A 38 5.50 10.07 -4.87
CA ALA A 38 5.78 11.44 -4.45
C ALA A 38 4.92 11.82 -3.24
N LYS A 39 5.33 12.84 -2.49
CA LYS A 39 4.61 13.38 -1.33
C LYS A 39 3.20 13.83 -1.72
N PRO A 40 2.24 13.80 -0.77
CA PRO A 40 0.87 14.20 -1.03
C PRO A 40 0.69 15.70 -1.23
N LYS A 41 1.66 16.51 -0.79
CA LYS A 41 1.55 17.97 -0.71
C LYS A 41 2.76 18.66 -1.35
N ASN A 42 3.74 17.90 -1.86
CA ASN A 42 4.87 18.43 -2.61
C ASN A 42 5.29 17.39 -3.67
N PRO A 43 4.65 17.32 -4.84
CA PRO A 43 4.96 16.32 -5.85
C PRO A 43 6.33 16.54 -6.51
N SER A 44 6.95 17.68 -6.24
CA SER A 44 8.21 18.12 -6.80
C SER A 44 9.43 17.63 -6.01
N THR A 45 9.25 16.58 -5.20
CA THR A 45 10.33 15.75 -4.62
C THR A 45 9.92 14.27 -4.81
N ASN A 46 10.63 13.28 -4.27
CA ASN A 46 10.20 11.87 -4.34
C ASN A 46 10.46 11.19 -3.01
N VAL A 47 9.53 10.34 -2.54
CA VAL A 47 9.57 9.63 -1.27
C VAL A 47 9.26 8.14 -1.50
N SER A 48 9.02 7.39 -0.43
CA SER A 48 8.70 5.97 -0.51
C SER A 48 7.79 5.61 0.66
N VAL A 49 7.28 4.39 0.64
CA VAL A 49 6.33 3.81 1.58
C VAL A 49 6.82 2.38 1.86
N VAL A 50 6.46 1.83 3.01
CA VAL A 50 6.82 0.49 3.45
C VAL A 50 5.53 -0.33 3.68
N VAL A 51 5.60 -1.66 3.75
CA VAL A 51 4.55 -2.46 4.37
C VAL A 51 5.22 -3.45 5.33
N PHE A 52 4.54 -3.75 6.45
CA PHE A 52 4.92 -4.77 7.42
C PHE A 52 3.70 -5.65 7.74
N ASP A 53 3.92 -6.76 8.44
CA ASP A 53 2.90 -7.76 8.75
C ASP A 53 2.31 -7.63 10.17
N SER A 54 3.03 -7.05 11.14
CA SER A 54 2.48 -6.80 12.48
C SER A 54 3.19 -5.69 13.24
N THR A 55 2.60 -5.29 14.38
CA THR A 55 3.11 -4.21 15.22
C THR A 55 4.49 -4.49 15.81
N LYS A 56 4.91 -5.74 16.02
CA LYS A 56 6.27 -6.08 16.49
C LYS A 56 7.31 -5.27 15.73
N ASP A 57 7.35 -5.48 14.42
CA ASP A 57 8.42 -5.03 13.56
C ASP A 57 8.27 -3.54 13.26
N VAL A 58 7.03 -3.03 13.21
CA VAL A 58 6.73 -1.63 13.00
C VAL A 58 7.18 -0.79 14.18
N GLU A 59 6.78 -1.19 15.39
CA GLU A 59 7.00 -0.41 16.60
C GLU A 59 8.48 -0.33 16.91
N ASP A 60 9.19 -1.42 16.67
CA ASP A 60 10.65 -1.46 16.74
C ASP A 60 11.26 -0.53 15.69
N ALA A 61 10.88 -0.67 14.41
CA ALA A 61 11.45 0.10 13.32
C ALA A 61 11.27 1.59 13.58
N HIS A 62 10.08 2.00 14.02
CA HIS A 62 9.79 3.38 14.37
C HIS A 62 10.66 3.85 15.54
N SER A 63 10.89 3.00 16.54
CA SER A 63 11.79 3.29 17.65
C SER A 63 13.25 3.41 17.17
N GLY A 64 13.58 2.85 16.01
CA GLY A 64 14.92 2.73 15.47
C GLY A 64 15.60 4.06 15.21
N LEU A 65 14.85 5.17 15.11
CA LEU A 65 15.40 6.49 14.85
C LEU A 65 15.25 7.42 16.05
N LEU A 66 14.91 6.86 17.21
CA LEU A 66 14.69 7.61 18.44
C LEU A 66 16.01 7.72 19.21
N LYS A 67 16.99 8.41 18.63
CA LYS A 67 18.22 8.81 19.32
C LYS A 67 18.46 10.30 19.13
N GLY A 68 17.38 11.07 18.91
CA GLY A 68 17.41 12.51 18.69
C GLY A 68 17.86 12.86 17.27
N ASN A 69 19.06 12.41 16.90
CA ASN A 69 19.71 12.62 15.62
C ASN A 69 19.25 11.53 14.66
N SER A 70 18.57 11.90 13.58
CA SER A 70 18.02 10.98 12.60
C SER A 70 17.81 11.76 11.29
N ARG A 71 18.61 11.49 10.26
CA ARG A 71 18.45 12.09 8.93
C ARG A 71 17.36 11.35 8.15
N GLN A 72 16.17 11.39 8.72
CA GLN A 72 14.95 10.82 8.22
C GLN A 72 13.83 11.49 9.02
N THR A 73 12.61 11.39 8.53
CA THR A 73 11.42 11.65 9.33
C THR A 73 10.63 10.34 9.36
N VAL A 74 9.75 10.21 10.35
CA VAL A 74 8.71 9.21 10.41
C VAL A 74 7.47 9.99 10.83
N TRP A 75 6.38 9.81 10.09
CA TRP A 75 5.08 10.34 10.41
C TRP A 75 4.24 9.17 10.92
N ARG A 76 3.14 9.44 11.62
CA ARG A 76 2.12 8.40 11.76
C ARG A 76 1.33 8.37 10.47
N GLY A 77 1.01 7.19 9.97
CA GLY A 77 -0.04 7.04 8.98
C GLY A 77 -0.70 5.69 9.21
N TYR A 78 -2.02 5.66 9.14
CA TYR A 78 -2.84 4.49 9.37
C TYR A 78 -3.84 4.39 8.22
N LEU A 79 -4.26 3.16 7.92
CA LEU A 79 -5.06 2.80 6.76
C LEU A 79 -6.32 2.12 7.28
N THR A 80 -7.44 2.23 6.56
CA THR A 80 -8.69 1.55 6.90
C THR A 80 -9.62 1.50 5.69
N THR A 81 -10.69 0.71 5.85
CA THR A 81 -11.83 0.54 4.96
C THR A 81 -13.10 1.20 5.55
N ASP A 82 -13.06 1.65 6.82
CA ASP A 82 -14.24 2.08 7.55
C ASP A 82 -14.56 3.54 7.23
N LYS A 83 -15.66 3.76 6.52
CA LYS A 83 -16.15 5.07 6.09
C LYS A 83 -16.79 5.86 7.24
N GLU A 84 -16.38 5.60 8.48
CA GLU A 84 -17.02 6.13 9.69
C GLU A 84 -16.16 7.16 10.41
N VAL A 85 -14.87 7.29 10.08
CA VAL A 85 -13.98 8.25 10.75
C VAL A 85 -14.36 9.68 10.30
N PRO A 86 -14.53 10.65 11.22
CA PRO A 86 -14.94 12.01 10.87
C PRO A 86 -13.82 12.78 10.15
N GLY A 87 -13.98 13.02 8.85
CA GLY A 87 -13.00 13.75 8.04
C GLY A 87 -11.93 12.83 7.48
N LEU A 88 -12.24 11.54 7.27
CA LEU A 88 -11.38 10.58 6.59
C LEU A 88 -10.94 11.14 5.24
N VAL A 89 -9.63 11.08 4.98
CA VAL A 89 -9.01 11.56 3.75
C VAL A 89 -8.87 10.36 2.80
N LEU A 90 -8.77 10.56 1.48
CA LEU A 90 -8.64 9.45 0.52
C LEU A 90 -7.17 9.20 0.20
N MET A 91 -6.78 7.93 0.00
CA MET A 91 -5.45 7.56 -0.49
C MET A 91 -5.23 8.03 -1.92
N GLN A 92 -3.98 8.04 -2.39
CA GLN A 92 -3.60 8.53 -3.71
C GLN A 92 -3.16 7.39 -4.62
N ASP A 93 -2.18 6.57 -4.20
CA ASP A 93 -1.64 5.47 -5.01
C ASP A 93 -1.89 4.13 -4.32
N LEU A 94 -2.94 3.98 -3.51
CA LEU A 94 -3.11 2.82 -2.64
C LEU A 94 -4.57 2.37 -2.66
N ALA A 95 -4.81 1.08 -2.83
CA ALA A 95 -6.12 0.45 -2.88
C ALA A 95 -5.98 -1.01 -2.44
N PHE A 96 -7.11 -1.70 -2.24
CA PHE A 96 -7.19 -3.07 -1.76
C PHE A 96 -8.14 -3.86 -2.65
N LEU A 97 -8.22 -5.18 -2.48
CA LEU A 97 -8.97 -6.09 -3.32
C LEU A 97 -9.26 -7.34 -2.48
N SER A 98 -10.50 -7.82 -2.51
CA SER A 98 -10.92 -8.99 -1.72
C SER A 98 -11.85 -9.88 -2.58
N GLY A 99 -12.39 -10.96 -2.01
CA GLY A 99 -13.51 -11.73 -2.58
C GLY A 99 -13.13 -12.76 -3.65
N PHE A 100 -11.93 -12.68 -4.22
CA PHE A 100 -11.43 -13.67 -5.18
C PHE A 100 -11.32 -15.05 -4.51
N PRO A 101 -11.36 -16.15 -5.31
CA PRO A 101 -11.35 -17.50 -4.77
C PRO A 101 -10.03 -17.86 -4.07
N PRO A 102 -10.02 -18.93 -3.26
CA PRO A 102 -8.83 -19.36 -2.53
C PRO A 102 -7.71 -19.88 -3.45
N THR A 103 -7.96 -20.08 -4.74
CA THR A 103 -7.05 -20.75 -5.67
C THR A 103 -5.90 -19.84 -6.15
N PHE A 104 -5.44 -18.94 -5.29
CA PHE A 104 -4.48 -17.87 -5.61
C PHE A 104 -3.47 -17.69 -4.48
N LYS A 105 -2.86 -18.78 -4.00
CA LYS A 105 -1.68 -18.72 -3.13
C LYS A 105 -0.39 -18.60 -3.95
N GLU A 106 -0.41 -17.82 -5.03
CA GLU A 106 0.80 -17.32 -5.67
C GLU A 106 0.53 -15.86 -6.04
N THR A 107 1.47 -14.97 -5.75
CA THR A 107 1.39 -13.56 -6.08
C THR A 107 1.42 -13.43 -7.61
N ASN A 108 2.38 -14.12 -8.25
CA ASN A 108 2.64 -14.10 -9.68
C ASN A 108 1.53 -14.77 -10.50
N GLN A 109 0.65 -15.52 -9.83
CA GLN A 109 -0.52 -16.08 -10.46
C GLN A 109 -1.53 -14.96 -10.68
N LEU A 110 -2.14 -14.46 -9.59
CA LEU A 110 -3.22 -13.50 -9.67
C LEU A 110 -2.79 -12.12 -10.18
N LYS A 111 -1.48 -11.86 -10.28
CA LYS A 111 -0.85 -10.68 -10.88
C LYS A 111 -1.48 -10.30 -12.21
N THR A 112 -1.92 -11.29 -12.99
CA THR A 112 -2.44 -11.11 -14.34
C THR A 112 -3.88 -11.62 -14.44
N LYS A 113 -4.53 -11.91 -13.31
CA LYS A 113 -5.95 -12.29 -13.27
C LYS A 113 -6.79 -11.08 -12.88
N LEU A 114 -6.37 -9.88 -13.30
CA LEU A 114 -7.06 -8.63 -13.00
C LEU A 114 -8.35 -8.60 -13.83
N PRO A 115 -9.48 -8.04 -13.35
CA PRO A 115 -10.75 -8.16 -14.06
C PRO A 115 -10.78 -7.30 -15.34
N GLU A 116 -10.55 -5.99 -15.22
CA GLU A 116 -10.62 -4.98 -16.27
C GLU A 116 -10.41 -3.62 -15.59
N ASN A 117 -11.38 -3.22 -14.76
CA ASN A 117 -11.42 -2.06 -13.87
C ASN A 117 -10.29 -2.03 -12.84
N LEU A 118 -9.51 -3.11 -12.70
CA LEU A 118 -8.31 -3.17 -11.89
C LEU A 118 -7.12 -3.64 -12.74
N SER A 119 -7.15 -3.37 -14.05
CA SER A 119 -6.15 -3.75 -15.04
C SER A 119 -5.75 -2.56 -15.93
N SER A 120 -6.04 -1.30 -15.54
CA SER A 120 -5.65 -0.12 -16.30
C SER A 120 -4.12 -0.01 -16.30
N LYS A 121 -3.53 0.45 -15.19
CA LYS A 121 -2.10 0.70 -15.03
C LYS A 121 -1.61 0.28 -13.66
N VAL A 122 -2.33 -0.61 -13.00
CA VAL A 122 -2.05 -1.02 -11.63
C VAL A 122 -1.25 -2.31 -11.58
N LYS A 123 -0.81 -2.72 -10.38
CA LYS A 123 -0.12 -3.97 -10.12
C LYS A 123 -0.36 -4.44 -8.70
N LEU A 124 0.01 -5.69 -8.44
CA LEU A 124 -0.07 -6.38 -7.14
C LEU A 124 1.32 -6.30 -6.51
N LEU A 125 1.43 -6.01 -5.21
CA LEU A 125 2.68 -6.11 -4.45
C LEU A 125 2.47 -6.36 -2.95
N GLN A 126 1.30 -6.83 -2.53
CA GLN A 126 1.08 -7.20 -1.14
C GLN A 126 -0.06 -8.22 -1.09
N LEU A 127 0.26 -9.47 -1.37
CA LEU A 127 -0.66 -10.56 -1.06
C LEU A 127 -0.60 -10.76 0.46
N TYR A 128 -1.76 -10.92 1.11
CA TYR A 128 -1.79 -11.14 2.55
C TYR A 128 -1.59 -12.64 2.77
N SER A 129 -0.38 -13.06 3.13
CA SER A 129 0.01 -14.47 3.17
C SER A 129 -0.91 -15.35 4.02
N GLU A 130 -1.61 -14.77 4.99
CA GLU A 130 -2.54 -15.47 5.87
C GLU A 130 -3.95 -15.65 5.28
N ALA A 131 -4.30 -14.88 4.25
CA ALA A 131 -5.68 -14.52 3.92
C ALA A 131 -5.97 -14.62 2.42
N SER A 132 -7.08 -14.03 2.00
CA SER A 132 -7.56 -13.93 0.63
C SER A 132 -7.93 -12.46 0.36
N VAL A 133 -6.97 -11.56 0.52
CA VAL A 133 -7.08 -10.13 0.24
C VAL A 133 -5.69 -9.65 -0.20
N ALA A 134 -5.60 -8.56 -0.97
CA ALA A 134 -4.32 -8.01 -1.41
C ALA A 134 -4.38 -6.49 -1.58
N LEU A 135 -3.27 -5.80 -1.28
CA LEU A 135 -3.07 -4.39 -1.63
C LEU A 135 -2.73 -4.28 -3.12
N LEU A 136 -2.82 -3.07 -3.65
CA LEU A 136 -2.54 -2.72 -5.02
C LEU A 136 -1.57 -1.55 -5.03
N LYS A 137 -0.90 -1.39 -6.16
CA LYS A 137 -0.09 -0.22 -6.50
C LYS A 137 -0.51 0.29 -7.87
N LEU A 138 -1.37 1.30 -7.88
CA LEU A 138 -1.66 2.09 -9.07
C LEU A 138 -0.48 3.00 -9.42
N ASN A 139 -0.58 3.69 -10.56
CA ASN A 139 0.43 4.61 -11.08
C ASN A 139 -0.15 5.94 -11.55
N ASN A 140 -1.48 6.01 -11.68
CA ASN A 140 -2.23 7.16 -12.17
C ASN A 140 -3.22 7.56 -11.09
N PRO A 141 -2.78 8.31 -10.06
CA PRO A 141 -3.58 8.66 -8.89
C PRO A 141 -4.77 9.58 -9.17
N LYS A 142 -4.94 10.04 -10.41
CA LYS A 142 -6.09 10.83 -10.81
C LYS A 142 -7.31 9.89 -10.85
N ASP A 143 -8.35 10.24 -10.07
CA ASP A 143 -9.71 9.72 -10.00
C ASP A 143 -9.88 8.20 -9.93
N PHE A 144 -8.83 7.44 -9.58
CA PHE A 144 -8.86 5.98 -9.65
C PHE A 144 -10.00 5.35 -8.84
N GLN A 145 -10.23 5.81 -7.61
CA GLN A 145 -11.34 5.30 -6.79
C GLN A 145 -12.67 5.88 -7.22
N GLU A 146 -12.70 7.09 -7.80
CA GLU A 146 -13.94 7.63 -8.33
C GLU A 146 -14.39 6.70 -9.46
N LEU A 147 -13.49 6.30 -10.35
CA LEU A 147 -13.71 5.31 -11.38
C LEU A 147 -14.21 4.00 -10.81
N ASN A 148 -13.54 3.44 -9.80
CA ASN A 148 -13.93 2.18 -9.19
C ASN A 148 -15.18 2.31 -8.31
N LYS A 149 -15.77 3.51 -8.22
CA LYS A 149 -17.10 3.78 -7.67
C LYS A 149 -18.07 4.31 -8.72
N GLN A 150 -17.68 4.56 -9.97
CA GLN A 150 -18.63 4.88 -11.03
C GLN A 150 -19.49 3.64 -11.30
N THR A 151 -20.68 3.85 -11.87
CA THR A 151 -21.55 2.80 -12.36
C THR A 151 -20.97 2.24 -13.67
N LYS A 152 -19.92 1.43 -13.53
CA LYS A 152 -19.27 0.68 -14.60
C LYS A 152 -19.87 -0.74 -14.59
N LYS A 153 -19.22 -1.68 -15.27
CA LYS A 153 -19.56 -3.10 -15.18
C LYS A 153 -19.13 -3.62 -13.82
N ASN A 154 -19.59 -4.81 -13.41
CA ASN A 154 -19.09 -5.45 -12.19
C ASN A 154 -17.69 -6.03 -12.45
N MET A 155 -16.96 -6.45 -11.40
CA MET A 155 -15.74 -7.23 -11.54
C MET A 155 -16.10 -8.71 -11.70
N THR A 156 -15.17 -9.53 -12.20
CA THR A 156 -15.34 -10.99 -12.34
C THR A 156 -13.97 -11.65 -12.55
N ILE A 157 -13.75 -12.85 -12.01
CA ILE A 157 -12.63 -13.76 -12.27
C ILE A 157 -13.16 -15.18 -12.28
N ASP A 158 -12.95 -15.90 -13.38
CA ASP A 158 -13.32 -17.30 -13.61
C ASP A 158 -14.77 -17.56 -13.18
N GLY A 159 -15.63 -16.59 -13.47
CA GLY A 159 -17.06 -16.69 -13.21
C GLY A 159 -17.45 -16.28 -11.80
N LYS A 160 -16.55 -15.62 -11.05
CA LYS A 160 -16.78 -15.22 -9.67
C LYS A 160 -16.53 -13.73 -9.52
N GLU A 161 -17.55 -13.01 -9.09
CA GLU A 161 -17.52 -11.58 -8.85
C GLU A 161 -16.82 -11.28 -7.51
N LEU A 162 -16.36 -10.04 -7.36
CA LEU A 162 -15.47 -9.58 -6.30
C LEU A 162 -16.05 -8.30 -5.71
N THR A 163 -15.26 -7.57 -4.91
CA THR A 163 -15.30 -6.12 -4.92
C THR A 163 -13.85 -5.63 -4.75
N ILE A 164 -13.54 -4.43 -5.22
CA ILE A 164 -12.41 -3.67 -4.69
C ILE A 164 -12.72 -3.34 -3.23
N SER A 165 -11.73 -2.91 -2.47
CA SER A 165 -11.89 -2.54 -1.09
C SER A 165 -11.37 -1.10 -0.91
N PRO A 166 -12.01 -0.29 -0.04
CA PRO A 166 -11.70 1.13 0.08
C PRO A 166 -10.37 1.38 0.79
N ALA A 167 -9.81 2.59 0.61
CA ALA A 167 -8.52 2.95 1.17
C ALA A 167 -8.53 4.42 1.59
N TYR A 168 -8.61 4.67 2.89
CA TYR A 168 -8.57 6.02 3.45
C TYR A 168 -7.23 6.27 4.14
N LEU A 169 -6.86 7.54 4.28
CA LEU A 169 -5.63 8.02 4.88
C LEU A 169 -5.99 8.62 6.23
N LEU A 170 -5.46 8.03 7.30
CA LEU A 170 -5.50 8.59 8.64
C LEU A 170 -4.06 8.88 9.05
N TRP A 171 -3.84 9.89 9.89
CA TRP A 171 -2.53 10.26 10.42
C TRP A 171 -2.63 10.59 11.91
N ASP A 172 -1.56 11.07 12.53
CA ASP A 172 -1.56 11.56 13.91
C ASP A 172 -0.77 12.85 13.93
N MET A 1 -10.85 -1.08 9.19
CA MET A 1 -9.88 -2.05 9.72
C MET A 1 -8.48 -1.48 9.56
N LYS A 2 -7.76 -1.24 10.67
CA LYS A 2 -6.40 -0.71 10.65
C LYS A 2 -5.48 -1.65 9.89
N VAL A 3 -4.44 -1.11 9.25
CA VAL A 3 -3.29 -1.88 8.87
C VAL A 3 -2.05 -1.09 9.28
N PRO A 4 -0.97 -1.72 9.75
CA PRO A 4 0.30 -1.05 9.95
C PRO A 4 1.03 -0.94 8.62
N MET A 5 1.60 0.23 8.34
CA MET A 5 2.44 0.49 7.17
C MET A 5 3.14 1.80 7.50
N LEU A 6 4.35 2.00 6.99
CA LEU A 6 5.17 3.12 7.45
C LEU A 6 5.05 4.33 6.52
N VAL A 7 5.47 5.47 7.05
CA VAL A 7 5.38 6.82 6.50
C VAL A 7 6.62 7.56 7.01
N LEU A 8 7.69 7.36 6.29
CA LEU A 8 8.95 8.10 6.42
C LEU A 8 8.93 9.24 5.42
N ASP A 9 9.99 10.05 5.40
CA ASP A 9 10.19 11.05 4.36
C ASP A 9 11.61 10.95 3.76
N PRO A 10 11.94 9.85 3.07
CA PRO A 10 13.15 9.71 2.28
C PRO A 10 13.06 10.50 0.96
N ALA A 11 14.01 10.32 0.05
CA ALA A 11 13.81 10.41 -1.39
C ALA A 11 14.86 9.54 -2.10
N LEU A 12 14.69 8.21 -2.08
CA LEU A 12 15.70 7.33 -2.65
C LEU A 12 15.65 7.42 -4.18
N PRO A 13 16.81 7.33 -4.86
CA PRO A 13 16.91 7.45 -6.30
C PRO A 13 16.42 6.19 -7.00
N ALA A 14 16.20 6.29 -8.31
CA ALA A 14 15.63 5.26 -9.17
C ALA A 14 16.59 4.08 -9.50
N ASN A 15 17.59 3.82 -8.65
CA ASN A 15 18.45 2.64 -8.73
C ASN A 15 18.28 1.73 -7.50
N ILE A 16 17.26 1.96 -6.68
CA ILE A 16 17.09 1.34 -5.38
C ILE A 16 15.85 0.44 -5.43
N THR A 17 15.87 -0.62 -4.64
CA THR A 17 14.85 -1.66 -4.58
C THR A 17 14.54 -1.98 -3.11
N LEU A 18 13.80 -3.07 -2.86
CA LEU A 18 13.77 -3.76 -1.59
C LEU A 18 15.16 -4.29 -1.20
N LYS A 19 15.97 -4.72 -2.18
CA LYS A 19 17.28 -5.29 -1.87
C LYS A 19 18.30 -4.18 -1.55
N ASP A 20 18.12 -2.96 -2.07
CA ASP A 20 18.97 -1.82 -1.71
C ASP A 20 18.32 -0.90 -0.66
N LEU A 21 17.28 -1.38 0.01
CA LEU A 21 16.83 -0.84 1.29
C LEU A 21 17.89 -1.10 2.38
N PRO A 22 18.14 -2.35 2.82
CA PRO A 22 18.88 -2.60 4.06
C PRO A 22 20.36 -2.23 3.98
N SER A 23 20.88 -1.95 2.80
CA SER A 23 22.27 -1.51 2.62
C SER A 23 22.54 -0.20 3.36
N LEU A 24 21.53 0.67 3.48
CA LEU A 24 21.64 1.95 4.16
C LEU A 24 20.66 2.05 5.33
N TYR A 25 19.79 1.05 5.51
CA TYR A 25 18.70 1.05 6.49
C TYR A 25 18.72 -0.25 7.29
N PRO A 26 19.72 -0.46 8.17
CA PRO A 26 19.80 -1.66 9.00
C PRO A 26 18.61 -1.77 9.95
N SER A 27 17.98 -0.66 10.31
CA SER A 27 16.81 -0.63 11.18
C SER A 27 15.52 -1.01 10.45
N PHE A 28 15.53 -1.16 9.12
CA PHE A 28 14.35 -1.47 8.33
C PHE A 28 14.57 -2.76 7.55
N HIS A 29 15.55 -3.59 7.93
CA HIS A 29 15.92 -4.76 7.13
C HIS A 29 14.78 -5.78 6.99
N SER A 30 13.79 -5.73 7.87
CA SER A 30 12.71 -6.71 8.02
C SER A 30 11.50 -6.47 7.11
N ALA A 31 11.49 -5.41 6.29
CA ALA A 31 10.39 -5.15 5.39
C ALA A 31 10.32 -6.25 4.33
N SER A 32 9.12 -6.61 3.91
CA SER A 32 8.89 -7.43 2.71
C SER A 32 8.20 -6.61 1.63
N ASP A 33 8.16 -5.28 1.77
CA ASP A 33 7.95 -4.46 0.58
C ASP A 33 8.41 -3.04 0.82
N ILE A 34 8.74 -2.36 -0.29
CA ILE A 34 8.95 -0.93 -0.34
C ILE A 34 8.61 -0.45 -1.75
N PHE A 35 8.06 0.76 -1.88
CA PHE A 35 7.74 1.37 -3.17
C PHE A 35 7.89 2.88 -3.05
N ASN A 36 8.33 3.51 -4.14
CA ASN A 36 8.87 4.87 -4.17
C ASN A 36 7.89 5.74 -4.92
N VAL A 37 7.37 6.77 -4.25
CA VAL A 37 6.13 7.44 -4.61
C VAL A 37 6.32 8.96 -4.48
N ALA A 38 5.35 9.77 -4.90
CA ALA A 38 5.34 11.18 -4.56
C ALA A 38 4.78 11.35 -3.14
N LYS A 39 4.94 12.53 -2.55
CA LYS A 39 4.15 12.87 -1.37
C LYS A 39 2.71 13.16 -1.83
N PRO A 40 1.69 12.89 -1.00
CA PRO A 40 0.31 13.14 -1.37
C PRO A 40 -0.01 14.63 -1.40
N LYS A 41 0.49 15.38 -0.41
CA LYS A 41 0.22 16.80 -0.20
C LYS A 41 1.44 17.67 -0.52
N ASN A 42 2.43 17.14 -1.24
CA ASN A 42 3.52 17.94 -1.78
C ASN A 42 4.11 17.27 -3.02
N PRO A 43 3.56 17.48 -4.22
CA PRO A 43 4.09 16.92 -5.47
C PRO A 43 5.50 17.44 -5.80
N SER A 44 6.06 18.37 -5.02
CA SER A 44 7.45 18.81 -5.12
C SER A 44 8.40 17.97 -4.26
N THR A 45 7.94 16.91 -3.59
CA THR A 45 8.83 15.96 -2.92
C THR A 45 8.44 14.52 -3.33
N ASN A 46 9.34 13.57 -3.09
CA ASN A 46 9.20 12.17 -3.43
C ASN A 46 9.71 11.39 -2.24
N VAL A 47 9.07 10.29 -1.91
CA VAL A 47 9.22 9.54 -0.66
C VAL A 47 9.08 8.05 -0.98
N SER A 48 8.87 7.20 0.03
CA SER A 48 8.52 5.81 -0.17
C SER A 48 7.48 5.41 0.89
N VAL A 49 6.98 4.19 0.79
CA VAL A 49 6.18 3.52 1.81
C VAL A 49 6.84 2.16 2.07
N VAL A 50 6.91 1.72 3.32
CA VAL A 50 7.51 0.44 3.71
C VAL A 50 6.43 -0.45 4.35
N VAL A 51 6.53 -1.76 4.16
CA VAL A 51 5.55 -2.77 4.57
C VAL A 51 6.30 -3.89 5.31
N PHE A 52 5.75 -4.35 6.44
CA PHE A 52 6.37 -5.28 7.39
C PHE A 52 5.42 -6.44 7.70
N ASP A 53 5.84 -7.36 8.58
CA ASP A 53 5.01 -8.50 8.95
C ASP A 53 3.98 -8.09 9.98
N SER A 54 4.44 -7.48 11.08
CA SER A 54 3.59 -7.18 12.26
C SER A 54 4.18 -6.07 13.14
N THR A 55 3.52 -5.85 14.28
CA THR A 55 3.98 -5.05 15.41
C THR A 55 5.43 -5.35 15.76
N LYS A 56 5.80 -6.64 15.77
CA LYS A 56 7.13 -7.16 16.10
C LYS A 56 8.22 -6.34 15.39
N ASP A 57 8.08 -6.14 14.08
CA ASP A 57 9.02 -5.37 13.28
C ASP A 57 8.75 -3.88 13.49
N VAL A 58 7.50 -3.47 13.24
CA VAL A 58 7.10 -2.09 13.03
C VAL A 58 7.49 -1.24 14.24
N GLU A 59 7.20 -1.74 15.44
CA GLU A 59 7.37 -0.98 16.65
C GLU A 59 8.85 -0.69 16.86
N ASP A 60 9.68 -1.72 16.77
CA ASP A 60 11.12 -1.67 16.98
C ASP A 60 11.78 -0.83 15.88
N ALA A 61 11.38 -1.02 14.62
CA ALA A 61 11.96 -0.33 13.48
C ALA A 61 11.63 1.16 13.54
N HIS A 62 10.38 1.53 13.86
CA HIS A 62 9.98 2.93 14.06
C HIS A 62 10.76 3.52 15.24
N SER A 63 10.87 2.79 16.35
CA SER A 63 11.67 3.13 17.52
C SER A 63 13.17 3.31 17.20
N GLY A 64 13.62 2.88 16.02
CA GLY A 64 15.02 2.89 15.64
C GLY A 64 15.62 4.28 15.54
N LEU A 65 14.81 5.32 15.26
CA LEU A 65 15.31 6.67 14.95
C LEU A 65 14.65 7.76 15.80
N LEU A 66 13.96 7.42 16.88
CA LEU A 66 13.14 8.35 17.67
C LEU A 66 14.01 9.26 18.54
N LYS A 67 14.69 10.21 17.91
CA LYS A 67 15.65 11.13 18.52
C LYS A 67 15.84 12.31 17.57
N GLY A 68 16.89 13.11 17.77
CA GLY A 68 17.31 14.16 16.84
C GLY A 68 18.62 13.78 16.18
N ASN A 69 18.71 12.59 15.57
CA ASN A 69 19.94 12.10 14.95
C ASN A 69 19.61 11.06 13.90
N SER A 70 19.17 11.51 12.72
CA SER A 70 19.07 10.70 11.52
C SER A 70 18.88 11.64 10.33
N ARG A 71 19.51 11.39 9.18
CA ARG A 71 19.10 12.00 7.92
C ARG A 71 17.86 11.28 7.38
N GLN A 72 16.85 11.14 8.22
CA GLN A 72 15.61 10.44 7.99
C GLN A 72 14.60 10.96 9.00
N THR A 73 13.34 10.76 8.66
CA THR A 73 12.18 11.00 9.51
C THR A 73 11.36 9.72 9.53
N VAL A 74 10.52 9.55 10.56
CA VAL A 74 9.57 8.45 10.71
C VAL A 74 8.32 9.05 11.35
N TRP A 75 7.14 8.73 10.82
CA TRP A 75 5.82 9.12 11.35
C TRP A 75 5.01 7.84 11.61
N ARG A 76 3.71 7.95 11.88
CA ARG A 76 2.79 6.81 11.95
C ARG A 76 1.64 7.01 10.97
N GLY A 77 1.11 5.91 10.46
CA GLY A 77 -0.05 5.90 9.59
C GLY A 77 -0.76 4.57 9.75
N TYR A 78 -2.09 4.57 9.76
CA TYR A 78 -2.93 3.38 9.80
C TYR A 78 -3.94 3.46 8.68
N LEU A 79 -3.61 2.83 7.55
CA LEU A 79 -4.55 2.68 6.44
C LEU A 79 -5.76 1.96 6.98
N THR A 80 -6.95 2.46 6.64
CA THR A 80 -8.20 1.81 7.01
C THR A 80 -9.18 1.95 5.85
N THR A 81 -10.11 0.99 5.83
CA THR A 81 -11.24 0.82 4.94
C THR A 81 -12.49 1.55 5.44
N ASP A 82 -12.52 1.95 6.71
CA ASP A 82 -13.77 2.11 7.44
C ASP A 82 -14.06 3.57 7.69
N LYS A 83 -15.07 4.10 6.99
CA LYS A 83 -15.46 5.51 6.86
C LYS A 83 -16.11 6.06 8.14
N GLU A 84 -15.50 5.78 9.28
CA GLU A 84 -16.11 5.89 10.60
C GLU A 84 -15.18 6.63 11.55
N VAL A 85 -14.21 7.35 10.99
CA VAL A 85 -13.14 8.02 11.72
C VAL A 85 -13.21 9.54 11.44
N PRO A 86 -13.28 10.39 12.47
CA PRO A 86 -13.26 11.83 12.27
C PRO A 86 -11.90 12.23 11.70
N GLY A 87 -11.86 13.25 10.84
CA GLY A 87 -10.60 13.72 10.27
C GLY A 87 -9.93 12.70 9.33
N LEU A 88 -10.64 11.67 8.85
CA LEU A 88 -10.15 10.84 7.75
C LEU A 88 -9.88 11.74 6.55
N VAL A 89 -8.91 11.38 5.72
CA VAL A 89 -8.66 12.01 4.43
C VAL A 89 -8.62 10.88 3.41
N LEU A 90 -9.13 11.09 2.20
CA LEU A 90 -9.07 10.05 1.19
C LEU A 90 -7.63 9.85 0.72
N MET A 91 -7.28 8.60 0.41
CA MET A 91 -6.03 8.30 -0.28
C MET A 91 -6.10 8.81 -1.73
N GLN A 92 -4.98 8.66 -2.43
CA GLN A 92 -4.77 9.04 -3.82
C GLN A 92 -4.19 7.87 -4.63
N ASP A 93 -3.32 7.06 -4.03
CA ASP A 93 -2.52 6.05 -4.73
C ASP A 93 -2.74 4.63 -4.17
N LEU A 94 -3.77 4.42 -3.36
CA LEU A 94 -3.91 3.19 -2.59
C LEU A 94 -5.38 2.78 -2.55
N ALA A 95 -5.64 1.48 -2.55
CA ALA A 95 -6.97 0.91 -2.50
C ALA A 95 -6.86 -0.51 -1.93
N PHE A 96 -7.97 -1.24 -1.92
CA PHE A 96 -8.05 -2.65 -1.58
C PHE A 96 -8.65 -3.40 -2.76
N LEU A 97 -8.89 -4.71 -2.62
CA LEU A 97 -9.57 -5.57 -3.58
C LEU A 97 -10.16 -6.70 -2.74
N SER A 98 -11.42 -7.08 -2.96
CA SER A 98 -12.09 -8.13 -2.18
C SER A 98 -13.18 -8.83 -2.99
N GLY A 99 -13.75 -9.90 -2.44
CA GLY A 99 -14.81 -10.71 -3.05
C GLY A 99 -14.28 -11.94 -3.79
N PHE A 100 -12.98 -11.97 -4.12
CA PHE A 100 -12.39 -13.07 -4.87
C PHE A 100 -12.51 -14.41 -4.10
N PRO A 101 -12.48 -15.54 -4.81
CA PRO A 101 -12.73 -16.85 -4.22
C PRO A 101 -11.59 -17.33 -3.29
N PRO A 102 -11.83 -18.41 -2.52
CA PRO A 102 -10.86 -19.10 -1.67
C PRO A 102 -9.75 -19.86 -2.42
N THR A 103 -9.78 -19.89 -3.77
CA THR A 103 -8.97 -20.79 -4.58
C THR A 103 -7.80 -20.01 -5.19
N PHE A 104 -7.13 -19.26 -4.32
CA PHE A 104 -6.06 -18.36 -4.62
C PHE A 104 -4.92 -18.61 -3.64
N LYS A 105 -3.72 -18.15 -3.98
CA LYS A 105 -2.48 -18.51 -3.29
C LYS A 105 -1.62 -17.29 -3.09
N GLU A 106 -0.84 -16.91 -4.10
CA GLU A 106 0.20 -15.88 -3.99
C GLU A 106 -0.16 -14.69 -4.88
N THR A 107 0.56 -13.57 -4.73
CA THR A 107 0.10 -12.30 -5.30
C THR A 107 0.12 -12.37 -6.83
N ASN A 108 1.26 -12.81 -7.39
CA ASN A 108 1.49 -12.77 -8.83
C ASN A 108 0.59 -13.72 -9.59
N GLN A 109 0.08 -14.78 -8.95
CA GLN A 109 -0.94 -15.65 -9.52
C GLN A 109 -2.17 -14.79 -9.86
N LEU A 110 -2.78 -14.16 -8.86
CA LEU A 110 -4.02 -13.44 -9.08
C LEU A 110 -3.79 -12.24 -10.01
N LYS A 111 -2.57 -11.71 -10.07
CA LYS A 111 -2.16 -10.66 -11.00
C LYS A 111 -2.30 -11.09 -12.47
N THR A 112 -2.46 -12.38 -12.74
CA THR A 112 -2.68 -12.91 -14.09
C THR A 112 -4.08 -13.53 -14.20
N LYS A 113 -5.01 -13.20 -13.29
CA LYS A 113 -6.40 -13.65 -13.26
C LYS A 113 -7.36 -12.46 -13.17
N LEU A 114 -6.88 -11.22 -13.32
CA LEU A 114 -7.59 -10.01 -12.93
C LEU A 114 -8.82 -9.75 -13.82
N PRO A 115 -9.75 -8.86 -13.42
CA PRO A 115 -10.85 -8.42 -14.27
C PRO A 115 -10.43 -7.54 -15.46
N GLU A 116 -9.16 -7.19 -15.63
CA GLU A 116 -8.64 -6.31 -16.68
C GLU A 116 -9.01 -4.84 -16.41
N ASN A 117 -10.31 -4.54 -16.35
CA ASN A 117 -10.81 -3.19 -16.14
C ASN A 117 -10.36 -2.58 -14.81
N LEU A 118 -10.06 -3.41 -13.81
CA LEU A 118 -9.48 -2.97 -12.55
C LEU A 118 -8.03 -3.47 -12.42
N SER A 119 -7.31 -3.49 -13.55
CA SER A 119 -5.90 -3.86 -13.63
C SER A 119 -5.12 -2.80 -14.41
N SER A 120 -5.69 -2.19 -15.45
CA SER A 120 -4.97 -1.44 -16.49
C SER A 120 -3.91 -0.51 -15.89
N LYS A 121 -4.33 0.51 -15.14
CA LYS A 121 -3.45 1.55 -14.59
C LYS A 121 -2.93 1.23 -13.18
N VAL A 122 -3.08 0.00 -12.69
CA VAL A 122 -2.78 -0.36 -11.29
C VAL A 122 -2.02 -1.67 -11.19
N LYS A 123 -1.67 -2.06 -9.96
CA LYS A 123 -1.14 -3.39 -9.67
C LYS A 123 -1.61 -3.83 -8.30
N LEU A 124 -1.73 -5.15 -8.15
CA LEU A 124 -1.96 -5.80 -6.87
C LEU A 124 -0.57 -6.21 -6.38
N LEU A 125 -0.18 -5.79 -5.18
CA LEU A 125 1.14 -6.10 -4.65
C LEU A 125 1.18 -6.30 -3.13
N GLN A 126 0.03 -6.32 -2.46
CA GLN A 126 -0.12 -6.79 -1.09
C GLN A 126 -1.32 -7.74 -1.13
N LEU A 127 -1.15 -8.99 -0.74
CA LEU A 127 -2.24 -9.98 -0.71
C LEU A 127 -2.62 -10.23 0.75
N TYR A 128 -3.89 -10.59 0.96
CA TYR A 128 -4.40 -11.14 2.21
C TYR A 128 -3.43 -12.21 2.76
N SER A 129 -3.32 -12.26 4.09
CA SER A 129 -2.58 -13.28 4.80
C SER A 129 -3.09 -13.40 6.25
N GLU A 130 -4.25 -12.80 6.57
CA GLU A 130 -4.99 -12.93 7.83
C GLU A 130 -6.47 -12.68 7.52
N ALA A 131 -6.76 -11.67 6.71
CA ALA A 131 -8.09 -11.41 6.17
C ALA A 131 -8.31 -12.24 4.90
N SER A 132 -9.38 -11.89 4.19
CA SER A 132 -9.73 -12.39 2.88
C SER A 132 -9.54 -11.29 1.82
N VAL A 133 -8.82 -10.19 2.10
CA VAL A 133 -8.82 -9.03 1.25
C VAL A 133 -7.41 -8.49 1.00
N ALA A 134 -7.19 -8.04 -0.22
CA ALA A 134 -5.88 -7.67 -0.74
C ALA A 134 -5.77 -6.15 -0.73
N LEU A 135 -4.55 -5.62 -0.95
CA LEU A 135 -4.21 -4.21 -0.82
C LEU A 135 -3.41 -3.79 -2.07
N LEU A 136 -3.69 -2.59 -2.58
CA LEU A 136 -3.47 -2.24 -3.98
C LEU A 136 -2.59 -1.00 -4.09
N LYS A 137 -1.97 -0.86 -5.26
CA LYS A 137 -1.11 0.28 -5.57
C LYS A 137 -1.37 0.74 -6.98
N LEU A 138 -1.23 2.03 -7.19
CA LEU A 138 -1.33 2.67 -8.47
C LEU A 138 -0.31 3.80 -8.51
N ASN A 139 0.34 3.96 -9.65
CA ASN A 139 1.31 5.02 -9.88
C ASN A 139 0.60 6.34 -10.21
N ASN A 140 -0.62 6.24 -10.73
CA ASN A 140 -1.35 7.29 -11.41
C ASN A 140 -2.57 7.72 -10.59
N PRO A 141 -2.42 8.57 -9.55
CA PRO A 141 -3.53 9.10 -8.74
C PRO A 141 -4.48 10.00 -9.54
N LYS A 142 -4.13 10.26 -10.81
CA LYS A 142 -4.85 11.11 -11.74
C LYS A 142 -6.28 10.62 -11.93
N ASP A 143 -6.48 9.30 -12.00
CA ASP A 143 -7.69 8.66 -12.50
C ASP A 143 -8.10 7.52 -11.54
N PHE A 144 -7.77 7.65 -10.26
CA PHE A 144 -8.08 6.64 -9.25
C PHE A 144 -9.58 6.32 -9.23
N GLN A 145 -10.41 7.37 -9.17
CA GLN A 145 -11.87 7.26 -9.16
C GLN A 145 -12.40 6.59 -10.41
N GLU A 146 -11.73 6.75 -11.55
CA GLU A 146 -12.27 6.41 -12.85
C GLU A 146 -12.17 4.91 -13.03
N LEU A 147 -10.96 4.36 -12.92
CA LEU A 147 -10.68 2.93 -12.92
C LEU A 147 -11.65 2.18 -12.00
N ASN A 148 -11.89 2.71 -10.81
CA ASN A 148 -12.70 2.10 -9.76
C ASN A 148 -14.00 1.54 -10.32
N LYS A 149 -14.74 2.33 -11.10
CA LYS A 149 -16.04 1.95 -11.66
C LYS A 149 -16.07 2.00 -13.20
N GLN A 150 -14.93 1.96 -13.90
CA GLN A 150 -14.82 2.19 -15.35
C GLN A 150 -15.59 1.23 -16.27
N THR A 151 -16.38 0.32 -15.72
CA THR A 151 -17.10 -0.73 -16.43
C THR A 151 -18.61 -0.50 -16.38
N LYS A 152 -19.29 -1.35 -17.14
CA LYS A 152 -20.73 -1.37 -17.33
C LYS A 152 -21.27 -2.79 -17.07
N LYS A 153 -20.44 -3.66 -16.50
CA LYS A 153 -20.68 -5.10 -16.34
C LYS A 153 -20.14 -5.60 -14.98
N ASN A 154 -19.83 -4.71 -14.03
CA ASN A 154 -19.27 -5.03 -12.71
C ASN A 154 -17.88 -5.67 -12.81
N MET A 155 -17.23 -5.98 -11.68
CA MET A 155 -15.92 -6.63 -11.65
C MET A 155 -16.11 -8.10 -11.29
N THR A 156 -15.34 -8.98 -11.91
CA THR A 156 -15.50 -10.44 -11.86
C THR A 156 -14.12 -11.13 -12.04
N ILE A 157 -13.91 -12.27 -11.38
CA ILE A 157 -12.77 -13.17 -11.54
C ILE A 157 -13.34 -14.58 -11.53
N ASP A 158 -13.09 -15.33 -12.60
CA ASP A 158 -13.31 -16.78 -12.71
C ASP A 158 -14.80 -17.16 -12.60
N GLY A 159 -15.69 -16.16 -12.59
CA GLY A 159 -17.14 -16.26 -12.47
C GLY A 159 -17.69 -15.75 -11.13
N LYS A 160 -16.83 -15.32 -10.20
CA LYS A 160 -17.22 -14.72 -8.93
C LYS A 160 -17.02 -13.22 -9.06
N GLU A 161 -17.96 -12.40 -8.60
CA GLU A 161 -17.82 -10.96 -8.65
C GLU A 161 -16.91 -10.46 -7.54
N LEU A 162 -16.44 -9.23 -7.73
CA LEU A 162 -15.46 -8.57 -6.88
C LEU A 162 -16.09 -7.31 -6.34
N THR A 163 -15.48 -6.76 -5.29
CA THR A 163 -15.68 -5.41 -4.82
C THR A 163 -14.29 -4.77 -4.81
N ILE A 164 -14.24 -3.44 -4.88
CA ILE A 164 -13.07 -2.69 -4.53
C ILE A 164 -13.52 -1.77 -3.40
N SER A 165 -12.62 -1.51 -2.46
CA SER A 165 -12.94 -0.89 -1.20
C SER A 165 -12.03 0.33 -1.00
N PRO A 166 -12.52 1.32 -0.25
CA PRO A 166 -11.86 2.61 -0.07
C PRO A 166 -10.64 2.48 0.83
N ALA A 167 -9.84 3.54 0.89
CA ALA A 167 -8.67 3.63 1.74
C ALA A 167 -8.52 5.07 2.20
N TYR A 168 -8.19 5.29 3.47
CA TYR A 168 -8.08 6.61 4.04
C TYR A 168 -6.77 6.80 4.79
N LEU A 169 -6.24 8.02 4.77
CA LEU A 169 -5.03 8.44 5.44
C LEU A 169 -5.38 8.90 6.84
N LEU A 170 -4.77 8.25 7.83
CA LEU A 170 -4.97 8.35 9.26
C LEU A 170 -3.58 8.31 9.88
N TRP A 171 -2.90 9.46 9.84
CA TRP A 171 -1.65 9.59 10.57
C TRP A 171 -1.93 10.00 12.02
N ASP A 172 -0.92 9.92 12.89
CA ASP A 172 -1.04 10.25 14.30
C ASP A 172 -0.46 11.62 14.52
N MET A 1 -9.06 -3.54 12.34
CA MET A 1 -9.69 -2.27 11.96
C MET A 1 -8.72 -1.25 11.33
N LYS A 2 -7.39 -1.43 11.42
CA LYS A 2 -6.40 -0.55 10.81
C LYS A 2 -5.06 -1.27 10.69
N VAL A 3 -4.05 -0.60 10.13
CA VAL A 3 -2.79 -1.17 9.67
C VAL A 3 -1.56 -0.57 10.38
N PRO A 4 -1.10 -1.07 11.53
CA PRO A 4 0.17 -0.59 12.10
C PRO A 4 1.31 -0.68 11.07
N MET A 5 1.70 0.46 10.48
CA MET A 5 2.74 0.59 9.46
C MET A 5 3.61 1.83 9.73
N LEU A 6 4.75 1.94 9.05
CA LEU A 6 5.69 3.07 9.12
C LEU A 6 5.80 3.74 7.74
N VAL A 7 6.09 5.04 7.74
CA VAL A 7 6.24 5.89 6.56
C VAL A 7 7.39 6.85 6.88
N LEU A 8 8.52 6.66 6.19
CA LEU A 8 9.74 7.42 6.43
C LEU A 8 9.83 8.55 5.41
N ASP A 9 10.85 9.41 5.57
CA ASP A 9 11.34 10.26 4.48
C ASP A 9 12.77 9.84 4.09
N PRO A 10 12.92 8.75 3.32
CA PRO A 10 14.10 8.45 2.54
C PRO A 10 13.93 9.09 1.14
N ALA A 11 14.78 8.76 0.17
CA ALA A 11 14.70 9.26 -1.20
C ALA A 11 15.57 8.42 -2.16
N LEU A 12 15.57 7.10 -1.96
CA LEU A 12 16.48 6.15 -2.61
C LEU A 12 16.32 6.17 -4.14
N PRO A 13 17.35 5.72 -4.89
CA PRO A 13 17.31 5.60 -6.34
C PRO A 13 16.45 4.43 -6.83
N ALA A 14 16.23 4.35 -8.14
CA ALA A 14 15.32 3.39 -8.78
C ALA A 14 15.85 1.95 -8.79
N ASN A 15 17.11 1.70 -8.44
CA ASN A 15 17.71 0.35 -8.39
C ASN A 15 17.83 -0.14 -6.95
N ILE A 16 16.82 0.15 -6.12
CA ILE A 16 16.72 -0.32 -4.75
C ILE A 16 15.44 -1.13 -4.65
N THR A 17 15.54 -2.25 -3.95
CA THR A 17 14.48 -3.20 -3.72
C THR A 17 14.43 -3.53 -2.23
N LEU A 18 13.55 -4.46 -1.86
CA LEU A 18 13.47 -5.06 -0.54
C LEU A 18 14.85 -5.54 -0.06
N LYS A 19 15.69 -6.08 -0.95
CA LYS A 19 16.96 -6.66 -0.52
C LYS A 19 17.94 -5.57 -0.08
N ASP A 20 17.94 -4.42 -0.74
CA ASP A 20 18.83 -3.31 -0.42
C ASP A 20 18.41 -2.58 0.86
N LEU A 21 17.22 -2.87 1.39
CA LEU A 21 16.62 -2.14 2.51
C LEU A 21 17.60 -2.08 3.70
N PRO A 22 17.92 -3.21 4.37
CA PRO A 22 18.64 -3.16 5.64
C PRO A 22 20.10 -2.75 5.49
N SER A 23 20.62 -2.70 4.26
CA SER A 23 21.98 -2.28 3.97
C SER A 23 22.26 -0.91 4.59
N LEU A 24 21.27 -0.01 4.57
CA LEU A 24 21.36 1.34 5.13
C LEU A 24 20.29 1.60 6.20
N TYR A 25 19.38 0.64 6.44
CA TYR A 25 18.26 0.75 7.38
C TYR A 25 18.23 -0.49 8.26
N PRO A 26 19.24 -0.73 9.12
CA PRO A 26 19.31 -1.94 9.94
C PRO A 26 18.09 -2.05 10.85
N SER A 27 17.51 -0.93 11.29
CA SER A 27 16.34 -0.93 12.15
C SER A 27 15.11 -1.51 11.45
N PHE A 28 15.05 -1.45 10.12
CA PHE A 28 13.87 -1.86 9.36
C PHE A 28 14.00 -3.29 8.82
N HIS A 29 15.03 -4.06 9.24
CA HIS A 29 15.39 -5.36 8.67
C HIS A 29 14.36 -6.50 8.84
N SER A 30 13.18 -6.24 9.40
CA SER A 30 12.14 -7.24 9.59
C SER A 30 10.99 -7.06 8.59
N ALA A 31 11.02 -6.08 7.69
CA ALA A 31 9.97 -5.87 6.71
C ALA A 31 9.90 -7.05 5.75
N SER A 32 8.70 -7.29 5.21
CA SER A 32 8.51 -8.23 4.12
C SER A 32 8.08 -7.52 2.83
N ASP A 33 8.16 -6.18 2.75
CA ASP A 33 7.94 -5.46 1.48
C ASP A 33 8.43 -4.01 1.54
N ILE A 34 8.54 -3.33 0.38
CA ILE A 34 8.87 -1.91 0.27
C ILE A 34 8.36 -1.34 -1.07
N PHE A 35 8.07 -0.03 -1.17
CA PHE A 35 7.90 0.68 -2.44
C PHE A 35 8.28 2.16 -2.31
N ASN A 36 8.92 2.70 -3.36
CA ASN A 36 9.34 4.10 -3.49
C ASN A 36 8.25 4.88 -4.25
N VAL A 37 7.77 5.99 -3.68
CA VAL A 37 6.65 6.85 -4.12
C VAL A 37 6.93 8.29 -3.65
N ALA A 38 6.02 9.27 -3.88
CA ALA A 38 6.19 10.65 -3.41
C ALA A 38 5.38 10.92 -2.13
N LYS A 39 5.69 12.04 -1.46
CA LYS A 39 4.92 12.53 -0.32
C LYS A 39 3.51 12.88 -0.77
N PRO A 40 2.54 12.95 0.15
CA PRO A 40 1.20 13.39 -0.17
C PRO A 40 1.06 14.91 -0.32
N LYS A 41 2.02 15.72 0.15
CA LYS A 41 1.98 17.18 0.08
C LYS A 41 3.39 17.77 -0.15
N ASN A 42 4.29 17.06 -0.85
CA ASN A 42 5.60 17.60 -1.27
C ASN A 42 6.17 16.85 -2.49
N PRO A 43 5.80 17.21 -3.73
CA PRO A 43 6.31 16.59 -4.95
C PRO A 43 7.76 16.96 -5.31
N SER A 44 8.42 17.84 -4.55
CA SER A 44 9.84 18.17 -4.78
C SER A 44 10.73 17.02 -4.27
N THR A 45 10.26 16.29 -3.27
CA THR A 45 10.96 15.17 -2.67
C THR A 45 10.40 13.86 -3.23
N ASN A 46 11.04 12.75 -2.87
CA ASN A 46 10.53 11.38 -3.07
C ASN A 46 10.61 10.72 -1.69
N VAL A 47 10.02 9.54 -1.48
CA VAL A 47 10.00 8.77 -0.22
C VAL A 47 9.90 7.27 -0.53
N SER A 48 9.78 6.45 0.51
CA SER A 48 9.58 5.02 0.42
C SER A 48 8.65 4.64 1.57
N VAL A 49 8.03 3.49 1.45
CA VAL A 49 7.03 2.97 2.36
C VAL A 49 7.42 1.52 2.63
N VAL A 50 7.22 1.05 3.85
CA VAL A 50 7.61 -0.27 4.34
C VAL A 50 6.32 -1.03 4.69
N VAL A 51 6.38 -2.35 4.85
CA VAL A 51 5.31 -3.15 5.46
C VAL A 51 5.96 -3.96 6.59
N PHE A 52 5.18 -4.26 7.63
CA PHE A 52 5.55 -5.12 8.75
C PHE A 52 4.33 -5.93 9.17
N ASP A 53 4.57 -7.02 9.90
CA ASP A 53 3.56 -8.00 10.28
C ASP A 53 2.92 -7.71 11.63
N SER A 54 3.58 -6.97 12.52
CA SER A 54 3.03 -6.43 13.78
C SER A 54 4.02 -5.48 14.48
N THR A 55 3.59 -4.90 15.61
CA THR A 55 4.34 -4.02 16.50
C THR A 55 5.67 -4.62 16.93
N LYS A 56 5.81 -5.94 16.97
CA LYS A 56 7.03 -6.68 17.32
C LYS A 56 8.26 -6.13 16.62
N ASP A 57 8.06 -5.66 15.39
CA ASP A 57 9.09 -5.20 14.46
C ASP A 57 9.02 -3.68 14.34
N VAL A 58 7.81 -3.10 14.22
CA VAL A 58 7.58 -1.66 14.09
C VAL A 58 8.12 -0.88 15.29
N GLU A 59 7.85 -1.36 16.50
CA GLU A 59 8.25 -0.72 17.74
C GLU A 59 9.78 -0.55 17.73
N ASP A 60 10.50 -1.64 17.45
CA ASP A 60 11.95 -1.62 17.43
C ASP A 60 12.51 -0.82 16.25
N ALA A 61 11.86 -0.88 15.08
CA ALA A 61 12.26 -0.10 13.91
C ALA A 61 12.20 1.40 14.23
N HIS A 62 11.10 1.85 14.84
CA HIS A 62 10.95 3.24 15.25
C HIS A 62 11.98 3.59 16.33
N SER A 63 12.21 2.68 17.30
CA SER A 63 13.20 2.79 18.35
C SER A 63 14.63 2.98 17.79
N GLY A 64 14.88 2.66 16.51
CA GLY A 64 16.16 2.88 15.88
C GLY A 64 16.49 4.36 15.68
N LEU A 65 15.50 5.27 15.64
CA LEU A 65 15.69 6.65 15.18
C LEU A 65 15.25 7.70 16.20
N LEU A 66 15.04 7.29 17.45
CA LEU A 66 14.77 8.19 18.56
C LEU A 66 16.04 8.82 19.16
N LYS A 67 17.17 8.78 18.43
CA LYS A 67 18.38 9.52 18.78
C LYS A 67 18.60 10.50 17.63
N GLY A 68 19.20 11.66 17.92
CA GLY A 68 19.41 12.72 16.95
C GLY A 68 20.55 12.41 16.00
N ASN A 69 20.46 11.33 15.22
CA ASN A 69 21.44 10.94 14.22
C ASN A 69 20.68 10.35 13.02
N SER A 70 19.84 11.16 12.41
CA SER A 70 18.90 10.78 11.37
C SER A 70 18.79 11.98 10.42
N ARG A 71 18.95 11.75 9.11
CA ARG A 71 18.67 12.75 8.07
C ARG A 71 17.38 12.42 7.33
N GLN A 72 16.71 11.32 7.69
CA GLN A 72 15.38 10.97 7.28
C GLN A 72 14.39 11.47 8.34
N THR A 73 13.12 11.41 7.99
CA THR A 73 11.97 11.73 8.83
C THR A 73 11.23 10.40 9.11
N VAL A 74 10.28 10.40 10.05
CA VAL A 74 9.51 9.23 10.49
C VAL A 74 8.07 9.70 10.84
N TRP A 75 7.05 9.11 10.22
CA TRP A 75 5.62 9.36 10.44
C TRP A 75 4.86 8.03 10.59
N ARG A 76 3.63 8.03 11.11
CA ARG A 76 2.77 6.85 11.08
C ARG A 76 1.77 7.07 9.96
N GLY A 77 1.49 6.01 9.20
CA GLY A 77 0.34 5.96 8.30
C GLY A 77 -0.64 4.98 8.91
N TYR A 78 -1.88 5.02 8.46
CA TYR A 78 -2.78 3.89 8.51
C TYR A 78 -3.60 3.93 7.23
N LEU A 79 -4.35 2.87 7.05
CA LEU A 79 -5.39 2.65 6.08
C LEU A 79 -6.54 2.00 6.88
N THR A 80 -7.73 2.08 6.33
CA THR A 80 -8.94 1.44 6.83
C THR A 80 -9.76 0.99 5.62
N THR A 81 -10.91 0.40 5.88
CA THR A 81 -11.99 0.27 4.89
C THR A 81 -13.34 0.82 5.39
N ASP A 82 -13.40 1.56 6.52
CA ASP A 82 -14.65 2.04 7.13
C ASP A 82 -14.69 3.57 7.17
N LYS A 83 -15.58 4.21 6.41
CA LYS A 83 -15.82 5.66 6.46
C LYS A 83 -16.70 6.01 7.67
N GLU A 84 -16.22 5.79 8.89
CA GLU A 84 -17.02 5.98 10.10
C GLU A 84 -16.22 6.58 11.26
N VAL A 85 -15.14 7.32 10.98
CA VAL A 85 -14.25 7.87 12.01
C VAL A 85 -13.86 9.29 11.59
N PRO A 86 -14.26 10.35 12.32
CA PRO A 86 -14.10 11.73 11.89
C PRO A 86 -12.62 12.12 11.77
N GLY A 87 -12.14 12.24 10.54
CA GLY A 87 -10.74 12.52 10.21
C GLY A 87 -10.30 11.92 8.88
N LEU A 88 -11.07 10.99 8.30
CA LEU A 88 -10.76 10.34 7.03
C LEU A 88 -10.59 11.40 5.94
N VAL A 89 -9.64 11.17 5.04
CA VAL A 89 -9.44 11.96 3.83
C VAL A 89 -9.40 10.98 2.65
N LEU A 90 -9.63 11.42 1.41
CA LEU A 90 -9.61 10.49 0.28
C LEU A 90 -8.17 10.01 0.00
N MET A 91 -8.05 8.82 -0.61
CA MET A 91 -6.83 8.43 -1.30
C MET A 91 -6.93 8.89 -2.74
N GLN A 92 -5.76 9.02 -3.35
CA GLN A 92 -5.57 9.49 -4.70
C GLN A 92 -4.87 8.48 -5.60
N ASP A 93 -4.36 7.38 -5.04
CA ASP A 93 -3.62 6.36 -5.79
C ASP A 93 -3.75 4.95 -5.22
N LEU A 94 -4.78 4.65 -4.44
CA LEU A 94 -5.06 3.29 -3.92
C LEU A 94 -6.23 2.65 -4.62
N ALA A 95 -6.41 1.34 -4.44
CA ALA A 95 -7.47 0.51 -5.00
C ALA A 95 -7.48 -0.76 -4.16
N PHE A 96 -8.52 -0.95 -3.35
CA PHE A 96 -8.66 -2.12 -2.49
C PHE A 96 -9.55 -3.10 -3.20
N LEU A 97 -8.98 -4.01 -3.96
CA LEU A 97 -9.79 -4.96 -4.68
C LEU A 97 -10.02 -6.13 -3.73
N SER A 98 -11.26 -6.55 -3.54
CA SER A 98 -11.64 -7.69 -2.71
C SER A 98 -12.74 -8.48 -3.42
N GLY A 99 -13.15 -9.62 -2.86
CA GLY A 99 -14.16 -10.53 -3.37
C GLY A 99 -13.62 -11.64 -4.28
N PHE A 100 -12.32 -11.63 -4.58
CA PHE A 100 -11.69 -12.59 -5.50
C PHE A 100 -11.61 -14.02 -4.92
N PRO A 101 -11.41 -15.04 -5.79
CA PRO A 101 -11.24 -16.41 -5.34
C PRO A 101 -9.93 -16.63 -4.57
N PRO A 102 -9.78 -17.77 -3.87
CA PRO A 102 -8.62 -18.08 -3.04
C PRO A 102 -7.36 -18.54 -3.79
N THR A 103 -7.43 -18.79 -5.10
CA THR A 103 -6.31 -19.21 -5.94
C THR A 103 -5.49 -17.95 -6.33
N PHE A 104 -5.10 -17.18 -5.32
CA PHE A 104 -4.22 -16.00 -5.35
C PHE A 104 -3.29 -15.95 -4.13
N LYS A 105 -2.61 -17.07 -3.81
CA LYS A 105 -1.62 -17.10 -2.73
C LYS A 105 -0.23 -16.81 -3.31
N GLU A 106 -0.13 -15.75 -4.12
CA GLU A 106 1.10 -15.30 -4.73
C GLU A 106 0.87 -13.87 -5.22
N THR A 107 1.74 -12.92 -4.89
CA THR A 107 1.66 -11.55 -5.43
C THR A 107 1.87 -11.58 -6.95
N ASN A 108 2.76 -12.46 -7.42
CA ASN A 108 3.15 -12.53 -8.82
C ASN A 108 2.10 -13.17 -9.70
N GLN A 109 1.15 -13.90 -9.11
CA GLN A 109 0.08 -14.58 -9.81
C GLN A 109 -0.88 -13.55 -10.40
N LEU A 110 -1.59 -12.84 -9.54
CA LEU A 110 -2.56 -11.85 -9.95
C LEU A 110 -1.92 -10.63 -10.62
N LYS A 111 -0.62 -10.38 -10.45
CA LYS A 111 0.13 -9.35 -11.18
C LYS A 111 -0.10 -9.43 -12.69
N THR A 112 -0.46 -10.61 -13.19
CA THR A 112 -0.71 -10.91 -14.58
C THR A 112 -2.10 -11.58 -14.70
N LYS A 113 -3.11 -11.09 -13.96
CA LYS A 113 -4.49 -11.56 -14.00
C LYS A 113 -5.51 -10.45 -13.71
N LEU A 114 -5.18 -9.16 -13.84
CA LEU A 114 -6.13 -8.07 -13.74
C LEU A 114 -7.32 -8.29 -14.68
N PRO A 115 -8.52 -7.87 -14.25
CA PRO A 115 -9.67 -7.70 -15.14
C PRO A 115 -9.43 -6.47 -16.03
N GLU A 116 -10.08 -6.36 -17.18
CA GLU A 116 -9.81 -5.27 -18.12
C GLU A 116 -10.09 -3.91 -17.46
N ASN A 117 -11.20 -3.84 -16.72
CA ASN A 117 -11.60 -2.63 -16.00
C ASN A 117 -10.52 -2.13 -15.04
N LEU A 118 -9.72 -3.01 -14.42
CA LEU A 118 -8.64 -2.61 -13.52
C LEU A 118 -7.30 -3.09 -14.09
N SER A 119 -7.07 -2.87 -15.39
CA SER A 119 -5.81 -3.15 -16.08
C SER A 119 -5.10 -1.90 -16.63
N SER A 120 -5.64 -0.69 -16.47
CA SER A 120 -5.24 0.49 -17.23
C SER A 120 -3.74 0.82 -17.09
N LYS A 121 -3.33 1.25 -15.90
CA LYS A 121 -1.95 1.66 -15.57
C LYS A 121 -1.50 1.08 -14.24
N VAL A 122 -2.30 0.22 -13.65
CA VAL A 122 -2.22 -0.12 -12.24
C VAL A 122 -1.07 -1.10 -11.96
N LYS A 123 -0.65 -1.18 -10.69
CA LYS A 123 0.41 -2.07 -10.24
C LYS A 123 0.11 -2.60 -8.86
N LEU A 124 0.24 -3.91 -8.67
CA LEU A 124 0.24 -4.51 -7.35
C LEU A 124 1.54 -4.14 -6.63
N LEU A 125 1.49 -4.01 -5.31
CA LEU A 125 2.68 -3.95 -4.47
C LEU A 125 2.47 -4.41 -3.03
N GLN A 126 1.23 -4.59 -2.55
CA GLN A 126 0.97 -5.41 -1.38
C GLN A 126 -0.15 -6.37 -1.76
N LEU A 127 -0.24 -7.48 -1.05
CA LEU A 127 -1.34 -8.42 -1.11
C LEU A 127 -1.64 -8.87 0.31
N TYR A 128 -2.82 -9.43 0.52
CA TYR A 128 -3.14 -10.23 1.69
C TYR A 128 -2.18 -11.42 1.82
N SER A 129 -1.71 -11.63 3.05
CA SER A 129 -1.02 -12.84 3.50
C SER A 129 -1.88 -13.58 4.56
N GLU A 130 -3.01 -12.99 4.96
CA GLU A 130 -3.92 -13.49 5.99
C GLU A 130 -5.36 -13.17 5.59
N ALA A 131 -5.66 -11.87 5.45
CA ALA A 131 -6.94 -11.28 5.06
C ALA A 131 -7.27 -11.58 3.59
N SER A 132 -8.07 -10.76 2.89
CA SER A 132 -8.49 -11.06 1.53
C SER A 132 -8.72 -9.79 0.66
N VAL A 133 -7.73 -8.90 0.58
CA VAL A 133 -7.76 -7.72 -0.29
C VAL A 133 -6.38 -7.55 -0.94
N ALA A 134 -6.31 -7.02 -2.16
CA ALA A 134 -5.06 -6.69 -2.81
C ALA A 134 -4.83 -5.19 -2.65
N LEU A 135 -3.56 -4.78 -2.57
CA LEU A 135 -3.16 -3.39 -2.48
C LEU A 135 -2.54 -2.98 -3.81
N LEU A 136 -3.33 -2.26 -4.60
CA LEU A 136 -3.03 -1.94 -6.00
C LEU A 136 -2.92 -0.44 -6.10
N LYS A 137 -1.85 0.04 -6.76
CA LYS A 137 -1.53 1.44 -6.93
C LYS A 137 -1.74 1.83 -8.38
N LEU A 138 -2.60 2.81 -8.60
CA LEU A 138 -2.97 3.33 -9.91
C LEU A 138 -2.04 4.45 -10.32
N ASN A 139 -2.23 4.93 -11.54
CA ASN A 139 -1.60 6.14 -12.05
C ASN A 139 -2.57 7.07 -12.78
N ASN A 140 -3.74 6.56 -13.17
CA ASN A 140 -4.73 7.33 -13.92
C ASN A 140 -6.07 7.38 -13.20
N PRO A 141 -6.23 8.21 -12.16
CA PRO A 141 -7.46 8.26 -11.36
C PRO A 141 -8.67 8.78 -12.15
N LYS A 142 -8.50 9.20 -13.41
CA LYS A 142 -9.56 9.64 -14.30
C LYS A 142 -10.67 8.60 -14.43
N ASP A 143 -10.30 7.33 -14.49
CA ASP A 143 -11.20 6.18 -14.62
C ASP A 143 -11.44 5.50 -13.27
N PHE A 144 -10.62 5.77 -12.24
CA PHE A 144 -10.81 5.17 -10.93
C PHE A 144 -12.22 5.39 -10.39
N GLN A 145 -12.73 6.63 -10.44
CA GLN A 145 -14.07 6.95 -9.95
C GLN A 145 -15.18 6.30 -10.78
N GLU A 146 -14.97 6.16 -12.09
CA GLU A 146 -15.94 5.63 -13.05
C GLU A 146 -16.11 4.15 -12.78
N LEU A 147 -14.99 3.44 -12.56
CA LEU A 147 -14.97 2.08 -12.04
C LEU A 147 -15.58 1.99 -10.65
N ASN A 148 -15.35 2.97 -9.77
CA ASN A 148 -15.85 2.90 -8.40
C ASN A 148 -17.37 2.99 -8.35
N LYS A 149 -18.00 3.73 -9.27
CA LYS A 149 -19.44 4.04 -9.28
C LYS A 149 -20.22 3.00 -10.10
N GLN A 150 -19.96 1.70 -9.91
CA GLN A 150 -20.55 0.62 -10.71
C GLN A 150 -21.59 -0.19 -9.90
N THR A 151 -22.00 -1.37 -10.35
CA THR A 151 -22.83 -2.32 -9.59
C THR A 151 -22.08 -3.67 -9.48
N LYS A 152 -22.69 -4.69 -8.84
CA LYS A 152 -22.07 -5.98 -8.53
C LYS A 152 -22.04 -6.88 -9.78
N LYS A 153 -21.38 -6.42 -10.84
CA LYS A 153 -21.25 -7.05 -12.15
C LYS A 153 -19.98 -6.49 -12.78
N ASN A 154 -19.72 -6.77 -14.06
CA ASN A 154 -18.64 -6.23 -14.89
C ASN A 154 -17.29 -6.87 -14.56
N MET A 155 -16.83 -6.75 -13.31
CA MET A 155 -15.58 -7.31 -12.83
C MET A 155 -15.74 -8.81 -12.60
N THR A 156 -14.85 -9.62 -13.15
CA THR A 156 -14.76 -11.06 -12.95
C THR A 156 -13.29 -11.49 -13.07
N ILE A 157 -12.88 -12.53 -12.34
CA ILE A 157 -11.55 -13.12 -12.35
C ILE A 157 -11.72 -14.60 -12.02
N ASP A 158 -11.08 -15.50 -12.79
CA ASP A 158 -11.19 -16.98 -12.66
C ASP A 158 -12.63 -17.50 -12.75
N GLY A 159 -13.61 -16.64 -13.06
CA GLY A 159 -15.02 -16.96 -13.06
C GLY A 159 -15.76 -16.58 -11.77
N LYS A 160 -15.11 -15.95 -10.78
CA LYS A 160 -15.82 -15.28 -9.68
C LYS A 160 -15.98 -13.82 -10.08
N GLU A 161 -17.18 -13.27 -9.97
CA GLU A 161 -17.33 -11.83 -9.85
C GLU A 161 -16.92 -11.38 -8.45
N LEU A 162 -16.53 -10.12 -8.34
CA LEU A 162 -15.93 -9.46 -7.18
C LEU A 162 -16.18 -7.95 -7.28
N THR A 163 -15.80 -7.12 -6.31
CA THR A 163 -16.01 -5.67 -6.39
C THR A 163 -14.87 -4.97 -5.65
N ILE A 164 -14.47 -3.79 -6.11
CA ILE A 164 -13.48 -3.00 -5.39
C ILE A 164 -14.14 -2.42 -4.13
N SER A 165 -13.33 -2.02 -3.15
CA SER A 165 -13.71 -1.34 -1.92
C SER A 165 -13.07 0.06 -1.93
N PRO A 166 -13.62 1.02 -1.16
CA PRO A 166 -13.17 2.41 -1.16
C PRO A 166 -11.86 2.57 -0.39
N ALA A 167 -11.07 3.59 -0.75
CA ALA A 167 -9.75 3.85 -0.23
C ALA A 167 -9.67 5.28 0.30
N TYR A 168 -9.39 5.44 1.59
CA TYR A 168 -9.15 6.70 2.27
C TYR A 168 -7.68 6.75 2.68
N LEU A 169 -7.16 7.89 3.11
CA LEU A 169 -5.80 8.06 3.61
C LEU A 169 -5.93 8.51 5.06
N LEU A 170 -5.23 7.82 5.97
CA LEU A 170 -5.12 8.20 7.37
C LEU A 170 -3.64 8.42 7.69
N TRP A 171 -3.35 9.30 8.65
CA TRP A 171 -2.02 9.61 9.12
C TRP A 171 -2.04 9.91 10.63
N ASP A 172 -0.87 9.84 11.27
CA ASP A 172 -0.64 10.14 12.68
C ASP A 172 0.81 10.57 12.85
N MET A 1 -11.74 -1.34 8.26
CA MET A 1 -10.83 -1.77 9.33
C MET A 1 -9.39 -1.47 8.92
N LYS A 2 -8.61 -0.88 9.81
CA LYS A 2 -7.27 -0.39 9.53
C LYS A 2 -6.21 -1.49 9.40
N VAL A 3 -4.98 -1.09 9.10
CA VAL A 3 -3.81 -1.95 9.00
C VAL A 3 -2.67 -1.27 9.76
N PRO A 4 -1.77 -1.99 10.45
CA PRO A 4 -0.55 -1.41 10.96
C PRO A 4 0.45 -1.22 9.81
N MET A 5 1.06 -0.05 9.73
CA MET A 5 2.23 0.21 8.88
C MET A 5 3.03 1.32 9.54
N LEU A 6 4.25 1.53 9.07
CA LEU A 6 5.15 2.55 9.54
C LEU A 6 5.41 3.50 8.39
N VAL A 7 5.03 4.76 8.58
CA VAL A 7 5.18 5.83 7.61
C VAL A 7 6.38 6.64 8.06
N LEU A 8 7.11 7.22 7.11
CA LEU A 8 8.33 8.00 7.32
C LEU A 8 8.33 9.15 6.31
N ASP A 9 9.30 10.04 6.38
CA ASP A 9 9.42 11.16 5.42
C ASP A 9 10.78 11.21 4.70
N PRO A 10 11.22 10.10 4.07
CA PRO A 10 12.49 10.03 3.36
C PRO A 10 12.40 10.78 2.03
N ALA A 11 13.45 10.69 1.21
CA ALA A 11 13.42 10.79 -0.24
C ALA A 11 14.51 9.83 -0.76
N LEU A 12 14.33 9.25 -1.94
CA LEU A 12 15.26 8.34 -2.62
C LEU A 12 15.29 8.69 -4.11
N PRO A 13 16.34 8.32 -4.86
CA PRO A 13 16.40 8.50 -6.30
C PRO A 13 15.48 7.48 -6.99
N ALA A 14 15.44 7.47 -8.33
CA ALA A 14 14.55 6.65 -9.13
C ALA A 14 15.01 5.19 -9.34
N ASN A 15 15.93 4.66 -8.53
CA ASN A 15 16.70 3.46 -8.85
C ASN A 15 16.84 2.43 -7.72
N ILE A 16 16.28 2.68 -6.54
CA ILE A 16 16.22 1.74 -5.44
C ILE A 16 15.03 0.82 -5.71
N THR A 17 15.11 -0.41 -5.22
CA THR A 17 13.97 -1.32 -5.10
C THR A 17 14.14 -2.09 -3.79
N LEU A 18 13.29 -3.08 -3.52
CA LEU A 18 13.44 -3.99 -2.38
C LEU A 18 14.80 -4.69 -2.34
N LYS A 19 15.53 -4.79 -3.45
CA LYS A 19 16.85 -5.42 -3.43
C LYS A 19 17.89 -4.42 -2.98
N ASP A 20 17.84 -3.19 -3.48
CA ASP A 20 18.85 -2.18 -3.15
C ASP A 20 18.64 -1.63 -1.74
N LEU A 21 17.37 -1.43 -1.36
CA LEU A 21 16.84 -0.86 -0.10
C LEU A 21 17.72 -1.19 1.11
N PRO A 22 17.86 -2.46 1.52
CA PRO A 22 18.52 -2.79 2.77
C PRO A 22 20.03 -2.51 2.76
N SER A 23 20.62 -2.11 1.64
CA SER A 23 22.02 -1.68 1.59
C SER A 23 22.16 -0.29 2.20
N LEU A 24 21.06 0.46 2.35
CA LEU A 24 21.04 1.80 2.89
C LEU A 24 20.32 1.84 4.25
N TYR A 25 19.49 0.82 4.53
CA TYR A 25 18.57 0.75 5.65
C TYR A 25 18.71 -0.59 6.38
N PRO A 26 19.69 -0.71 7.29
CA PRO A 26 19.96 -1.96 7.99
C PRO A 26 18.83 -2.38 8.93
N SER A 27 17.90 -1.49 9.30
CA SER A 27 16.82 -1.78 10.23
C SER A 27 15.45 -1.78 9.56
N PHE A 28 15.37 -1.60 8.22
CA PHE A 28 14.11 -1.76 7.47
C PHE A 28 14.18 -2.95 6.49
N HIS A 29 15.20 -3.82 6.62
CA HIS A 29 15.35 -5.04 5.83
C HIS A 29 14.14 -5.98 5.94
N SER A 30 13.38 -5.90 7.04
CA SER A 30 12.23 -6.73 7.35
C SER A 30 10.98 -6.37 6.53
N ALA A 31 11.05 -5.38 5.62
CA ALA A 31 9.94 -4.97 4.77
C ALA A 31 9.96 -5.74 3.46
N SER A 32 8.90 -6.51 3.20
CA SER A 32 8.64 -7.20 1.93
C SER A 32 7.86 -6.32 0.92
N ASP A 33 7.81 -4.98 1.08
CA ASP A 33 7.56 -4.09 -0.07
C ASP A 33 8.01 -2.66 0.20
N ILE A 34 8.00 -1.83 -0.86
CA ILE A 34 8.31 -0.40 -0.85
C ILE A 34 7.72 0.20 -2.13
N PHE A 35 7.26 1.46 -2.07
CA PHE A 35 6.96 2.27 -3.25
C PHE A 35 7.23 3.75 -2.95
N ASN A 36 7.68 4.52 -3.94
CA ASN A 36 8.06 5.94 -3.83
C ASN A 36 6.92 6.80 -4.37
N VAL A 37 6.61 7.90 -3.68
CA VAL A 37 5.40 8.70 -3.91
C VAL A 37 5.66 10.16 -3.54
N ALA A 38 4.69 11.04 -3.82
CA ALA A 38 4.64 12.39 -3.27
C ALA A 38 4.23 12.34 -1.80
N LYS A 39 4.39 13.47 -1.12
CA LYS A 39 3.63 13.83 0.07
C LYS A 39 2.20 14.21 -0.38
N PRO A 40 1.23 14.31 0.54
CA PRO A 40 -0.05 14.86 0.19
C PRO A 40 -0.07 16.39 0.16
N LYS A 41 0.83 17.08 0.87
CA LYS A 41 0.81 18.53 1.02
C LYS A 41 2.21 19.16 0.94
N ASN A 42 3.19 18.50 0.31
CA ASN A 42 4.45 19.19 -0.01
C ASN A 42 5.12 18.72 -1.30
N PRO A 43 4.67 19.23 -2.48
CA PRO A 43 5.20 18.78 -3.76
C PRO A 43 6.59 19.29 -4.12
N SER A 44 7.22 20.14 -3.29
CA SER A 44 8.65 20.39 -3.37
C SER A 44 9.48 19.25 -2.75
N THR A 45 8.84 18.24 -2.15
CA THR A 45 9.49 17.06 -1.58
C THR A 45 8.90 15.79 -2.20
N ASN A 46 9.44 14.63 -1.87
CA ASN A 46 8.94 13.29 -2.21
C ASN A 46 9.19 12.40 -0.99
N VAL A 47 8.60 11.20 -0.92
CA VAL A 47 8.74 10.22 0.15
C VAL A 47 8.56 8.81 -0.41
N SER A 48 8.50 7.81 0.46
CA SER A 48 8.12 6.46 0.13
C SER A 48 7.22 5.89 1.23
N VAL A 49 6.80 4.64 1.04
CA VAL A 49 5.92 3.84 1.87
C VAL A 49 6.61 2.47 1.99
N VAL A 50 6.31 1.73 3.05
CA VAL A 50 6.97 0.49 3.45
C VAL A 50 5.84 -0.49 3.82
N VAL A 51 6.05 -1.80 3.79
CA VAL A 51 5.06 -2.75 4.34
C VAL A 51 5.84 -3.79 5.14
N PHE A 52 5.44 -4.05 6.39
CA PHE A 52 6.01 -5.08 7.27
C PHE A 52 4.98 -6.19 7.49
N ASP A 53 5.39 -7.26 8.18
CA ASP A 53 4.52 -8.39 8.48
C ASP A 53 3.65 -8.13 9.71
N SER A 54 4.19 -7.64 10.84
CA SER A 54 3.37 -7.46 12.04
C SER A 54 3.95 -6.43 13.00
N THR A 55 3.32 -6.27 14.16
CA THR A 55 3.85 -5.48 15.27
C THR A 55 5.29 -5.84 15.63
N LYS A 56 5.72 -7.10 15.48
CA LYS A 56 7.12 -7.45 15.75
C LYS A 56 8.09 -6.58 14.96
N ASP A 57 7.68 -6.20 13.75
CA ASP A 57 8.52 -5.63 12.72
C ASP A 57 8.24 -4.13 12.63
N VAL A 58 6.96 -3.73 12.63
CA VAL A 58 6.50 -2.33 12.63
C VAL A 58 7.03 -1.59 13.87
N GLU A 59 7.14 -2.27 15.01
CA GLU A 59 7.65 -1.68 16.22
C GLU A 59 9.17 -1.62 16.20
N ASP A 60 9.83 -2.72 15.88
CA ASP A 60 11.29 -2.83 15.85
C ASP A 60 11.88 -1.84 14.85
N ALA A 61 11.29 -1.77 13.65
CA ALA A 61 11.71 -0.85 12.61
C ALA A 61 11.66 0.58 13.13
N HIS A 62 10.57 0.98 13.81
CA HIS A 62 10.46 2.29 14.45
C HIS A 62 11.58 2.45 15.50
N SER A 63 11.80 1.42 16.32
CA SER A 63 12.87 1.35 17.29
C SER A 63 14.29 1.50 16.69
N GLY A 64 14.48 1.36 15.38
CA GLY A 64 15.77 1.57 14.74
C GLY A 64 16.33 2.97 14.92
N LEU A 65 15.49 3.98 15.16
CA LEU A 65 15.87 5.39 14.99
C LEU A 65 15.52 6.26 16.19
N LEU A 66 15.25 5.65 17.34
CA LEU A 66 15.18 6.32 18.63
C LEU A 66 16.59 6.54 19.17
N LYS A 67 17.31 7.49 18.56
CA LYS A 67 18.70 7.81 18.84
C LYS A 67 18.92 9.29 18.54
N GLY A 68 19.99 9.88 19.08
CA GLY A 68 20.33 11.27 18.83
C GLY A 68 20.89 11.53 17.43
N ASN A 69 20.86 10.55 16.52
CA ASN A 69 21.54 10.59 15.22
C ASN A 69 20.76 9.76 14.20
N SER A 70 19.73 10.34 13.59
CA SER A 70 18.82 9.64 12.68
C SER A 70 18.31 10.64 11.64
N ARG A 71 18.74 10.49 10.39
CA ARG A 71 18.41 11.40 9.27
C ARG A 71 17.07 11.01 8.66
N GLN A 72 16.03 10.99 9.48
CA GLN A 72 14.71 10.47 9.18
C GLN A 72 13.71 11.09 10.16
N THR A 73 12.44 10.81 9.91
CA THR A 73 11.34 10.83 10.86
C THR A 73 10.60 9.49 10.73
N VAL A 74 9.82 9.10 11.73
CA VAL A 74 8.85 8.03 11.74
C VAL A 74 7.53 8.60 12.26
N TRP A 75 6.41 8.34 11.58
CA TRP A 75 5.07 8.83 11.91
C TRP A 75 4.19 7.61 12.23
N ARG A 76 2.92 7.81 12.61
CA ARG A 76 1.93 6.81 12.26
C ARG A 76 1.22 7.30 11.02
N GLY A 77 0.99 6.37 10.12
CA GLY A 77 -0.20 6.41 9.31
C GLY A 77 -0.95 5.11 9.53
N TYR A 78 -2.22 5.11 9.14
CA TYR A 78 -3.03 3.93 8.96
C TYR A 78 -3.76 4.09 7.64
N LEU A 79 -4.37 3.02 7.18
CA LEU A 79 -5.01 2.89 5.89
C LEU A 79 -6.28 2.11 6.17
N THR A 80 -7.45 2.67 5.82
CA THR A 80 -8.72 1.99 5.93
C THR A 80 -9.69 2.54 4.88
N THR A 81 -10.90 2.00 4.88
CA THR A 81 -11.93 2.14 3.85
C THR A 81 -13.21 2.68 4.51
N ASP A 82 -13.11 3.30 5.69
CA ASP A 82 -14.22 3.66 6.58
C ASP A 82 -14.60 5.12 6.36
N LYS A 83 -15.63 5.45 5.57
CA LYS A 83 -16.04 6.84 5.37
C LYS A 83 -16.87 7.37 6.54
N GLU A 84 -16.28 7.40 7.73
CA GLU A 84 -17.00 7.52 9.00
C GLU A 84 -16.23 8.39 10.01
N VAL A 85 -15.44 9.36 9.52
CA VAL A 85 -14.57 10.22 10.33
C VAL A 85 -14.69 11.66 9.81
N PRO A 86 -14.71 12.69 10.67
CA PRO A 86 -14.78 14.09 10.26
C PRO A 86 -13.45 14.57 9.67
N GLY A 87 -13.41 14.81 8.37
CA GLY A 87 -12.21 15.31 7.70
C GLY A 87 -11.28 14.18 7.29
N LEU A 88 -11.82 13.19 6.58
CA LEU A 88 -11.00 12.25 5.83
C LEU A 88 -10.31 13.00 4.68
N VAL A 89 -9.19 12.46 4.19
CA VAL A 89 -8.50 12.96 3.01
C VAL A 89 -8.41 11.78 2.02
N LEU A 90 -8.25 12.08 0.75
CA LEU A 90 -8.18 11.08 -0.30
C LEU A 90 -6.76 10.59 -0.53
N MET A 91 -6.66 9.43 -1.18
CA MET A 91 -5.39 8.78 -1.49
C MET A 91 -4.87 9.23 -2.84
N GLN A 92 -3.60 8.92 -3.09
CA GLN A 92 -2.83 9.37 -4.25
C GLN A 92 -2.51 8.19 -5.15
N ASP A 93 -1.99 7.09 -4.57
CA ASP A 93 -1.35 6.00 -5.31
C ASP A 93 -1.82 4.59 -4.93
N LEU A 94 -2.73 4.48 -3.96
CA LEU A 94 -3.08 3.22 -3.32
C LEU A 94 -4.55 2.93 -3.51
N ALA A 95 -4.85 1.64 -3.62
CA ALA A 95 -6.19 1.07 -3.65
C ALA A 95 -6.17 -0.25 -2.87
N PHE A 96 -7.32 -0.62 -2.30
CA PHE A 96 -7.59 -1.93 -1.73
C PHE A 96 -8.18 -2.85 -2.80
N LEU A 97 -8.40 -4.12 -2.48
CA LEU A 97 -9.08 -5.13 -3.30
C LEU A 97 -9.51 -6.26 -2.36
N SER A 98 -10.71 -6.82 -2.51
CA SER A 98 -11.14 -8.00 -1.78
C SER A 98 -12.16 -8.82 -2.60
N GLY A 99 -12.63 -9.95 -2.08
CA GLY A 99 -13.75 -10.73 -2.60
C GLY A 99 -13.34 -11.98 -3.39
N PHE A 100 -12.04 -12.22 -3.58
CA PHE A 100 -11.46 -13.33 -4.33
C PHE A 100 -11.78 -14.72 -3.74
N PRO A 101 -11.58 -15.80 -4.52
CA PRO A 101 -11.64 -17.19 -4.07
C PRO A 101 -10.31 -17.65 -3.41
N PRO A 102 -10.26 -18.83 -2.77
CA PRO A 102 -9.11 -19.29 -1.98
C PRO A 102 -7.91 -19.81 -2.78
N THR A 103 -8.03 -19.92 -4.11
CA THR A 103 -6.97 -20.34 -5.03
C THR A 103 -5.87 -19.26 -5.20
N PHE A 104 -5.67 -18.41 -4.18
CA PHE A 104 -4.72 -17.32 -4.15
C PHE A 104 -4.11 -17.23 -2.75
N LYS A 105 -3.17 -18.12 -2.42
CA LYS A 105 -2.39 -18.06 -1.18
C LYS A 105 -1.00 -17.45 -1.43
N GLU A 106 -0.80 -16.74 -2.53
CA GLU A 106 0.40 -15.93 -2.79
C GLU A 106 0.01 -14.71 -3.62
N THR A 107 0.85 -13.68 -3.58
CA THR A 107 0.68 -12.45 -4.33
C THR A 107 0.86 -12.76 -5.84
N ASN A 108 1.90 -13.50 -6.20
CA ASN A 108 2.32 -13.71 -7.59
C ASN A 108 1.31 -14.54 -8.37
N GLN A 109 0.57 -15.44 -7.73
CA GLN A 109 -0.50 -16.15 -8.42
C GLN A 109 -1.49 -15.13 -8.99
N LEU A 110 -2.06 -14.27 -8.14
CA LEU A 110 -3.14 -13.40 -8.56
C LEU A 110 -2.68 -12.19 -9.37
N LYS A 111 -1.38 -11.85 -9.35
CA LYS A 111 -0.80 -10.93 -10.35
C LYS A 111 -1.22 -11.35 -11.76
N THR A 112 -1.24 -12.66 -12.01
CA THR A 112 -1.57 -13.24 -13.30
C THR A 112 -3.07 -13.46 -13.50
N LYS A 113 -3.93 -12.99 -12.57
CA LYS A 113 -5.38 -12.92 -12.71
C LYS A 113 -5.87 -11.59 -12.12
N LEU A 114 -5.56 -10.47 -12.77
CA LEU A 114 -6.30 -9.23 -12.51
C LEU A 114 -7.41 -9.13 -13.57
N PRO A 115 -8.60 -8.60 -13.23
CA PRO A 115 -9.64 -8.30 -14.23
C PRO A 115 -9.28 -7.02 -14.99
N GLU A 116 -9.70 -6.91 -16.25
CA GLU A 116 -9.39 -5.79 -17.16
C GLU A 116 -9.60 -4.42 -16.50
N ASN A 117 -10.73 -4.25 -15.82
CA ASN A 117 -11.17 -3.00 -15.18
C ASN A 117 -10.21 -2.55 -14.07
N LEU A 118 -9.30 -3.42 -13.64
CA LEU A 118 -8.30 -3.25 -12.59
C LEU A 118 -6.94 -3.75 -13.09
N SER A 119 -6.69 -3.71 -14.40
CA SER A 119 -5.52 -4.32 -15.01
C SER A 119 -5.06 -3.54 -16.24
N SER A 120 -5.31 -2.24 -16.31
CA SER A 120 -4.70 -1.43 -17.36
C SER A 120 -3.18 -1.39 -17.15
N LYS A 121 -2.70 -0.70 -16.11
CA LYS A 121 -1.28 -0.41 -15.90
C LYS A 121 -0.85 -0.61 -14.44
N VAL A 122 -1.67 -1.30 -13.65
CA VAL A 122 -1.55 -1.33 -12.20
C VAL A 122 -0.92 -2.65 -11.74
N LYS A 123 -0.62 -2.83 -10.45
CA LYS A 123 -0.11 -4.11 -9.95
C LYS A 123 -0.50 -4.35 -8.51
N LEU A 124 -0.61 -5.63 -8.16
CA LEU A 124 -0.80 -6.17 -6.82
C LEU A 124 0.55 -6.13 -6.10
N LEU A 125 0.60 -5.67 -4.86
CA LEU A 125 1.83 -5.65 -4.06
C LEU A 125 1.64 -5.77 -2.54
N GLN A 126 0.43 -6.02 -2.04
CA GLN A 126 0.19 -6.47 -0.67
C GLN A 126 -0.95 -7.49 -0.71
N LEU A 127 -0.94 -8.50 0.16
CA LEU A 127 -2.03 -9.50 0.27
C LEU A 127 -1.98 -10.15 1.67
N TYR A 128 -3.12 -10.29 2.34
CA TYR A 128 -3.34 -10.97 3.61
C TYR A 128 -2.92 -12.43 3.58
N SER A 129 -2.39 -12.79 4.74
CA SER A 129 -2.65 -14.04 5.41
C SER A 129 -4.16 -14.37 5.36
N GLU A 130 -4.54 -15.28 6.22
CA GLU A 130 -5.71 -16.16 6.07
C GLU A 130 -7.09 -15.44 6.00
N ALA A 131 -7.15 -14.16 6.33
CA ALA A 131 -8.24 -13.28 5.91
C ALA A 131 -8.27 -13.06 4.38
N SER A 132 -9.01 -12.04 3.91
CA SER A 132 -9.22 -11.87 2.47
C SER A 132 -9.29 -10.40 2.04
N VAL A 133 -8.15 -9.73 2.00
CA VAL A 133 -8.01 -8.42 1.40
C VAL A 133 -6.57 -8.28 0.87
N ALA A 134 -6.37 -7.40 -0.12
CA ALA A 134 -5.09 -7.13 -0.75
C ALA A 134 -5.04 -5.65 -1.13
N LEU A 135 -3.90 -5.17 -1.66
CA LEU A 135 -3.73 -3.79 -2.09
C LEU A 135 -2.86 -3.69 -3.33
N LEU A 136 -3.05 -2.58 -4.07
CA LEU A 136 -2.45 -2.34 -5.37
C LEU A 136 -1.80 -0.96 -5.43
N LYS A 137 -0.85 -0.79 -6.36
CA LYS A 137 -0.32 0.51 -6.77
C LYS A 137 -1.02 0.88 -8.05
N LEU A 138 -1.43 2.13 -8.18
CA LEU A 138 -1.89 2.68 -9.43
C LEU A 138 -0.70 3.23 -10.21
N ASN A 139 -0.88 3.40 -11.51
CA ASN A 139 0.11 3.93 -12.44
C ASN A 139 0.00 5.43 -12.59
N ASN A 140 -1.21 5.99 -12.44
CA ASN A 140 -1.43 7.42 -12.55
C ASN A 140 -2.59 7.91 -11.66
N PRO A 141 -2.49 9.12 -11.07
CA PRO A 141 -3.41 9.67 -10.05
C PRO A 141 -4.83 10.00 -10.53
N LYS A 142 -5.13 9.82 -11.81
CA LYS A 142 -6.46 9.96 -12.44
C LYS A 142 -7.56 9.24 -11.64
N ASP A 143 -8.81 9.27 -12.11
CA ASP A 143 -9.99 8.63 -11.50
C ASP A 143 -9.92 7.08 -11.54
N PHE A 144 -8.74 6.44 -11.49
CA PHE A 144 -8.51 5.01 -11.64
C PHE A 144 -9.48 4.14 -10.83
N GLN A 145 -9.55 4.39 -9.52
CA GLN A 145 -10.42 3.66 -8.60
C GLN A 145 -11.88 4.02 -8.87
N GLU A 146 -12.11 5.29 -9.10
CA GLU A 146 -13.42 5.89 -9.22
C GLU A 146 -14.13 5.41 -10.48
N LEU A 147 -13.36 5.20 -11.55
CA LEU A 147 -13.70 4.53 -12.78
C LEU A 147 -14.11 3.08 -12.50
N ASN A 148 -13.31 2.35 -11.73
CA ASN A 148 -13.63 0.96 -11.39
C ASN A 148 -14.99 0.86 -10.73
N LYS A 149 -15.29 1.82 -9.84
CA LYS A 149 -16.42 1.79 -8.94
C LYS A 149 -17.74 2.22 -9.59
N GLN A 150 -17.76 2.67 -10.86
CA GLN A 150 -18.96 3.25 -11.48
C GLN A 150 -19.68 2.35 -12.48
N THR A 151 -19.24 1.11 -12.63
CA THR A 151 -19.62 0.30 -13.77
C THR A 151 -20.93 -0.46 -13.50
N LYS A 152 -21.73 -0.72 -14.54
CA LYS A 152 -22.99 -1.48 -14.42
C LYS A 152 -22.75 -2.99 -14.33
N LYS A 153 -21.50 -3.41 -14.12
CA LYS A 153 -21.05 -4.79 -14.27
C LYS A 153 -20.10 -5.12 -13.14
N ASN A 154 -19.70 -6.39 -13.03
CA ASN A 154 -18.81 -6.88 -11.99
C ASN A 154 -17.47 -7.30 -12.62
N MET A 155 -16.53 -7.77 -11.81
CA MET A 155 -15.35 -8.52 -12.22
C MET A 155 -15.69 -10.02 -12.20
N THR A 156 -14.77 -10.89 -12.60
CA THR A 156 -14.70 -12.28 -12.15
C THR A 156 -13.23 -12.69 -12.10
N ILE A 157 -12.90 -13.73 -11.33
CA ILE A 157 -11.66 -14.49 -11.39
C ILE A 157 -12.01 -15.92 -11.03
N ASP A 158 -11.54 -16.87 -11.85
CA ASP A 158 -11.65 -18.32 -11.60
C ASP A 158 -13.11 -18.70 -11.30
N GLY A 159 -14.05 -18.02 -11.95
CA GLY A 159 -15.49 -18.27 -11.79
C GLY A 159 -16.03 -17.80 -10.43
N LYS A 160 -15.45 -16.76 -9.84
CA LYS A 160 -15.91 -16.12 -8.61
C LYS A 160 -15.81 -14.61 -8.78
N GLU A 161 -16.65 -13.84 -8.11
CA GLU A 161 -16.74 -12.39 -8.28
C GLU A 161 -16.18 -11.66 -7.05
N LEU A 162 -15.86 -10.37 -7.20
CA LEU A 162 -15.10 -9.54 -6.27
C LEU A 162 -15.74 -8.14 -6.11
N THR A 163 -15.26 -7.32 -5.18
CA THR A 163 -15.42 -5.86 -5.26
C THR A 163 -14.12 -5.20 -4.81
N ILE A 164 -13.76 -4.08 -5.44
CA ILE A 164 -12.76 -3.18 -4.91
C ILE A 164 -13.41 -2.36 -3.77
N SER A 165 -12.63 -1.68 -2.93
CA SER A 165 -13.15 -0.89 -1.80
C SER A 165 -12.68 0.57 -1.88
N PRO A 166 -13.37 1.51 -1.21
CA PRO A 166 -12.95 2.89 -1.08
C PRO A 166 -11.62 3.03 -0.33
N ALA A 167 -10.93 4.16 -0.46
CA ALA A 167 -9.59 4.36 0.10
C ALA A 167 -9.41 5.81 0.55
N TYR A 168 -8.91 6.02 1.77
CA TYR A 168 -8.71 7.30 2.45
C TYR A 168 -7.36 7.34 3.17
N LEU A 169 -6.87 8.56 3.43
CA LEU A 169 -5.62 8.80 4.15
C LEU A 169 -5.97 9.04 5.63
N LEU A 170 -5.37 8.28 6.56
CA LEU A 170 -5.55 8.45 8.01
C LEU A 170 -4.19 8.68 8.64
N TRP A 171 -4.09 9.72 9.48
CA TRP A 171 -2.99 9.98 10.37
C TRP A 171 -3.13 9.26 11.72
N ASP A 172 -2.28 9.64 12.67
CA ASP A 172 -2.14 9.09 14.02
C ASP A 172 -3.49 9.01 14.72
N MET A 1 -11.66 -0.98 10.69
CA MET A 1 -10.53 -1.79 11.17
C MET A 1 -9.36 -0.84 11.44
N LYS A 2 -8.13 -1.31 11.59
CA LYS A 2 -6.93 -0.48 11.47
C LYS A 2 -5.79 -1.36 11.00
N VAL A 3 -4.69 -0.82 10.48
CA VAL A 3 -3.55 -1.62 10.01
C VAL A 3 -2.20 -1.00 10.37
N PRO A 4 -1.18 -1.81 10.69
CA PRO A 4 0.17 -1.33 11.02
C PRO A 4 1.00 -0.98 9.78
N MET A 5 1.86 0.04 9.89
CA MET A 5 2.82 0.48 8.88
C MET A 5 3.85 1.39 9.56
N LEU A 6 4.92 1.70 8.83
CA LEU A 6 5.82 2.83 9.09
C LEU A 6 5.67 3.82 7.94
N VAL A 7 6.13 5.05 8.15
CA VAL A 7 6.19 6.13 7.19
C VAL A 7 7.47 6.89 7.47
N LEU A 8 8.12 7.40 6.42
CA LEU A 8 9.37 8.13 6.46
C LEU A 8 9.38 9.20 5.37
N ASP A 9 10.31 10.14 5.50
CA ASP A 9 10.52 11.24 4.55
C ASP A 9 11.94 11.17 3.97
N PRO A 10 12.24 10.14 3.15
CA PRO A 10 13.39 10.13 2.27
C PRO A 10 13.08 10.88 0.96
N ALA A 11 14.02 10.84 0.02
CA ALA A 11 13.77 10.49 -1.37
C ALA A 11 14.95 9.59 -1.79
N LEU A 12 14.79 8.81 -2.85
CA LEU A 12 15.81 8.01 -3.53
C LEU A 12 15.51 8.02 -5.02
N PRO A 13 16.47 7.70 -5.91
CA PRO A 13 16.24 7.63 -7.34
C PRO A 13 15.48 6.34 -7.69
N ALA A 14 15.13 6.16 -8.97
CA ALA A 14 14.38 5.01 -9.48
C ALA A 14 15.07 3.67 -9.17
N ASN A 15 16.38 3.71 -8.96
CA ASN A 15 17.33 2.60 -8.96
C ASN A 15 17.12 1.62 -7.80
N ILE A 16 16.32 2.00 -6.80
CA ILE A 16 16.35 1.43 -5.47
C ILE A 16 15.21 0.45 -5.31
N THR A 17 15.49 -0.65 -4.60
CA THR A 17 14.65 -1.82 -4.43
C THR A 17 14.90 -2.43 -3.05
N LEU A 18 14.34 -3.60 -2.77
CA LEU A 18 14.69 -4.44 -1.62
C LEU A 18 16.15 -4.93 -1.61
N LYS A 19 16.94 -4.68 -2.66
CA LYS A 19 18.41 -4.80 -2.61
C LYS A 19 19.06 -3.64 -1.85
N ASP A 20 18.38 -2.51 -1.72
CA ASP A 20 18.99 -1.24 -1.32
C ASP A 20 18.25 -0.56 -0.16
N LEU A 21 17.04 -1.03 0.19
CA LEU A 21 16.31 -0.65 1.39
C LEU A 21 17.24 -0.59 2.62
N PRO A 22 17.88 -1.70 3.06
CA PRO A 22 18.72 -1.67 4.25
C PRO A 22 20.00 -0.86 4.04
N SER A 23 20.38 -0.57 2.79
CA SER A 23 21.65 0.04 2.44
C SER A 23 21.79 1.40 3.13
N LEU A 24 20.70 2.18 3.21
CA LEU A 24 20.70 3.47 3.88
C LEU A 24 20.02 3.39 5.24
N TYR A 25 19.17 2.40 5.48
CA TYR A 25 18.34 2.27 6.68
C TYR A 25 18.51 0.85 7.23
N PRO A 26 19.66 0.53 7.85
CA PRO A 26 19.99 -0.84 8.21
C PRO A 26 18.99 -1.42 9.23
N SER A 27 18.40 -0.59 10.07
CA SER A 27 17.34 -0.95 10.99
C SER A 27 16.04 -1.32 10.25
N PHE A 28 15.75 -0.71 9.10
CA PHE A 28 14.53 -0.97 8.34
C PHE A 28 14.59 -2.27 7.51
N HIS A 29 15.68 -3.05 7.62
CA HIS A 29 15.90 -4.31 6.92
C HIS A 29 14.72 -5.29 6.94
N SER A 30 14.00 -5.39 8.06
CA SER A 30 12.93 -6.35 8.27
C SER A 30 11.62 -6.06 7.50
N ALA A 31 11.57 -5.06 6.63
CA ALA A 31 10.46 -4.91 5.71
C ALA A 31 10.75 -5.79 4.50
N SER A 32 9.71 -6.22 3.81
CA SER A 32 9.83 -7.07 2.63
C SER A 32 9.22 -6.38 1.41
N ASP A 33 8.86 -5.11 1.51
CA ASP A 33 8.43 -4.36 0.32
C ASP A 33 8.63 -2.85 0.51
N ILE A 34 8.67 -2.12 -0.61
CA ILE A 34 8.98 -0.69 -0.67
C ILE A 34 8.28 -0.10 -1.90
N PHE A 35 7.99 1.20 -1.91
CA PHE A 35 7.57 1.91 -3.12
C PHE A 35 7.89 3.41 -3.01
N ASN A 36 8.28 4.06 -4.11
CA ASN A 36 8.42 5.52 -4.24
C ASN A 36 7.04 6.12 -4.52
N VAL A 37 6.74 7.27 -3.91
CA VAL A 37 5.53 8.07 -4.11
C VAL A 37 5.90 9.55 -3.79
N ALA A 38 4.94 10.48 -3.80
CA ALA A 38 5.16 11.88 -3.46
C ALA A 38 4.29 12.30 -2.28
N LYS A 39 4.70 13.38 -1.60
CA LYS A 39 4.05 13.84 -0.38
C LYS A 39 2.62 14.30 -0.71
N PRO A 40 1.63 14.08 0.17
CA PRO A 40 0.23 14.31 -0.19
C PRO A 40 -0.14 15.80 -0.24
N LYS A 41 0.45 16.65 0.60
CA LYS A 41 0.15 18.09 0.63
C LYS A 41 1.22 18.93 -0.06
N ASN A 42 2.27 18.31 -0.59
CA ASN A 42 3.41 19.02 -1.15
C ASN A 42 4.00 18.21 -2.32
N PRO A 43 3.39 18.26 -3.51
CA PRO A 43 3.86 17.53 -4.70
C PRO A 43 5.21 18.03 -5.22
N SER A 44 5.77 19.10 -4.65
CA SER A 44 7.15 19.50 -4.84
C SER A 44 8.15 18.45 -4.29
N THR A 45 7.71 17.46 -3.51
CA THR A 45 8.61 16.55 -2.81
C THR A 45 8.23 15.08 -3.02
N ASN A 46 9.21 14.31 -3.51
CA ASN A 46 9.20 12.85 -3.51
C ASN A 46 9.38 12.34 -2.09
N VAL A 47 8.99 11.09 -1.83
CA VAL A 47 9.26 10.28 -0.64
C VAL A 47 9.24 8.81 -1.06
N SER A 48 9.16 7.89 -0.10
CA SER A 48 8.93 6.47 -0.33
C SER A 48 8.22 5.92 0.91
N VAL A 49 7.70 4.71 0.78
CA VAL A 49 6.86 3.97 1.70
C VAL A 49 7.44 2.55 1.80
N VAL A 50 7.14 1.84 2.89
CA VAL A 50 7.70 0.54 3.25
C VAL A 50 6.56 -0.37 3.74
N VAL A 51 6.76 -1.69 3.77
CA VAL A 51 5.79 -2.68 4.24
C VAL A 51 6.52 -3.68 5.12
N PHE A 52 6.10 -3.81 6.39
CA PHE A 52 6.64 -4.79 7.32
C PHE A 52 5.67 -5.94 7.49
N ASP A 53 6.13 -7.02 8.13
CA ASP A 53 5.35 -8.24 8.30
C ASP A 53 4.41 -8.14 9.49
N SER A 54 4.96 -7.71 10.65
CA SER A 54 4.24 -7.69 11.92
C SER A 54 5.04 -6.96 12.99
N THR A 55 4.49 -6.84 14.20
CA THR A 55 5.18 -6.26 15.36
C THR A 55 6.33 -7.10 15.91
N LYS A 56 6.61 -8.28 15.35
CA LYS A 56 7.91 -8.92 15.52
C LYS A 56 9.05 -8.09 14.94
N ASP A 57 8.77 -7.05 14.15
CA ASP A 57 9.76 -6.23 13.45
C ASP A 57 9.39 -4.74 13.46
N VAL A 58 8.11 -4.38 13.31
CA VAL A 58 7.62 -2.98 13.30
C VAL A 58 8.04 -2.20 14.56
N GLU A 59 8.19 -2.91 15.68
CA GLU A 59 8.52 -2.35 16.96
C GLU A 59 10.00 -1.96 17.01
N ASP A 60 10.87 -2.89 16.61
CA ASP A 60 12.32 -2.70 16.49
C ASP A 60 12.61 -1.60 15.49
N ALA A 61 12.04 -1.70 14.29
CA ALA A 61 12.37 -0.83 13.18
C ALA A 61 12.11 0.64 13.56
N HIS A 62 11.01 0.92 14.27
CA HIS A 62 10.78 2.29 14.71
C HIS A 62 11.72 2.68 15.85
N SER A 63 12.04 1.75 16.75
CA SER A 63 13.10 1.95 17.74
C SER A 63 14.46 2.21 17.05
N GLY A 64 14.58 1.86 15.77
CA GLY A 64 15.78 1.84 14.98
C GLY A 64 16.55 3.16 14.93
N LEU A 65 15.89 4.33 15.01
CA LEU A 65 16.48 5.63 14.65
C LEU A 65 16.20 6.73 15.68
N LEU A 66 15.85 6.39 16.92
CA LEU A 66 15.19 7.29 17.87
C LEU A 66 16.02 8.48 18.40
N LYS A 67 17.24 8.71 17.91
CA LYS A 67 18.05 9.88 18.24
C LYS A 67 18.01 10.86 17.06
N GLY A 68 18.89 11.86 17.02
CA GLY A 68 19.04 12.76 15.88
C GLY A 68 20.28 12.35 15.11
N ASN A 69 20.34 11.11 14.62
CA ASN A 69 21.56 10.54 14.05
C ASN A 69 21.33 9.91 12.67
N SER A 70 20.34 10.43 11.94
CA SER A 70 20.14 10.22 10.52
C SER A 70 19.66 11.55 9.92
N ARG A 71 19.52 11.62 8.61
CA ARG A 71 19.12 12.80 7.83
C ARG A 71 17.68 12.64 7.33
N GLN A 72 16.87 11.86 8.06
CA GLN A 72 15.55 11.44 7.65
C GLN A 72 14.53 11.73 8.76
N THR A 73 13.28 11.49 8.42
CA THR A 73 12.15 11.52 9.33
C THR A 73 11.48 10.15 9.32
N VAL A 74 10.73 9.84 10.39
CA VAL A 74 9.83 8.70 10.53
C VAL A 74 8.58 9.25 11.21
N TRP A 75 7.38 8.74 10.89
CA TRP A 75 6.10 9.03 11.57
C TRP A 75 5.38 7.71 11.88
N ARG A 76 4.22 7.79 12.57
CA ARG A 76 3.40 6.64 12.98
C ARG A 76 2.01 6.84 12.42
N GLY A 77 1.63 5.98 11.47
CA GLY A 77 0.44 6.03 10.65
C GLY A 77 -0.30 4.71 10.70
N TYR A 78 -1.43 4.65 10.03
CA TYR A 78 -2.21 3.42 9.88
C TYR A 78 -3.23 3.57 8.75
N LEU A 79 -3.79 2.45 8.28
CA LEU A 79 -4.73 2.40 7.16
C LEU A 79 -5.98 1.62 7.60
N THR A 80 -7.13 1.84 6.96
CA THR A 80 -8.40 1.17 7.25
C THR A 80 -9.24 1.13 5.96
N THR A 81 -10.30 0.31 5.95
CA THR A 81 -11.31 0.29 4.90
C THR A 81 -12.62 0.92 5.38
N ASP A 82 -12.77 1.13 6.69
CA ASP A 82 -14.01 1.60 7.32
C ASP A 82 -14.16 3.10 7.16
N LYS A 83 -15.41 3.57 7.19
CA LYS A 83 -15.73 4.98 7.25
C LYS A 83 -16.68 5.17 8.41
N GLU A 84 -16.14 5.25 9.64
CA GLU A 84 -16.92 5.47 10.85
C GLU A 84 -16.31 6.56 11.75
N VAL A 85 -15.38 7.34 11.21
CA VAL A 85 -14.47 8.17 12.00
C VAL A 85 -14.47 9.59 11.39
N PRO A 86 -14.60 10.66 12.20
CA PRO A 86 -14.61 12.01 11.69
C PRO A 86 -13.23 12.41 11.17
N GLY A 87 -13.16 12.95 9.96
CA GLY A 87 -11.95 13.55 9.40
C GLY A 87 -11.28 12.75 8.30
N LEU A 88 -11.74 11.53 8.01
CA LEU A 88 -11.13 10.58 7.06
C LEU A 88 -10.71 11.25 5.75
N VAL A 89 -9.41 11.31 5.52
CA VAL A 89 -8.78 11.94 4.36
C VAL A 89 -8.59 10.87 3.29
N LEU A 90 -9.06 11.06 2.06
CA LEU A 90 -8.92 10.05 1.01
C LEU A 90 -7.45 9.79 0.70
N MET A 91 -7.12 8.53 0.37
CA MET A 91 -5.79 8.19 -0.14
C MET A 91 -5.54 8.84 -1.50
N GLN A 92 -4.29 8.75 -1.96
CA GLN A 92 -3.79 9.37 -3.18
C GLN A 92 -3.52 8.32 -4.26
N ASP A 93 -3.57 7.03 -3.92
CA ASP A 93 -2.95 5.96 -4.71
C ASP A 93 -3.26 4.53 -4.22
N LEU A 94 -4.08 4.36 -3.19
CA LEU A 94 -4.26 3.07 -2.52
C LEU A 94 -5.59 2.46 -2.97
N ALA A 95 -5.56 1.21 -3.43
CA ALA A 95 -6.69 0.52 -4.06
C ALA A 95 -7.00 -0.80 -3.36
N PHE A 96 -8.08 -0.86 -2.58
CA PHE A 96 -8.44 -2.05 -1.79
C PHE A 96 -9.34 -2.95 -2.63
N LEU A 97 -8.78 -3.99 -3.22
CA LEU A 97 -9.52 -5.01 -3.95
C LEU A 97 -10.14 -5.91 -2.88
N SER A 98 -11.42 -6.27 -3.00
CA SER A 98 -12.14 -7.07 -2.00
C SER A 98 -13.12 -8.03 -2.69
N GLY A 99 -13.85 -8.88 -1.94
CA GLY A 99 -15.00 -9.63 -2.43
C GLY A 99 -14.73 -10.82 -3.38
N PHE A 100 -13.46 -11.10 -3.69
CA PHE A 100 -13.00 -12.22 -4.52
C PHE A 100 -13.36 -13.60 -3.93
N PRO A 101 -13.26 -14.69 -4.72
CA PRO A 101 -13.48 -16.05 -4.21
C PRO A 101 -12.34 -16.53 -3.29
N PRO A 102 -12.54 -17.61 -2.51
CA PRO A 102 -11.55 -18.15 -1.57
C PRO A 102 -10.38 -18.87 -2.26
N THR A 103 -10.47 -19.10 -3.57
CA THR A 103 -9.60 -19.95 -4.36
C THR A 103 -8.21 -19.34 -4.60
N PHE A 104 -7.92 -18.20 -3.96
CA PHE A 104 -6.72 -17.38 -4.16
C PHE A 104 -5.91 -17.29 -2.87
N LYS A 105 -4.89 -18.13 -2.74
CA LYS A 105 -3.96 -18.19 -1.62
C LYS A 105 -2.53 -17.84 -2.05
N GLU A 106 -2.35 -17.16 -3.18
CA GLU A 106 -1.03 -16.74 -3.66
C GLU A 106 -1.14 -15.37 -4.32
N THR A 107 -0.12 -14.52 -4.16
CA THR A 107 -0.13 -13.16 -4.67
C THR A 107 0.01 -13.17 -6.20
N ASN A 108 0.87 -14.05 -6.73
CA ASN A 108 1.11 -14.14 -8.17
C ASN A 108 -0.09 -14.73 -8.89
N GLN A 109 -0.75 -15.71 -8.28
CA GLN A 109 -1.91 -16.42 -8.82
C GLN A 109 -3.01 -15.46 -9.25
N LEU A 110 -3.32 -14.50 -8.37
CA LEU A 110 -4.36 -13.52 -8.64
C LEU A 110 -3.85 -12.38 -9.52
N LYS A 111 -2.54 -12.10 -9.51
CA LYS A 111 -1.95 -11.07 -10.37
C LYS A 111 -2.09 -11.45 -11.83
N THR A 112 -2.00 -12.73 -12.16
CA THR A 112 -2.22 -13.22 -13.53
C THR A 112 -3.72 -13.35 -13.87
N LYS A 113 -4.63 -12.96 -12.97
CA LYS A 113 -6.09 -13.06 -13.13
C LYS A 113 -6.82 -11.75 -12.83
N LEU A 114 -6.11 -10.62 -12.77
CA LEU A 114 -6.71 -9.29 -12.59
C LEU A 114 -7.65 -9.01 -13.78
N PRO A 115 -8.74 -8.25 -13.61
CA PRO A 115 -9.82 -8.17 -14.61
C PRO A 115 -9.47 -7.35 -15.87
N GLU A 116 -8.22 -6.89 -15.99
CA GLU A 116 -7.65 -6.13 -17.10
C GLU A 116 -8.09 -4.64 -17.11
N ASN A 117 -9.38 -4.32 -16.94
CA ASN A 117 -9.81 -2.92 -16.66
C ASN A 117 -9.02 -2.35 -15.47
N LEU A 118 -8.83 -3.15 -14.42
CA LEU A 118 -7.99 -2.81 -13.28
C LEU A 118 -6.70 -3.64 -13.34
N SER A 119 -6.05 -3.62 -14.51
CA SER A 119 -4.69 -4.12 -14.72
C SER A 119 -3.95 -3.27 -15.76
N SER A 120 -4.44 -2.06 -16.07
CA SER A 120 -3.81 -1.12 -16.99
C SER A 120 -2.40 -0.79 -16.50
N LYS A 121 -2.28 -0.22 -15.30
CA LYS A 121 -1.01 0.22 -14.75
C LYS A 121 -1.11 0.22 -13.23
N VAL A 122 -1.08 -0.96 -12.68
CA VAL A 122 -1.18 -1.23 -11.25
C VAL A 122 -0.12 -2.24 -10.83
N LYS A 123 -0.04 -2.45 -9.52
CA LYS A 123 0.69 -3.54 -8.93
C LYS A 123 -0.07 -3.99 -7.69
N LEU A 124 -0.08 -5.30 -7.45
CA LEU A 124 -0.31 -5.85 -6.12
C LEU A 124 1.04 -5.87 -5.41
N LEU A 125 1.07 -5.57 -4.10
CA LEU A 125 2.25 -5.79 -3.27
C LEU A 125 1.93 -6.16 -1.82
N GLN A 126 0.70 -6.59 -1.49
CA GLN A 126 0.39 -7.28 -0.23
C GLN A 126 -0.86 -8.14 -0.41
N LEU A 127 -0.95 -9.26 0.29
CA LEU A 127 -2.09 -10.17 0.32
C LEU A 127 -2.59 -10.29 1.76
N TYR A 128 -3.86 -10.65 1.96
CA TYR A 128 -4.49 -10.84 3.27
C TYR A 128 -4.02 -12.16 3.89
N SER A 129 -4.06 -12.26 5.21
CA SER A 129 -3.82 -13.49 5.96
C SER A 129 -4.90 -13.69 7.03
N GLU A 130 -6.04 -13.00 6.91
CA GLU A 130 -7.09 -12.96 7.93
C GLU A 130 -8.39 -12.49 7.26
N ALA A 131 -8.41 -11.23 6.83
CA ALA A 131 -9.56 -10.58 6.21
C ALA A 131 -9.59 -10.91 4.71
N SER A 132 -10.36 -10.14 3.93
CA SER A 132 -10.61 -10.39 2.51
C SER A 132 -10.33 -9.14 1.68
N VAL A 133 -9.16 -8.54 1.86
CA VAL A 133 -8.79 -7.32 1.16
C VAL A 133 -7.33 -7.42 0.82
N ALA A 134 -7.01 -7.56 -0.46
CA ALA A 134 -5.65 -7.48 -0.96
C ALA A 134 -5.30 -6.00 -1.17
N LEU A 135 -4.00 -5.72 -1.30
CA LEU A 135 -3.45 -4.38 -1.05
C LEU A 135 -2.63 -3.92 -2.26
N LEU A 136 -3.32 -3.34 -3.24
CA LEU A 136 -2.78 -2.80 -4.50
C LEU A 136 -2.31 -1.36 -4.33
N LYS A 137 -1.54 -0.88 -5.30
CA LYS A 137 -1.39 0.54 -5.61
C LYS A 137 -1.59 0.78 -7.09
N LEU A 138 -2.35 1.81 -7.40
CA LEU A 138 -2.63 2.34 -8.74
C LEU A 138 -1.55 3.31 -9.20
N ASN A 139 -1.55 3.70 -10.48
CA ASN A 139 -0.67 4.75 -11.00
C ASN A 139 -1.41 5.89 -11.70
N ASN A 140 -2.72 5.78 -11.92
CA ASN A 140 -3.58 6.87 -12.41
C ASN A 140 -4.46 7.34 -11.26
N PRO A 141 -4.00 8.27 -10.42
CA PRO A 141 -4.81 8.84 -9.35
C PRO A 141 -5.90 9.78 -9.88
N LYS A 142 -5.96 10.05 -11.19
CA LYS A 142 -6.92 10.99 -11.76
C LYS A 142 -8.33 10.40 -11.69
N ASP A 143 -8.51 9.19 -12.21
CA ASP A 143 -9.81 8.60 -12.51
C ASP A 143 -10.10 7.42 -11.59
N PHE A 144 -9.53 7.33 -10.39
CA PHE A 144 -9.58 6.13 -9.55
C PHE A 144 -10.99 5.50 -9.49
N GLN A 145 -12.01 6.27 -9.14
CA GLN A 145 -13.38 5.80 -8.99
C GLN A 145 -14.16 5.71 -10.31
N GLU A 146 -13.65 6.29 -11.38
CA GLU A 146 -14.21 6.17 -12.73
C GLU A 146 -13.69 4.88 -13.35
N LEU A 147 -12.36 4.75 -13.42
CA LEU A 147 -11.62 3.67 -14.04
C LEU A 147 -12.10 2.32 -13.52
N ASN A 148 -12.37 2.24 -12.22
CA ASN A 148 -12.83 0.99 -11.60
C ASN A 148 -14.10 0.44 -12.23
N LYS A 149 -14.97 1.34 -12.75
CA LYS A 149 -16.34 1.05 -13.16
C LYS A 149 -16.56 1.33 -14.65
N GLN A 150 -15.51 1.42 -15.48
CA GLN A 150 -15.56 1.71 -16.92
C GLN A 150 -16.39 0.75 -17.80
N THR A 151 -17.12 -0.17 -17.18
CA THR A 151 -17.90 -1.25 -17.74
C THR A 151 -19.37 -1.14 -17.29
N LYS A 152 -20.21 -2.10 -17.70
CA LYS A 152 -21.68 -2.05 -17.56
C LYS A 152 -22.20 -3.09 -16.58
N LYS A 153 -21.30 -3.86 -15.96
CA LYS A 153 -21.56 -5.16 -15.35
C LYS A 153 -20.54 -5.45 -14.27
N ASN A 154 -19.95 -4.38 -13.71
CA ASN A 154 -18.82 -4.46 -12.80
C ASN A 154 -17.69 -5.27 -13.45
N MET A 155 -16.84 -5.89 -12.65
CA MET A 155 -15.70 -6.67 -13.11
C MET A 155 -15.74 -8.05 -12.45
N THR A 156 -14.95 -8.98 -12.94
CA THR A 156 -14.94 -10.38 -12.52
C THR A 156 -13.49 -10.85 -12.38
N ILE A 157 -13.27 -11.83 -11.51
CA ILE A 157 -12.08 -12.66 -11.48
C ILE A 157 -12.56 -14.09 -11.57
N ASP A 158 -12.12 -14.78 -12.62
CA ASP A 158 -12.30 -16.21 -12.80
C ASP A 158 -13.78 -16.58 -12.78
N GLY A 159 -14.61 -15.64 -13.24
CA GLY A 159 -16.07 -15.76 -13.32
C GLY A 159 -16.79 -15.37 -12.04
N LYS A 160 -16.08 -14.89 -11.01
CA LYS A 160 -16.67 -14.36 -9.78
C LYS A 160 -16.66 -12.84 -9.87
N GLU A 161 -17.80 -12.19 -9.78
CA GLU A 161 -17.87 -10.73 -9.74
C GLU A 161 -17.48 -10.27 -8.34
N LEU A 162 -16.91 -9.06 -8.26
CA LEU A 162 -16.30 -8.43 -7.08
C LEU A 162 -16.12 -6.93 -7.31
N THR A 163 -15.73 -6.17 -6.30
CA THR A 163 -15.86 -4.71 -6.31
C THR A 163 -14.75 -4.15 -5.42
N ILE A 164 -14.20 -2.99 -5.75
CA ILE A 164 -13.18 -2.35 -4.93
C ILE A 164 -13.83 -1.76 -3.67
N SER A 165 -13.04 -1.54 -2.63
CA SER A 165 -13.38 -0.81 -1.43
C SER A 165 -12.71 0.59 -1.43
N PRO A 166 -13.34 1.58 -0.80
CA PRO A 166 -12.74 2.90 -0.51
C PRO A 166 -11.56 2.81 0.47
N ALA A 167 -10.64 3.79 0.39
CA ALA A 167 -9.39 3.84 1.14
C ALA A 167 -9.07 5.27 1.59
N TYR A 168 -8.49 5.41 2.79
CA TYR A 168 -8.26 6.70 3.46
C TYR A 168 -6.94 6.63 4.24
N LEU A 169 -6.43 7.79 4.63
CA LEU A 169 -5.19 8.02 5.34
C LEU A 169 -5.52 8.32 6.80
N LEU A 170 -5.00 7.52 7.72
CA LEU A 170 -4.89 7.87 9.13
C LEU A 170 -3.42 8.12 9.38
N TRP A 171 -3.10 9.04 10.28
CA TRP A 171 -1.72 9.46 10.45
C TRP A 171 -1.48 9.90 11.87
N ASP A 172 -1.93 9.04 12.79
CA ASP A 172 -2.50 9.46 14.07
C ASP A 172 -3.60 10.47 13.79
N MET A 1 -11.50 0.31 9.74
CA MET A 1 -10.79 0.58 10.99
C MET A 1 -9.36 1.04 10.71
N LYS A 2 -8.37 0.16 10.53
CA LYS A 2 -6.96 0.56 10.55
C LYS A 2 -6.05 -0.61 10.13
N VAL A 3 -4.72 -0.40 10.01
CA VAL A 3 -3.75 -1.49 9.86
C VAL A 3 -2.37 -1.02 10.39
N PRO A 4 -1.51 -1.88 10.96
CA PRO A 4 -0.17 -1.46 11.38
C PRO A 4 0.78 -1.25 10.18
N MET A 5 1.22 -0.02 9.96
CA MET A 5 2.25 0.33 8.99
C MET A 5 3.02 1.57 9.50
N LEU A 6 4.18 1.83 8.90
CA LEU A 6 5.12 2.91 9.26
C LEU A 6 5.47 3.65 7.97
N VAL A 7 5.56 4.96 8.06
CA VAL A 7 5.93 5.86 6.98
C VAL A 7 7.01 6.83 7.44
N LEU A 8 7.58 7.58 6.49
CA LEU A 8 8.90 8.18 6.62
C LEU A 8 9.09 9.29 5.59
N ASP A 9 10.11 10.12 5.77
CA ASP A 9 10.43 11.22 4.85
C ASP A 9 11.88 11.13 4.30
N PRO A 10 12.23 10.06 3.56
CA PRO A 10 13.47 9.96 2.78
C PRO A 10 13.32 10.70 1.44
N ALA A 11 14.27 10.49 0.53
CA ALA A 11 14.09 10.49 -0.91
C ALA A 11 15.29 9.77 -1.53
N LEU A 12 15.34 8.43 -1.43
CA LEU A 12 16.39 7.61 -2.03
C LEU A 12 16.29 7.67 -3.56
N PRO A 13 17.38 7.39 -4.29
CA PRO A 13 17.38 7.44 -5.75
C PRO A 13 16.76 6.19 -6.40
N ALA A 14 16.66 6.25 -7.74
CA ALA A 14 16.24 5.20 -8.66
C ALA A 14 17.20 3.99 -8.73
N ASN A 15 18.10 3.82 -7.76
CA ASN A 15 19.18 2.82 -7.76
C ASN A 15 19.09 1.95 -6.50
N ILE A 16 17.90 1.91 -5.89
CA ILE A 16 17.62 1.32 -4.59
C ILE A 16 16.39 0.45 -4.75
N THR A 17 16.32 -0.60 -3.94
CA THR A 17 15.22 -1.55 -3.88
C THR A 17 15.05 -1.98 -2.42
N LEU A 18 14.21 -3.00 -2.20
CA LEU A 18 14.15 -3.81 -0.98
C LEU A 18 15.54 -4.23 -0.49
N LYS A 19 16.50 -4.44 -1.40
CA LYS A 19 17.83 -4.87 -1.00
C LYS A 19 18.55 -3.78 -0.23
N ASP A 20 18.56 -2.56 -0.78
CA ASP A 20 19.37 -1.46 -0.28
C ASP A 20 18.67 -0.70 0.85
N LEU A 21 17.39 -0.98 1.11
CA LEU A 21 16.65 -0.49 2.27
C LEU A 21 17.45 -0.70 3.59
N PRO A 22 17.72 -1.94 4.03
CA PRO A 22 18.45 -2.19 5.26
C PRO A 22 19.90 -1.69 5.25
N SER A 23 20.42 -1.18 4.14
CA SER A 23 21.76 -0.64 4.06
C SER A 23 21.87 0.61 4.95
N LEU A 24 20.92 1.55 4.85
CA LEU A 24 21.01 2.81 5.59
C LEU A 24 20.21 2.76 6.89
N TYR A 25 19.16 1.94 6.95
CA TYR A 25 18.22 1.90 8.06
C TYR A 25 18.29 0.52 8.70
N PRO A 26 19.24 0.28 9.62
CA PRO A 26 19.38 -1.03 10.22
C PRO A 26 18.12 -1.44 10.98
N SER A 27 17.36 -0.51 11.59
CA SER A 27 16.13 -0.89 12.27
C SER A 27 15.01 -1.31 11.31
N PHE A 28 15.08 -0.93 10.02
CA PHE A 28 14.05 -1.25 9.02
C PHE A 28 14.25 -2.62 8.36
N HIS A 29 15.22 -3.41 8.80
CA HIS A 29 15.48 -4.77 8.31
C HIS A 29 14.22 -5.67 8.32
N SER A 30 13.33 -5.43 9.28
CA SER A 30 12.07 -6.12 9.51
C SER A 30 10.98 -5.79 8.47
N ALA A 31 11.24 -4.91 7.51
CA ALA A 31 10.32 -4.66 6.42
C ALA A 31 10.50 -5.76 5.39
N SER A 32 9.40 -6.44 5.05
CA SER A 32 9.41 -7.39 3.95
C SER A 32 9.03 -6.69 2.64
N ASP A 33 8.73 -5.38 2.62
CA ASP A 33 8.64 -4.65 1.35
C ASP A 33 8.81 -3.14 1.51
N ILE A 34 9.03 -2.45 0.38
CA ILE A 34 9.10 -1.01 0.23
C ILE A 34 8.51 -0.64 -1.14
N PHE A 35 8.11 0.60 -1.32
CA PHE A 35 7.94 1.23 -2.62
C PHE A 35 8.34 2.70 -2.50
N ASN A 36 8.82 3.29 -3.59
CA ASN A 36 9.41 4.63 -3.64
C ASN A 36 8.52 5.48 -4.52
N VAL A 37 7.89 6.49 -3.92
CA VAL A 37 6.71 7.17 -4.40
C VAL A 37 6.73 8.66 -4.02
N ALA A 38 5.83 9.43 -4.61
CA ALA A 38 5.65 10.85 -4.36
C ALA A 38 4.77 11.09 -3.12
N LYS A 39 4.96 12.24 -2.46
CA LYS A 39 4.21 12.65 -1.27
C LYS A 39 2.75 12.96 -1.60
N PRO A 40 1.85 12.86 -0.61
CA PRO A 40 0.44 13.17 -0.78
C PRO A 40 0.13 14.67 -0.80
N LYS A 41 0.98 15.54 -0.23
CA LYS A 41 0.74 16.98 -0.08
C LYS A 41 1.96 17.81 -0.47
N ASN A 42 3.02 17.24 -1.04
CA ASN A 42 4.12 18.02 -1.65
C ASN A 42 4.70 17.25 -2.83
N PRO A 43 4.04 17.31 -4.01
CA PRO A 43 4.35 16.45 -5.13
C PRO A 43 5.74 16.66 -5.72
N SER A 44 6.41 17.77 -5.40
CA SER A 44 7.75 18.06 -5.87
C SER A 44 8.77 17.07 -5.28
N THR A 45 8.60 16.67 -4.02
CA THR A 45 9.59 15.84 -3.32
C THR A 45 9.43 14.37 -3.69
N ASN A 46 10.04 13.44 -2.97
CA ASN A 46 9.64 12.02 -2.98
C ASN A 46 9.77 11.52 -1.54
N VAL A 47 9.39 10.27 -1.30
CA VAL A 47 9.52 9.51 -0.05
C VAL A 47 9.59 8.03 -0.41
N SER A 48 9.39 7.17 0.58
CA SER A 48 9.02 5.80 0.36
C SER A 48 7.89 5.47 1.34
N VAL A 49 7.32 4.29 1.15
CA VAL A 49 6.33 3.67 2.01
C VAL A 49 6.83 2.23 2.18
N VAL A 50 6.67 1.67 3.37
CA VAL A 50 7.29 0.42 3.75
C VAL A 50 6.19 -0.48 4.33
N VAL A 51 6.40 -1.80 4.30
CA VAL A 51 5.44 -2.79 4.77
C VAL A 51 6.17 -3.72 5.75
N PHE A 52 5.46 -4.13 6.82
CA PHE A 52 5.91 -5.02 7.88
C PHE A 52 4.75 -5.96 8.20
N ASP A 53 5.02 -7.13 8.80
CA ASP A 53 4.00 -8.15 9.04
C ASP A 53 3.08 -7.80 10.21
N SER A 54 3.66 -7.19 11.26
CA SER A 54 3.00 -6.92 12.54
C SER A 54 3.41 -5.56 13.11
N THR A 55 2.56 -5.02 13.99
CA THR A 55 2.82 -3.85 14.81
C THR A 55 4.10 -3.99 15.63
N LYS A 56 4.39 -5.21 16.10
CA LYS A 56 5.60 -5.55 16.83
C LYS A 56 6.89 -5.22 16.06
N ASP A 57 6.82 -5.00 14.76
CA ASP A 57 7.98 -4.73 13.92
C ASP A 57 7.91 -3.32 13.38
N VAL A 58 6.71 -2.86 12.96
CA VAL A 58 6.41 -1.47 12.60
C VAL A 58 6.99 -0.53 13.65
N GLU A 59 6.50 -0.66 14.88
CA GLU A 59 6.73 0.31 15.92
C GLU A 59 8.16 0.18 16.44
N ASP A 60 8.61 -1.05 16.63
CA ASP A 60 9.96 -1.33 17.11
C ASP A 60 11.00 -0.78 16.12
N ALA A 61 10.79 -0.93 14.80
CA ALA A 61 11.64 -0.36 13.77
C ALA A 61 11.73 1.17 13.85
N HIS A 62 10.63 1.87 14.17
CA HIS A 62 10.60 3.32 14.16
C HIS A 62 11.61 3.84 15.20
N SER A 63 11.68 3.13 16.32
CA SER A 63 12.44 3.41 17.52
C SER A 63 13.96 3.33 17.32
N GLY A 64 14.45 3.08 16.10
CA GLY A 64 15.86 3.13 15.78
C GLY A 64 16.39 4.54 15.47
N LEU A 65 15.53 5.49 15.06
CA LEU A 65 16.01 6.74 14.44
C LEU A 65 15.63 7.99 15.26
N LEU A 66 15.25 7.81 16.52
CA LEU A 66 14.60 8.83 17.35
C LEU A 66 15.50 9.97 17.83
N LYS A 67 16.76 10.01 17.41
CA LYS A 67 17.69 11.09 17.73
C LYS A 67 17.80 11.98 16.50
N GLY A 68 18.11 13.26 16.70
CA GLY A 68 18.45 14.19 15.62
C GLY A 68 19.82 13.87 15.04
N ASN A 69 20.00 12.65 14.53
CA ASN A 69 21.17 12.17 13.80
C ASN A 69 20.71 11.37 12.57
N SER A 70 19.46 11.54 12.15
CA SER A 70 18.79 10.77 11.11
C SER A 70 18.15 11.75 10.14
N ARG A 71 18.47 11.62 8.85
CA ARG A 71 17.87 12.44 7.81
C ARG A 71 16.62 11.74 7.31
N GLN A 72 15.78 11.33 8.26
CA GLN A 72 14.50 10.71 8.06
C GLN A 72 13.72 10.93 9.37
N THR A 73 12.39 11.00 9.28
CA THR A 73 11.46 10.96 10.39
C THR A 73 10.75 9.60 10.37
N VAL A 74 9.91 9.37 11.37
CA VAL A 74 8.96 8.29 11.48
C VAL A 74 7.58 8.94 11.63
N TRP A 75 6.61 8.43 10.86
CA TRP A 75 5.22 8.83 10.83
C TRP A 75 4.40 7.55 10.88
N ARG A 76 3.32 7.48 11.66
CA ARG A 76 2.51 6.26 11.67
C ARG A 76 1.62 6.32 10.44
N GLY A 77 1.43 5.18 9.79
CA GLY A 77 0.39 5.02 8.78
C GLY A 77 -0.63 4.02 9.26
N TYR A 78 -1.84 4.20 8.74
CA TYR A 78 -2.99 3.34 8.89
C TYR A 78 -3.79 3.54 7.61
N LEU A 79 -3.85 2.51 6.77
CA LEU A 79 -4.93 2.36 5.81
C LEU A 79 -6.16 1.91 6.57
N THR A 80 -7.33 2.27 6.07
CA THR A 80 -8.61 1.85 6.61
C THR A 80 -9.53 1.45 5.45
N THR A 81 -10.80 1.28 5.78
CA THR A 81 -11.93 0.98 4.92
C THR A 81 -13.16 1.85 5.29
N ASP A 82 -13.08 2.73 6.30
CA ASP A 82 -14.22 3.44 6.88
C ASP A 82 -14.38 4.81 6.21
N LYS A 83 -15.48 5.02 5.48
CA LYS A 83 -15.84 6.24 4.74
C LYS A 83 -16.27 7.40 5.68
N GLU A 84 -16.16 7.21 6.97
CA GLU A 84 -16.94 7.96 7.96
C GLU A 84 -16.05 8.80 8.89
N VAL A 85 -14.73 8.69 8.75
CA VAL A 85 -13.77 9.51 9.51
C VAL A 85 -13.84 10.96 8.99
N PRO A 86 -13.87 11.97 9.87
CA PRO A 86 -13.88 13.37 9.45
C PRO A 86 -12.57 13.76 8.75
N GLY A 87 -12.64 14.05 7.46
CA GLY A 87 -11.52 14.61 6.70
C GLY A 87 -10.74 13.56 5.92
N LEU A 88 -11.32 12.38 5.67
CA LEU A 88 -10.67 11.29 4.94
C LEU A 88 -10.23 11.69 3.53
N VAL A 89 -9.24 10.99 2.99
CA VAL A 89 -8.53 11.26 1.75
C VAL A 89 -8.73 10.03 0.82
N LEU A 90 -8.42 10.14 -0.49
CA LEU A 90 -8.43 8.98 -1.41
C LEU A 90 -6.99 8.67 -1.83
N MET A 91 -6.62 7.38 -1.92
CA MET A 91 -5.24 6.97 -2.14
C MET A 91 -4.78 7.37 -3.54
N GLN A 92 -3.46 7.48 -3.72
CA GLN A 92 -2.84 7.84 -4.98
C GLN A 92 -1.98 6.70 -5.55
N ASP A 93 -1.75 5.64 -4.77
CA ASP A 93 -0.78 4.60 -5.13
C ASP A 93 -1.12 3.21 -4.57
N LEU A 94 -2.28 3.05 -3.95
CA LEU A 94 -2.69 1.84 -3.24
C LEU A 94 -4.13 1.51 -3.61
N ALA A 95 -4.51 0.24 -3.48
CA ALA A 95 -5.89 -0.21 -3.48
C ALA A 95 -5.98 -1.56 -2.74
N PHE A 96 -7.18 -2.15 -2.68
CA PHE A 96 -7.48 -3.47 -2.13
C PHE A 96 -8.48 -4.16 -3.07
N LEU A 97 -8.73 -5.45 -2.91
CA LEU A 97 -9.82 -6.23 -3.50
C LEU A 97 -9.94 -7.53 -2.68
N SER A 98 -11.15 -8.05 -2.48
CA SER A 98 -11.40 -9.35 -1.86
C SER A 98 -12.65 -9.98 -2.48
N GLY A 99 -12.97 -11.24 -2.12
CA GLY A 99 -14.15 -11.96 -2.61
C GLY A 99 -13.79 -13.08 -3.58
N PHE A 100 -12.53 -13.16 -4.03
CA PHE A 100 -12.02 -14.22 -4.87
C PHE A 100 -12.08 -15.59 -4.16
N PRO A 101 -12.06 -16.71 -4.91
CA PRO A 101 -11.95 -18.05 -4.34
C PRO A 101 -10.53 -18.28 -3.76
N PRO A 102 -10.28 -19.37 -3.01
CA PRO A 102 -8.97 -19.67 -2.41
C PRO A 102 -7.94 -20.21 -3.41
N THR A 103 -8.32 -20.44 -4.66
CA THR A 103 -7.53 -21.08 -5.71
C THR A 103 -6.58 -20.05 -6.36
N PHE A 104 -5.97 -19.21 -5.52
CA PHE A 104 -5.43 -17.91 -5.90
C PHE A 104 -4.12 -17.59 -5.17
N LYS A 105 -3.30 -18.60 -4.94
CA LYS A 105 -2.10 -18.56 -4.09
C LYS A 105 -0.96 -17.71 -4.68
N GLU A 106 -1.07 -17.12 -5.87
CA GLU A 106 0.04 -16.44 -6.52
C GLU A 106 -0.29 -14.97 -6.82
N THR A 107 0.69 -14.09 -6.64
CA THR A 107 0.52 -12.66 -6.78
C THR A 107 0.32 -12.34 -8.27
N ASN A 108 1.23 -12.86 -9.11
CA ASN A 108 1.25 -12.58 -10.54
C ASN A 108 0.11 -13.26 -11.28
N GLN A 109 -0.46 -14.32 -10.70
CA GLN A 109 -1.63 -15.00 -11.21
C GLN A 109 -2.80 -14.01 -11.29
N LEU A 110 -3.18 -13.44 -10.15
CA LEU A 110 -4.34 -12.55 -10.11
C LEU A 110 -4.15 -11.33 -10.99
N LYS A 111 -2.89 -10.92 -11.24
CA LYS A 111 -2.52 -9.83 -12.14
C LYS A 111 -3.04 -10.05 -13.56
N THR A 112 -3.14 -11.28 -14.05
CA THR A 112 -3.71 -11.55 -15.37
C THR A 112 -5.20 -11.89 -15.24
N LYS A 113 -5.63 -12.57 -14.17
CA LYS A 113 -7.03 -12.83 -13.88
C LYS A 113 -7.78 -11.57 -13.38
N LEU A 114 -7.32 -10.35 -13.66
CA LEU A 114 -8.07 -9.15 -13.26
C LEU A 114 -9.35 -9.10 -14.09
N PRO A 115 -10.49 -8.65 -13.53
CA PRO A 115 -11.80 -8.77 -14.17
C PRO A 115 -11.91 -7.92 -15.44
N GLU A 116 -11.66 -6.61 -15.33
CA GLU A 116 -11.51 -5.62 -16.40
C GLU A 116 -11.28 -4.28 -15.71
N ASN A 117 -12.26 -3.86 -14.90
CA ASN A 117 -12.34 -2.51 -14.35
C ASN A 117 -11.12 -2.08 -13.53
N LEU A 118 -10.34 -3.03 -13.02
CA LEU A 118 -9.18 -2.82 -12.16
C LEU A 118 -7.88 -3.17 -12.91
N SER A 119 -7.93 -3.42 -14.22
CA SER A 119 -6.83 -3.93 -15.05
C SER A 119 -6.18 -2.85 -15.93
N SER A 120 -6.55 -1.58 -15.77
CA SER A 120 -6.08 -0.49 -16.63
C SER A 120 -4.54 -0.40 -16.60
N LYS A 121 -3.94 0.07 -15.50
CA LYS A 121 -2.52 0.47 -15.46
C LYS A 121 -1.73 -0.13 -14.29
N VAL A 122 -2.40 -0.88 -13.43
CA VAL A 122 -1.90 -1.25 -12.10
C VAL A 122 -0.85 -2.36 -12.16
N LYS A 123 -0.28 -2.74 -11.02
CA LYS A 123 0.43 -3.99 -10.74
C LYS A 123 -0.15 -4.59 -9.45
N LEU A 124 0.17 -5.85 -9.16
CA LEU A 124 -0.17 -6.54 -7.92
C LEU A 124 1.14 -7.01 -7.32
N LEU A 125 1.50 -6.51 -6.15
CA LEU A 125 2.81 -6.81 -5.56
C LEU A 125 2.71 -7.19 -4.08
N GLN A 126 1.51 -7.13 -3.49
CA GLN A 126 1.15 -7.54 -2.16
C GLN A 126 -0.14 -8.34 -2.33
N LEU A 127 -0.14 -9.60 -1.92
CA LEU A 127 -1.30 -10.48 -1.93
C LEU A 127 -1.95 -10.41 -0.54
N TYR A 128 -2.76 -11.39 -0.14
CA TYR A 128 -2.97 -11.65 1.28
C TYR A 128 -1.64 -12.18 1.84
N SER A 129 -1.55 -12.34 3.15
CA SER A 129 -0.84 -13.48 3.69
C SER A 129 -1.91 -14.23 4.46
N GLU A 130 -2.26 -15.42 3.95
CA GLU A 130 -3.22 -16.40 4.48
C GLU A 130 -4.68 -15.92 4.64
N ALA A 131 -4.95 -14.62 4.54
CA ALA A 131 -6.25 -13.99 4.54
C ALA A 131 -6.98 -14.20 3.21
N SER A 132 -7.98 -13.35 2.91
CA SER A 132 -8.79 -13.42 1.71
C SER A 132 -8.88 -12.03 1.05
N VAL A 133 -7.77 -11.28 1.02
CA VAL A 133 -7.74 -9.88 0.60
C VAL A 133 -6.38 -9.57 -0.01
N ALA A 134 -6.34 -8.97 -1.20
CA ALA A 134 -5.10 -8.67 -1.90
C ALA A 134 -5.01 -7.16 -2.08
N LEU A 135 -3.79 -6.62 -2.00
CA LEU A 135 -3.49 -5.20 -2.06
C LEU A 135 -3.39 -4.80 -3.53
N LEU A 136 -2.93 -3.59 -3.87
CA LEU A 136 -2.61 -3.23 -5.24
C LEU A 136 -1.71 -2.01 -5.27
N LYS A 137 -1.12 -1.77 -6.43
CA LYS A 137 -0.18 -0.68 -6.70
C LYS A 137 -0.57 -0.10 -8.05
N LEU A 138 -0.91 1.18 -8.08
CA LEU A 138 -1.05 1.92 -9.32
C LEU A 138 0.19 2.77 -9.52
N ASN A 139 0.23 3.53 -10.60
CA ASN A 139 1.15 4.65 -10.78
C ASN A 139 0.42 5.98 -10.93
N ASN A 140 -0.75 5.98 -11.59
CA ASN A 140 -1.30 7.16 -12.22
C ASN A 140 -2.69 7.44 -11.63
N PRO A 141 -2.81 8.16 -10.51
CA PRO A 141 -4.05 8.25 -9.72
C PRO A 141 -5.23 8.94 -10.40
N LYS A 142 -5.04 9.49 -11.60
CA LYS A 142 -6.06 10.33 -12.23
C LYS A 142 -7.34 9.53 -12.42
N ASP A 143 -7.24 8.31 -12.94
CA ASP A 143 -8.36 7.39 -13.10
C ASP A 143 -8.73 6.68 -11.80
N PHE A 144 -7.85 6.50 -10.81
CA PHE A 144 -8.13 5.67 -9.63
C PHE A 144 -9.43 6.07 -8.91
N GLN A 145 -9.63 7.36 -8.65
CA GLN A 145 -10.86 7.86 -8.06
C GLN A 145 -12.07 7.48 -8.94
N GLU A 146 -11.91 7.59 -10.26
CA GLU A 146 -12.95 7.33 -11.23
C GLU A 146 -13.26 5.83 -11.31
N LEU A 147 -12.35 4.94 -10.90
CA LEU A 147 -12.65 3.54 -10.69
C LEU A 147 -13.61 3.46 -9.49
N ASN A 148 -13.04 3.82 -8.35
CA ASN A 148 -13.46 3.63 -6.97
C ASN A 148 -14.86 4.18 -6.70
N LYS A 149 -15.18 5.33 -7.29
CA LYS A 149 -16.44 6.03 -7.03
C LYS A 149 -17.62 5.47 -7.82
N GLN A 150 -17.41 4.60 -8.82
CA GLN A 150 -18.50 3.95 -9.54
C GLN A 150 -18.89 2.68 -8.80
N THR A 151 -20.19 2.43 -8.66
CA THR A 151 -20.73 1.29 -7.90
C THR A 151 -21.93 0.69 -8.66
N LYS A 152 -21.77 0.49 -9.97
CA LYS A 152 -22.77 0.01 -10.93
C LYS A 152 -22.27 -1.18 -11.76
N LYS A 153 -21.23 -1.88 -11.29
CA LYS A 153 -20.57 -2.96 -12.03
C LYS A 153 -20.35 -4.15 -11.09
N ASN A 154 -19.90 -5.27 -11.66
CA ASN A 154 -19.80 -6.54 -10.97
C ASN A 154 -18.53 -7.20 -11.48
N MET A 155 -17.55 -7.39 -10.61
CA MET A 155 -16.38 -8.18 -10.94
C MET A 155 -16.80 -9.63 -11.05
N THR A 156 -16.03 -10.42 -11.78
CA THR A 156 -16.26 -11.84 -11.99
C THR A 156 -14.91 -12.48 -12.33
N ILE A 157 -14.61 -13.63 -11.73
CA ILE A 157 -13.46 -14.46 -12.01
C ILE A 157 -13.88 -15.90 -11.77
N ASP A 158 -13.73 -16.75 -12.79
CA ASP A 158 -13.99 -18.19 -12.71
C ASP A 158 -15.40 -18.42 -12.13
N GLY A 159 -16.33 -17.56 -12.51
CA GLY A 159 -17.73 -17.63 -12.07
C GLY A 159 -17.87 -17.33 -10.58
N LYS A 160 -17.00 -16.47 -10.04
CA LYS A 160 -17.01 -15.99 -8.66
C LYS A 160 -16.92 -14.48 -8.75
N GLU A 161 -17.94 -13.80 -8.26
CA GLU A 161 -18.01 -12.35 -8.27
C GLU A 161 -17.19 -11.78 -7.10
N LEU A 162 -16.81 -10.50 -7.20
CA LEU A 162 -15.96 -9.81 -6.23
C LEU A 162 -16.41 -8.36 -6.12
N THR A 163 -15.95 -7.64 -5.09
CA THR A 163 -16.15 -6.20 -4.98
C THR A 163 -14.88 -5.59 -4.40
N ILE A 164 -14.45 -4.44 -4.93
CA ILE A 164 -13.28 -3.74 -4.43
C ILE A 164 -13.55 -3.29 -2.99
N SER A 165 -12.48 -3.00 -2.26
CA SER A 165 -12.56 -2.36 -0.96
C SER A 165 -11.91 -0.97 -1.07
N PRO A 166 -12.43 0.03 -0.33
CA PRO A 166 -11.83 1.35 -0.30
C PRO A 166 -10.45 1.35 0.37
N ALA A 167 -9.71 2.44 0.17
CA ALA A 167 -8.41 2.69 0.75
C ALA A 167 -8.32 4.21 0.99
N TYR A 168 -8.18 4.63 2.24
CA TYR A 168 -8.04 6.03 2.64
C TYR A 168 -6.78 6.17 3.49
N LEU A 169 -6.02 7.25 3.26
CA LEU A 169 -4.73 7.57 3.87
C LEU A 169 -4.99 8.20 5.22
N LEU A 170 -4.75 7.48 6.32
CA LEU A 170 -4.64 8.11 7.63
C LEU A 170 -3.17 8.14 8.02
N TRP A 171 -2.89 9.04 8.94
CA TRP A 171 -1.64 9.26 9.63
C TRP A 171 -1.99 9.33 11.12
N ASP A 172 -1.02 9.22 12.03
CA ASP A 172 -1.28 9.31 13.46
C ASP A 172 -0.01 9.68 14.20
N MET A 1 -11.08 -2.50 9.59
CA MET A 1 -10.12 -2.57 10.71
C MET A 1 -8.80 -1.94 10.30
N LYS A 2 -8.20 -1.13 11.19
CA LYS A 2 -6.83 -0.62 11.05
C LYS A 2 -5.79 -1.74 10.89
N VAL A 3 -4.53 -1.39 10.61
CA VAL A 3 -3.41 -2.31 10.56
C VAL A 3 -2.19 -1.60 11.18
N PRO A 4 -1.29 -2.27 11.92
CA PRO A 4 -0.04 -1.68 12.38
C PRO A 4 0.91 -1.49 11.19
N MET A 5 1.36 -0.27 10.92
CA MET A 5 2.45 -0.01 9.96
C MET A 5 3.31 1.16 10.46
N LEU A 6 4.35 1.50 9.71
CA LEU A 6 5.28 2.59 10.00
C LEU A 6 5.37 3.49 8.77
N VAL A 7 5.38 4.81 8.97
CA VAL A 7 5.32 5.80 7.90
C VAL A 7 6.51 6.73 8.09
N LEU A 8 7.15 7.13 6.98
CA LEU A 8 8.39 7.90 7.01
C LEU A 8 8.29 9.06 6.02
N ASP A 9 9.34 9.89 6.04
CA ASP A 9 9.59 10.92 5.02
C ASP A 9 11.01 10.77 4.44
N PRO A 10 11.21 9.80 3.53
CA PRO A 10 12.39 9.68 2.70
C PRO A 10 12.25 10.55 1.43
N ALA A 11 13.22 10.45 0.51
CA ALA A 11 13.00 10.51 -0.93
C ALA A 11 14.21 9.87 -1.62
N LEU A 12 14.11 8.59 -2.00
CA LEU A 12 15.14 7.81 -2.66
C LEU A 12 14.91 7.79 -4.18
N PRO A 13 15.93 7.51 -5.00
CA PRO A 13 15.78 7.40 -6.44
C PRO A 13 14.93 6.19 -6.83
N ALA A 14 14.42 6.19 -8.07
CA ALA A 14 13.53 5.16 -8.59
C ALA A 14 14.19 3.79 -8.67
N ASN A 15 15.51 3.75 -8.86
CA ASN A 15 16.26 2.54 -9.15
C ASN A 15 16.36 1.60 -7.94
N ILE A 16 16.05 2.09 -6.75
CA ILE A 16 16.04 1.35 -5.51
C ILE A 16 14.92 0.29 -5.55
N THR A 17 15.08 -0.80 -4.81
CA THR A 17 14.05 -1.80 -4.54
C THR A 17 14.18 -2.28 -3.09
N LEU A 18 13.39 -3.28 -2.70
CA LEU A 18 13.45 -4.00 -1.43
C LEU A 18 14.87 -4.49 -1.08
N LYS A 19 15.69 -4.88 -2.06
CA LYS A 19 17.04 -5.36 -1.78
C LYS A 19 17.98 -4.20 -1.44
N ASP A 20 17.75 -3.03 -2.05
CA ASP A 20 18.56 -1.84 -1.78
C ASP A 20 18.21 -1.24 -0.43
N LEU A 21 17.03 -1.54 0.12
CA LEU A 21 16.56 -1.03 1.40
C LEU A 21 17.63 -1.25 2.51
N PRO A 22 17.94 -2.48 2.93
CA PRO A 22 18.82 -2.73 4.08
C PRO A 22 20.27 -2.33 3.82
N SER A 23 20.64 -1.91 2.60
CA SER A 23 21.99 -1.44 2.34
C SER A 23 22.13 -0.06 2.97
N LEU A 24 21.04 0.69 3.12
CA LEU A 24 21.02 2.07 3.59
C LEU A 24 20.52 2.21 5.03
N TYR A 25 19.93 1.17 5.63
CA TYR A 25 19.47 1.15 7.01
C TYR A 25 19.73 -0.23 7.62
N PRO A 26 20.12 -0.32 8.89
CA PRO A 26 20.29 -1.60 9.56
C PRO A 26 18.97 -2.05 10.18
N SER A 27 18.22 -1.10 10.77
CA SER A 27 16.96 -1.41 11.44
C SER A 27 15.82 -1.48 10.43
N PHE A 28 15.88 -0.75 9.30
CA PHE A 28 14.85 -0.92 8.27
C PHE A 28 15.37 -2.01 7.35
N HIS A 29 15.28 -3.23 7.85
CA HIS A 29 15.77 -4.46 7.25
C HIS A 29 14.65 -5.48 7.12
N SER A 30 13.88 -5.67 8.18
CA SER A 30 12.96 -6.77 8.38
C SER A 30 11.60 -6.50 7.71
N ALA A 31 11.60 -5.78 6.58
CA ALA A 31 10.48 -5.46 5.75
C ALA A 31 10.37 -6.52 4.64
N SER A 32 9.16 -6.76 4.13
CA SER A 32 8.89 -7.63 2.98
C SER A 32 8.22 -6.84 1.84
N ASP A 33 8.23 -5.52 1.92
CA ASP A 33 7.78 -4.59 0.89
C ASP A 33 8.45 -3.22 1.09
N ILE A 34 8.38 -2.36 0.09
CA ILE A 34 8.61 -0.91 0.17
C ILE A 34 8.19 -0.32 -1.20
N PHE A 35 7.54 0.85 -1.22
CA PHE A 35 7.04 1.47 -2.44
C PHE A 35 7.00 3.00 -2.39
N ASN A 36 7.72 3.63 -3.33
CA ASN A 36 7.85 5.08 -3.50
C ASN A 36 6.56 5.71 -4.03
N VAL A 37 6.13 6.84 -3.45
CA VAL A 37 4.97 7.65 -3.86
C VAL A 37 5.23 9.13 -3.45
N ALA A 38 4.39 10.07 -3.91
CA ALA A 38 4.36 11.44 -3.40
C ALA A 38 3.64 11.51 -2.05
N LYS A 39 3.74 12.66 -1.35
CA LYS A 39 2.94 12.91 -0.15
C LYS A 39 1.46 13.17 -0.53
N PRO A 40 0.50 12.87 0.38
CA PRO A 40 -0.91 13.19 0.23
C PRO A 40 -1.19 14.69 0.09
N LYS A 41 -0.45 15.52 0.82
CA LYS A 41 -0.68 16.96 0.91
C LYS A 41 0.53 17.75 0.41
N ASN A 42 1.58 17.11 -0.14
CA ASN A 42 2.74 17.83 -0.65
C ASN A 42 3.28 17.19 -1.93
N PRO A 43 2.70 17.47 -3.10
CA PRO A 43 3.15 16.87 -4.36
C PRO A 43 4.54 17.35 -4.79
N SER A 44 5.09 18.38 -4.13
CA SER A 44 6.43 18.89 -4.37
C SER A 44 7.52 17.93 -3.86
N THR A 45 7.16 16.92 -3.08
CA THR A 45 8.09 16.10 -2.31
C THR A 45 7.65 14.64 -2.37
N ASN A 46 8.57 13.76 -2.77
CA ASN A 46 8.35 12.31 -2.79
C ASN A 46 8.72 11.71 -1.45
N VAL A 47 8.26 10.47 -1.21
CA VAL A 47 8.42 9.66 0.00
C VAL A 47 8.40 8.18 -0.40
N SER A 48 8.21 7.26 0.55
CA SER A 48 7.99 5.84 0.32
C SER A 48 7.26 5.27 1.53
N VAL A 49 6.80 4.03 1.43
CA VAL A 49 5.96 3.36 2.43
C VAL A 49 6.60 2.03 2.77
N VAL A 50 6.60 1.66 4.06
CA VAL A 50 7.13 0.40 4.57
C VAL A 50 5.97 -0.45 5.12
N VAL A 51 6.11 -1.77 5.15
CA VAL A 51 5.24 -2.70 5.88
C VAL A 51 6.14 -3.50 6.85
N PHE A 52 5.59 -4.21 7.84
CA PHE A 52 6.35 -5.10 8.72
C PHE A 52 5.45 -6.25 9.20
N ASP A 53 6.04 -7.30 9.80
CA ASP A 53 5.32 -8.50 10.22
C ASP A 53 4.65 -8.33 11.58
N SER A 54 5.26 -7.56 12.48
CA SER A 54 4.66 -7.14 13.75
C SER A 54 5.32 -5.89 14.33
N THR A 55 4.80 -5.44 15.49
CA THR A 55 5.37 -4.34 16.27
C THR A 55 6.82 -4.57 16.67
N LYS A 56 7.28 -5.84 16.72
CA LYS A 56 8.67 -6.17 17.03
C LYS A 56 9.60 -5.47 16.06
N ASP A 57 9.26 -5.47 14.77
CA ASP A 57 10.09 -4.82 13.77
C ASP A 57 9.86 -3.31 13.84
N VAL A 58 8.58 -2.90 13.87
CA VAL A 58 8.15 -1.50 13.74
C VAL A 58 8.75 -0.64 14.85
N GLU A 59 8.56 -1.04 16.10
CA GLU A 59 8.83 -0.20 17.25
C GLU A 59 10.33 0.02 17.39
N ASP A 60 11.10 -1.04 17.12
CA ASP A 60 12.54 -1.05 16.95
C ASP A 60 12.98 -0.12 15.83
N ALA A 61 12.43 -0.30 14.62
CA ALA A 61 12.78 0.49 13.44
C ALA A 61 12.54 1.98 13.71
N HIS A 62 11.42 2.33 14.32
CA HIS A 62 11.10 3.69 14.73
C HIS A 62 12.17 4.19 15.70
N SER A 63 12.49 3.42 16.74
CA SER A 63 13.55 3.74 17.69
C SER A 63 14.94 3.81 17.05
N GLY A 64 15.10 3.38 15.78
CA GLY A 64 16.35 3.43 15.04
C GLY A 64 16.94 4.84 14.96
N LEU A 65 16.10 5.88 14.95
CA LEU A 65 16.58 7.21 14.56
C LEU A 65 16.34 8.28 15.61
N LEU A 66 16.01 7.89 16.83
CA LEU A 66 15.64 8.80 17.91
C LEU A 66 16.87 9.49 18.49
N LYS A 67 17.32 10.57 17.84
CA LYS A 67 18.47 11.38 18.23
C LYS A 67 18.23 12.86 17.94
N GLY A 68 16.97 13.27 17.76
CA GLY A 68 16.57 14.67 17.54
C GLY A 68 16.77 15.17 16.11
N ASN A 69 17.63 14.55 15.31
CA ASN A 69 17.81 14.84 13.88
C ASN A 69 18.28 13.59 13.17
N SER A 70 17.88 13.43 11.91
CA SER A 70 18.45 12.50 10.95
C SER A 70 18.19 13.07 9.55
N ARG A 71 18.78 12.51 8.50
CA ARG A 71 18.33 12.74 7.11
C ARG A 71 17.07 11.92 6.82
N GLN A 72 16.12 11.91 7.75
CA GLN A 72 14.95 11.05 7.75
C GLN A 72 13.92 11.62 8.71
N THR A 73 12.70 11.09 8.65
CA THR A 73 11.62 11.34 9.60
C THR A 73 10.92 10.00 9.89
N VAL A 74 10.26 9.87 11.04
CA VAL A 74 9.42 8.77 11.46
C VAL A 74 8.07 9.35 11.92
N TRP A 75 6.96 8.81 11.42
CA TRP A 75 5.57 9.09 11.80
C TRP A 75 4.85 7.75 12.04
N ARG A 76 3.56 7.79 12.39
CA ARG A 76 2.74 6.58 12.52
C ARG A 76 1.83 6.42 11.29
N GLY A 77 1.28 5.23 11.08
CA GLY A 77 0.24 5.01 10.09
C GLY A 77 -0.58 3.77 10.38
N TYR A 78 -1.84 3.77 9.93
CA TYR A 78 -2.85 2.76 10.16
C TYR A 78 -3.84 2.71 8.98
N LEU A 79 -3.53 1.89 7.98
CA LEU A 79 -4.43 1.65 6.84
C LEU A 79 -5.72 1.03 7.37
N THR A 80 -6.88 1.47 6.88
CA THR A 80 -8.18 0.86 7.19
C THR A 80 -9.06 0.94 5.94
N THR A 81 -10.25 0.33 6.02
CA THR A 81 -11.28 0.28 4.99
C THR A 81 -12.57 0.97 5.47
N ASP A 82 -12.51 1.74 6.55
CA ASP A 82 -13.68 2.25 7.26
C ASP A 82 -13.63 3.77 7.28
N LYS A 83 -14.47 4.44 6.48
CA LYS A 83 -14.54 5.89 6.38
C LYS A 83 -15.27 6.47 7.58
N GLU A 84 -14.68 6.35 8.77
CA GLU A 84 -15.36 6.60 10.04
C GLU A 84 -14.53 7.44 11.01
N VAL A 85 -13.25 7.63 10.73
CA VAL A 85 -12.28 8.16 11.68
C VAL A 85 -11.97 9.62 11.32
N PRO A 86 -12.04 10.56 12.27
CA PRO A 86 -11.85 11.98 11.97
C PRO A 86 -10.40 12.23 11.54
N GLY A 87 -10.21 12.76 10.33
CA GLY A 87 -8.89 13.21 9.89
C GLY A 87 -8.17 12.16 9.07
N LEU A 88 -8.86 11.11 8.60
CA LEU A 88 -8.35 10.27 7.55
C LEU A 88 -8.12 11.12 6.29
N VAL A 89 -7.18 10.71 5.45
CA VAL A 89 -6.71 11.47 4.31
C VAL A 89 -6.84 10.58 3.08
N LEU A 90 -7.24 11.15 1.95
CA LEU A 90 -7.42 10.36 0.74
C LEU A 90 -6.07 9.86 0.22
N MET A 91 -5.97 8.55 0.02
CA MET A 91 -4.82 7.88 -0.57
C MET A 91 -4.63 8.32 -2.02
N GLN A 92 -3.41 8.17 -2.53
CA GLN A 92 -3.04 8.55 -3.89
C GLN A 92 -3.05 7.25 -4.70
N ASP A 93 -2.09 6.37 -4.41
CA ASP A 93 -1.68 5.29 -5.31
C ASP A 93 -1.86 3.94 -4.61
N LEU A 94 -3.04 3.71 -4.04
CA LEU A 94 -3.39 2.45 -3.39
C LEU A 94 -4.84 2.13 -3.70
N ALA A 95 -5.18 0.84 -3.63
CA ALA A 95 -6.54 0.38 -3.44
C ALA A 95 -6.48 -1.01 -2.81
N PHE A 96 -7.60 -1.48 -2.27
CA PHE A 96 -7.81 -2.84 -1.79
C PHE A 96 -8.50 -3.66 -2.90
N LEU A 97 -8.88 -4.91 -2.61
CA LEU A 97 -9.72 -5.78 -3.42
C LEU A 97 -10.31 -6.82 -2.45
N SER A 98 -11.58 -7.21 -2.61
CA SER A 98 -12.18 -8.33 -1.88
C SER A 98 -13.24 -9.03 -2.75
N GLY A 99 -13.94 -10.04 -2.22
CA GLY A 99 -15.09 -10.68 -2.85
C GLY A 99 -14.73 -11.77 -3.88
N PHE A 100 -13.45 -11.98 -4.15
CA PHE A 100 -12.95 -13.03 -5.02
C PHE A 100 -13.21 -14.43 -4.43
N PRO A 101 -13.25 -15.46 -5.28
CA PRO A 101 -13.46 -16.84 -4.83
C PRO A 101 -12.22 -17.39 -4.10
N PRO A 102 -12.35 -18.50 -3.36
CA PRO A 102 -11.26 -19.03 -2.53
C PRO A 102 -10.07 -19.58 -3.31
N THR A 103 -10.18 -19.75 -4.63
CA THR A 103 -9.17 -20.27 -5.54
C THR A 103 -8.06 -19.24 -5.82
N PHE A 104 -7.68 -18.45 -4.82
CA PHE A 104 -6.67 -17.40 -4.87
C PHE A 104 -5.86 -17.35 -3.57
N LYS A 105 -4.67 -17.95 -3.55
CA LYS A 105 -3.74 -17.95 -2.41
C LYS A 105 -2.27 -17.80 -2.82
N GLU A 106 -1.99 -17.25 -4.00
CA GLU A 106 -0.66 -16.81 -4.44
C GLU A 106 -0.79 -15.44 -5.12
N THR A 107 0.21 -14.56 -5.02
CA THR A 107 0.17 -13.23 -5.64
C THR A 107 0.29 -13.33 -7.16
N ASN A 108 1.00 -14.36 -7.64
CA ASN A 108 1.25 -14.63 -9.06
C ASN A 108 0.00 -15.15 -9.77
N GLN A 109 -0.98 -15.66 -9.01
CA GLN A 109 -2.16 -16.36 -9.48
C GLN A 109 -3.15 -15.36 -10.10
N LEU A 110 -3.69 -14.49 -9.26
CA LEU A 110 -4.57 -13.40 -9.66
C LEU A 110 -3.82 -12.36 -10.52
N LYS A 111 -2.49 -12.46 -10.65
CA LYS A 111 -1.68 -11.69 -11.60
C LYS A 111 -2.11 -12.00 -13.03
N THR A 112 -2.58 -13.22 -13.31
CA THR A 112 -3.21 -13.56 -14.58
C THR A 112 -4.72 -13.36 -14.44
N LYS A 113 -5.42 -14.03 -13.51
CA LYS A 113 -6.86 -13.88 -13.38
C LYS A 113 -7.21 -12.58 -12.65
N LEU A 114 -7.41 -11.52 -13.44
CA LEU A 114 -7.74 -10.15 -13.04
C LEU A 114 -9.06 -9.72 -13.75
N PRO A 115 -9.83 -8.74 -13.24
CA PRO A 115 -11.12 -8.35 -13.81
C PRO A 115 -11.03 -7.62 -15.14
N GLU A 116 -9.83 -7.44 -15.69
CA GLU A 116 -9.48 -6.65 -16.87
C GLU A 116 -9.53 -5.16 -16.52
N ASN A 117 -10.70 -4.61 -16.20
CA ASN A 117 -10.93 -3.19 -15.92
C ASN A 117 -10.04 -2.61 -14.83
N LEU A 118 -9.70 -3.40 -13.80
CA LEU A 118 -8.92 -2.94 -12.66
C LEU A 118 -7.42 -2.99 -12.99
N SER A 119 -6.97 -3.63 -14.06
CA SER A 119 -5.55 -3.84 -14.35
C SER A 119 -5.19 -3.23 -15.71
N SER A 120 -5.58 -1.98 -15.97
CA SER A 120 -5.09 -1.26 -17.14
C SER A 120 -3.60 -0.88 -16.92
N LYS A 121 -3.28 0.16 -16.12
CA LYS A 121 -1.91 0.68 -15.95
C LYS A 121 -1.35 0.40 -14.55
N VAL A 122 -1.82 -0.64 -13.87
CA VAL A 122 -1.51 -0.87 -12.46
C VAL A 122 -1.04 -2.29 -12.23
N LYS A 123 -0.69 -2.63 -11.00
CA LYS A 123 -0.33 -3.97 -10.59
C LYS A 123 -0.76 -4.24 -9.16
N LEU A 124 -0.65 -5.50 -8.75
CA LEU A 124 -0.62 -5.92 -7.34
C LEU A 124 0.81 -5.81 -6.82
N LEU A 125 0.99 -5.85 -5.51
CA LEU A 125 2.23 -6.27 -4.85
C LEU A 125 2.02 -6.72 -3.39
N GLN A 126 0.78 -6.81 -2.91
CA GLN A 126 0.48 -7.13 -1.53
C GLN A 126 -0.71 -8.08 -1.51
N LEU A 127 -0.53 -9.24 -0.88
CA LEU A 127 -1.58 -10.20 -0.60
C LEU A 127 -1.30 -10.72 0.80
N TYR A 128 -2.36 -11.00 1.55
CA TYR A 128 -2.25 -11.34 2.96
C TYR A 128 -1.76 -12.79 3.12
N SER A 129 -1.20 -13.09 4.29
CA SER A 129 -0.89 -14.44 4.76
C SER A 129 -2.17 -15.29 4.83
N GLU A 130 -2.36 -16.13 3.82
CA GLU A 130 -3.43 -17.12 3.55
C GLU A 130 -4.87 -16.60 3.55
N ALA A 131 -5.06 -15.33 3.89
CA ALA A 131 -6.35 -14.66 4.01
C ALA A 131 -6.80 -14.09 2.66
N SER A 132 -7.96 -13.43 2.67
CA SER A 132 -8.71 -13.07 1.49
C SER A 132 -8.86 -11.54 1.38
N VAL A 133 -7.72 -10.84 1.37
CA VAL A 133 -7.60 -9.43 1.03
C VAL A 133 -6.29 -9.27 0.24
N ALA A 134 -6.17 -8.19 -0.55
CA ALA A 134 -4.95 -7.78 -1.23
C ALA A 134 -4.93 -6.25 -1.38
N LEU A 135 -3.77 -5.67 -1.74
CA LEU A 135 -3.58 -4.25 -2.05
C LEU A 135 -2.92 -4.09 -3.41
N LEU A 136 -3.19 -2.95 -4.08
CA LEU A 136 -2.69 -2.58 -5.40
C LEU A 136 -1.69 -1.44 -5.32
N LYS A 137 -0.90 -1.32 -6.39
CA LYS A 137 0.10 -0.32 -6.65
C LYS A 137 -0.19 0.24 -8.04
N LEU A 138 -0.63 1.49 -8.10
CA LEU A 138 -0.84 2.24 -9.32
C LEU A 138 0.27 3.29 -9.45
N ASN A 139 0.50 3.79 -10.66
CA ASN A 139 1.53 4.80 -10.92
C ASN A 139 1.06 6.18 -10.51
N ASN A 140 -0.24 6.46 -10.68
CA ASN A 140 -0.84 7.78 -10.47
C ASN A 140 -2.37 7.56 -10.35
N PRO A 141 -3.13 8.34 -9.54
CA PRO A 141 -4.57 8.15 -9.27
C PRO A 141 -5.50 8.23 -10.49
N LYS A 142 -4.95 8.51 -11.68
CA LYS A 142 -5.67 8.60 -12.96
C LYS A 142 -6.64 7.43 -13.08
N ASP A 143 -6.16 6.19 -12.89
CA ASP A 143 -6.98 4.99 -13.02
C ASP A 143 -7.93 4.79 -11.84
N PHE A 144 -7.61 5.35 -10.68
CA PHE A 144 -8.36 5.13 -9.44
C PHE A 144 -9.65 5.93 -9.46
N GLN A 145 -9.57 7.25 -9.70
CA GLN A 145 -10.74 8.11 -9.81
C GLN A 145 -11.56 7.79 -11.07
N GLU A 146 -10.98 7.05 -12.02
CA GLU A 146 -11.62 6.63 -13.24
C GLU A 146 -12.55 5.47 -12.91
N LEU A 147 -12.01 4.40 -12.31
CA LEU A 147 -12.69 3.15 -11.96
C LEU A 147 -14.04 3.40 -11.27
N ASN A 148 -14.01 4.13 -10.16
CA ASN A 148 -15.18 4.54 -9.36
C ASN A 148 -16.37 5.09 -10.19
N LYS A 149 -16.10 5.65 -11.37
CA LYS A 149 -17.03 6.31 -12.29
C LYS A 149 -16.99 5.69 -13.70
N GLN A 150 -16.42 4.49 -13.89
CA GLN A 150 -16.27 3.89 -15.21
C GLN A 150 -17.63 3.64 -15.85
N THR A 151 -17.66 3.68 -17.18
CA THR A 151 -18.83 3.42 -18.02
C THR A 151 -19.18 1.91 -18.11
N LYS A 152 -18.67 1.07 -17.20
CA LYS A 152 -18.68 -0.40 -17.35
C LYS A 152 -19.06 -1.08 -16.03
N LYS A 153 -19.15 -2.42 -16.04
CA LYS A 153 -19.50 -3.29 -14.91
C LYS A 153 -18.55 -3.09 -13.73
N ASN A 154 -18.89 -3.62 -12.55
CA ASN A 154 -18.10 -3.42 -11.34
C ASN A 154 -16.75 -4.13 -11.50
N MET A 155 -16.71 -5.45 -11.32
CA MET A 155 -15.56 -6.33 -11.45
C MET A 155 -16.12 -7.75 -11.55
N THR A 156 -15.37 -8.66 -12.19
CA THR A 156 -15.74 -10.06 -12.35
C THR A 156 -14.45 -10.89 -12.41
N ILE A 157 -14.44 -12.12 -11.90
CA ILE A 157 -13.38 -13.10 -12.13
C ILE A 157 -14.04 -14.46 -12.34
N ASP A 158 -13.77 -15.03 -13.51
CA ASP A 158 -14.18 -16.35 -14.00
C ASP A 158 -15.68 -16.62 -13.87
N GLY A 159 -16.47 -15.54 -13.83
CA GLY A 159 -17.92 -15.55 -13.75
C GLY A 159 -18.49 -15.20 -12.37
N LYS A 160 -17.68 -14.94 -11.35
CA LYS A 160 -18.16 -14.38 -10.08
C LYS A 160 -17.95 -12.87 -10.15
N GLU A 161 -18.83 -12.05 -9.58
CA GLU A 161 -18.60 -10.60 -9.49
C GLU A 161 -17.93 -10.30 -8.15
N LEU A 162 -17.35 -9.11 -8.02
CA LEU A 162 -16.54 -8.68 -6.87
C LEU A 162 -17.00 -7.30 -6.41
N THR A 163 -16.28 -6.68 -5.48
CA THR A 163 -16.37 -5.26 -5.19
C THR A 163 -14.98 -4.82 -4.73
N ILE A 164 -14.58 -3.58 -5.05
CA ILE A 164 -13.39 -3.01 -4.44
C ILE A 164 -13.76 -2.44 -3.08
N SER A 165 -12.78 -2.36 -2.19
CA SER A 165 -12.90 -1.79 -0.85
C SER A 165 -12.16 -0.44 -0.84
N PRO A 166 -12.53 0.50 0.03
CA PRO A 166 -11.93 1.84 0.11
C PRO A 166 -10.60 1.81 0.87
N ALA A 167 -9.82 2.90 0.79
CA ALA A 167 -8.64 3.14 1.63
C ALA A 167 -8.55 4.63 1.94
N TYR A 168 -7.97 4.97 3.10
CA TYR A 168 -7.61 6.32 3.52
C TYR A 168 -6.33 6.16 4.38
N LEU A 169 -5.48 7.16 4.36
CA LEU A 169 -4.27 7.31 5.15
C LEU A 169 -4.71 7.84 6.52
N LEU A 170 -4.49 7.08 7.59
CA LEU A 170 -4.69 7.52 8.97
C LEU A 170 -3.32 7.51 9.65
N TRP A 171 -3.18 8.28 10.73
CA TRP A 171 -1.87 8.70 11.21
C TRP A 171 -1.92 9.23 12.64
N ASP A 172 -2.66 8.48 13.47
CA ASP A 172 -3.11 8.82 14.83
C ASP A 172 -4.24 9.84 14.80
N MET A 1 -10.07 -1.47 9.84
CA MET A 1 -9.56 -0.57 10.89
C MET A 1 -8.20 -0.01 10.49
N LYS A 2 -7.15 -0.84 10.39
CA LYS A 2 -5.82 -0.37 10.04
C LYS A 2 -4.91 -1.52 9.58
N VAL A 3 -3.66 -1.23 9.23
CA VAL A 3 -2.66 -2.22 8.81
C VAL A 3 -1.31 -1.89 9.48
N PRO A 4 -0.41 -2.82 9.82
CA PRO A 4 0.91 -2.46 10.35
C PRO A 4 1.87 -1.98 9.23
N MET A 5 2.13 -0.67 9.10
CA MET A 5 3.26 -0.15 8.28
C MET A 5 3.89 1.11 8.90
N LEU A 6 4.93 1.68 8.28
CA LEU A 6 5.54 2.99 8.60
C LEU A 6 5.56 3.83 7.32
N VAL A 7 5.88 5.12 7.44
CA VAL A 7 5.93 6.10 6.35
C VAL A 7 6.99 7.13 6.70
N LEU A 8 7.95 7.24 5.81
CA LEU A 8 9.22 7.94 5.97
C LEU A 8 9.35 9.05 4.92
N ASP A 9 10.40 9.87 5.01
CA ASP A 9 10.72 10.96 4.09
C ASP A 9 12.24 11.02 3.78
N PRO A 10 12.86 9.94 3.26
CA PRO A 10 14.21 9.99 2.69
C PRO A 10 14.18 10.61 1.28
N ALA A 11 15.29 10.50 0.53
CA ALA A 11 15.32 10.49 -0.93
C ALA A 11 16.59 9.74 -1.38
N LEU A 12 16.62 8.42 -1.25
CA LEU A 12 17.79 7.60 -1.59
C LEU A 12 18.03 7.62 -3.10
N PRO A 13 19.24 7.25 -3.56
CA PRO A 13 19.54 7.16 -4.98
C PRO A 13 18.90 5.89 -5.54
N ALA A 14 18.74 5.86 -6.86
CA ALA A 14 18.22 4.68 -7.55
C ALA A 14 19.15 3.46 -7.47
N ASN A 15 20.31 3.53 -6.79
CA ASN A 15 21.27 2.43 -6.73
C ASN A 15 21.03 1.52 -5.53
N ILE A 16 20.26 1.96 -4.52
CA ILE A 16 19.91 1.15 -3.36
C ILE A 16 18.86 0.10 -3.79
N THR A 17 18.76 -0.98 -3.04
CA THR A 17 17.80 -2.06 -3.25
C THR A 17 17.26 -2.49 -1.88
N LEU A 18 16.27 -3.39 -1.85
CA LEU A 18 15.76 -4.05 -0.64
C LEU A 18 16.90 -4.56 0.24
N LYS A 19 17.94 -5.17 -0.33
CA LYS A 19 19.08 -5.64 0.45
C LYS A 19 19.75 -4.50 1.22
N ASP A 20 19.89 -3.31 0.63
CA ASP A 20 20.54 -2.18 1.27
C ASP A 20 19.61 -1.43 2.24
N LEU A 21 18.33 -1.82 2.34
CA LEU A 21 17.39 -1.25 3.30
C LEU A 21 17.97 -1.05 4.69
N PRO A 22 18.34 -2.11 5.44
CA PRO A 22 18.63 -1.92 6.83
C PRO A 22 19.94 -1.15 7.08
N SER A 23 20.68 -0.83 6.00
CA SER A 23 22.00 -0.22 6.06
C SER A 23 21.92 1.09 6.86
N LEU A 24 20.87 1.90 6.63
CA LEU A 24 20.71 3.19 7.30
C LEU A 24 19.67 3.13 8.44
N TYR A 25 18.91 2.04 8.54
CA TYR A 25 17.80 1.86 9.46
C TYR A 25 17.90 0.45 10.05
N PRO A 26 18.80 0.20 11.01
CA PRO A 26 19.03 -1.14 11.52
C PRO A 26 17.79 -1.79 12.13
N SER A 27 16.86 -1.06 12.75
CA SER A 27 15.63 -1.70 13.23
C SER A 27 14.65 -2.04 12.10
N PHE A 28 14.78 -1.46 10.89
CA PHE A 28 13.87 -1.85 9.79
C PHE A 28 14.26 -3.21 9.15
N HIS A 29 15.22 -3.94 9.72
CA HIS A 29 15.79 -5.25 9.36
C HIS A 29 14.82 -6.46 9.28
N SER A 30 13.58 -6.23 8.89
CA SER A 30 12.49 -7.18 8.92
C SER A 30 11.51 -6.96 7.76
N ALA A 31 11.65 -5.88 6.98
CA ALA A 31 10.79 -5.60 5.86
C ALA A 31 10.93 -6.69 4.82
N SER A 32 9.86 -6.96 4.09
CA SER A 32 9.88 -7.88 2.96
C SER A 32 9.72 -7.13 1.65
N ASP A 33 9.65 -5.79 1.68
CA ASP A 33 9.49 -4.99 0.47
C ASP A 33 9.87 -3.55 0.78
N ILE A 34 10.36 -2.83 -0.23
CA ILE A 34 10.48 -1.38 -0.24
C ILE A 34 10.38 -0.91 -1.68
N PHE A 35 9.66 0.18 -1.94
CA PHE A 35 9.64 0.85 -3.24
C PHE A 35 10.22 2.26 -3.00
N ASN A 36 10.70 2.92 -4.07
CA ASN A 36 11.10 4.33 -4.03
C ASN A 36 10.01 5.10 -4.80
N VAL A 37 9.36 6.08 -4.19
CA VAL A 37 8.17 6.74 -4.71
C VAL A 37 8.21 8.21 -4.32
N ALA A 38 7.53 9.11 -5.04
CA ALA A 38 7.40 10.51 -4.63
C ALA A 38 6.57 10.59 -3.34
N LYS A 39 6.91 11.48 -2.40
CA LYS A 39 5.98 11.75 -1.30
C LYS A 39 4.71 12.38 -1.87
N PRO A 40 3.52 12.08 -1.34
CA PRO A 40 2.28 12.67 -1.87
C PRO A 40 2.00 14.08 -1.36
N LYS A 41 2.73 14.52 -0.33
CA LYS A 41 2.61 15.86 0.25
C LYS A 41 3.84 16.71 -0.08
N ASN A 42 4.86 16.14 -0.72
CA ASN A 42 5.97 16.88 -1.29
C ASN A 42 6.58 16.08 -2.46
N PRO A 43 5.89 15.96 -3.60
CA PRO A 43 6.40 15.19 -4.73
C PRO A 43 7.61 15.84 -5.41
N SER A 44 8.01 17.04 -4.98
CA SER A 44 9.31 17.62 -5.27
C SER A 44 10.45 16.71 -4.79
N THR A 45 10.19 15.70 -3.94
CA THR A 45 11.20 14.77 -3.44
C THR A 45 10.73 13.33 -3.68
N ASN A 46 11.64 12.51 -4.21
CA ASN A 46 11.59 11.06 -3.99
C ASN A 46 11.66 10.83 -2.50
N VAL A 47 11.07 9.73 -2.09
CA VAL A 47 10.81 9.17 -0.80
C VAL A 47 10.78 7.65 -1.05
N SER A 48 10.34 6.87 -0.07
CA SER A 48 10.20 5.44 -0.18
C SER A 48 9.11 5.01 0.80
N VAL A 49 8.80 3.73 0.78
CA VAL A 49 7.64 3.05 1.34
C VAL A 49 8.19 1.69 1.74
N VAL A 50 8.06 1.30 3.01
CA VAL A 50 8.46 -0.01 3.54
C VAL A 50 7.19 -0.85 3.73
N VAL A 51 7.34 -2.18 3.73
CA VAL A 51 6.29 -3.13 4.09
C VAL A 51 6.86 -4.06 5.16
N PHE A 52 6.07 -4.30 6.22
CA PHE A 52 6.26 -5.35 7.22
C PHE A 52 4.96 -6.17 7.29
N ASP A 53 4.88 -7.22 8.11
CA ASP A 53 3.65 -8.00 8.29
C ASP A 53 3.00 -7.74 9.65
N SER A 54 3.73 -7.35 10.70
CA SER A 54 3.19 -7.21 12.06
C SER A 54 3.69 -5.96 12.78
N THR A 55 3.04 -5.66 13.90
CA THR A 55 3.36 -4.56 14.80
C THR A 55 4.72 -4.71 15.44
N LYS A 56 5.16 -5.92 15.73
CA LYS A 56 6.38 -6.13 16.51
C LYS A 56 7.55 -5.36 15.87
N ASP A 57 7.72 -5.52 14.57
CA ASP A 57 8.82 -4.92 13.84
C ASP A 57 8.55 -3.46 13.50
N VAL A 58 7.30 -3.10 13.16
CA VAL A 58 6.91 -1.70 12.90
C VAL A 58 7.20 -0.82 14.13
N GLU A 59 6.84 -1.29 15.31
CA GLU A 59 6.91 -0.51 16.52
C GLU A 59 8.37 -0.35 16.96
N ASP A 60 9.17 -1.39 16.82
CA ASP A 60 10.64 -1.34 17.00
C ASP A 60 11.25 -0.35 16.00
N ALA A 61 10.95 -0.53 14.72
CA ALA A 61 11.50 0.27 13.63
C ALA A 61 11.28 1.77 13.87
N HIS A 62 10.07 2.15 14.30
CA HIS A 62 9.77 3.52 14.71
C HIS A 62 10.64 3.91 15.91
N SER A 63 10.70 3.05 16.92
CA SER A 63 11.52 3.18 18.12
C SER A 63 13.04 3.12 17.86
N GLY A 64 13.49 3.10 16.59
CA GLY A 64 14.89 3.13 16.23
C GLY A 64 15.42 4.55 16.00
N LEU A 65 14.56 5.56 15.87
CA LEU A 65 14.94 6.93 15.50
C LEU A 65 14.36 7.99 16.45
N LEU A 66 13.95 7.57 17.64
CA LEU A 66 13.47 8.43 18.72
C LEU A 66 14.69 9.03 19.44
N LYS A 67 15.37 10.00 18.84
CA LYS A 67 16.45 10.74 19.46
C LYS A 67 16.26 12.22 19.12
N GLY A 68 17.07 13.10 19.70
CA GLY A 68 17.03 14.51 19.39
C GLY A 68 17.84 14.88 18.13
N ASN A 69 18.37 13.91 17.36
CA ASN A 69 19.16 14.18 16.15
C ASN A 69 19.26 13.00 15.18
N SER A 70 18.61 13.08 14.01
CA SER A 70 18.75 12.18 12.89
C SER A 70 18.70 13.00 11.59
N ARG A 71 18.80 12.34 10.43
CA ARG A 71 18.46 12.88 9.12
C ARG A 71 17.38 11.96 8.55
N GLN A 72 16.26 11.88 9.25
CA GLN A 72 15.13 11.02 8.96
C GLN A 72 13.90 11.55 9.69
N THR A 73 12.72 11.03 9.31
CA THR A 73 11.48 11.14 10.06
C THR A 73 10.91 9.72 10.14
N VAL A 74 10.07 9.44 11.15
CA VAL A 74 9.28 8.25 11.31
C VAL A 74 7.85 8.67 11.62
N TRP A 75 7.03 8.77 10.58
CA TRP A 75 5.59 8.98 10.73
C TRP A 75 4.92 7.62 10.90
N ARG A 76 3.66 7.65 11.30
CA ARG A 76 2.81 6.47 11.34
C ARG A 76 1.89 6.50 10.13
N GLY A 77 1.48 5.32 9.69
CA GLY A 77 0.62 5.14 8.53
C GLY A 77 -0.19 3.89 8.72
N TYR A 78 -1.48 4.02 8.40
CA TYR A 78 -2.49 3.01 8.64
C TYR A 78 -3.52 3.13 7.52
N LEU A 79 -3.35 2.36 6.45
CA LEU A 79 -4.39 2.24 5.44
C LEU A 79 -5.56 1.51 6.07
N THR A 80 -6.77 1.75 5.59
CA THR A 80 -7.96 1.05 6.05
C THR A 80 -8.96 0.93 4.90
N THR A 81 -9.98 0.09 5.09
CA THR A 81 -11.17 -0.03 4.23
C THR A 81 -12.43 0.52 4.92
N ASP A 82 -12.29 1.02 6.16
CA ASP A 82 -13.41 1.31 7.06
C ASP A 82 -13.68 2.81 7.12
N LYS A 83 -14.83 3.23 6.59
CA LYS A 83 -15.33 4.61 6.48
C LYS A 83 -15.77 5.16 7.83
N GLU A 84 -14.90 5.08 8.82
CA GLU A 84 -15.22 5.16 10.26
C GLU A 84 -14.35 6.17 10.99
N VAL A 85 -13.29 6.63 10.33
CA VAL A 85 -12.25 7.46 10.90
C VAL A 85 -12.64 8.93 10.71
N PRO A 86 -12.52 9.81 11.73
CA PRO A 86 -12.73 11.24 11.54
C PRO A 86 -11.61 11.76 10.64
N GLY A 87 -11.97 12.63 9.69
CA GLY A 87 -10.99 13.25 8.80
C GLY A 87 -10.20 12.24 7.97
N LEU A 88 -10.81 11.11 7.59
CA LEU A 88 -10.26 10.22 6.56
C LEU A 88 -9.94 11.04 5.30
N VAL A 89 -8.83 10.74 4.64
CA VAL A 89 -8.38 11.44 3.45
C VAL A 89 -8.36 10.43 2.30
N LEU A 90 -9.14 10.68 1.25
CA LEU A 90 -9.20 9.82 0.08
C LEU A 90 -7.79 9.64 -0.52
N MET A 91 -7.48 8.44 -1.00
CA MET A 91 -6.12 8.07 -1.39
C MET A 91 -5.68 8.78 -2.67
N GLN A 92 -4.37 8.82 -2.93
CA GLN A 92 -3.79 9.41 -4.14
C GLN A 92 -3.29 8.39 -5.16
N ASP A 93 -2.95 7.16 -4.75
CA ASP A 93 -2.60 6.05 -5.64
C ASP A 93 -2.80 4.75 -4.89
N LEU A 94 -4.05 4.32 -4.78
CA LEU A 94 -4.41 3.03 -4.23
C LEU A 94 -5.78 2.63 -4.76
N ALA A 95 -5.93 1.39 -5.21
CA ALA A 95 -7.21 0.74 -5.39
C ALA A 95 -7.04 -0.64 -4.78
N PHE A 96 -7.76 -0.93 -3.70
CA PHE A 96 -7.81 -2.29 -3.20
C PHE A 96 -8.64 -3.15 -4.16
N LEU A 97 -8.72 -4.44 -3.89
CA LEU A 97 -9.58 -5.43 -4.54
C LEU A 97 -9.79 -6.52 -3.49
N SER A 98 -10.99 -7.07 -3.35
CA SER A 98 -11.28 -8.17 -2.43
C SER A 98 -12.44 -8.99 -2.99
N GLY A 99 -13.03 -9.89 -2.20
CA GLY A 99 -14.17 -10.72 -2.56
C GLY A 99 -13.82 -11.96 -3.38
N PHE A 100 -12.55 -12.14 -3.74
CA PHE A 100 -12.07 -13.26 -4.55
C PHE A 100 -12.25 -14.62 -3.84
N PRO A 101 -12.29 -15.75 -4.58
CA PRO A 101 -12.38 -17.10 -4.03
C PRO A 101 -11.04 -17.54 -3.38
N PRO A 102 -10.97 -18.71 -2.73
CA PRO A 102 -9.75 -19.14 -2.03
C PRO A 102 -8.56 -19.51 -2.94
N THR A 103 -8.73 -19.53 -4.26
CA THR A 103 -7.70 -19.93 -5.24
C THR A 103 -6.69 -18.81 -5.50
N PHE A 104 -6.38 -18.00 -4.47
CA PHE A 104 -5.73 -16.70 -4.60
C PHE A 104 -4.65 -16.49 -3.53
N LYS A 105 -3.95 -17.57 -3.23
CA LYS A 105 -2.81 -17.62 -2.31
C LYS A 105 -1.48 -17.42 -3.02
N GLU A 106 -1.42 -16.46 -3.95
CA GLU A 106 -0.18 -16.00 -4.53
C GLU A 106 -0.45 -14.63 -5.14
N THR A 107 0.56 -13.78 -5.26
CA THR A 107 0.38 -12.45 -5.81
C THR A 107 0.14 -12.55 -7.32
N ASN A 108 0.94 -13.32 -8.07
CA ASN A 108 0.92 -13.24 -9.55
C ASN A 108 -0.41 -13.69 -10.13
N GLN A 109 -1.13 -14.49 -9.36
CA GLN A 109 -2.48 -14.97 -9.61
C GLN A 109 -3.41 -13.81 -9.98
N LEU A 110 -3.80 -13.00 -8.98
CA LEU A 110 -4.73 -11.90 -9.17
C LEU A 110 -4.14 -10.71 -9.93
N LYS A 111 -2.82 -10.69 -10.16
CA LYS A 111 -2.17 -9.76 -11.09
C LYS A 111 -2.89 -9.76 -12.44
N THR A 112 -3.22 -10.94 -12.98
CA THR A 112 -3.75 -11.11 -14.32
C THR A 112 -5.17 -11.66 -14.30
N LYS A 113 -5.60 -12.36 -13.23
CA LYS A 113 -7.02 -12.62 -12.98
C LYS A 113 -7.70 -11.34 -12.49
N LEU A 114 -7.56 -10.23 -13.22
CA LEU A 114 -8.32 -9.02 -12.99
C LEU A 114 -9.51 -9.01 -13.95
N PRO A 115 -10.67 -8.49 -13.53
CA PRO A 115 -11.74 -8.15 -14.45
C PRO A 115 -11.31 -6.98 -15.32
N GLU A 116 -11.98 -6.79 -16.45
CA GLU A 116 -11.72 -5.69 -17.36
C GLU A 116 -11.88 -4.36 -16.62
N ASN A 117 -12.82 -4.31 -15.68
CA ASN A 117 -13.18 -3.15 -14.87
C ASN A 117 -12.01 -2.60 -14.06
N LEU A 118 -10.88 -3.30 -13.94
CA LEU A 118 -9.69 -2.83 -13.22
C LEU A 118 -8.43 -3.34 -13.93
N SER A 119 -8.32 -3.24 -15.25
CA SER A 119 -7.19 -3.85 -15.97
C SER A 119 -6.69 -3.03 -17.17
N SER A 120 -6.99 -1.72 -17.24
CA SER A 120 -6.35 -0.82 -18.21
C SER A 120 -4.85 -0.77 -17.91
N LYS A 121 -4.43 -0.04 -16.88
CA LYS A 121 -3.07 0.40 -16.62
C LYS A 121 -2.92 0.43 -15.12
N VAL A 122 -2.79 -0.75 -14.55
CA VAL A 122 -2.59 -0.94 -13.12
C VAL A 122 -1.48 -1.95 -12.87
N LYS A 123 -1.08 -2.10 -11.59
CA LYS A 123 -0.19 -3.15 -11.12
C LYS A 123 -0.47 -3.40 -9.65
N LEU A 124 -0.42 -4.66 -9.25
CA LEU A 124 -0.32 -5.05 -7.85
C LEU A 124 1.09 -4.76 -7.36
N LEU A 125 1.26 -4.44 -6.07
CA LEU A 125 2.57 -4.38 -5.43
C LEU A 125 2.59 -4.77 -3.94
N GLN A 126 1.47 -5.23 -3.35
CA GLN A 126 1.49 -6.11 -2.18
C GLN A 126 0.32 -7.07 -2.29
N LEU A 127 0.39 -8.21 -1.59
CA LEU A 127 -0.77 -8.98 -1.12
C LEU A 127 -0.75 -8.93 0.41
N TYR A 128 -1.91 -9.02 1.09
CA TYR A 128 -1.95 -8.94 2.55
C TYR A 128 -1.52 -10.30 3.12
N SER A 129 -0.95 -10.29 4.31
CA SER A 129 -0.71 -11.51 5.05
C SER A 129 -2.06 -12.09 5.49
N GLU A 130 -2.55 -13.09 4.74
CA GLU A 130 -3.78 -13.86 4.96
C GLU A 130 -4.97 -12.95 5.33
N ALA A 131 -5.31 -12.08 4.39
CA ALA A 131 -6.53 -11.27 4.41
C ALA A 131 -7.22 -11.28 3.06
N SER A 132 -8.53 -11.01 3.04
CA SER A 132 -9.27 -10.72 1.84
C SER A 132 -9.02 -9.26 1.44
N VAL A 133 -7.88 -8.98 0.81
CA VAL A 133 -7.66 -7.79 -0.02
C VAL A 133 -6.37 -7.95 -0.86
N ALA A 134 -6.12 -7.08 -1.84
CA ALA A 134 -4.85 -6.93 -2.56
C ALA A 134 -4.62 -5.45 -2.90
N LEU A 135 -3.35 -4.98 -2.97
CA LEU A 135 -2.92 -3.58 -3.02
C LEU A 135 -2.56 -3.12 -4.44
N LEU A 136 -3.54 -2.65 -5.21
CA LEU A 136 -3.37 -2.37 -6.63
C LEU A 136 -3.13 -0.89 -6.85
N LYS A 137 -1.88 -0.54 -7.16
CA LYS A 137 -1.44 0.83 -7.38
C LYS A 137 -1.99 1.30 -8.72
N LEU A 138 -3.03 2.14 -8.67
CA LEU A 138 -3.65 2.75 -9.84
C LEU A 138 -2.62 3.61 -10.56
N ASN A 139 -2.82 3.89 -11.85
CA ASN A 139 -2.02 4.87 -12.59
C ASN A 139 -2.87 5.99 -13.17
N ASN A 140 -4.19 5.92 -13.05
CA ASN A 140 -5.11 6.86 -13.67
C ASN A 140 -5.94 7.54 -12.59
N PRO A 141 -5.40 8.54 -11.87
CA PRO A 141 -6.08 9.17 -10.74
C PRO A 141 -7.33 9.97 -11.15
N LYS A 142 -7.62 10.11 -12.45
CA LYS A 142 -8.86 10.70 -12.92
C LYS A 142 -10.02 9.77 -12.52
N ASP A 143 -10.94 10.25 -11.70
CA ASP A 143 -12.18 9.65 -11.26
C ASP A 143 -12.10 8.20 -10.75
N PHE A 144 -10.94 7.70 -10.33
CA PHE A 144 -10.70 6.25 -10.33
C PHE A 144 -11.61 5.44 -9.41
N GLN A 145 -11.94 5.94 -8.20
CA GLN A 145 -12.88 5.25 -7.34
C GLN A 145 -14.33 5.48 -7.81
N GLU A 146 -14.62 6.65 -8.40
CA GLU A 146 -15.96 7.00 -8.87
C GLU A 146 -16.36 6.05 -9.99
N LEU A 147 -15.45 5.78 -10.93
CA LEU A 147 -15.56 4.80 -12.01
C LEU A 147 -16.15 3.47 -11.54
N ASN A 148 -15.74 3.03 -10.34
CA ASN A 148 -16.10 1.74 -9.77
C ASN A 148 -17.38 1.78 -8.94
N LYS A 149 -18.02 2.94 -8.83
CA LYS A 149 -19.36 3.11 -8.24
C LYS A 149 -20.29 3.93 -9.13
N GLN A 150 -20.10 3.95 -10.46
CA GLN A 150 -20.93 4.71 -11.42
C GLN A 150 -21.30 3.97 -12.70
N THR A 151 -21.05 2.66 -12.79
CA THR A 151 -21.23 1.91 -14.03
C THR A 151 -22.21 0.75 -13.82
N LYS A 152 -23.07 0.49 -14.81
CA LYS A 152 -23.99 -0.65 -14.79
C LYS A 152 -23.29 -1.90 -15.29
N LYS A 153 -22.16 -2.26 -14.67
CA LYS A 153 -21.50 -3.54 -14.88
C LYS A 153 -20.72 -3.88 -13.62
N ASN A 154 -20.43 -5.16 -13.44
CA ASN A 154 -19.90 -5.78 -12.22
C ASN A 154 -18.84 -6.78 -12.65
N MET A 155 -18.28 -7.57 -11.72
CA MET A 155 -17.11 -8.39 -12.00
C MET A 155 -17.28 -9.83 -11.52
N THR A 156 -16.46 -10.75 -12.01
CA THR A 156 -16.49 -12.15 -11.61
C THR A 156 -15.07 -12.71 -11.77
N ILE A 157 -14.71 -13.74 -11.02
CA ILE A 157 -13.58 -14.62 -11.26
C ILE A 157 -14.09 -16.01 -10.84
N ASP A 158 -13.81 -17.06 -11.62
CA ASP A 158 -14.26 -18.43 -11.30
C ASP A 158 -15.80 -18.55 -11.41
N GLY A 159 -16.45 -17.53 -11.97
CA GLY A 159 -17.89 -17.34 -11.95
C GLY A 159 -18.39 -16.71 -10.63
N LYS A 160 -17.51 -16.51 -9.65
CA LYS A 160 -17.80 -15.94 -8.34
C LYS A 160 -17.59 -14.42 -8.42
N GLU A 161 -18.59 -13.63 -8.06
CA GLU A 161 -18.51 -12.16 -8.01
C GLU A 161 -17.56 -11.66 -6.91
N LEU A 162 -17.25 -10.36 -6.96
CA LEU A 162 -16.32 -9.67 -6.07
C LEU A 162 -16.88 -8.28 -5.74
N THR A 163 -16.18 -7.54 -4.87
CA THR A 163 -16.45 -6.13 -4.57
C THR A 163 -15.09 -5.45 -4.41
N ILE A 164 -14.96 -4.18 -4.80
CA ILE A 164 -13.80 -3.39 -4.44
C ILE A 164 -14.00 -2.81 -3.04
N SER A 165 -12.92 -2.75 -2.26
CA SER A 165 -12.88 -2.03 -1.00
C SER A 165 -12.36 -0.60 -1.27
N PRO A 166 -12.83 0.42 -0.52
CA PRO A 166 -12.31 1.79 -0.59
C PRO A 166 -10.90 1.87 0.00
N ALA A 167 -10.21 3.01 -0.20
CA ALA A 167 -8.86 3.23 0.28
C ALA A 167 -8.70 4.66 0.82
N TYR A 168 -8.34 4.82 2.10
CA TYR A 168 -8.09 6.11 2.73
C TYR A 168 -6.71 6.17 3.38
N LEU A 169 -6.06 7.33 3.26
CA LEU A 169 -4.86 7.73 3.97
C LEU A 169 -5.27 8.14 5.37
N LEU A 170 -4.56 7.62 6.37
CA LEU A 170 -4.51 8.12 7.75
C LEU A 170 -3.04 8.24 8.15
N TRP A 171 -2.69 9.17 9.02
CA TRP A 171 -1.32 9.40 9.48
C TRP A 171 -1.31 9.67 10.98
N ASP A 172 -0.13 9.63 11.60
CA ASP A 172 0.19 10.11 12.94
C ASP A 172 1.68 10.43 12.94
N MET A 1 -11.08 -1.79 12.03
CA MET A 1 -9.90 -2.46 11.45
C MET A 1 -8.98 -1.41 10.82
N LYS A 2 -7.68 -1.70 10.68
CA LYS A 2 -6.66 -0.74 10.28
C LYS A 2 -5.36 -1.45 9.91
N VAL A 3 -4.34 -0.72 9.47
CA VAL A 3 -3.07 -1.26 8.99
C VAL A 3 -1.91 -0.34 9.41
N PRO A 4 -1.31 -0.47 10.61
CA PRO A 4 -0.17 0.37 10.99
C PRO A 4 1.04 0.05 10.11
N MET A 5 1.75 1.09 9.70
CA MET A 5 3.04 1.03 9.01
C MET A 5 3.79 2.33 9.33
N LEU A 6 5.12 2.35 9.16
CA LEU A 6 5.88 3.57 9.36
C LEU A 6 5.91 4.32 8.04
N VAL A 7 5.60 5.61 8.07
CA VAL A 7 5.76 6.49 6.93
C VAL A 7 6.93 7.43 7.26
N LEU A 8 7.64 7.89 6.23
CA LEU A 8 8.91 8.61 6.31
C LEU A 8 8.97 9.59 5.14
N ASP A 9 9.94 10.50 5.15
CA ASP A 9 10.17 11.49 4.08
C ASP A 9 11.61 11.38 3.50
N PRO A 10 12.01 10.21 2.95
CA PRO A 10 13.27 10.03 2.24
C PRO A 10 13.22 10.70 0.87
N ALA A 11 14.27 10.48 0.07
CA ALA A 11 14.24 10.40 -1.39
C ALA A 11 15.50 9.65 -1.80
N LEU A 12 15.38 8.38 -2.18
CA LEU A 12 16.49 7.58 -2.71
C LEU A 12 16.48 7.66 -4.25
N PRO A 13 17.59 7.32 -4.93
CA PRO A 13 17.63 7.27 -6.39
C PRO A 13 16.91 6.03 -6.90
N ALA A 14 16.66 5.99 -8.22
CA ALA A 14 16.02 4.89 -8.93
C ALA A 14 16.96 3.67 -9.07
N ASN A 15 17.56 3.20 -7.97
CA ASN A 15 18.43 2.02 -7.95
C ASN A 15 18.17 1.15 -6.72
N ILE A 16 17.69 1.73 -5.61
CA ILE A 16 17.43 1.00 -4.37
C ILE A 16 16.30 0.00 -4.59
N THR A 17 16.29 -1.05 -3.77
CA THR A 17 15.26 -2.08 -3.67
C THR A 17 15.17 -2.50 -2.20
N LEU A 18 14.35 -3.50 -1.88
CA LEU A 18 14.26 -4.14 -0.56
C LEU A 18 15.65 -4.61 -0.08
N LYS A 19 16.50 -5.12 -0.98
CA LYS A 19 17.87 -5.52 -0.62
C LYS A 19 18.69 -4.32 -0.15
N ASP A 20 18.68 -3.21 -0.91
CA ASP A 20 19.60 -2.11 -0.64
C ASP A 20 19.09 -1.20 0.49
N LEU A 21 17.79 -1.27 0.81
CA LEU A 21 17.17 -0.56 1.93
C LEU A 21 17.97 -0.73 3.24
N PRO A 22 18.12 -1.92 3.85
CA PRO A 22 18.86 -2.07 5.10
C PRO A 22 20.36 -1.79 4.97
N SER A 23 20.87 -1.54 3.76
CA SER A 23 22.24 -1.16 3.57
C SER A 23 22.41 0.25 4.15
N LEU A 24 21.34 1.06 4.14
CA LEU A 24 21.31 2.44 4.63
C LEU A 24 20.40 2.63 5.84
N TYR A 25 19.54 1.66 6.16
CA TYR A 25 18.47 1.79 7.15
C TYR A 25 18.50 0.62 8.15
N PRO A 26 19.55 0.48 8.99
CA PRO A 26 19.69 -0.66 9.88
C PRO A 26 18.55 -0.76 10.89
N SER A 27 18.08 0.36 11.47
CA SER A 27 16.99 0.32 12.44
C SER A 27 15.67 -0.15 11.82
N PHE A 28 15.55 -0.10 10.48
CA PHE A 28 14.35 -0.44 9.73
C PHE A 28 14.53 -1.78 9.00
N HIS A 29 15.55 -2.58 9.32
CA HIS A 29 15.87 -3.80 8.57
C HIS A 29 14.72 -4.81 8.52
N SER A 30 13.80 -4.75 9.46
CA SER A 30 12.68 -5.66 9.64
C SER A 30 11.55 -5.48 8.61
N ALA A 31 11.68 -4.57 7.64
CA ALA A 31 10.71 -4.38 6.59
C ALA A 31 10.77 -5.56 5.64
N SER A 32 9.61 -5.95 5.12
CA SER A 32 9.48 -6.95 4.09
C SER A 32 8.82 -6.36 2.85
N ASP A 33 8.84 -5.02 2.69
CA ASP A 33 8.52 -4.39 1.39
C ASP A 33 8.90 -2.91 1.44
N ILE A 34 9.19 -2.28 0.29
CA ILE A 34 9.43 -0.84 0.19
C ILE A 34 9.14 -0.34 -1.23
N PHE A 35 8.39 0.76 -1.40
CA PHE A 35 8.18 1.38 -2.71
C PHE A 35 8.38 2.89 -2.67
N ASN A 36 9.28 3.40 -3.53
CA ASN A 36 9.52 4.82 -3.76
C ASN A 36 8.35 5.38 -4.57
N VAL A 37 7.75 6.48 -4.11
CA VAL A 37 6.54 7.13 -4.65
C VAL A 37 6.62 8.65 -4.41
N ALA A 38 5.62 9.42 -4.89
CA ALA A 38 5.52 10.86 -4.63
C ALA A 38 4.67 11.16 -3.40
N LYS A 39 4.83 12.36 -2.81
CA LYS A 39 4.14 12.73 -1.58
C LYS A 39 2.69 13.17 -1.89
N PRO A 40 1.69 12.89 -1.02
CA PRO A 40 0.27 13.16 -1.28
C PRO A 40 -0.15 14.63 -1.41
N LYS A 41 0.74 15.60 -1.20
CA LYS A 41 0.49 17.02 -1.48
C LYS A 41 1.61 17.66 -2.30
N ASN A 42 2.66 16.93 -2.65
CA ASN A 42 3.89 17.52 -3.15
C ASN A 42 4.53 16.58 -4.16
N PRO A 43 4.11 16.65 -5.43
CA PRO A 43 4.61 15.75 -6.47
C PRO A 43 6.04 16.09 -6.90
N SER A 44 6.60 17.21 -6.45
CA SER A 44 8.02 17.51 -6.61
C SER A 44 8.81 16.56 -5.72
N THR A 45 8.44 16.46 -4.44
CA THR A 45 9.18 15.63 -3.53
C THR A 45 8.78 14.16 -3.69
N ASN A 46 9.78 13.34 -3.95
CA ASN A 46 9.64 11.90 -3.94
C ASN A 46 10.01 11.42 -2.55
N VAL A 47 9.47 10.29 -2.13
CA VAL A 47 9.51 9.71 -0.79
C VAL A 47 9.52 8.18 -0.96
N SER A 48 9.23 7.41 0.08
CA SER A 48 9.04 5.97 -0.01
C SER A 48 7.89 5.57 0.91
N VAL A 49 7.58 4.28 0.98
CA VAL A 49 6.60 3.63 1.84
C VAL A 49 7.27 2.32 2.27
N VAL A 50 7.21 1.95 3.55
CA VAL A 50 7.87 0.76 4.08
C VAL A 50 6.84 -0.06 4.85
N VAL A 51 6.91 -1.40 4.77
CA VAL A 51 5.89 -2.31 5.29
C VAL A 51 6.58 -3.29 6.26
N PHE A 52 5.88 -3.64 7.35
CA PHE A 52 6.35 -4.52 8.42
C PHE A 52 5.22 -5.45 8.83
N ASP A 53 5.57 -6.63 9.33
CA ASP A 53 4.61 -7.69 9.59
C ASP A 53 3.69 -7.38 10.76
N SER A 54 4.16 -6.70 11.80
CA SER A 54 3.27 -6.24 12.86
C SER A 54 3.95 -5.17 13.72
N THR A 55 3.22 -4.74 14.75
CA THR A 55 3.69 -3.91 15.83
C THR A 55 4.63 -4.61 16.81
N LYS A 56 5.04 -5.86 16.54
CA LYS A 56 6.34 -6.32 17.04
C LYS A 56 7.42 -5.33 16.59
N ASP A 57 7.46 -5.03 15.29
CA ASP A 57 8.52 -4.21 14.72
C ASP A 57 8.11 -2.75 14.62
N VAL A 58 6.87 -2.43 14.25
CA VAL A 58 6.48 -1.03 14.04
C VAL A 58 6.73 -0.18 15.30
N GLU A 59 6.61 -0.77 16.49
CA GLU A 59 6.83 -0.10 17.75
C GLU A 59 8.33 0.12 17.97
N ASP A 60 9.16 -0.93 17.88
CA ASP A 60 10.60 -0.85 18.14
C ASP A 60 11.31 -0.01 17.07
N ALA A 61 10.99 -0.24 15.79
CA ALA A 61 11.62 0.41 14.65
C ALA A 61 11.46 1.92 14.75
N HIS A 62 10.31 2.40 15.24
CA HIS A 62 10.11 3.83 15.43
C HIS A 62 11.13 4.37 16.43
N SER A 63 11.32 3.68 17.55
CA SER A 63 12.29 4.03 18.58
C SER A 63 13.74 3.94 18.05
N GLY A 64 13.95 3.28 16.91
CA GLY A 64 15.25 3.09 16.27
C GLY A 64 16.00 4.38 15.97
N LEU A 65 15.28 5.50 15.80
CA LEU A 65 15.85 6.82 15.50
C LEU A 65 15.59 7.83 16.62
N LEU A 66 15.18 7.35 17.79
CA LEU A 66 14.91 8.15 18.97
C LEU A 66 16.14 8.07 19.87
N LYS A 67 17.27 8.63 19.41
CA LYS A 67 18.54 8.54 20.08
C LYS A 67 19.33 9.81 19.76
N GLY A 68 19.18 10.84 20.60
CA GLY A 68 19.79 12.14 20.43
C GLY A 68 19.11 12.92 19.31
N ASN A 69 19.47 12.62 18.07
CA ASN A 69 18.95 13.24 16.86
C ASN A 69 18.83 12.17 15.77
N SER A 70 18.30 12.53 14.60
CA SER A 70 18.29 11.69 13.42
C SER A 70 18.37 12.59 12.17
N ARG A 71 18.72 12.00 11.03
CA ARG A 71 18.70 12.66 9.72
C ARG A 71 17.61 12.02 8.86
N GLN A 72 16.55 11.53 9.49
CA GLN A 72 15.43 10.86 8.87
C GLN A 72 14.18 11.11 9.71
N THR A 73 13.03 10.88 9.11
CA THR A 73 11.69 11.05 9.63
C THR A 73 11.08 9.69 9.93
N VAL A 74 10.12 9.66 10.83
CA VAL A 74 9.26 8.54 11.14
C VAL A 74 7.91 9.12 11.56
N TRP A 75 6.82 8.64 10.99
CA TRP A 75 5.43 8.90 11.36
C TRP A 75 4.72 7.55 11.47
N ARG A 76 3.56 7.51 12.13
CA ARG A 76 2.76 6.28 12.24
C ARG A 76 1.57 6.46 11.33
N GLY A 77 1.65 5.83 10.17
CA GLY A 77 0.61 5.88 9.18
C GLY A 77 -0.32 4.69 9.36
N TYR A 78 -1.58 4.87 9.01
CA TYR A 78 -2.58 3.82 8.98
C TYR A 78 -3.36 3.90 7.68
N LEU A 79 -3.90 2.76 7.26
CA LEU A 79 -4.78 2.61 6.11
C LEU A 79 -5.99 1.83 6.62
N THR A 80 -7.19 2.13 6.11
CA THR A 80 -8.43 1.43 6.44
C THR A 80 -9.49 1.78 5.39
N THR A 81 -10.65 1.13 5.51
CA THR A 81 -11.78 1.20 4.61
C THR A 81 -12.91 2.08 5.20
N ASP A 82 -12.80 2.53 6.45
CA ASP A 82 -13.94 3.03 7.20
C ASP A 82 -14.23 4.51 6.91
N LYS A 83 -15.32 4.78 6.21
CA LYS A 83 -15.81 6.13 5.97
C LYS A 83 -16.55 6.64 7.21
N GLU A 84 -15.87 6.66 8.35
CA GLU A 84 -16.32 7.16 9.64
C GLU A 84 -15.13 7.83 10.34
N VAL A 85 -14.51 8.82 9.69
CA VAL A 85 -13.49 9.68 10.29
C VAL A 85 -13.75 11.09 9.76
N PRO A 86 -13.61 12.17 10.55
CA PRO A 86 -13.73 13.53 10.05
C PRO A 86 -12.48 13.95 9.26
N GLY A 87 -12.61 13.98 7.94
CA GLY A 87 -11.58 14.50 7.03
C GLY A 87 -11.36 13.68 5.76
N LEU A 88 -11.96 12.49 5.63
CA LEU A 88 -11.36 11.32 4.95
C LEU A 88 -10.66 11.64 3.64
N VAL A 89 -9.35 11.78 3.74
CA VAL A 89 -8.41 11.98 2.66
C VAL A 89 -8.28 10.66 1.90
N LEU A 90 -8.39 10.69 0.57
CA LEU A 90 -8.16 9.52 -0.28
C LEU A 90 -6.65 9.22 -0.35
N MET A 91 -6.28 7.99 -0.68
CA MET A 91 -4.90 7.53 -0.75
C MET A 91 -4.20 7.99 -2.03
N GLN A 92 -2.90 7.67 -2.10
CA GLN A 92 -1.95 8.05 -3.13
C GLN A 92 -2.06 7.11 -4.33
N ASP A 93 -1.56 5.88 -4.22
CA ASP A 93 -1.54 4.90 -5.31
C ASP A 93 -1.81 3.46 -4.84
N LEU A 94 -2.41 3.32 -3.65
CA LEU A 94 -2.91 2.07 -3.08
C LEU A 94 -4.37 1.86 -3.49
N ALA A 95 -4.79 0.60 -3.61
CA ALA A 95 -6.19 0.16 -3.57
C ALA A 95 -6.23 -1.22 -2.90
N PHE A 96 -7.43 -1.70 -2.55
CA PHE A 96 -7.73 -3.03 -2.01
C PHE A 96 -8.48 -3.85 -3.08
N LEU A 97 -8.74 -5.14 -2.82
CA LEU A 97 -9.50 -6.10 -3.62
C LEU A 97 -9.87 -7.25 -2.66
N SER A 98 -11.13 -7.72 -2.65
CA SER A 98 -11.57 -8.92 -1.91
C SER A 98 -12.51 -9.77 -2.80
N GLY A 99 -12.96 -10.92 -2.30
CA GLY A 99 -14.11 -11.66 -2.86
C GLY A 99 -13.75 -12.83 -3.78
N PHE A 100 -12.48 -13.02 -4.10
CA PHE A 100 -11.99 -14.12 -4.93
C PHE A 100 -12.11 -15.46 -4.19
N PRO A 101 -12.26 -16.59 -4.91
CA PRO A 101 -12.46 -17.92 -4.32
C PRO A 101 -11.17 -18.53 -3.75
N PRO A 102 -11.27 -19.61 -2.94
CA PRO A 102 -10.12 -20.27 -2.30
C PRO A 102 -9.14 -20.97 -3.25
N THR A 103 -9.42 -21.01 -4.56
CA THR A 103 -8.45 -21.47 -5.55
C THR A 103 -7.28 -20.48 -5.73
N PHE A 104 -7.25 -19.38 -4.97
CA PHE A 104 -6.19 -18.39 -5.04
C PHE A 104 -5.28 -18.47 -3.79
N LYS A 105 -3.98 -18.70 -4.03
CA LYS A 105 -2.88 -18.59 -3.07
C LYS A 105 -1.60 -17.96 -3.63
N GLU A 106 -1.41 -17.82 -4.95
CA GLU A 106 -0.16 -17.33 -5.56
C GLU A 106 -0.31 -15.83 -5.89
N THR A 107 0.76 -15.09 -6.19
CA THR A 107 0.64 -13.69 -6.62
C THR A 107 0.33 -13.67 -8.12
N ASN A 108 1.06 -14.47 -8.93
CA ASN A 108 1.09 -14.25 -10.38
C ASN A 108 -0.12 -14.86 -11.09
N GLN A 109 -0.91 -15.67 -10.41
CA GLN A 109 -2.13 -16.22 -10.94
C GLN A 109 -3.09 -15.10 -11.37
N LEU A 110 -3.46 -14.26 -10.41
CA LEU A 110 -4.50 -13.26 -10.60
C LEU A 110 -4.03 -12.16 -11.54
N LYS A 111 -2.73 -11.98 -11.79
CA LYS A 111 -2.18 -10.97 -12.72
C LYS A 111 -2.92 -10.95 -14.05
N THR A 112 -3.28 -12.11 -14.57
CA THR A 112 -3.88 -12.26 -15.89
C THR A 112 -5.29 -12.82 -15.78
N LYS A 113 -5.70 -13.34 -14.62
CA LYS A 113 -7.07 -13.77 -14.38
C LYS A 113 -8.00 -12.60 -13.98
N LEU A 114 -7.51 -11.36 -14.06
CA LEU A 114 -8.23 -10.16 -13.66
C LEU A 114 -9.54 -10.01 -14.43
N PRO A 115 -10.56 -9.37 -13.82
CA PRO A 115 -11.81 -9.03 -14.51
C PRO A 115 -11.66 -8.06 -15.70
N GLU A 116 -10.44 -7.63 -16.04
CA GLU A 116 -10.03 -6.75 -17.13
C GLU A 116 -10.43 -5.30 -16.88
N ASN A 117 -11.70 -5.03 -16.57
CA ASN A 117 -12.20 -3.70 -16.21
C ASN A 117 -11.50 -3.05 -15.01
N LEU A 118 -10.70 -3.79 -14.24
CA LEU A 118 -9.91 -3.31 -13.10
C LEU A 118 -8.42 -3.59 -13.36
N SER A 119 -7.96 -3.47 -14.60
CA SER A 119 -6.66 -3.93 -15.06
C SER A 119 -6.01 -2.93 -16.03
N SER A 120 -6.48 -1.68 -16.05
CA SER A 120 -6.10 -0.69 -17.06
C SER A 120 -4.66 -0.26 -16.82
N LYS A 121 -4.33 0.16 -15.59
CA LYS A 121 -3.03 0.72 -15.23
C LYS A 121 -2.58 0.26 -13.84
N VAL A 122 -3.11 -0.88 -13.41
CA VAL A 122 -2.92 -1.42 -12.08
C VAL A 122 -2.27 -2.79 -12.15
N LYS A 123 -1.71 -3.25 -11.03
CA LYS A 123 -1.09 -4.55 -10.85
C LYS A 123 -1.09 -4.90 -9.38
N LEU A 124 -0.79 -6.17 -9.12
CA LEU A 124 -0.59 -6.77 -7.81
C LEU A 124 0.87 -6.52 -7.43
N LEU A 125 1.12 -6.00 -6.22
CA LEU A 125 2.45 -6.05 -5.59
C LEU A 125 2.39 -6.29 -4.07
N GLN A 126 1.22 -6.63 -3.54
CA GLN A 126 1.04 -6.96 -2.14
C GLN A 126 -0.08 -8.01 -2.09
N LEU A 127 0.27 -9.30 -2.19
CA LEU A 127 -0.72 -10.35 -1.91
C LEU A 127 -1.01 -10.35 -0.40
N TYR A 128 -2.06 -11.04 0.02
CA TYR A 128 -2.32 -11.40 1.40
C TYR A 128 -1.19 -12.30 1.91
N SER A 129 -1.13 -12.48 3.23
CA SER A 129 -0.46 -13.60 3.87
C SER A 129 -1.60 -14.44 4.46
N GLU A 130 -2.07 -15.40 3.67
CA GLU A 130 -3.08 -16.42 3.97
C GLU A 130 -4.52 -15.91 4.21
N ALA A 131 -4.70 -14.60 4.34
CA ALA A 131 -5.98 -13.89 4.36
C ALA A 131 -6.64 -13.93 2.97
N SER A 132 -7.76 -13.23 2.80
CA SER A 132 -8.50 -13.17 1.54
C SER A 132 -8.66 -11.72 1.03
N VAL A 133 -7.61 -10.89 1.13
CA VAL A 133 -7.64 -9.47 0.72
C VAL A 133 -6.24 -9.09 0.21
N ALA A 134 -6.11 -8.57 -1.02
CA ALA A 134 -4.82 -8.14 -1.58
C ALA A 134 -4.88 -6.66 -1.95
N LEU A 135 -3.75 -5.94 -1.81
CA LEU A 135 -3.65 -4.54 -2.20
C LEU A 135 -3.23 -4.47 -3.67
N LEU A 136 -3.08 -3.25 -4.17
CA LEU A 136 -2.83 -2.92 -5.56
C LEU A 136 -1.81 -1.78 -5.64
N LYS A 137 -1.39 -1.48 -6.86
CA LYS A 137 -0.65 -0.28 -7.23
C LYS A 137 -1.37 0.35 -8.40
N LEU A 138 -1.84 1.59 -8.29
CA LEU A 138 -2.47 2.31 -9.39
C LEU A 138 -1.56 3.42 -9.91
N ASN A 139 -1.10 3.27 -11.14
CA ASN A 139 -0.16 4.20 -11.73
C ASN A 139 -0.81 5.52 -12.16
N ASN A 140 -2.14 5.64 -12.13
CA ASN A 140 -2.89 6.80 -12.60
C ASN A 140 -3.97 7.15 -11.55
N PRO A 141 -3.65 7.93 -10.51
CA PRO A 141 -4.60 8.33 -9.46
C PRO A 141 -5.73 9.22 -9.97
N LYS A 142 -5.69 9.66 -11.21
CA LYS A 142 -6.67 10.56 -11.79
C LYS A 142 -8.06 9.92 -11.86
N ASP A 143 -8.12 8.60 -12.10
CA ASP A 143 -9.38 7.87 -12.30
C ASP A 143 -9.66 6.85 -11.21
N PHE A 144 -8.73 6.60 -10.28
CA PHE A 144 -9.04 5.71 -9.16
C PHE A 144 -10.15 6.28 -8.31
N GLN A 145 -10.10 7.58 -8.02
CA GLN A 145 -11.12 8.23 -7.22
C GLN A 145 -12.51 8.05 -7.86
N GLU A 146 -12.57 8.00 -9.20
CA GLU A 146 -13.78 7.81 -9.97
C GLU A 146 -14.21 6.35 -9.84
N LEU A 147 -13.31 5.41 -10.17
CA LEU A 147 -13.52 3.96 -10.12
C LEU A 147 -14.08 3.56 -8.76
N ASN A 148 -13.44 4.02 -7.68
CA ASN A 148 -13.79 3.74 -6.30
C ASN A 148 -15.26 4.06 -5.99
N LYS A 149 -15.81 5.09 -6.65
CA LYS A 149 -17.19 5.54 -6.49
C LYS A 149 -18.12 5.04 -7.60
N GLN A 150 -17.61 4.42 -8.67
CA GLN A 150 -18.39 4.17 -9.88
C GLN A 150 -19.51 3.14 -9.64
N THR A 151 -20.39 3.05 -10.63
CA THR A 151 -21.60 2.23 -10.69
C THR A 151 -21.72 1.58 -12.09
N LYS A 152 -20.57 1.37 -12.75
CA LYS A 152 -20.42 1.15 -14.20
C LYS A 152 -19.43 0.00 -14.44
N LYS A 153 -19.61 -1.13 -13.76
CA LYS A 153 -19.02 -2.42 -14.12
C LYS A 153 -19.69 -3.53 -13.31
N ASN A 154 -19.70 -4.74 -13.83
CA ASN A 154 -19.73 -5.98 -13.05
C ASN A 154 -18.35 -6.61 -13.20
N MET A 155 -17.92 -7.45 -12.25
CA MET A 155 -16.59 -8.03 -12.22
C MET A 155 -16.71 -9.47 -11.78
N THR A 156 -16.07 -10.39 -12.49
CA THR A 156 -16.13 -11.83 -12.25
C THR A 156 -14.76 -12.48 -12.48
N ILE A 157 -14.55 -13.66 -11.91
CA ILE A 157 -13.45 -14.58 -12.13
C ILE A 157 -14.07 -15.97 -12.11
N ASP A 158 -14.09 -16.66 -13.26
CA ASP A 158 -14.58 -18.04 -13.43
C ASP A 158 -16.04 -18.23 -13.00
N GLY A 159 -16.77 -17.12 -12.83
CA GLY A 159 -18.16 -17.11 -12.42
C GLY A 159 -18.38 -16.68 -10.96
N LYS A 160 -17.33 -16.38 -10.20
CA LYS A 160 -17.44 -15.73 -8.89
C LYS A 160 -17.25 -14.24 -9.12
N GLU A 161 -18.23 -13.42 -8.77
CA GLU A 161 -18.04 -11.98 -8.78
C GLU A 161 -17.28 -11.48 -7.55
N LEU A 162 -16.83 -10.22 -7.60
CA LEU A 162 -15.95 -9.63 -6.62
C LEU A 162 -16.40 -8.20 -6.33
N THR A 163 -15.90 -7.61 -5.25
CA THR A 163 -16.18 -6.23 -4.86
C THR A 163 -14.83 -5.59 -4.52
N ILE A 164 -14.68 -4.28 -4.71
CA ILE A 164 -13.51 -3.55 -4.28
C ILE A 164 -13.89 -2.70 -3.07
N SER A 165 -13.00 -2.66 -2.10
CA SER A 165 -13.18 -1.93 -0.85
C SER A 165 -12.76 -0.47 -1.07
N PRO A 166 -13.36 0.49 -0.34
CA PRO A 166 -12.91 1.87 -0.33
C PRO A 166 -11.54 1.98 0.36
N ALA A 167 -10.79 3.06 0.12
CA ALA A 167 -9.44 3.22 0.64
C ALA A 167 -9.24 4.68 1.05
N TYR A 168 -8.57 4.93 2.18
CA TYR A 168 -8.31 6.26 2.73
C TYR A 168 -6.90 6.35 3.31
N LEU A 169 -6.38 7.56 3.51
CA LEU A 169 -5.07 7.80 4.08
C LEU A 169 -5.28 8.35 5.49
N LEU A 170 -4.87 7.62 6.52
CA LEU A 170 -4.92 8.09 7.89
C LEU A 170 -3.47 8.27 8.35
N TRP A 171 -3.21 9.31 9.11
CA TRP A 171 -1.89 9.68 9.61
C TRP A 171 -2.00 10.24 11.03
N ASP A 172 -2.77 9.52 11.82
CA ASP A 172 -3.28 9.81 13.15
C ASP A 172 -4.40 10.83 13.09
N MET A 1 -11.18 -2.16 9.93
CA MET A 1 -10.14 -1.94 10.93
C MET A 1 -8.90 -1.41 10.24
N LYS A 2 -8.08 -0.66 10.97
CA LYS A 2 -6.82 -0.16 10.46
C LYS A 2 -5.81 -1.28 10.25
N VAL A 3 -4.69 -0.96 9.61
CA VAL A 3 -3.60 -1.90 9.37
C VAL A 3 -2.32 -1.31 9.97
N PRO A 4 -1.41 -2.10 10.57
CA PRO A 4 -0.14 -1.59 11.08
C PRO A 4 0.90 -1.49 9.96
N MET A 5 1.38 -0.28 9.64
CA MET A 5 2.64 -0.08 8.92
C MET A 5 3.39 1.07 9.59
N LEU A 6 4.60 1.38 9.12
CA LEU A 6 5.27 2.64 9.43
C LEU A 6 5.26 3.52 8.19
N VAL A 7 5.36 4.83 8.39
CA VAL A 7 5.46 5.81 7.33
C VAL A 7 6.61 6.75 7.69
N LEU A 8 7.32 7.24 6.69
CA LEU A 8 8.57 7.97 6.83
C LEU A 8 8.63 9.00 5.73
N ASP A 9 9.49 10.01 5.90
CA ASP A 9 9.61 11.14 4.98
C ASP A 9 11.05 11.25 4.41
N PRO A 10 11.62 10.18 3.81
CA PRO A 10 12.95 10.16 3.18
C PRO A 10 12.88 10.75 1.76
N ALA A 11 13.90 10.52 0.92
CA ALA A 11 13.67 10.25 -0.51
C ALA A 11 14.46 8.99 -0.88
N LEU A 12 14.05 8.28 -1.93
CA LEU A 12 14.79 7.20 -2.58
C LEU A 12 14.40 7.21 -4.07
N PRO A 13 15.33 6.90 -4.99
CA PRO A 13 15.08 7.00 -6.42
C PRO A 13 14.21 5.85 -6.94
N ALA A 14 13.51 6.07 -8.04
CA ALA A 14 12.62 5.09 -8.66
C ALA A 14 13.34 3.81 -9.11
N ASN A 15 14.67 3.80 -9.19
CA ASN A 15 15.43 2.65 -9.70
C ASN A 15 15.56 1.51 -8.69
N ILE A 16 15.06 1.65 -7.45
CA ILE A 16 15.23 0.63 -6.41
C ILE A 16 14.03 -0.32 -6.39
N THR A 17 14.22 -1.47 -5.75
CA THR A 17 13.21 -2.51 -5.54
C THR A 17 13.02 -2.75 -4.03
N LEU A 18 12.37 -3.85 -3.67
CA LEU A 18 12.38 -4.39 -2.34
C LEU A 18 13.80 -4.90 -1.99
N LYS A 19 14.60 -5.33 -2.96
CA LYS A 19 15.88 -5.97 -2.66
C LYS A 19 16.86 -4.99 -2.03
N ASP A 20 16.80 -3.69 -2.38
CA ASP A 20 17.70 -2.68 -1.81
C ASP A 20 17.00 -1.84 -0.72
N LEU A 21 15.80 -2.24 -0.26
CA LEU A 21 15.09 -1.64 0.88
C LEU A 21 16.04 -1.38 2.07
N PRO A 22 16.70 -2.41 2.63
CA PRO A 22 17.47 -2.23 3.86
C PRO A 22 18.76 -1.45 3.64
N SER A 23 19.17 -1.22 2.38
CA SER A 23 20.39 -0.47 2.10
C SER A 23 20.26 0.98 2.55
N LEU A 24 19.05 1.57 2.50
CA LEU A 24 18.84 2.92 3.02
C LEU A 24 18.22 2.89 4.40
N TYR A 25 17.49 1.83 4.76
CA TYR A 25 16.83 1.70 6.05
C TYR A 25 17.25 0.38 6.69
N PRO A 26 18.50 0.27 7.18
CA PRO A 26 18.96 -0.99 7.77
C PRO A 26 18.13 -1.41 8.98
N SER A 27 17.52 -0.46 9.71
CA SER A 27 16.59 -0.78 10.80
C SER A 27 15.25 -1.32 10.31
N PHE A 28 14.93 -1.26 9.00
CA PHE A 28 13.68 -1.73 8.41
C PHE A 28 13.94 -3.00 7.56
N HIS A 29 14.86 -3.85 8.00
CA HIS A 29 15.14 -5.10 7.31
C HIS A 29 13.91 -6.04 7.24
N SER A 30 13.05 -6.04 8.25
CA SER A 30 11.97 -7.01 8.41
C SER A 30 10.66 -6.60 7.71
N ALA A 31 10.75 -5.91 6.58
CA ALA A 31 9.63 -5.56 5.73
C ALA A 31 9.76 -6.39 4.45
N SER A 32 8.65 -6.62 3.76
CA SER A 32 8.62 -7.49 2.57
C SER A 32 8.02 -6.73 1.39
N ASP A 33 7.88 -5.40 1.46
CA ASP A 33 7.65 -4.60 0.24
C ASP A 33 8.00 -3.14 0.47
N ILE A 34 8.23 -2.41 -0.63
CA ILE A 34 8.52 -0.99 -0.60
C ILE A 34 8.15 -0.35 -1.94
N PHE A 35 7.87 0.95 -1.94
CA PHE A 35 7.65 1.75 -3.13
C PHE A 35 8.01 3.22 -2.85
N ASN A 36 8.64 3.89 -3.83
CA ASN A 36 8.88 5.34 -3.85
C ASN A 36 7.61 6.02 -4.36
N VAL A 37 7.24 7.14 -3.75
CA VAL A 37 6.09 7.96 -4.11
C VAL A 37 6.45 9.43 -3.89
N ALA A 38 5.61 10.36 -4.32
CA ALA A 38 5.74 11.79 -4.01
C ALA A 38 4.93 12.11 -2.76
N LYS A 39 5.17 13.27 -2.14
CA LYS A 39 4.34 13.73 -1.03
C LYS A 39 2.93 14.03 -1.54
N PRO A 40 1.89 13.83 -0.72
CA PRO A 40 0.50 14.05 -1.11
C PRO A 40 0.23 15.52 -1.45
N LYS A 41 0.89 16.43 -0.73
CA LYS A 41 0.61 17.86 -0.73
C LYS A 41 1.87 18.68 -0.99
N ASN A 42 2.97 18.07 -1.43
CA ASN A 42 4.17 18.78 -1.85
C ASN A 42 4.85 18.03 -3.00
N PRO A 43 4.40 18.21 -4.25
CA PRO A 43 4.97 17.51 -5.41
C PRO A 43 6.41 17.94 -5.75
N SER A 44 6.98 18.92 -5.03
CA SER A 44 8.41 19.23 -5.08
C SER A 44 9.25 18.21 -4.30
N THR A 45 8.69 17.09 -3.81
CA THR A 45 9.45 16.13 -3.03
C THR A 45 9.01 14.68 -3.29
N ASN A 46 9.96 13.77 -3.07
CA ASN A 46 9.80 12.32 -3.14
C ASN A 46 10.01 11.76 -1.75
N VAL A 47 9.36 10.64 -1.47
CA VAL A 47 9.36 9.90 -0.22
C VAL A 47 9.29 8.40 -0.58
N SER A 48 9.09 7.53 0.40
CA SER A 48 8.83 6.12 0.18
C SER A 48 7.95 5.58 1.30
N VAL A 49 7.38 4.40 1.08
CA VAL A 49 6.49 3.73 2.03
C VAL A 49 6.89 2.25 2.02
N VAL A 50 6.71 1.59 3.19
CA VAL A 50 7.18 0.24 3.48
C VAL A 50 5.97 -0.58 3.99
N VAL A 51 6.06 -1.91 3.98
CA VAL A 51 5.00 -2.83 4.39
C VAL A 51 5.62 -3.96 5.23
N PHE A 52 4.90 -4.46 6.24
CA PHE A 52 5.32 -5.54 7.13
C PHE A 52 4.27 -6.67 7.13
N ASP A 53 4.32 -7.58 8.11
CA ASP A 53 3.38 -8.68 8.34
C ASP A 53 2.37 -8.31 9.42
N SER A 54 2.86 -8.04 10.64
CA SER A 54 2.06 -7.75 11.83
C SER A 54 2.77 -6.73 12.70
N THR A 55 2.20 -6.44 13.88
CA THR A 55 2.84 -5.61 14.90
C THR A 55 4.24 -6.13 15.25
N LYS A 56 4.47 -7.44 15.18
CA LYS A 56 5.60 -8.11 15.82
C LYS A 56 6.95 -7.85 15.17
N ASP A 57 7.02 -7.33 13.94
CA ASP A 57 8.26 -6.88 13.32
C ASP A 57 8.22 -5.36 13.14
N VAL A 58 7.03 -4.76 13.13
CA VAL A 58 6.74 -3.33 13.05
C VAL A 58 7.26 -2.56 14.25
N GLU A 59 6.92 -3.02 15.45
CA GLU A 59 7.18 -2.26 16.67
C GLU A 59 8.68 -2.11 16.89
N ASP A 60 9.39 -3.22 16.73
CA ASP A 60 10.84 -3.32 16.72
C ASP A 60 11.45 -2.42 15.65
N ALA A 61 10.89 -2.36 14.44
CA ALA A 61 11.39 -1.46 13.40
C ALA A 61 11.24 -0.01 13.85
N HIS A 62 10.12 0.34 14.48
CA HIS A 62 9.91 1.67 15.02
C HIS A 62 10.93 1.98 16.12
N SER A 63 11.23 1.00 16.97
CA SER A 63 12.21 1.04 18.05
C SER A 63 13.63 1.35 17.55
N GLY A 64 13.92 1.22 16.25
CA GLY A 64 15.16 1.58 15.60
C GLY A 64 15.60 3.01 15.88
N LEU A 65 14.93 4.00 15.28
CA LEU A 65 15.42 5.38 15.21
C LEU A 65 14.99 6.25 16.40
N LEU A 66 14.57 5.63 17.50
CA LEU A 66 14.09 6.33 18.70
C LEU A 66 15.25 6.95 19.47
N LYS A 67 15.80 8.07 19.00
CA LYS A 67 16.78 8.90 19.70
C LYS A 67 16.74 10.29 19.11
N GLY A 68 17.62 11.20 19.53
CA GLY A 68 17.91 12.45 18.83
C GLY A 68 19.17 12.29 17.99
N ASN A 69 19.17 11.46 16.93
CA ASN A 69 20.36 11.43 16.05
C ASN A 69 20.09 11.14 14.57
N SER A 70 19.04 10.41 14.26
CA SER A 70 18.85 9.81 12.95
C SER A 70 18.55 10.87 11.91
N ARG A 71 19.34 10.88 10.83
CA ARG A 71 19.13 11.67 9.60
C ARG A 71 17.97 11.08 8.81
N GLN A 72 16.81 10.98 9.43
CA GLN A 72 15.60 10.45 8.84
C GLN A 72 14.40 10.95 9.64
N THR A 73 13.20 10.66 9.13
CA THR A 73 11.93 11.14 9.66
C THR A 73 10.98 9.95 9.77
N VAL A 74 10.42 9.67 10.96
CA VAL A 74 9.61 8.50 11.29
C VAL A 74 8.27 8.94 11.89
N TRP A 75 7.15 8.47 11.35
CA TRP A 75 5.81 8.88 11.76
C TRP A 75 4.86 7.67 11.86
N ARG A 76 3.76 7.85 12.60
CA ARG A 76 2.61 6.97 12.60
C ARG A 76 1.80 7.30 11.34
N GLY A 77 1.25 6.28 10.68
CA GLY A 77 0.27 6.42 9.60
C GLY A 77 -0.54 5.14 9.59
N TYR A 78 -1.84 5.21 9.30
CA TYR A 78 -2.73 4.06 9.27
C TYR A 78 -3.59 4.13 8.00
N LEU A 79 -4.13 2.98 7.60
CA LEU A 79 -4.96 2.81 6.41
C LEU A 79 -6.18 2.00 6.82
N THR A 80 -7.38 2.33 6.30
CA THR A 80 -8.62 1.58 6.54
C THR A 80 -9.64 1.95 5.45
N THR A 81 -10.65 1.11 5.25
CA THR A 81 -11.76 1.41 4.34
C THR A 81 -12.81 2.35 4.97
N ASP A 82 -12.77 2.60 6.29
CA ASP A 82 -13.76 3.39 7.02
C ASP A 82 -13.75 4.85 6.55
N LYS A 83 -14.89 5.38 6.10
CA LYS A 83 -15.08 6.78 5.73
C LYS A 83 -16.15 7.40 6.63
N GLU A 84 -15.84 7.60 7.90
CA GLU A 84 -16.74 8.18 8.90
C GLU A 84 -15.94 9.08 9.84
N VAL A 85 -15.18 10.04 9.29
CA VAL A 85 -14.40 11.00 10.05
C VAL A 85 -14.40 12.32 9.27
N PRO A 86 -14.36 13.50 9.91
CA PRO A 86 -14.11 14.77 9.22
C PRO A 86 -12.61 15.00 9.01
N GLY A 87 -12.12 14.89 7.78
CA GLY A 87 -10.70 15.14 7.46
C GLY A 87 -10.05 14.04 6.62
N LEU A 88 -10.84 13.15 6.02
CA LEU A 88 -10.38 11.96 5.30
C LEU A 88 -9.74 12.34 3.97
N VAL A 89 -8.42 12.31 3.94
CA VAL A 89 -7.62 12.62 2.75
C VAL A 89 -7.65 11.40 1.82
N LEU A 90 -7.35 11.60 0.54
CA LEU A 90 -7.28 10.53 -0.44
C LEU A 90 -5.83 10.07 -0.63
N MET A 91 -5.66 8.81 -0.99
CA MET A 91 -4.37 8.27 -1.39
C MET A 91 -3.95 8.82 -2.76
N GLN A 92 -2.68 8.65 -3.08
CA GLN A 92 -2.10 9.06 -4.34
C GLN A 92 -2.23 7.89 -5.31
N ASP A 93 -1.53 6.80 -5.04
CA ASP A 93 -1.50 5.60 -5.87
C ASP A 93 -1.67 4.41 -4.92
N LEU A 94 -2.88 4.18 -4.41
CA LEU A 94 -3.21 2.96 -3.64
C LEU A 94 -4.66 2.53 -3.94
N ALA A 95 -5.00 1.27 -3.66
CA ALA A 95 -6.36 0.72 -3.60
C ALA A 95 -6.30 -0.63 -2.88
N PHE A 96 -7.46 -1.25 -2.64
CA PHE A 96 -7.65 -2.52 -1.95
C PHE A 96 -8.47 -3.44 -2.83
N LEU A 97 -8.45 -4.74 -2.62
CA LEU A 97 -9.11 -5.71 -3.50
C LEU A 97 -9.44 -6.95 -2.70
N SER A 98 -10.70 -7.41 -2.70
CA SER A 98 -11.12 -8.67 -2.09
C SER A 98 -12.21 -9.32 -2.95
N GLY A 99 -12.49 -10.61 -2.71
CA GLY A 99 -13.56 -11.37 -3.38
C GLY A 99 -13.02 -12.45 -4.31
N PHE A 100 -11.71 -12.42 -4.58
CA PHE A 100 -11.01 -13.46 -5.31
C PHE A 100 -11.10 -14.80 -4.54
N PRO A 101 -11.05 -15.95 -5.24
CA PRO A 101 -11.16 -17.26 -4.60
C PRO A 101 -9.94 -17.59 -3.73
N PRO A 102 -10.03 -18.61 -2.85
CA PRO A 102 -8.91 -19.04 -2.02
C PRO A 102 -7.77 -19.70 -2.80
N THR A 103 -7.95 -19.96 -4.10
CA THR A 103 -6.95 -20.49 -5.03
C THR A 103 -6.00 -19.39 -5.54
N PHE A 104 -5.78 -18.36 -4.72
CA PHE A 104 -4.75 -17.35 -4.88
C PHE A 104 -4.07 -17.18 -3.52
N LYS A 105 -2.84 -17.66 -3.39
CA LYS A 105 -2.03 -17.53 -2.16
C LYS A 105 -0.66 -16.90 -2.45
N GLU A 106 -0.43 -16.42 -3.66
CA GLU A 106 0.86 -15.90 -4.07
C GLU A 106 0.63 -14.54 -4.71
N THR A 107 1.38 -13.52 -4.29
CA THR A 107 1.25 -12.17 -4.84
C THR A 107 1.50 -12.18 -6.36
N ASN A 108 2.52 -12.91 -6.83
CA ASN A 108 2.92 -12.95 -8.24
C ASN A 108 1.87 -13.61 -9.14
N GLN A 109 1.00 -14.45 -8.58
CA GLN A 109 -0.01 -15.22 -9.29
C GLN A 109 -1.07 -14.29 -9.86
N LEU A 110 -1.90 -13.70 -8.97
CA LEU A 110 -2.97 -12.82 -9.41
C LEU A 110 -2.45 -11.52 -10.00
N LYS A 111 -1.17 -11.18 -9.80
CA LYS A 111 -0.46 -10.03 -10.39
C LYS A 111 -0.71 -9.85 -11.89
N THR A 112 -1.08 -10.92 -12.59
CA THR A 112 -1.33 -10.97 -14.02
C THR A 112 -2.59 -11.82 -14.32
N LYS A 113 -3.45 -12.06 -13.31
CA LYS A 113 -4.79 -12.65 -13.50
C LYS A 113 -5.89 -11.58 -13.34
N LEU A 114 -5.50 -10.33 -13.07
CA LEU A 114 -6.44 -9.23 -12.85
C LEU A 114 -7.30 -9.02 -14.10
N PRO A 115 -8.59 -8.65 -13.93
CA PRO A 115 -9.46 -8.31 -15.04
C PRO A 115 -8.96 -7.03 -15.73
N GLU A 116 -9.34 -6.85 -16.99
CA GLU A 116 -8.84 -5.80 -17.88
C GLU A 116 -8.89 -4.42 -17.22
N ASN A 117 -10.08 -4.03 -16.74
CA ASN A 117 -10.31 -2.73 -16.12
C ASN A 117 -9.51 -2.50 -14.83
N LEU A 118 -9.00 -3.56 -14.19
CA LEU A 118 -8.13 -3.48 -13.01
C LEU A 118 -6.75 -4.04 -13.35
N SER A 119 -6.39 -4.04 -14.63
CA SER A 119 -5.13 -4.49 -15.19
C SER A 119 -4.72 -3.58 -16.36
N SER A 120 -5.27 -2.37 -16.48
CA SER A 120 -4.91 -1.42 -17.53
C SER A 120 -3.46 -1.03 -17.31
N LYS A 121 -3.19 -0.25 -16.25
CA LYS A 121 -1.93 0.46 -16.04
C LYS A 121 -1.19 -0.05 -14.80
N VAL A 122 -1.67 -1.11 -14.16
CA VAL A 122 -1.52 -1.29 -12.71
C VAL A 122 -0.81 -2.61 -12.39
N LYS A 123 -0.64 -2.92 -11.10
CA LYS A 123 -0.17 -4.23 -10.64
C LYS A 123 -0.59 -4.51 -9.20
N LEU A 124 -0.33 -5.74 -8.76
CA LEU A 124 -0.36 -6.22 -7.39
C LEU A 124 1.06 -6.12 -6.85
N LEU A 125 1.24 -5.69 -5.60
CA LEU A 125 2.51 -5.75 -4.87
C LEU A 125 2.30 -5.60 -3.35
N GLN A 126 1.16 -6.02 -2.82
CA GLN A 126 0.90 -6.02 -1.38
C GLN A 126 -0.26 -6.99 -1.17
N LEU A 127 -0.15 -7.92 -0.23
CA LEU A 127 -1.20 -8.90 0.06
C LEU A 127 -1.11 -9.28 1.53
N TYR A 128 -2.25 -9.53 2.15
CA TYR A 128 -2.36 -9.80 3.58
C TYR A 128 -1.80 -11.20 3.87
N SER A 129 -0.67 -11.28 4.58
CA SER A 129 -0.17 -12.53 5.15
C SER A 129 -1.25 -13.26 5.98
N GLU A 130 -2.22 -12.52 6.52
CA GLU A 130 -3.20 -13.00 7.49
C GLU A 130 -4.60 -13.26 6.91
N ALA A 131 -4.92 -12.74 5.72
CA ALA A 131 -6.29 -12.72 5.19
C ALA A 131 -6.40 -12.67 3.67
N SER A 132 -7.63 -12.83 3.18
CA SER A 132 -8.07 -12.76 1.80
C SER A 132 -8.40 -11.32 1.41
N VAL A 133 -7.37 -10.47 1.29
CA VAL A 133 -7.45 -9.15 0.69
C VAL A 133 -6.05 -8.80 0.17
N ALA A 134 -5.95 -7.85 -0.76
CA ALA A 134 -4.69 -7.32 -1.23
C ALA A 134 -4.82 -5.83 -1.53
N LEU A 135 -3.71 -5.17 -1.89
CA LEU A 135 -3.68 -3.77 -2.31
C LEU A 135 -3.34 -3.72 -3.81
N LEU A 136 -3.04 -2.53 -4.34
CA LEU A 136 -2.57 -2.33 -5.71
C LEU A 136 -1.48 -1.27 -5.74
N LYS A 137 -0.79 -1.23 -6.88
CA LYS A 137 -0.10 -0.06 -7.41
C LYS A 137 -0.83 0.33 -8.67
N LEU A 138 -1.62 1.39 -8.63
CA LEU A 138 -2.07 2.09 -9.83
C LEU A 138 -0.97 3.00 -10.35
N ASN A 139 -1.15 3.52 -11.57
CA ASN A 139 -0.23 4.47 -12.22
C ASN A 139 -0.94 5.64 -12.88
N ASN A 140 -2.27 5.67 -12.88
CA ASN A 140 -3.09 6.76 -13.38
C ASN A 140 -4.19 7.08 -12.35
N PRO A 141 -3.91 7.94 -11.36
CA PRO A 141 -4.93 8.32 -10.38
C PRO A 141 -6.08 9.15 -10.97
N LYS A 142 -6.06 9.52 -12.25
CA LYS A 142 -7.17 10.23 -12.90
C LYS A 142 -8.38 9.30 -12.88
N ASP A 143 -8.24 8.16 -13.54
CA ASP A 143 -9.31 7.17 -13.67
C ASP A 143 -9.70 6.53 -12.33
N PHE A 144 -8.89 6.71 -11.28
CA PHE A 144 -9.18 6.14 -9.97
C PHE A 144 -10.42 6.77 -9.34
N GLN A 145 -10.53 8.09 -9.32
CA GLN A 145 -11.66 8.70 -8.65
C GLN A 145 -12.98 8.45 -9.43
N GLU A 146 -12.89 8.00 -10.68
CA GLU A 146 -14.00 7.54 -11.50
C GLU A 146 -14.29 6.07 -11.14
N LEU A 147 -13.27 5.20 -11.09
CA LEU A 147 -13.46 3.80 -10.74
C LEU A 147 -14.01 3.63 -9.34
N ASN A 148 -13.57 4.43 -8.38
CA ASN A 148 -13.88 4.20 -6.98
C ASN A 148 -15.35 4.40 -6.62
N LYS A 149 -16.12 5.12 -7.44
CA LYS A 149 -17.55 5.38 -7.21
C LYS A 149 -18.45 4.43 -8.01
N GLN A 150 -17.96 3.26 -8.45
CA GLN A 150 -18.81 2.25 -9.08
C GLN A 150 -19.75 1.58 -8.05
N THR A 151 -20.69 0.78 -8.53
CA THR A 151 -21.63 -0.03 -7.74
C THR A 151 -22.11 -1.24 -8.56
N LYS A 152 -21.45 -1.52 -9.70
CA LYS A 152 -21.94 -2.45 -10.71
C LYS A 152 -20.90 -3.54 -10.87
N LYS A 153 -21.34 -4.80 -10.94
CA LYS A 153 -20.44 -5.90 -11.26
C LYS A 153 -19.90 -5.71 -12.64
N ASN A 154 -18.70 -6.20 -12.85
CA ASN A 154 -17.97 -6.19 -14.06
C ASN A 154 -16.73 -7.07 -13.98
N MET A 155 -16.17 -7.31 -12.79
CA MET A 155 -14.93 -8.07 -12.62
C MET A 155 -15.21 -9.52 -12.22
N THR A 156 -14.43 -10.43 -12.78
CA THR A 156 -14.44 -11.85 -12.44
C THR A 156 -13.01 -12.41 -12.57
N ILE A 157 -12.69 -13.42 -11.78
CA ILE A 157 -11.52 -14.27 -11.90
C ILE A 157 -12.00 -15.67 -11.50
N ASP A 158 -11.65 -16.72 -12.24
CA ASP A 158 -11.98 -18.11 -11.85
C ASP A 158 -13.49 -18.36 -11.85
N GLY A 159 -14.25 -17.55 -12.61
CA GLY A 159 -15.71 -17.52 -12.55
C GLY A 159 -16.28 -16.99 -11.24
N LYS A 160 -15.45 -16.54 -10.29
CA LYS A 160 -15.85 -15.86 -9.07
C LYS A 160 -15.80 -14.37 -9.39
N GLU A 161 -16.88 -13.63 -9.16
CA GLU A 161 -16.80 -12.19 -9.15
C GLU A 161 -16.16 -11.68 -7.86
N LEU A 162 -15.60 -10.47 -7.94
CA LEU A 162 -14.86 -9.77 -6.92
C LEU A 162 -15.07 -8.27 -7.13
N THR A 163 -14.67 -7.43 -6.17
CA THR A 163 -14.72 -5.99 -6.39
C THR A 163 -13.60 -5.29 -5.61
N ILE A 164 -13.32 -4.06 -6.00
CA ILE A 164 -12.26 -3.25 -5.44
C ILE A 164 -12.82 -2.49 -4.22
N SER A 165 -11.92 -2.02 -3.37
CA SER A 165 -12.23 -1.39 -2.10
C SER A 165 -11.55 -0.03 -2.02
N PRO A 166 -12.10 0.90 -1.23
CA PRO A 166 -11.72 2.31 -1.24
C PRO A 166 -10.38 2.57 -0.54
N ALA A 167 -9.70 3.63 -0.98
CA ALA A 167 -8.41 4.07 -0.45
C ALA A 167 -8.59 5.44 0.20
N TYR A 168 -8.13 5.64 1.43
CA TYR A 168 -8.05 6.93 2.11
C TYR A 168 -6.77 7.02 2.95
N LEU A 169 -6.45 8.17 3.54
CA LEU A 169 -5.24 8.36 4.35
C LEU A 169 -5.62 8.82 5.75
N LEU A 170 -5.21 8.06 6.78
CA LEU A 170 -5.56 8.31 8.17
C LEU A 170 -4.28 8.55 8.97
N TRP A 171 -4.09 9.77 9.45
CA TRP A 171 -3.08 10.06 10.43
C TRP A 171 -3.43 9.49 11.81
N ASP A 172 -2.53 9.75 12.76
CA ASP A 172 -2.45 9.19 14.11
C ASP A 172 -3.72 9.31 14.91
N MET A 1 -10.60 -0.26 11.49
CA MET A 1 -9.71 -1.05 10.62
C MET A 1 -8.40 -0.32 10.50
N LYS A 2 -7.27 -1.04 10.54
CA LYS A 2 -5.99 -0.45 10.27
C LYS A 2 -5.08 -1.55 9.74
N VAL A 3 -3.91 -1.19 9.23
CA VAL A 3 -2.98 -2.14 8.63
C VAL A 3 -1.58 -1.87 9.18
N PRO A 4 -0.71 -2.87 9.38
CA PRO A 4 0.70 -2.59 9.63
C PRO A 4 1.35 -2.05 8.34
N MET A 5 1.55 -0.73 8.19
CA MET A 5 2.37 -0.19 7.09
C MET A 5 3.02 1.14 7.51
N LEU A 6 4.35 1.21 7.53
CA LEU A 6 5.04 2.48 7.77
C LEU A 6 5.13 3.28 6.47
N VAL A 7 5.28 4.59 6.62
CA VAL A 7 5.74 5.49 5.58
C VAL A 7 6.89 6.31 6.20
N LEU A 8 7.76 6.83 5.36
CA LEU A 8 8.96 7.58 5.71
C LEU A 8 9.25 8.65 4.64
N ASP A 9 10.18 9.56 4.93
CA ASP A 9 10.53 10.68 4.06
C ASP A 9 12.05 10.79 3.82
N PRO A 10 12.72 9.75 3.29
CA PRO A 10 14.00 9.88 2.61
C PRO A 10 13.79 10.38 1.18
N ALA A 11 14.83 10.25 0.33
CA ALA A 11 14.76 10.17 -1.12
C ALA A 11 16.04 9.50 -1.61
N LEU A 12 16.04 8.18 -1.78
CA LEU A 12 17.21 7.42 -2.24
C LEU A 12 17.57 7.81 -3.69
N PRO A 13 18.83 7.62 -4.13
CA PRO A 13 19.27 7.82 -5.51
C PRO A 13 18.77 6.68 -6.40
N ALA A 14 19.17 6.66 -7.67
CA ALA A 14 18.94 5.52 -8.55
C ALA A 14 19.79 4.30 -8.18
N ASN A 15 20.85 4.48 -7.39
CA ASN A 15 21.94 3.51 -7.26
C ASN A 15 21.62 2.34 -6.32
N ILE A 16 20.39 2.22 -5.83
CA ILE A 16 19.99 1.41 -4.68
C ILE A 16 18.96 0.37 -5.11
N THR A 17 18.80 -0.68 -4.31
CA THR A 17 17.89 -1.80 -4.50
C THR A 17 17.31 -2.21 -3.15
N LEU A 18 16.35 -3.14 -3.12
CA LEU A 18 15.91 -3.88 -1.94
C LEU A 18 17.11 -4.50 -1.20
N LYS A 19 18.16 -4.91 -1.93
CA LYS A 19 19.41 -5.38 -1.35
C LYS A 19 20.10 -4.26 -0.54
N ASP A 20 20.16 -3.03 -1.07
CA ASP A 20 20.89 -1.93 -0.43
C ASP A 20 20.09 -1.22 0.66
N LEU A 21 18.83 -1.62 0.87
CA LEU A 21 17.93 -1.08 1.90
C LEU A 21 18.63 -0.95 3.28
N PRO A 22 19.04 -2.06 3.96
CA PRO A 22 19.52 -1.94 5.32
C PRO A 22 20.87 -1.25 5.44
N SER A 23 21.56 -0.97 4.34
CA SER A 23 22.79 -0.17 4.39
C SER A 23 22.50 1.22 4.94
N LEU A 24 21.34 1.81 4.61
CA LEU A 24 20.99 3.15 5.11
C LEU A 24 19.91 3.10 6.18
N TYR A 25 19.10 2.04 6.26
CA TYR A 25 18.06 1.88 7.27
C TYR A 25 18.28 0.55 8.00
N PRO A 26 19.28 0.46 8.89
CA PRO A 26 19.61 -0.79 9.57
C PRO A 26 18.43 -1.36 10.38
N SER A 27 17.58 -0.47 10.89
CA SER A 27 16.38 -0.79 11.65
C SER A 27 15.21 -1.23 10.75
N PHE A 28 15.34 -1.13 9.42
CA PHE A 28 14.26 -1.45 8.48
C PHE A 28 14.57 -2.71 7.65
N HIS A 29 15.57 -3.50 8.05
CA HIS A 29 16.03 -4.69 7.34
C HIS A 29 14.92 -5.71 7.09
N SER A 30 13.97 -5.86 8.02
CA SER A 30 13.02 -6.97 8.03
C SER A 30 11.97 -6.95 6.90
N ALA A 31 11.94 -5.91 6.05
CA ALA A 31 10.97 -5.74 4.99
C ALA A 31 11.22 -6.75 3.87
N SER A 32 10.18 -7.00 3.09
CA SER A 32 10.24 -7.86 1.91
C SER A 32 9.95 -7.07 0.64
N ASP A 33 9.80 -5.74 0.73
CA ASP A 33 9.65 -4.87 -0.45
C ASP A 33 10.09 -3.46 -0.09
N ILE A 34 10.35 -2.64 -1.10
CA ILE A 34 10.47 -1.20 -1.00
C ILE A 34 10.10 -0.61 -2.36
N PHE A 35 9.55 0.60 -2.37
CA PHE A 35 9.31 1.40 -3.57
C PHE A 35 9.89 2.77 -3.33
N ASN A 36 10.19 3.48 -4.42
CA ASN A 36 10.75 4.82 -4.42
C ASN A 36 9.84 5.63 -5.33
N VAL A 37 9.04 6.53 -4.78
CA VAL A 37 7.91 7.18 -5.44
C VAL A 37 7.72 8.59 -4.85
N ALA A 38 6.94 9.47 -5.48
CA ALA A 38 6.64 10.79 -4.93
C ALA A 38 5.73 10.70 -3.70
N LYS A 39 5.67 11.77 -2.89
CA LYS A 39 4.65 11.89 -1.85
C LYS A 39 3.25 11.95 -2.50
N PRO A 40 2.17 11.66 -1.76
CA PRO A 40 0.79 11.89 -2.21
C PRO A 40 0.36 13.36 -2.13
N LYS A 41 1.11 14.21 -1.42
CA LYS A 41 0.84 15.64 -1.24
C LYS A 41 2.09 16.50 -1.42
N ASN A 42 3.16 15.98 -2.02
CA ASN A 42 4.29 16.80 -2.41
C ASN A 42 4.95 16.18 -3.64
N PRO A 43 4.47 16.48 -4.86
CA PRO A 43 5.01 15.84 -6.06
C PRO A 43 6.44 16.28 -6.35
N SER A 44 6.90 17.34 -5.68
CA SER A 44 8.25 17.87 -5.74
C SER A 44 9.26 16.92 -5.05
N THR A 45 8.82 16.01 -4.18
CA THR A 45 9.73 15.16 -3.40
C THR A 45 9.39 13.70 -3.60
N ASN A 46 10.41 12.95 -4.02
CA ASN A 46 10.43 11.50 -3.91
C ASN A 46 10.64 11.14 -2.45
N VAL A 47 10.16 9.97 -2.08
CA VAL A 47 10.16 9.30 -0.79
C VAL A 47 10.08 7.80 -1.10
N SER A 48 9.74 6.95 -0.13
CA SER A 48 9.66 5.53 -0.36
C SER A 48 8.45 4.90 0.35
N VAL A 49 8.22 3.63 0.06
CA VAL A 49 7.19 2.77 0.64
C VAL A 49 7.91 1.54 1.17
N VAL A 50 7.46 0.96 2.27
CA VAL A 50 8.07 -0.24 2.86
C VAL A 50 6.93 -1.24 3.12
N VAL A 51 7.21 -2.54 3.11
CA VAL A 51 6.26 -3.60 3.40
C VAL A 51 6.92 -4.67 4.28
N PHE A 52 6.25 -5.08 5.35
CA PHE A 52 6.66 -6.07 6.33
C PHE A 52 5.63 -7.20 6.43
N ASP A 53 5.87 -8.17 7.31
CA ASP A 53 4.98 -9.30 7.57
C ASP A 53 3.84 -8.93 8.53
N SER A 54 4.13 -8.30 9.68
CA SER A 54 3.18 -8.22 10.79
C SER A 54 3.71 -7.38 11.99
N THR A 55 2.90 -7.20 13.03
CA THR A 55 3.17 -6.36 14.21
C THR A 55 4.23 -6.91 15.18
N LYS A 56 5.00 -7.91 14.80
CA LYS A 56 6.16 -8.34 15.60
C LYS A 56 7.35 -7.55 15.08
N ASP A 57 7.61 -7.68 13.78
CA ASP A 57 8.66 -7.00 13.05
C ASP A 57 8.37 -5.50 13.01
N VAL A 58 7.18 -5.09 12.52
CA VAL A 58 6.79 -3.71 12.24
C VAL A 58 7.08 -2.81 13.45
N GLU A 59 6.76 -3.32 14.64
CA GLU A 59 6.88 -2.57 15.86
C GLU A 59 8.35 -2.33 16.15
N ASP A 60 9.19 -3.37 16.19
CA ASP A 60 10.64 -3.28 16.43
C ASP A 60 11.33 -2.34 15.44
N ALA A 61 10.98 -2.42 14.16
CA ALA A 61 11.58 -1.58 13.14
C ALA A 61 11.25 -0.11 13.39
N HIS A 62 10.00 0.20 13.78
CA HIS A 62 9.59 1.55 14.12
C HIS A 62 10.30 2.01 15.40
N SER A 63 10.35 1.11 16.39
CA SER A 63 10.97 1.23 17.70
C SER A 63 12.38 1.80 17.58
N GLY A 64 13.11 1.47 16.50
CA GLY A 64 14.51 1.86 16.32
C GLY A 64 14.75 3.37 16.25
N LEU A 65 13.75 4.19 15.86
CA LEU A 65 13.94 5.62 15.61
C LEU A 65 13.06 6.50 16.49
N LEU A 66 12.49 5.95 17.57
CA LEU A 66 11.56 6.66 18.44
C LEU A 66 12.33 7.56 19.41
N LYS A 67 13.00 8.58 18.89
CA LYS A 67 13.81 9.53 19.63
C LYS A 67 13.86 10.83 18.83
N GLY A 68 14.23 11.93 19.49
CA GLY A 68 14.52 13.19 18.84
C GLY A 68 15.96 13.18 18.35
N ASN A 69 16.31 12.24 17.47
CA ASN A 69 17.55 12.20 16.70
C ASN A 69 17.40 11.17 15.59
N SER A 70 17.17 11.64 14.35
CA SER A 70 17.38 10.85 13.15
C SER A 70 17.79 11.80 12.01
N ARG A 71 18.33 11.27 10.91
CA ARG A 71 18.25 11.88 9.59
C ARG A 71 17.24 11.02 8.84
N GLN A 72 15.97 11.25 9.13
CA GLN A 72 14.84 10.48 8.65
C GLN A 72 13.54 11.20 9.03
N THR A 73 12.41 10.65 8.63
CA THR A 73 11.09 10.91 9.21
C THR A 73 10.34 9.58 9.15
N VAL A 74 9.52 9.26 10.16
CA VAL A 74 8.71 8.06 10.20
C VAL A 74 7.27 8.48 10.46
N TRP A 75 6.33 7.92 9.71
CA TRP A 75 4.90 8.17 9.81
C TRP A 75 4.21 6.84 10.00
N ARG A 76 3.51 6.73 11.12
CA ARG A 76 2.65 5.61 11.47
C ARG A 76 1.39 5.73 10.62
N GLY A 77 1.46 5.32 9.36
CA GLY A 77 0.33 5.36 8.43
C GLY A 77 -0.53 4.10 8.60
N TYR A 78 -1.82 4.18 8.31
CA TYR A 78 -2.78 3.14 8.67
C TYR A 78 -4.01 3.23 7.79
N LEU A 79 -3.97 2.59 6.62
CA LEU A 79 -5.08 2.56 5.66
C LEU A 79 -6.26 1.87 6.32
N THR A 80 -7.32 2.63 6.62
CA THR A 80 -8.57 2.06 7.11
C THR A 80 -9.54 1.96 5.93
N THR A 81 -10.66 1.27 6.18
CA THR A 81 -11.88 1.28 5.38
C THR A 81 -13.04 2.02 6.07
N ASP A 82 -12.93 2.39 7.35
CA ASP A 82 -14.06 2.86 8.15
C ASP A 82 -14.34 4.34 7.90
N LYS A 83 -15.48 4.69 7.32
CA LYS A 83 -15.87 6.08 7.11
C LYS A 83 -16.46 6.68 8.40
N GLU A 84 -15.77 6.57 9.53
CA GLU A 84 -16.35 6.91 10.83
C GLU A 84 -15.37 7.74 11.65
N VAL A 85 -14.71 8.69 11.02
CA VAL A 85 -13.76 9.62 11.63
C VAL A 85 -14.09 11.02 11.07
N PRO A 86 -14.00 12.10 11.85
CA PRO A 86 -14.26 13.45 11.39
C PRO A 86 -13.12 13.96 10.49
N GLY A 87 -13.39 14.11 9.20
CA GLY A 87 -12.53 14.83 8.26
C GLY A 87 -11.90 13.98 7.16
N LEU A 88 -12.34 12.71 7.01
CA LEU A 88 -11.67 11.65 6.26
C LEU A 88 -11.26 12.05 4.85
N VAL A 89 -9.97 12.16 4.62
CA VAL A 89 -9.37 12.45 3.33
C VAL A 89 -9.25 11.12 2.57
N LEU A 90 -9.65 11.11 1.31
CA LEU A 90 -9.50 9.96 0.42
C LEU A 90 -8.04 9.85 -0.02
N MET A 91 -7.62 8.67 -0.45
CA MET A 91 -6.38 8.45 -1.19
C MET A 91 -6.46 9.08 -2.60
N GLN A 92 -5.41 8.94 -3.41
CA GLN A 92 -5.28 9.49 -4.75
C GLN A 92 -4.39 8.56 -5.60
N ASP A 93 -4.38 7.27 -5.27
CA ASP A 93 -3.29 6.36 -5.57
C ASP A 93 -3.57 4.96 -5.06
N LEU A 94 -3.96 4.83 -3.79
CA LEU A 94 -4.23 3.52 -3.20
C LEU A 94 -5.69 3.16 -3.41
N ALA A 95 -5.91 1.88 -3.71
CA ALA A 95 -7.20 1.22 -3.78
C ALA A 95 -7.07 -0.11 -3.01
N PHE A 96 -8.20 -0.78 -2.76
CA PHE A 96 -8.26 -2.12 -2.20
C PHE A 96 -8.85 -3.07 -3.27
N LEU A 97 -8.99 -4.35 -2.92
CA LEU A 97 -9.74 -5.39 -3.64
C LEU A 97 -10.26 -6.34 -2.56
N SER A 98 -11.46 -6.93 -2.73
CA SER A 98 -12.09 -7.75 -1.70
C SER A 98 -13.09 -8.73 -2.33
N GLY A 99 -13.61 -9.69 -1.55
CA GLY A 99 -14.72 -10.56 -1.96
C GLY A 99 -14.31 -11.77 -2.81
N PHE A 100 -13.02 -11.95 -3.10
CA PHE A 100 -12.47 -13.01 -3.94
C PHE A 100 -12.62 -14.42 -3.32
N PRO A 101 -12.45 -15.49 -4.13
CA PRO A 101 -12.47 -16.90 -3.70
C PRO A 101 -11.19 -17.32 -2.95
N PRO A 102 -11.14 -18.58 -2.42
CA PRO A 102 -9.99 -19.12 -1.69
C PRO A 102 -8.76 -19.47 -2.56
N THR A 103 -8.84 -19.38 -3.89
CA THR A 103 -7.75 -19.73 -4.78
C THR A 103 -6.72 -18.58 -4.85
N PHE A 104 -6.43 -17.96 -3.71
CA PHE A 104 -5.57 -16.80 -3.59
C PHE A 104 -4.71 -16.88 -2.31
N LYS A 105 -3.49 -17.42 -2.44
CA LYS A 105 -2.41 -17.38 -1.47
C LYS A 105 -1.06 -17.15 -2.18
N GLU A 106 -0.87 -15.99 -2.81
CA GLU A 106 0.47 -15.45 -3.19
C GLU A 106 0.30 -13.95 -3.46
N THR A 107 1.32 -13.26 -3.96
CA THR A 107 1.15 -11.94 -4.55
C THR A 107 0.74 -12.04 -6.03
N ASN A 108 1.45 -12.83 -6.86
CA ASN A 108 1.34 -12.78 -8.33
C ASN A 108 -0.03 -13.16 -8.85
N GLN A 109 -0.76 -13.95 -8.08
CA GLN A 109 -2.15 -14.31 -8.28
C GLN A 109 -3.00 -13.12 -8.70
N LEU A 110 -3.41 -12.28 -7.74
CA LEU A 110 -4.27 -11.14 -8.02
C LEU A 110 -3.58 -10.12 -8.91
N LYS A 111 -2.23 -10.10 -8.90
CA LYS A 111 -1.40 -9.26 -9.75
C LYS A 111 -1.84 -9.37 -11.21
N THR A 112 -2.25 -10.57 -11.66
CA THR A 112 -2.60 -10.82 -13.05
C THR A 112 -4.01 -11.41 -13.22
N LYS A 113 -4.62 -12.03 -12.21
CA LYS A 113 -6.03 -12.47 -12.21
C LYS A 113 -6.98 -11.27 -12.07
N LEU A 114 -6.71 -10.16 -12.75
CA LEU A 114 -7.55 -8.98 -12.71
C LEU A 114 -8.80 -9.26 -13.55
N PRO A 115 -9.95 -8.65 -13.24
CA PRO A 115 -11.19 -8.92 -13.96
C PRO A 115 -11.23 -8.29 -15.36
N GLU A 116 -11.10 -6.97 -15.44
CA GLU A 116 -11.34 -6.15 -16.62
C GLU A 116 -11.20 -4.69 -16.16
N ASN A 117 -12.15 -4.26 -15.33
CA ASN A 117 -12.21 -2.97 -14.66
C ASN A 117 -10.90 -2.66 -13.96
N LEU A 118 -10.45 -3.56 -13.09
CA LEU A 118 -9.22 -3.44 -12.34
C LEU A 118 -8.01 -3.86 -13.20
N SER A 119 -8.13 -3.95 -14.53
CA SER A 119 -7.08 -4.36 -15.45
C SER A 119 -6.76 -3.23 -16.46
N SER A 120 -7.02 -1.96 -16.11
CA SER A 120 -6.56 -0.84 -16.91
C SER A 120 -5.03 -0.68 -16.76
N LYS A 121 -4.57 -0.06 -15.66
CA LYS A 121 -3.14 0.29 -15.48
C LYS A 121 -2.61 0.03 -14.06
N VAL A 122 -3.37 -0.61 -13.19
CA VAL A 122 -3.00 -0.77 -11.79
C VAL A 122 -1.96 -1.88 -11.60
N LYS A 123 -1.32 -2.00 -10.42
CA LYS A 123 -0.56 -3.19 -10.03
C LYS A 123 -0.67 -3.44 -8.53
N LEU A 124 -0.46 -4.69 -8.11
CA LEU A 124 -0.27 -5.04 -6.71
C LEU A 124 1.15 -4.68 -6.28
N LEU A 125 1.28 -4.21 -5.04
CA LEU A 125 2.51 -4.23 -4.25
C LEU A 125 2.23 -4.17 -2.73
N GLN A 126 1.07 -4.63 -2.26
CA GLN A 126 0.79 -4.72 -0.83
C GLN A 126 -0.28 -5.79 -0.55
N LEU A 127 0.11 -7.06 -0.61
CA LEU A 127 -0.72 -8.19 -0.19
C LEU A 127 -0.55 -8.38 1.32
N TYR A 128 -1.64 -8.46 2.08
CA TYR A 128 -1.57 -8.74 3.51
C TYR A 128 -0.98 -10.14 3.69
N SER A 129 0.16 -10.25 4.38
CA SER A 129 0.88 -11.49 4.63
C SER A 129 0.24 -12.40 5.69
N GLU A 130 -1.02 -12.14 6.08
CA GLU A 130 -1.76 -12.95 7.05
C GLU A 130 -3.28 -12.89 6.85
N ALA A 131 -3.81 -11.81 6.27
CA ALA A 131 -5.24 -11.63 6.08
C ALA A 131 -5.67 -12.21 4.74
N SER A 132 -6.85 -11.83 4.28
CA SER A 132 -7.34 -12.07 2.94
C SER A 132 -7.82 -10.72 2.40
N VAL A 133 -6.89 -9.77 2.28
CA VAL A 133 -7.06 -8.38 1.82
C VAL A 133 -5.78 -8.00 1.06
N ALA A 134 -5.84 -7.00 0.17
CA ALA A 134 -4.67 -6.33 -0.39
C ALA A 134 -4.99 -4.85 -0.65
N LEU A 135 -3.95 -4.03 -0.71
CA LEU A 135 -4.00 -2.72 -1.37
C LEU A 135 -3.56 -2.92 -2.83
N LEU A 136 -3.70 -1.87 -3.62
CA LEU A 136 -3.26 -1.78 -5.02
C LEU A 136 -2.72 -0.38 -5.28
N LYS A 137 -2.21 -0.17 -6.49
CA LYS A 137 -1.49 1.03 -6.91
C LYS A 137 -1.93 1.34 -8.33
N LEU A 138 -2.64 2.46 -8.54
CA LEU A 138 -2.80 3.04 -9.87
C LEU A 138 -1.51 3.74 -10.29
N ASN A 139 -1.28 3.75 -11.60
CA ASN A 139 -0.05 4.23 -12.20
C ASN A 139 -0.01 5.74 -12.34
N ASN A 140 -1.16 6.34 -12.55
CA ASN A 140 -1.38 7.77 -12.76
C ASN A 140 -2.74 8.14 -12.16
N PRO A 141 -2.95 9.33 -11.55
CA PRO A 141 -4.22 9.73 -10.92
C PRO A 141 -5.49 9.74 -11.80
N LYS A 142 -5.38 9.45 -13.10
CA LYS A 142 -6.53 9.28 -13.97
C LYS A 142 -7.39 8.13 -13.43
N ASP A 143 -8.69 8.14 -13.77
CA ASP A 143 -9.55 6.95 -13.73
C ASP A 143 -9.72 6.33 -12.33
N PHE A 144 -9.23 6.97 -11.27
CA PHE A 144 -9.24 6.39 -9.92
C PHE A 144 -10.65 6.41 -9.34
N GLN A 145 -11.26 7.60 -9.30
CA GLN A 145 -12.62 7.76 -8.79
C GLN A 145 -13.60 6.95 -9.65
N GLU A 146 -13.26 6.75 -10.94
CA GLU A 146 -14.05 5.99 -11.88
C GLU A 146 -13.98 4.54 -11.43
N LEU A 147 -12.79 3.94 -11.47
CA LEU A 147 -12.52 2.54 -11.15
C LEU A 147 -13.26 2.14 -9.88
N ASN A 148 -13.19 2.97 -8.84
CA ASN A 148 -13.79 2.75 -7.55
C ASN A 148 -15.30 2.47 -7.61
N LYS A 149 -16.07 3.23 -8.41
CA LYS A 149 -17.48 2.93 -8.65
C LYS A 149 -17.94 3.45 -10.02
N GLN A 150 -17.55 2.79 -11.11
CA GLN A 150 -18.10 3.16 -12.41
C GLN A 150 -19.56 2.74 -12.44
N THR A 151 -20.38 3.44 -13.22
CA THR A 151 -21.80 3.14 -13.43
C THR A 151 -22.00 1.88 -14.30
N LYS A 152 -21.18 0.85 -14.14
CA LYS A 152 -21.21 -0.39 -14.92
C LYS A 152 -21.54 -1.58 -14.03
N LYS A 153 -21.66 -2.77 -14.65
CA LYS A 153 -21.86 -4.05 -14.00
C LYS A 153 -20.70 -4.33 -13.04
N ASN A 154 -20.91 -5.28 -12.13
CA ASN A 154 -19.91 -5.75 -11.17
C ASN A 154 -18.78 -6.51 -11.90
N MET A 155 -17.80 -7.02 -11.16
CA MET A 155 -16.61 -7.69 -11.68
C MET A 155 -16.65 -9.17 -11.28
N THR A 156 -15.81 -9.98 -11.92
CA THR A 156 -15.81 -11.43 -11.77
C THR A 156 -14.38 -11.96 -11.63
N ILE A 157 -14.22 -13.10 -10.95
CA ILE A 157 -13.08 -14.00 -11.08
C ILE A 157 -13.68 -15.39 -11.07
N ASP A 158 -13.25 -16.28 -11.98
CA ASP A 158 -13.63 -17.69 -12.02
C ASP A 158 -15.15 -17.91 -12.16
N GLY A 159 -15.91 -16.86 -12.45
CA GLY A 159 -17.35 -16.85 -12.61
C GLY A 159 -18.11 -16.62 -11.29
N LYS A 160 -17.43 -16.35 -10.18
CA LYS A 160 -18.01 -15.72 -9.01
C LYS A 160 -17.68 -14.22 -9.07
N GLU A 161 -18.40 -13.39 -8.32
CA GLU A 161 -18.26 -11.94 -8.36
C GLU A 161 -17.55 -11.43 -7.09
N LEU A 162 -17.29 -10.13 -7.00
CA LEU A 162 -16.49 -9.47 -5.97
C LEU A 162 -17.15 -8.15 -5.55
N THR A 163 -16.50 -7.35 -4.70
CA THR A 163 -16.81 -5.94 -4.44
C THR A 163 -15.52 -5.28 -3.96
N ILE A 164 -15.35 -3.97 -4.14
CA ILE A 164 -14.15 -3.25 -3.77
C ILE A 164 -14.40 -2.56 -2.41
N SER A 165 -13.34 -2.08 -1.77
CA SER A 165 -13.41 -1.37 -0.50
C SER A 165 -12.90 0.07 -0.65
N PRO A 166 -13.33 1.00 0.20
CA PRO A 166 -12.82 2.39 0.27
C PRO A 166 -11.40 2.43 0.84
N ALA A 167 -10.73 3.58 0.76
CA ALA A 167 -9.41 3.81 1.35
C ALA A 167 -9.33 5.25 1.83
N TYR A 168 -9.03 5.47 3.12
CA TYR A 168 -8.86 6.82 3.67
C TYR A 168 -7.46 6.97 4.26
N LEU A 169 -6.95 8.19 4.25
CA LEU A 169 -5.60 8.50 4.70
C LEU A 169 -5.68 8.76 6.19
N LEU A 170 -5.17 7.82 6.96
CA LEU A 170 -5.16 7.80 8.41
C LEU A 170 -3.70 7.61 8.77
N TRP A 171 -3.14 8.48 9.61
CA TRP A 171 -1.77 8.37 10.06
C TRP A 171 -1.69 8.81 11.51
N ASP A 172 -0.49 9.08 12.01
CA ASP A 172 -0.22 9.47 13.37
C ASP A 172 0.77 10.61 13.30
N MET A 1 -10.94 -2.51 9.82
CA MET A 1 -10.74 -1.55 10.92
C MET A 1 -9.54 -0.66 10.62
N LYS A 2 -8.30 -1.15 10.79
CA LYS A 2 -7.05 -0.55 10.32
C LYS A 2 -6.01 -1.64 10.25
N VAL A 3 -4.78 -1.38 9.78
CA VAL A 3 -3.69 -2.36 9.80
C VAL A 3 -2.41 -1.68 10.33
N PRO A 4 -1.56 -2.39 11.10
CA PRO A 4 -0.28 -1.85 11.55
C PRO A 4 0.72 -1.79 10.39
N MET A 5 1.25 -0.60 10.08
CA MET A 5 2.27 -0.36 9.06
C MET A 5 3.18 0.79 9.48
N LEU A 6 4.26 1.02 8.74
CA LEU A 6 5.06 2.24 8.88
C LEU A 6 4.73 3.16 7.71
N VAL A 7 4.94 4.46 7.94
CA VAL A 7 5.28 5.42 6.91
C VAL A 7 6.41 6.25 7.52
N LEU A 8 7.37 6.66 6.68
CA LEU A 8 8.50 7.48 7.02
C LEU A 8 8.65 8.56 5.95
N ASP A 9 9.58 9.48 6.16
CA ASP A 9 9.97 10.47 5.17
C ASP A 9 11.44 10.25 4.74
N PRO A 10 11.74 9.11 4.09
CA PRO A 10 12.95 8.91 3.31
C PRO A 10 12.79 9.64 1.96
N ALA A 11 13.78 9.47 1.09
CA ALA A 11 13.63 9.35 -0.34
C ALA A 11 14.66 8.32 -0.80
N LEU A 12 14.75 8.08 -2.11
CA LEU A 12 15.74 7.18 -2.68
C LEU A 12 16.63 7.97 -3.64
N PRO A 13 17.94 7.65 -3.72
CA PRO A 13 18.90 8.45 -4.46
C PRO A 13 19.01 7.93 -5.89
N ALA A 14 17.90 7.96 -6.61
CA ALA A 14 17.58 7.26 -7.86
C ALA A 14 17.92 5.76 -7.91
N ASN A 15 18.98 5.26 -7.25
CA ASN A 15 19.52 3.92 -7.51
C ASN A 15 19.05 2.84 -6.54
N ILE A 16 18.31 3.15 -5.48
CA ILE A 16 17.99 2.20 -4.39
C ILE A 16 16.54 1.75 -4.53
N THR A 17 16.32 0.44 -4.40
CA THR A 17 14.99 -0.17 -4.47
C THR A 17 14.84 -1.21 -3.35
N LEU A 18 13.81 -2.07 -3.40
CA LEU A 18 13.61 -3.21 -2.51
C LEU A 18 14.90 -4.02 -2.33
N LYS A 19 15.63 -4.25 -3.42
CA LYS A 19 16.90 -4.97 -3.42
C LYS A 19 18.01 -4.29 -2.61
N ASP A 20 17.91 -2.99 -2.34
CA ASP A 20 18.97 -2.20 -1.70
C ASP A 20 18.42 -1.43 -0.51
N LEU A 21 17.21 -1.74 -0.04
CA LEU A 21 16.67 -1.17 1.18
C LEU A 21 17.67 -1.32 2.34
N PRO A 22 18.03 -2.53 2.80
CA PRO A 22 19.00 -2.70 3.89
C PRO A 22 20.40 -2.16 3.57
N SER A 23 20.67 -1.77 2.32
CA SER A 23 21.94 -1.18 1.88
C SER A 23 22.13 0.22 2.49
N LEU A 24 21.04 0.95 2.78
CA LEU A 24 21.10 2.21 3.50
C LEU A 24 20.31 2.18 4.81
N TYR A 25 19.57 1.10 5.10
CA TYR A 25 18.55 1.06 6.16
C TYR A 25 18.74 -0.16 7.07
N PRO A 26 19.78 -0.19 7.91
CA PRO A 26 20.08 -1.34 8.74
C PRO A 26 19.07 -1.56 9.87
N SER A 27 18.25 -0.57 10.23
CA SER A 27 17.19 -0.73 11.23
C SER A 27 15.83 -1.04 10.59
N PHE A 28 15.73 -1.05 9.27
CA PHE A 28 14.49 -1.29 8.53
C PHE A 28 14.61 -2.52 7.62
N HIS A 29 15.64 -3.34 7.81
CA HIS A 29 15.92 -4.51 6.98
C HIS A 29 14.81 -5.57 7.00
N SER A 30 13.96 -5.58 8.03
CA SER A 30 12.95 -6.62 8.24
C SER A 30 11.78 -6.54 7.25
N ALA A 31 11.64 -5.45 6.49
CA ALA A 31 10.58 -5.29 5.52
C ALA A 31 10.81 -6.27 4.39
N SER A 32 9.71 -6.77 3.83
CA SER A 32 9.73 -7.57 2.61
C SER A 32 9.02 -6.84 1.46
N ASP A 33 8.73 -5.55 1.65
CA ASP A 33 8.31 -4.71 0.53
C ASP A 33 8.69 -3.27 0.81
N ILE A 34 8.77 -2.50 -0.28
CA ILE A 34 8.90 -1.06 -0.27
C ILE A 34 8.51 -0.60 -1.67
N PHE A 35 7.78 0.51 -1.77
CA PHE A 35 7.57 1.18 -3.05
C PHE A 35 7.71 2.68 -2.88
N ASN A 36 8.58 3.28 -3.70
CA ASN A 36 8.78 4.72 -3.80
C ASN A 36 7.55 5.37 -4.44
N VAL A 37 7.11 6.49 -3.86
CA VAL A 37 5.97 7.28 -4.30
C VAL A 37 6.26 8.75 -4.02
N ALA A 38 5.44 9.64 -4.58
CA ALA A 38 5.42 11.06 -4.23
C ALA A 38 4.75 11.29 -2.86
N LYS A 39 4.81 12.52 -2.34
CA LYS A 39 4.23 12.92 -1.05
C LYS A 39 2.85 13.55 -1.20
N PRO A 40 1.96 13.35 -0.20
CA PRO A 40 0.61 13.89 -0.20
C PRO A 40 0.54 15.41 -0.08
N LYS A 41 1.52 16.08 0.52
CA LYS A 41 1.55 17.56 0.57
C LYS A 41 2.91 18.15 0.28
N ASN A 42 3.82 17.40 -0.36
CA ASN A 42 5.06 17.97 -0.88
C ASN A 42 5.47 17.28 -2.19
N PRO A 43 4.74 17.48 -3.31
CA PRO A 43 5.01 16.81 -4.58
C PRO A 43 6.42 17.05 -5.16
N SER A 44 7.14 18.05 -4.65
CA SER A 44 8.50 18.38 -5.05
C SER A 44 9.49 17.29 -4.63
N THR A 45 9.44 16.86 -3.37
CA THR A 45 10.36 15.85 -2.83
C THR A 45 9.80 14.46 -3.15
N ASN A 46 10.30 13.37 -2.54
CA ASN A 46 9.80 12.01 -2.78
C ASN A 46 9.79 11.27 -1.44
N VAL A 47 9.12 10.12 -1.36
CA VAL A 47 9.14 9.19 -0.22
C VAL A 47 9.03 7.75 -0.73
N SER A 48 8.73 6.83 0.18
CA SER A 48 8.33 5.47 -0.11
C SER A 48 7.25 5.06 0.90
N VAL A 49 6.80 3.81 0.80
CA VAL A 49 5.94 3.12 1.75
C VAL A 49 6.70 1.84 2.06
N VAL A 50 6.67 1.35 3.31
CA VAL A 50 7.40 0.17 3.75
C VAL A 50 6.42 -0.73 4.51
N VAL A 51 6.66 -2.05 4.50
CA VAL A 51 5.78 -3.06 5.07
C VAL A 51 6.56 -3.88 6.09
N PHE A 52 5.87 -4.56 7.01
CA PHE A 52 6.45 -5.54 7.93
C PHE A 52 5.47 -6.71 8.10
N ASP A 53 5.90 -7.80 8.74
CA ASP A 53 5.02 -8.93 9.01
C ASP A 53 3.97 -8.61 10.06
N SER A 54 4.33 -7.98 11.19
CA SER A 54 3.40 -7.64 12.26
C SER A 54 3.99 -6.63 13.27
N THR A 55 3.26 -6.35 14.35
CA THR A 55 3.62 -5.42 15.43
C THR A 55 5.05 -5.61 15.92
N LYS A 56 5.52 -6.86 15.97
CA LYS A 56 6.83 -7.26 16.51
C LYS A 56 7.97 -6.56 15.79
N ASP A 57 7.79 -6.20 14.52
CA ASP A 57 8.79 -5.54 13.71
C ASP A 57 8.38 -4.09 13.45
N VAL A 58 7.08 -3.78 13.33
CA VAL A 58 6.55 -2.43 13.14
C VAL A 58 6.95 -1.54 14.33
N GLU A 59 6.56 -1.93 15.55
CA GLU A 59 6.67 -1.07 16.72
C GLU A 59 8.14 -0.87 17.08
N ASP A 60 8.93 -1.95 17.00
CA ASP A 60 10.38 -1.89 17.23
C ASP A 60 11.05 -0.99 16.18
N ALA A 61 10.71 -1.12 14.89
CA ALA A 61 11.29 -0.28 13.85
C ALA A 61 10.97 1.19 14.11
N HIS A 62 9.72 1.48 14.50
CA HIS A 62 9.29 2.83 14.86
C HIS A 62 10.07 3.34 16.09
N SER A 63 10.33 2.47 17.07
CA SER A 63 11.17 2.76 18.22
C SER A 63 12.65 2.92 17.83
N GLY A 64 13.06 2.41 16.67
CA GLY A 64 14.45 2.20 16.32
C GLY A 64 15.18 3.51 16.05
N LEU A 65 14.44 4.60 15.84
CA LEU A 65 15.02 5.90 15.52
C LEU A 65 14.87 6.90 16.68
N LEU A 66 14.53 6.41 17.87
CA LEU A 66 14.32 7.20 19.08
C LEU A 66 15.65 7.53 19.78
N LYS A 67 16.74 7.67 19.03
CA LYS A 67 18.06 8.06 19.54
C LYS A 67 18.69 9.15 18.67
N GLY A 68 17.88 9.94 17.97
CA GLY A 68 18.30 11.14 17.25
C GLY A 68 19.10 10.91 15.98
N ASN A 69 19.80 9.78 15.85
CA ASN A 69 20.74 9.43 14.79
C ASN A 69 19.98 8.96 13.56
N SER A 70 19.18 9.85 12.97
CA SER A 70 18.28 9.51 11.89
C SER A 70 17.84 10.78 11.15
N ARG A 71 18.41 11.00 9.97
CA ARG A 71 18.25 12.20 9.15
C ARG A 71 16.92 12.19 8.38
N GLN A 72 15.87 11.61 8.95
CA GLN A 72 14.58 11.35 8.33
C GLN A 72 13.48 11.60 9.35
N THR A 73 12.23 11.57 8.89
CA THR A 73 11.05 11.58 9.76
C THR A 73 10.43 10.20 9.75
N VAL A 74 9.57 9.93 10.73
CA VAL A 74 8.76 8.74 10.84
C VAL A 74 7.37 9.15 11.36
N TRP A 75 6.31 8.48 10.91
CA TRP A 75 4.91 8.65 11.30
C TRP A 75 4.32 7.28 11.64
N ARG A 76 3.04 7.24 12.02
CA ARG A 76 2.28 5.99 12.16
C ARG A 76 1.14 6.08 11.17
N GLY A 77 1.47 5.73 9.93
CA GLY A 77 0.46 5.57 8.92
C GLY A 77 -0.46 4.42 9.29
N TYR A 78 -1.70 4.46 8.80
CA TYR A 78 -2.62 3.34 8.79
C TYR A 78 -3.39 3.40 7.48
N LEU A 79 -3.80 2.24 6.98
CA LEU A 79 -4.68 2.06 5.85
C LEU A 79 -5.92 1.36 6.36
N THR A 80 -7.05 1.70 5.74
CA THR A 80 -8.34 1.08 5.93
C THR A 80 -9.23 1.50 4.76
N THR A 81 -10.51 1.15 4.83
CA THR A 81 -11.53 1.41 3.81
C THR A 81 -12.78 2.10 4.38
N ASP A 82 -12.82 2.42 5.67
CA ASP A 82 -13.97 2.99 6.36
C ASP A 82 -14.00 4.50 6.23
N LYS A 83 -15.08 5.11 5.69
CA LYS A 83 -15.17 6.57 5.60
C LYS A 83 -15.62 7.25 6.90
N GLU A 84 -15.58 6.58 8.06
CA GLU A 84 -16.27 7.00 9.27
C GLU A 84 -15.27 7.51 10.28
N VAL A 85 -14.62 8.61 9.90
CA VAL A 85 -13.66 9.36 10.70
C VAL A 85 -13.91 10.84 10.40
N PRO A 86 -13.86 11.76 11.37
CA PRO A 86 -13.99 13.19 11.12
C PRO A 86 -12.72 13.74 10.47
N GLY A 87 -12.77 14.09 9.18
CA GLY A 87 -11.61 14.64 8.49
C GLY A 87 -10.73 13.55 7.87
N LEU A 88 -11.35 12.47 7.40
CA LEU A 88 -10.74 11.42 6.57
C LEU A 88 -9.98 12.02 5.39
N VAL A 89 -8.87 11.41 5.00
CA VAL A 89 -7.98 11.87 3.93
C VAL A 89 -7.90 10.76 2.86
N LEU A 90 -7.41 11.09 1.67
CA LEU A 90 -7.39 10.20 0.51
C LEU A 90 -5.95 9.82 0.18
N MET A 91 -5.71 8.62 -0.35
CA MET A 91 -4.44 8.23 -0.97
C MET A 91 -4.41 8.79 -2.41
N GLN A 92 -3.36 8.45 -3.15
CA GLN A 92 -2.98 9.05 -4.40
C GLN A 92 -2.28 8.06 -5.35
N ASP A 93 -1.78 6.94 -4.85
CA ASP A 93 -1.05 5.92 -5.62
C ASP A 93 -1.17 4.52 -5.01
N LEU A 94 -2.30 4.23 -4.37
CA LEU A 94 -2.70 2.87 -3.98
C LEU A 94 -3.98 2.48 -4.71
N ALA A 95 -4.24 1.19 -4.96
CA ALA A 95 -5.59 0.70 -5.22
C ALA A 95 -5.81 -0.61 -4.44
N PHE A 96 -7.05 -1.11 -4.38
CA PHE A 96 -7.44 -2.29 -3.62
C PHE A 96 -8.40 -3.12 -4.47
N LEU A 97 -8.79 -4.31 -4.02
CA LEU A 97 -9.69 -5.27 -4.68
C LEU A 97 -10.16 -6.22 -3.57
N SER A 98 -11.41 -6.68 -3.54
CA SER A 98 -11.81 -7.75 -2.61
C SER A 98 -12.96 -8.58 -3.19
N GLY A 99 -13.37 -9.65 -2.49
CA GLY A 99 -14.43 -10.56 -2.91
C GLY A 99 -13.93 -11.76 -3.71
N PHE A 100 -12.65 -11.77 -4.09
CA PHE A 100 -11.99 -12.89 -4.76
C PHE A 100 -12.01 -14.15 -3.88
N PRO A 101 -11.84 -15.35 -4.49
CA PRO A 101 -11.89 -16.60 -3.75
C PRO A 101 -10.62 -16.84 -2.90
N PRO A 102 -10.68 -17.73 -1.91
CA PRO A 102 -9.60 -17.98 -0.95
C PRO A 102 -8.39 -18.71 -1.54
N THR A 103 -8.51 -19.22 -2.76
CA THR A 103 -7.43 -19.93 -3.47
C THR A 103 -6.22 -19.02 -3.70
N PHE A 104 -6.42 -17.70 -3.76
CA PHE A 104 -5.34 -16.73 -3.89
C PHE A 104 -4.65 -16.54 -2.54
N LYS A 105 -3.37 -16.89 -2.46
CA LYS A 105 -2.55 -16.75 -1.26
C LYS A 105 -1.09 -16.44 -1.57
N GLU A 106 -0.75 -16.17 -2.83
CA GLU A 106 0.48 -15.49 -3.20
C GLU A 106 0.09 -14.22 -3.95
N THR A 107 0.88 -13.15 -3.79
CA THR A 107 0.62 -11.91 -4.53
C THR A 107 0.81 -12.15 -6.02
N ASN A 108 1.85 -12.92 -6.38
CA ASN A 108 2.22 -13.19 -7.77
C ASN A 108 1.18 -14.01 -8.50
N GLN A 109 0.55 -14.96 -7.80
CA GLN A 109 -0.49 -15.84 -8.33
C GLN A 109 -1.61 -15.00 -8.91
N LEU A 110 -2.15 -14.05 -8.14
CA LEU A 110 -3.26 -13.24 -8.60
C LEU A 110 -2.82 -12.13 -9.53
N LYS A 111 -1.52 -11.77 -9.56
CA LYS A 111 -0.90 -10.82 -10.50
C LYS A 111 -1.09 -11.23 -11.95
N THR A 112 -1.52 -12.46 -12.21
CA THR A 112 -1.74 -12.97 -13.55
C THR A 112 -3.20 -13.36 -13.76
N LYS A 113 -4.08 -12.91 -12.86
CA LYS A 113 -5.50 -13.21 -12.80
C LYS A 113 -6.32 -11.93 -12.56
N LEU A 114 -5.84 -10.71 -12.88
CA LEU A 114 -6.67 -9.53 -12.76
C LEU A 114 -7.89 -9.68 -13.70
N PRO A 115 -9.07 -9.16 -13.33
CA PRO A 115 -10.21 -9.09 -14.22
C PRO A 115 -9.94 -8.03 -15.29
N GLU A 116 -10.46 -8.20 -16.51
CA GLU A 116 -10.28 -7.20 -17.58
C GLU A 116 -10.79 -5.82 -17.14
N ASN A 117 -11.79 -5.77 -16.26
CA ASN A 117 -12.32 -4.56 -15.63
C ASN A 117 -11.27 -3.71 -14.93
N LEU A 118 -10.12 -4.28 -14.59
CA LEU A 118 -9.06 -3.63 -13.83
C LEU A 118 -7.72 -4.30 -14.16
N SER A 119 -7.41 -4.48 -15.45
CA SER A 119 -6.19 -5.14 -15.91
C SER A 119 -5.53 -4.36 -17.04
N SER A 120 -5.50 -3.04 -16.89
CA SER A 120 -4.68 -2.16 -17.70
C SER A 120 -3.99 -1.15 -16.78
N LYS A 121 -4.76 -0.23 -16.20
CA LYS A 121 -4.22 0.95 -15.52
C LYS A 121 -3.57 0.63 -14.17
N VAL A 122 -3.48 -0.63 -13.74
CA VAL A 122 -2.97 -0.98 -12.43
C VAL A 122 -1.90 -2.05 -12.52
N LYS A 123 -1.12 -2.13 -11.43
CA LYS A 123 -0.23 -3.24 -11.16
C LYS A 123 -0.41 -3.63 -9.69
N LEU A 124 -0.40 -4.92 -9.42
CA LEU A 124 -0.33 -5.44 -8.06
C LEU A 124 1.06 -5.14 -7.52
N LEU A 125 1.17 -4.95 -6.20
CA LEU A 125 2.46 -5.00 -5.52
C LEU A 125 2.39 -5.58 -4.10
N GLN A 126 1.22 -5.69 -3.45
CA GLN A 126 1.10 -6.26 -2.11
C GLN A 126 -0.21 -7.07 -2.00
N LEU A 127 -0.31 -7.90 -0.97
CA LEU A 127 -1.56 -8.52 -0.54
C LEU A 127 -1.51 -8.50 0.98
N TYR A 128 -2.67 -8.45 1.62
CA TYR A 128 -2.82 -8.49 3.05
C TYR A 128 -2.76 -9.95 3.48
N SER A 129 -1.66 -10.31 4.14
CA SER A 129 -1.34 -11.59 4.76
C SER A 129 -2.27 -11.97 5.94
N GLU A 130 -3.51 -11.47 5.97
CA GLU A 130 -4.44 -11.68 7.07
C GLU A 130 -5.91 -11.58 6.66
N ALA A 131 -6.27 -10.73 5.68
CA ALA A 131 -7.66 -10.51 5.31
C ALA A 131 -7.80 -10.30 3.80
N SER A 132 -9.02 -10.50 3.30
CA SER A 132 -9.31 -10.67 1.88
C SER A 132 -9.31 -9.36 1.09
N VAL A 133 -8.19 -8.67 0.98
CA VAL A 133 -8.08 -7.49 0.13
C VAL A 133 -6.70 -7.42 -0.52
N ALA A 134 -6.66 -6.99 -1.78
CA ALA A 134 -5.42 -6.78 -2.51
C ALA A 134 -4.83 -5.43 -2.15
N LEU A 135 -3.56 -5.23 -2.52
CA LEU A 135 -2.97 -3.91 -2.56
C LEU A 135 -2.18 -3.71 -3.84
N LEU A 136 -2.52 -2.64 -4.53
CA LEU A 136 -1.99 -2.23 -5.82
C LEU A 136 -1.68 -0.75 -5.73
N LYS A 137 -1.32 -0.17 -6.86
CA LYS A 137 -1.18 1.20 -7.16
C LYS A 137 -1.85 1.44 -8.51
N LEU A 138 -2.23 2.69 -8.73
CA LEU A 138 -2.65 3.21 -10.02
C LEU A 138 -1.42 3.61 -10.84
N ASN A 139 -1.60 3.76 -12.16
CA ASN A 139 -0.62 4.39 -13.04
C ASN A 139 -0.75 5.90 -12.99
N ASN A 140 -1.98 6.42 -13.00
CA ASN A 140 -2.28 7.85 -13.01
C ASN A 140 -3.56 8.14 -12.21
N PRO A 141 -3.65 9.30 -11.52
CA PRO A 141 -4.83 9.70 -10.73
C PRO A 141 -6.12 9.84 -11.57
N LYS A 142 -6.03 9.66 -12.89
CA LYS A 142 -7.11 9.69 -13.87
C LYS A 142 -8.32 8.94 -13.33
N ASP A 143 -9.36 9.71 -13.04
CA ASP A 143 -10.68 9.28 -12.67
C ASP A 143 -10.70 8.34 -11.46
N PHE A 144 -9.63 8.29 -10.66
CA PHE A 144 -9.44 7.28 -9.63
C PHE A 144 -10.66 7.10 -8.72
N GLN A 145 -11.05 8.15 -7.99
CA GLN A 145 -12.10 8.10 -6.98
C GLN A 145 -13.48 8.01 -7.60
N GLU A 146 -13.61 8.22 -8.90
CA GLU A 146 -14.85 7.97 -9.63
C GLU A 146 -14.92 6.47 -9.87
N LEU A 147 -14.03 5.97 -10.74
CA LEU A 147 -13.96 4.60 -11.23
C LEU A 147 -14.11 3.61 -10.07
N ASN A 148 -13.48 3.92 -8.94
CA ASN A 148 -13.48 3.11 -7.74
C ASN A 148 -14.89 2.71 -7.27
N LYS A 149 -15.87 3.61 -7.33
CA LYS A 149 -17.25 3.32 -6.95
C LYS A 149 -18.18 3.19 -8.16
N GLN A 150 -17.67 3.24 -9.39
CA GLN A 150 -18.46 3.27 -10.61
C GLN A 150 -18.36 1.91 -11.33
N THR A 151 -18.28 0.81 -10.58
CA THR A 151 -18.30 -0.53 -11.13
C THR A 151 -19.75 -0.95 -11.40
N LYS A 152 -19.94 -2.02 -12.20
CA LYS A 152 -21.11 -2.89 -12.16
C LYS A 152 -20.63 -4.34 -12.05
N LYS A 153 -21.55 -5.30 -11.85
CA LYS A 153 -21.27 -6.74 -11.88
C LYS A 153 -20.78 -7.23 -13.24
N ASN A 154 -19.51 -6.99 -13.54
CA ASN A 154 -18.84 -7.43 -14.76
C ASN A 154 -17.43 -7.97 -14.46
N MET A 155 -16.96 -7.76 -13.23
CA MET A 155 -15.67 -8.24 -12.75
C MET A 155 -15.83 -9.73 -12.44
N THR A 156 -14.91 -10.60 -12.84
CA THR A 156 -14.91 -12.01 -12.44
C THR A 156 -13.47 -12.54 -12.44
N ILE A 157 -13.18 -13.51 -11.57
CA ILE A 157 -11.95 -14.28 -11.50
C ILE A 157 -12.31 -15.68 -11.01
N ASP A 158 -11.75 -16.71 -11.65
CA ASP A 158 -11.81 -18.12 -11.23
C ASP A 158 -13.24 -18.59 -10.93
N GLY A 159 -14.21 -17.97 -11.59
CA GLY A 159 -15.62 -18.29 -11.48
C GLY A 159 -16.33 -17.56 -10.35
N LYS A 160 -15.87 -16.36 -9.98
CA LYS A 160 -16.35 -15.61 -8.84
C LYS A 160 -16.37 -14.15 -9.26
N GLU A 161 -17.54 -13.53 -9.32
CA GLU A 161 -17.60 -12.08 -9.45
C GLU A 161 -17.20 -11.46 -8.12
N LEU A 162 -16.64 -10.26 -8.18
CA LEU A 162 -15.94 -9.56 -7.12
C LEU A 162 -16.02 -8.06 -7.40
N THR A 163 -15.32 -7.20 -6.64
CA THR A 163 -15.25 -5.78 -6.99
C THR A 163 -13.90 -5.18 -6.61
N ILE A 164 -13.69 -3.91 -6.96
CA ILE A 164 -12.64 -3.07 -6.40
C ILE A 164 -13.07 -2.59 -5.00
N SER A 165 -12.12 -2.08 -4.23
CA SER A 165 -12.32 -1.48 -2.92
C SER A 165 -11.77 -0.05 -2.92
N PRO A 166 -12.26 0.82 -2.03
CA PRO A 166 -11.76 2.19 -1.87
C PRO A 166 -10.37 2.19 -1.24
N ALA A 167 -9.79 3.39 -1.11
CA ALA A 167 -8.56 3.65 -0.41
C ALA A 167 -8.70 5.01 0.25
N TYR A 168 -8.01 5.21 1.37
CA TYR A 168 -7.96 6.44 2.15
C TYR A 168 -6.55 6.55 2.69
N LEU A 169 -6.19 7.68 3.28
CA LEU A 169 -4.89 7.89 3.91
C LEU A 169 -5.18 8.26 5.35
N LEU A 170 -4.70 7.48 6.32
CA LEU A 170 -4.81 7.80 7.73
C LEU A 170 -3.39 7.87 8.28
N TRP A 171 -3.15 8.70 9.29
CA TRP A 171 -1.89 8.82 10.01
C TRP A 171 -2.18 9.00 11.50
N ASP A 172 -1.13 9.16 12.31
CA ASP A 172 -1.24 9.68 13.67
C ASP A 172 -1.65 11.14 13.61
N MET A 1 -10.76 -1.46 11.14
CA MET A 1 -9.52 -1.49 11.94
C MET A 1 -8.42 -0.72 11.23
N LYS A 2 -7.79 0.22 11.93
CA LYS A 2 -6.48 0.70 11.48
C LYS A 2 -5.48 -0.45 11.45
N VAL A 3 -4.32 -0.25 10.82
CA VAL A 3 -3.30 -1.29 10.68
C VAL A 3 -1.94 -0.64 10.95
N PRO A 4 -0.98 -1.34 11.59
CA PRO A 4 0.36 -0.82 11.83
C PRO A 4 1.16 -0.85 10.52
N MET A 5 1.60 0.31 10.05
CA MET A 5 2.59 0.49 9.00
C MET A 5 3.48 1.65 9.44
N LEU A 6 4.62 1.84 8.77
CA LEU A 6 5.52 2.96 9.03
C LEU A 6 5.72 3.72 7.73
N VAL A 7 5.93 5.03 7.81
CA VAL A 7 6.05 5.92 6.67
C VAL A 7 7.17 6.91 6.97
N LEU A 8 7.78 7.45 5.92
CA LEU A 8 8.97 8.26 5.97
C LEU A 8 9.07 9.09 4.69
N ASP A 9 9.88 10.15 4.73
CA ASP A 9 9.99 11.08 3.61
C ASP A 9 11.44 11.24 3.09
N PRO A 10 12.16 10.14 2.76
CA PRO A 10 13.44 10.20 2.05
C PRO A 10 13.23 10.55 0.58
N ALA A 11 14.28 10.46 -0.24
CA ALA A 11 14.22 10.22 -1.66
C ALA A 11 15.54 9.58 -2.06
N LEU A 12 15.57 8.26 -2.08
CA LEU A 12 16.78 7.48 -2.33
C LEU A 12 17.19 7.58 -3.80
N PRO A 13 18.47 7.36 -4.11
CA PRO A 13 18.93 7.42 -5.49
C PRO A 13 18.33 6.27 -6.30
N ALA A 14 18.26 6.46 -7.62
CA ALA A 14 17.64 5.54 -8.57
C ALA A 14 18.52 4.31 -8.87
N ASN A 15 19.19 3.78 -7.85
CA ASN A 15 19.98 2.56 -7.81
C ASN A 15 19.69 1.73 -6.56
N ILE A 16 18.80 2.18 -5.67
CA ILE A 16 18.44 1.46 -4.45
C ILE A 16 17.19 0.63 -4.72
N THR A 17 17.07 -0.47 -3.99
CA THR A 17 15.97 -1.43 -4.03
C THR A 17 15.71 -1.98 -2.62
N LEU A 18 14.82 -2.96 -2.47
CA LEU A 18 14.61 -3.70 -1.23
C LEU A 18 15.93 -4.22 -0.67
N LYS A 19 16.82 -4.74 -1.52
CA LYS A 19 18.09 -5.27 -1.05
C LYS A 19 18.96 -4.21 -0.40
N ASP A 20 18.99 -2.99 -0.94
CA ASP A 20 19.82 -1.92 -0.40
C ASP A 20 19.09 -1.12 0.68
N LEU A 21 17.79 -1.36 0.95
CA LEU A 21 17.06 -0.76 2.07
C LEU A 21 17.86 -0.84 3.36
N PRO A 22 18.18 -2.03 3.90
CA PRO A 22 18.83 -2.15 5.20
C PRO A 22 20.29 -1.69 5.20
N SER A 23 20.88 -1.34 4.05
CA SER A 23 22.26 -0.85 3.98
C SER A 23 22.41 0.32 4.94
N LEU A 24 21.58 1.36 4.74
CA LEU A 24 21.66 2.63 5.44
C LEU A 24 20.39 2.90 6.26
N TYR A 25 19.43 1.96 6.25
CA TYR A 25 18.26 1.93 7.12
C TYR A 25 18.24 0.59 7.87
N PRO A 26 19.19 0.35 8.77
CA PRO A 26 19.27 -0.92 9.50
C PRO A 26 18.00 -1.14 10.32
N SER A 27 17.39 -0.07 10.84
CA SER A 27 16.19 -0.16 11.64
C SER A 27 15.03 -0.75 10.85
N PHE A 28 14.96 -0.55 9.53
CA PHE A 28 13.81 -0.93 8.71
C PHE A 28 14.00 -2.32 8.07
N HIS A 29 15.03 -3.07 8.48
CA HIS A 29 15.47 -4.33 7.87
C HIS A 29 14.37 -5.40 7.76
N SER A 30 13.43 -5.47 8.71
CA SER A 30 12.43 -6.52 8.77
C SER A 30 11.40 -6.49 7.63
N ALA A 31 11.46 -5.51 6.72
CA ALA A 31 10.49 -5.35 5.65
C ALA A 31 10.59 -6.50 4.64
N SER A 32 9.44 -7.09 4.31
CA SER A 32 9.34 -8.02 3.19
C SER A 32 9.00 -7.29 1.87
N ASP A 33 8.86 -5.96 1.87
CA ASP A 33 8.66 -5.20 0.63
C ASP A 33 8.95 -3.73 0.89
N ILE A 34 9.30 -3.01 -0.17
CA ILE A 34 9.39 -1.56 -0.18
C ILE A 34 8.88 -1.06 -1.54
N PHE A 35 8.30 0.14 -1.60
CA PHE A 35 7.98 0.78 -2.88
C PHE A 35 8.59 2.19 -2.84
N ASN A 36 8.66 2.86 -3.99
CA ASN A 36 9.18 4.21 -4.12
C ASN A 36 8.05 5.06 -4.69
N VAL A 37 7.38 5.83 -3.84
CA VAL A 37 6.08 6.46 -4.10
C VAL A 37 6.21 7.98 -4.01
N ALA A 38 5.15 8.72 -4.30
CA ALA A 38 5.11 10.17 -4.11
C ALA A 38 4.57 10.51 -2.72
N LYS A 39 4.95 11.68 -2.20
CA LYS A 39 4.59 12.22 -0.91
C LYS A 39 3.13 12.73 -0.97
N PRO A 40 2.32 12.57 0.09
CA PRO A 40 0.89 12.90 0.04
C PRO A 40 0.57 14.40 -0.03
N LYS A 41 1.50 15.32 0.27
CA LYS A 41 1.27 16.76 0.29
C LYS A 41 2.30 17.51 -0.57
N ASN A 42 3.11 16.81 -1.39
CA ASN A 42 4.16 17.48 -2.16
C ASN A 42 4.54 16.68 -3.40
N PRO A 43 3.72 16.69 -4.47
CA PRO A 43 3.86 15.81 -5.61
C PRO A 43 5.14 16.06 -6.42
N SER A 44 5.77 17.22 -6.21
CA SER A 44 7.08 17.59 -6.70
C SER A 44 8.24 16.71 -6.20
N THR A 45 8.00 15.65 -5.42
CA THR A 45 9.06 14.82 -4.86
C THR A 45 8.75 13.34 -5.04
N ASN A 46 9.58 12.47 -4.46
CA ASN A 46 9.30 11.06 -4.22
C ASN A 46 9.77 10.73 -2.80
N VAL A 47 9.42 9.55 -2.32
CA VAL A 47 9.73 8.97 -1.01
C VAL A 47 9.87 7.46 -1.19
N SER A 48 9.88 6.73 -0.08
CA SER A 48 9.86 5.30 0.02
C SER A 48 8.80 4.95 1.07
N VAL A 49 8.35 3.71 1.06
CA VAL A 49 7.23 3.21 1.81
C VAL A 49 7.57 1.76 2.12
N VAL A 50 7.48 1.37 3.39
CA VAL A 50 8.02 0.12 3.90
C VAL A 50 6.83 -0.61 4.50
N VAL A 51 6.72 -1.92 4.25
CA VAL A 51 5.71 -2.74 4.88
C VAL A 51 6.39 -3.47 6.04
N PHE A 52 5.62 -3.79 7.09
CA PHE A 52 6.00 -4.68 8.16
C PHE A 52 4.78 -5.58 8.44
N ASP A 53 4.86 -6.46 9.43
CA ASP A 53 3.80 -7.39 9.81
C ASP A 53 3.26 -7.11 11.20
N SER A 54 4.08 -6.59 12.11
CA SER A 54 3.58 -6.11 13.39
C SER A 54 4.37 -4.97 14.01
N THR A 55 3.82 -4.45 15.11
CA THR A 55 4.43 -3.44 15.96
C THR A 55 5.77 -3.87 16.54
N LYS A 56 6.06 -5.18 16.62
CA LYS A 56 7.36 -5.65 17.10
C LYS A 56 8.51 -5.03 16.30
N ASP A 57 8.28 -4.74 15.03
CA ASP A 57 9.32 -4.33 14.11
C ASP A 57 9.11 -2.89 13.65
N VAL A 58 7.85 -2.42 13.54
CA VAL A 58 7.52 -1.02 13.27
C VAL A 58 8.09 -0.12 14.37
N GLU A 59 7.78 -0.43 15.64
CA GLU A 59 8.10 0.43 16.76
C GLU A 59 9.61 0.54 16.90
N ASP A 60 10.30 -0.61 16.83
CA ASP A 60 11.76 -0.63 16.95
C ASP A 60 12.44 0.03 15.75
N ALA A 61 11.90 -0.14 14.53
CA ALA A 61 12.40 0.55 13.34
C ALA A 61 12.38 2.06 13.58
N HIS A 62 11.27 2.58 14.10
CA HIS A 62 11.14 3.98 14.45
C HIS A 62 12.18 4.37 15.52
N SER A 63 12.30 3.59 16.60
CA SER A 63 13.22 3.76 17.69
C SER A 63 14.70 3.61 17.28
N GLY A 64 15.04 3.29 16.03
CA GLY A 64 16.43 3.23 15.57
C GLY A 64 17.07 4.60 15.36
N LEU A 65 16.27 5.67 15.21
CA LEU A 65 16.77 6.96 14.75
C LEU A 65 16.60 8.09 15.75
N LEU A 66 16.31 7.77 17.01
CA LEU A 66 15.92 8.75 18.03
C LEU A 66 17.07 9.37 18.83
N LYS A 67 18.33 9.17 18.45
CA LYS A 67 19.50 9.52 19.26
C LYS A 67 19.88 11.00 19.12
N GLY A 68 18.91 11.88 18.90
CA GLY A 68 19.12 13.32 18.76
C GLY A 68 19.67 13.71 17.39
N ASN A 69 20.59 12.93 16.83
CA ASN A 69 21.13 13.13 15.48
C ASN A 69 20.24 12.34 14.53
N SER A 70 19.69 12.99 13.52
CA SER A 70 18.85 12.35 12.51
C SER A 70 19.03 13.09 11.17
N ARG A 71 18.87 12.37 10.06
CA ARG A 71 18.98 12.87 8.69
C ARG A 71 17.85 12.31 7.85
N GLN A 72 16.62 12.44 8.36
CA GLN A 72 15.46 11.74 7.88
C GLN A 72 14.21 12.40 8.45
N THR A 73 13.04 12.01 7.97
CA THR A 73 11.77 12.27 8.66
C THR A 73 10.97 10.96 8.63
N VAL A 74 10.43 10.57 9.78
CA VAL A 74 9.62 9.37 9.98
C VAL A 74 8.26 9.89 10.46
N TRP A 75 7.17 9.37 9.89
CA TRP A 75 5.81 9.84 10.07
C TRP A 75 4.96 8.69 10.62
N ARG A 76 3.66 8.94 10.87
CA ARG A 76 2.68 7.90 11.18
C ARG A 76 1.56 7.99 10.18
N GLY A 77 1.32 6.91 9.46
CA GLY A 77 0.17 6.73 8.59
C GLY A 77 -0.50 5.43 9.02
N TYR A 78 -1.79 5.32 8.75
CA TYR A 78 -2.60 4.16 9.06
C TYR A 78 -3.64 4.03 7.95
N LEU A 79 -4.05 2.80 7.68
CA LEU A 79 -5.01 2.48 6.64
C LEU A 79 -6.16 1.76 7.31
N THR A 80 -7.39 2.04 6.90
CA THR A 80 -8.58 1.37 7.40
C THR A 80 -9.64 1.33 6.29
N THR A 81 -10.75 0.67 6.60
CA THR A 81 -11.94 0.56 5.78
C THR A 81 -13.19 1.01 6.54
N ASP A 82 -13.07 1.54 7.78
CA ASP A 82 -14.20 1.98 8.58
C ASP A 82 -14.58 3.43 8.29
N LYS A 83 -15.64 3.64 7.50
CA LYS A 83 -16.24 4.94 7.16
C LYS A 83 -16.98 5.60 8.34
N GLU A 84 -16.46 5.43 9.55
CA GLU A 84 -17.05 5.96 10.78
C GLU A 84 -15.97 6.61 11.64
N VAL A 85 -14.77 6.81 11.10
CA VAL A 85 -13.72 7.59 11.75
C VAL A 85 -13.94 9.05 11.33
N PRO A 86 -13.86 10.03 12.25
CA PRO A 86 -13.86 11.43 11.92
C PRO A 86 -12.59 11.76 11.12
N GLY A 87 -12.71 12.57 10.07
CA GLY A 87 -11.55 13.04 9.32
C GLY A 87 -10.92 11.96 8.46
N LEU A 88 -11.66 10.90 8.10
CA LEU A 88 -11.24 9.97 7.05
C LEU A 88 -10.91 10.78 5.79
N VAL A 89 -9.73 10.54 5.20
CA VAL A 89 -9.33 11.11 3.93
C VAL A 89 -9.39 9.98 2.90
N LEU A 90 -9.71 10.28 1.65
CA LEU A 90 -9.65 9.29 0.58
C LEU A 90 -8.17 8.98 0.29
N MET A 91 -7.89 7.79 -0.26
CA MET A 91 -6.56 7.45 -0.75
C MET A 91 -6.35 7.96 -2.18
N GLN A 92 -5.09 7.89 -2.61
CA GLN A 92 -4.64 8.23 -3.94
C GLN A 92 -4.28 6.95 -4.67
N ASP A 93 -3.35 6.14 -4.14
CA ASP A 93 -2.76 5.02 -4.90
C ASP A 93 -3.17 3.62 -4.38
N LEU A 94 -4.21 3.52 -3.56
CA LEU A 94 -4.62 2.26 -2.93
C LEU A 94 -5.92 1.77 -3.56
N ALA A 95 -6.22 0.47 -3.40
CA ALA A 95 -7.46 -0.17 -3.81
C ALA A 95 -7.55 -1.50 -3.06
N PHE A 96 -8.55 -1.66 -2.19
CA PHE A 96 -8.92 -2.94 -1.61
C PHE A 96 -9.79 -3.68 -2.61
N LEU A 97 -9.91 -5.01 -2.50
CA LEU A 97 -10.74 -5.84 -3.36
C LEU A 97 -11.35 -6.94 -2.48
N SER A 98 -12.50 -7.49 -2.83
CA SER A 98 -13.12 -8.63 -2.12
C SER A 98 -14.03 -9.40 -3.05
N GLY A 99 -14.43 -10.63 -2.67
CA GLY A 99 -15.43 -11.45 -3.36
C GLY A 99 -14.86 -12.39 -4.42
N PHE A 100 -13.55 -12.32 -4.67
CA PHE A 100 -12.80 -13.13 -5.63
C PHE A 100 -12.87 -14.64 -5.36
N PRO A 101 -12.49 -15.47 -6.35
CA PRO A 101 -12.31 -16.90 -6.16
C PRO A 101 -11.10 -17.16 -5.24
N PRO A 102 -11.02 -18.34 -4.59
CA PRO A 102 -9.98 -18.65 -3.62
C PRO A 102 -8.63 -19.00 -4.25
N THR A 103 -8.60 -19.21 -5.57
CA THR A 103 -7.51 -19.80 -6.32
C THR A 103 -6.45 -18.75 -6.66
N PHE A 104 -6.12 -17.92 -5.67
CA PHE A 104 -5.21 -16.77 -5.74
C PHE A 104 -4.22 -16.74 -4.58
N LYS A 105 -3.89 -17.90 -4.02
CA LYS A 105 -2.97 -18.12 -2.94
C LYS A 105 -1.50 -17.81 -3.28
N GLU A 106 -1.22 -17.10 -4.37
CA GLU A 106 0.12 -16.64 -4.73
C GLU A 106 -0.02 -15.23 -5.28
N THR A 107 0.86 -14.32 -4.87
CA THR A 107 0.82 -12.92 -5.26
C THR A 107 0.89 -12.75 -6.79
N ASN A 108 1.72 -13.55 -7.47
CA ASN A 108 1.97 -13.34 -8.90
C ASN A 108 0.83 -13.92 -9.73
N GLN A 109 0.06 -14.83 -9.17
CA GLN A 109 -1.00 -15.51 -9.89
C GLN A 109 -2.07 -14.51 -10.32
N LEU A 110 -2.65 -13.81 -9.33
CA LEU A 110 -3.76 -12.89 -9.58
C LEU A 110 -3.32 -11.64 -10.34
N LYS A 111 -2.01 -11.36 -10.40
CA LYS A 111 -1.37 -10.24 -11.09
C LYS A 111 -1.73 -10.17 -12.58
N THR A 112 -2.31 -11.23 -13.13
CA THR A 112 -2.74 -11.34 -14.51
C THR A 112 -4.17 -11.90 -14.62
N LYS A 113 -5.01 -11.79 -13.57
CA LYS A 113 -6.37 -12.35 -13.53
C LYS A 113 -7.45 -11.34 -13.13
N LEU A 114 -7.09 -10.11 -12.78
CA LEU A 114 -7.99 -9.02 -12.39
C LEU A 114 -8.73 -8.46 -13.62
N PRO A 115 -9.87 -7.77 -13.43
CA PRO A 115 -10.66 -7.22 -14.54
C PRO A 115 -10.09 -5.88 -15.05
N GLU A 116 -10.58 -5.42 -16.20
CA GLU A 116 -10.14 -4.21 -16.88
C GLU A 116 -10.16 -2.99 -15.96
N ASN A 117 -11.23 -2.81 -15.18
CA ASN A 117 -11.40 -1.67 -14.28
C ASN A 117 -10.33 -1.58 -13.18
N LEU A 118 -9.58 -2.66 -12.94
CA LEU A 118 -8.55 -2.72 -11.91
C LEU A 118 -7.29 -3.38 -12.47
N SER A 119 -7.12 -3.43 -13.79
CA SER A 119 -6.06 -4.18 -14.45
C SER A 119 -5.82 -3.71 -15.88
N SER A 120 -6.14 -2.46 -16.21
CA SER A 120 -5.65 -1.88 -17.44
C SER A 120 -4.11 -1.80 -17.37
N LYS A 121 -3.52 -1.30 -16.26
CA LYS A 121 -2.09 -0.99 -16.19
C LYS A 121 -1.48 -1.04 -14.78
N VAL A 122 -2.20 -1.51 -13.75
CA VAL A 122 -1.79 -1.36 -12.34
C VAL A 122 -1.10 -2.63 -11.83
N LYS A 123 -0.70 -2.73 -10.54
CA LYS A 123 -0.04 -3.94 -10.01
C LYS A 123 -0.56 -4.29 -8.62
N LEU A 124 -0.26 -5.51 -8.19
CA LEU A 124 -0.48 -6.02 -6.85
C LEU A 124 0.78 -5.77 -6.05
N LEU A 125 0.64 -5.31 -4.81
CA LEU A 125 1.76 -5.33 -3.86
C LEU A 125 1.38 -6.00 -2.54
N GLN A 126 0.09 -6.29 -2.31
CA GLN A 126 -0.44 -6.58 -0.98
C GLN A 126 -1.40 -7.76 -1.05
N LEU A 127 -1.02 -8.91 -0.48
CA LEU A 127 -1.88 -10.08 -0.34
C LEU A 127 -1.97 -10.43 1.15
N TYR A 128 -3.11 -10.99 1.56
CA TYR A 128 -3.48 -11.25 2.96
C TYR A 128 -2.46 -12.14 3.67
N SER A 129 -2.33 -12.01 4.98
CA SER A 129 -1.77 -13.05 5.84
C SER A 129 -2.93 -13.99 6.21
N GLU A 130 -3.15 -15.09 5.49
CA GLU A 130 -4.09 -16.18 5.80
C GLU A 130 -5.59 -15.82 5.74
N ALA A 131 -5.90 -14.53 5.76
CA ALA A 131 -7.20 -13.89 5.66
C ALA A 131 -7.64 -13.81 4.18
N SER A 132 -8.50 -12.84 3.87
CA SER A 132 -9.30 -12.84 2.64
C SER A 132 -9.41 -11.47 1.98
N VAL A 133 -8.44 -10.56 2.19
CA VAL A 133 -8.46 -9.22 1.60
C VAL A 133 -7.09 -8.96 0.99
N ALA A 134 -7.00 -8.94 -0.35
CA ALA A 134 -5.81 -8.51 -1.09
C ALA A 134 -6.09 -7.10 -1.62
N LEU A 135 -5.04 -6.32 -1.86
CA LEU A 135 -5.12 -4.91 -2.22
C LEU A 135 -4.42 -4.65 -3.56
N LEU A 136 -4.05 -3.42 -3.88
CA LEU A 136 -3.39 -3.05 -5.15
C LEU A 136 -2.69 -1.69 -5.06
N LYS A 137 -1.83 -1.42 -6.04
CA LYS A 137 -1.12 -0.16 -6.28
C LYS A 137 -1.39 0.26 -7.72
N LEU A 138 -2.22 1.29 -7.84
CA LEU A 138 -2.41 1.99 -9.11
C LEU A 138 -1.18 2.86 -9.43
N ASN A 139 -1.12 3.38 -10.67
CA ASN A 139 -0.04 4.27 -11.11
C ASN A 139 -0.53 5.57 -11.73
N ASN A 140 -1.82 5.68 -12.03
CA ASN A 140 -2.48 6.88 -12.55
C ASN A 140 -3.66 7.19 -11.62
N PRO A 141 -3.45 7.93 -10.52
CA PRO A 141 -4.50 8.22 -9.54
C PRO A 141 -5.61 9.15 -10.06
N LYS A 142 -5.40 9.74 -11.24
CA LYS A 142 -6.35 10.61 -11.92
C LYS A 142 -7.64 9.83 -12.12
N ASP A 143 -8.73 10.27 -11.49
CA ASP A 143 -10.07 9.74 -11.44
C ASP A 143 -10.20 8.25 -11.10
N PHE A 144 -9.15 7.55 -10.66
CA PHE A 144 -9.14 6.09 -10.65
C PHE A 144 -10.23 5.47 -9.78
N GLN A 145 -10.50 6.03 -8.60
CA GLN A 145 -11.60 5.61 -7.75
C GLN A 145 -12.96 5.96 -8.37
N GLU A 146 -13.06 7.18 -8.88
CA GLU A 146 -14.31 7.79 -9.35
C GLU A 146 -14.80 7.02 -10.59
N LEU A 147 -13.83 6.61 -11.41
CA LEU A 147 -13.95 5.67 -12.52
C LEU A 147 -14.51 4.34 -12.04
N ASN A 148 -13.92 3.71 -11.02
CA ASN A 148 -14.26 2.34 -10.70
C ASN A 148 -15.72 2.25 -10.26
N LYS A 149 -16.16 3.19 -9.41
CA LYS A 149 -17.52 3.21 -8.90
C LYS A 149 -18.58 3.72 -9.91
N GLN A 150 -18.24 3.87 -11.20
CA GLN A 150 -19.21 4.19 -12.24
C GLN A 150 -20.19 3.03 -12.46
N THR A 151 -21.27 3.34 -13.18
CA THR A 151 -22.26 2.50 -13.84
C THR A 151 -21.65 1.56 -14.92
N LYS A 152 -20.65 0.76 -14.55
CA LYS A 152 -20.15 -0.32 -15.41
C LYS A 152 -21.11 -1.50 -15.33
N LYS A 153 -20.86 -2.56 -16.10
CA LYS A 153 -21.62 -3.81 -16.01
C LYS A 153 -21.19 -4.67 -14.82
N ASN A 154 -20.70 -4.08 -13.72
CA ASN A 154 -19.97 -4.76 -12.64
C ASN A 154 -18.76 -5.53 -13.20
N MET A 155 -18.12 -6.41 -12.42
CA MET A 155 -16.91 -7.11 -12.81
C MET A 155 -16.92 -8.59 -12.42
N THR A 156 -16.14 -9.42 -13.13
CA THR A 156 -16.06 -10.88 -12.93
C THR A 156 -14.61 -11.37 -13.04
N ILE A 157 -14.31 -12.53 -12.45
CA ILE A 157 -13.08 -13.30 -12.54
C ILE A 157 -13.54 -14.75 -12.59
N ASP A 158 -13.14 -15.49 -13.63
CA ASP A 158 -13.43 -16.92 -13.81
C ASP A 158 -14.94 -17.19 -13.71
N GLY A 159 -15.74 -16.20 -14.12
CA GLY A 159 -17.20 -16.26 -14.10
C GLY A 159 -17.83 -15.92 -12.75
N LYS A 160 -17.04 -15.76 -11.68
CA LYS A 160 -17.54 -15.34 -10.37
C LYS A 160 -17.43 -13.82 -10.32
N GLU A 161 -18.51 -13.14 -9.96
CA GLU A 161 -18.52 -11.69 -9.77
C GLU A 161 -18.10 -11.34 -8.34
N LEU A 162 -17.65 -10.09 -8.18
CA LEU A 162 -16.91 -9.58 -7.02
C LEU A 162 -16.97 -8.04 -7.06
N THR A 163 -16.21 -7.29 -6.24
CA THR A 163 -16.15 -5.83 -6.37
C THR A 163 -14.85 -5.26 -5.75
N ILE A 164 -14.60 -3.96 -5.95
CA ILE A 164 -13.62 -3.18 -5.22
C ILE A 164 -14.24 -2.73 -3.89
N SER A 165 -13.38 -2.35 -2.96
CA SER A 165 -13.70 -1.80 -1.66
C SER A 165 -13.06 -0.41 -1.50
N PRO A 166 -13.56 0.38 -0.55
CA PRO A 166 -13.01 1.69 -0.24
C PRO A 166 -11.61 1.59 0.35
N ALA A 167 -10.88 2.70 0.39
CA ALA A 167 -9.54 2.83 0.95
C ALA A 167 -9.42 4.22 1.58
N TYR A 168 -9.31 4.31 2.91
CA TYR A 168 -9.19 5.58 3.59
C TYR A 168 -7.77 5.72 4.16
N LEU A 169 -7.19 6.90 3.94
CA LEU A 169 -5.89 7.33 4.45
C LEU A 169 -6.14 8.05 5.76
N LEU A 170 -5.57 7.55 6.84
CA LEU A 170 -5.61 8.17 8.16
C LEU A 170 -4.17 8.33 8.63
N TRP A 171 -3.96 9.12 9.67
CA TRP A 171 -2.67 9.33 10.33
C TRP A 171 -2.89 9.39 11.84
N ASP A 172 -1.84 9.67 12.60
CA ASP A 172 -1.90 9.74 14.05
C ASP A 172 -2.63 10.99 14.51
N MET A 1 -9.96 -3.08 12.06
CA MET A 1 -9.94 -1.65 12.43
C MET A 1 -8.82 -0.90 11.73
N LYS A 2 -7.55 -1.35 11.84
CA LYS A 2 -6.39 -0.67 11.29
C LYS A 2 -5.28 -1.69 11.04
N VAL A 3 -4.20 -1.31 10.36
CA VAL A 3 -2.99 -2.13 10.20
C VAL A 3 -1.80 -1.25 10.56
N PRO A 4 -0.74 -1.78 11.21
CA PRO A 4 0.43 -0.98 11.58
C PRO A 4 1.28 -0.65 10.35
N MET A 5 1.97 0.48 10.39
CA MET A 5 2.94 0.93 9.39
C MET A 5 3.89 1.93 10.05
N LEU A 6 4.94 2.33 9.33
CA LEU A 6 5.66 3.60 9.55
C LEU A 6 5.62 4.41 8.26
N VAL A 7 5.72 5.74 8.36
CA VAL A 7 5.78 6.63 7.20
C VAL A 7 7.03 7.49 7.39
N LEU A 8 7.90 7.51 6.37
CA LEU A 8 9.22 8.09 6.44
C LEU A 8 9.41 9.08 5.30
N ASP A 9 10.48 9.86 5.40
CA ASP A 9 10.77 11.01 4.57
C ASP A 9 12.20 11.00 3.96
N PRO A 10 12.62 9.91 3.29
CA PRO A 10 13.88 9.85 2.53
C PRO A 10 13.75 10.54 1.18
N ALA A 11 14.68 10.31 0.25
CA ALA A 11 14.44 10.44 -1.17
C ALA A 11 15.37 9.47 -1.92
N LEU A 12 15.02 8.17 -1.87
CA LEU A 12 15.81 7.14 -2.52
C LEU A 12 15.67 7.26 -4.04
N PRO A 13 16.71 6.95 -4.81
CA PRO A 13 16.70 7.05 -6.26
C PRO A 13 15.98 5.85 -6.91
N ALA A 14 15.86 5.88 -8.25
CA ALA A 14 15.24 4.84 -9.05
C ALA A 14 16.00 3.51 -9.05
N ASN A 15 17.21 3.49 -8.48
CA ASN A 15 18.18 2.41 -8.56
C ASN A 15 18.33 1.64 -7.23
N ILE A 16 17.36 1.77 -6.31
CA ILE A 16 17.29 0.99 -5.07
C ILE A 16 16.13 0.00 -5.22
N THR A 17 16.18 -1.08 -4.45
CA THR A 17 15.17 -2.13 -4.42
C THR A 17 14.87 -2.49 -2.97
N LEU A 18 13.97 -3.44 -2.76
CA LEU A 18 13.76 -4.11 -1.46
C LEU A 18 15.05 -4.74 -0.94
N LYS A 19 15.99 -5.14 -1.81
CA LYS A 19 17.30 -5.64 -1.40
C LYS A 19 18.15 -4.53 -0.80
N ASP A 20 17.98 -3.27 -1.21
CA ASP A 20 18.85 -2.17 -0.77
C ASP A 20 18.19 -1.26 0.26
N LEU A 21 16.92 -1.52 0.60
CA LEU A 21 16.36 -1.08 1.87
C LEU A 21 17.35 -1.39 3.02
N PRO A 22 17.62 -2.66 3.39
CA PRO A 22 18.45 -2.96 4.54
C PRO A 22 19.91 -2.57 4.35
N SER A 23 20.34 -2.21 3.14
CA SER A 23 21.71 -1.85 2.89
C SER A 23 21.96 -0.44 3.41
N LEU A 24 20.89 0.36 3.59
CA LEU A 24 20.96 1.69 4.15
C LEU A 24 20.22 1.77 5.49
N TYR A 25 19.29 0.85 5.73
CA TYR A 25 18.35 0.85 6.85
C TYR A 25 18.46 -0.46 7.63
N PRO A 26 19.44 -0.61 8.52
CA PRO A 26 19.54 -1.81 9.36
C PRO A 26 18.23 -2.00 10.13
N SER A 27 17.65 -0.93 10.66
CA SER A 27 16.50 -0.97 11.54
C SER A 27 15.18 -1.24 10.81
N PHE A 28 15.13 -1.18 9.47
CA PHE A 28 13.93 -1.51 8.68
C PHE A 28 14.14 -2.79 7.86
N HIS A 29 15.20 -3.56 8.14
CA HIS A 29 15.51 -4.79 7.39
C HIS A 29 14.33 -5.77 7.37
N SER A 30 13.50 -5.83 8.40
CA SER A 30 12.42 -6.80 8.54
C SER A 30 11.20 -6.50 7.65
N ALA A 31 11.22 -5.48 6.79
CA ALA A 31 10.14 -5.19 5.87
C ALA A 31 10.17 -6.14 4.68
N SER A 32 9.01 -6.31 4.05
CA SER A 32 8.84 -7.00 2.78
C SER A 32 8.09 -6.13 1.77
N ASP A 33 8.19 -4.80 1.86
CA ASP A 33 8.08 -3.98 0.65
C ASP A 33 8.72 -2.60 0.81
N ILE A 34 8.86 -1.87 -0.30
CA ILE A 34 9.23 -0.46 -0.35
C ILE A 34 8.70 0.14 -1.66
N PHE A 35 8.11 1.33 -1.61
CA PHE A 35 7.72 2.06 -2.81
C PHE A 35 7.99 3.55 -2.63
N ASN A 36 8.70 4.15 -3.57
CA ASN A 36 8.98 5.57 -3.67
C ASN A 36 7.73 6.29 -4.17
N VAL A 37 7.40 7.42 -3.56
CA VAL A 37 6.20 8.21 -3.82
C VAL A 37 6.50 9.68 -3.51
N ALA A 38 5.59 10.60 -3.85
CA ALA A 38 5.63 11.96 -3.34
C ALA A 38 4.92 12.00 -1.98
N LYS A 39 5.38 12.88 -1.10
CA LYS A 39 4.60 13.37 0.03
C LYS A 39 3.26 13.90 -0.50
N PRO A 40 2.17 13.80 0.27
CA PRO A 40 0.89 14.39 -0.10
C PRO A 40 1.00 15.91 -0.09
N LYS A 41 1.49 16.49 1.00
CA LYS A 41 1.49 17.93 1.26
C LYS A 41 2.84 18.56 0.87
N ASN A 42 3.69 17.87 0.11
CA ASN A 42 4.90 18.44 -0.50
C ASN A 42 5.21 17.76 -1.84
N PRO A 43 4.61 18.20 -2.96
CA PRO A 43 4.96 17.73 -4.30
C PRO A 43 6.36 18.19 -4.77
N SER A 44 7.09 18.99 -4.00
CA SER A 44 8.41 19.51 -4.34
C SER A 44 9.55 18.67 -3.72
N THR A 45 9.25 17.46 -3.23
CA THR A 45 10.23 16.51 -2.71
C THR A 45 9.92 15.11 -3.24
N ASN A 46 10.65 14.10 -2.77
CA ASN A 46 10.32 12.69 -2.92
C ASN A 46 10.40 12.06 -1.54
N VAL A 47 9.79 10.88 -1.36
CA VAL A 47 9.91 10.02 -0.19
C VAL A 47 9.78 8.56 -0.63
N SER A 48 9.70 7.63 0.33
CA SER A 48 9.24 6.28 0.08
C SER A 48 8.43 5.79 1.29
N VAL A 49 7.85 4.63 1.16
CA VAL A 49 6.95 4.01 2.13
C VAL A 49 7.46 2.57 2.30
N VAL A 50 7.24 1.98 3.47
CA VAL A 50 7.69 0.64 3.85
C VAL A 50 6.43 -0.20 4.15
N VAL A 51 6.55 -1.52 4.28
CA VAL A 51 5.53 -2.41 4.83
C VAL A 51 6.22 -3.28 5.88
N PHE A 52 5.52 -3.65 6.95
CA PHE A 52 5.91 -4.70 7.90
C PHE A 52 4.71 -5.62 8.16
N ASP A 53 4.92 -6.77 8.80
CA ASP A 53 3.82 -7.70 9.11
C ASP A 53 3.10 -7.33 10.41
N SER A 54 3.83 -7.01 11.49
CA SER A 54 3.24 -6.64 12.77
C SER A 54 4.23 -5.89 13.68
N THR A 55 3.80 -5.54 14.90
CA THR A 55 4.53 -4.66 15.79
C THR A 55 5.91 -5.15 16.22
N LYS A 56 6.16 -6.46 16.25
CA LYS A 56 7.47 -6.98 16.66
C LYS A 56 8.60 -6.38 15.80
N ASP A 57 8.29 -6.05 14.56
CA ASP A 57 9.21 -5.58 13.53
C ASP A 57 9.10 -4.06 13.43
N VAL A 58 7.86 -3.55 13.30
CA VAL A 58 7.54 -2.13 13.16
C VAL A 58 8.12 -1.31 14.33
N GLU A 59 8.09 -1.86 15.54
CA GLU A 59 8.45 -1.08 16.72
C GLU A 59 9.96 -0.91 16.85
N ASP A 60 10.69 -1.99 16.56
CA ASP A 60 12.15 -1.99 16.49
C ASP A 60 12.61 -0.93 15.50
N ALA A 61 11.96 -0.85 14.34
CA ALA A 61 12.23 0.12 13.32
C ALA A 61 12.06 1.57 13.82
N HIS A 62 10.97 1.87 14.52
CA HIS A 62 10.77 3.19 15.14
C HIS A 62 11.82 3.42 16.24
N SER A 63 12.20 2.37 16.96
CA SER A 63 13.29 2.33 17.91
C SER A 63 14.68 2.37 17.24
N GLY A 64 14.78 2.66 15.93
CA GLY A 64 16.03 2.71 15.18
C GLY A 64 16.67 4.08 15.07
N LEU A 65 15.95 5.16 15.42
CA LEU A 65 16.38 6.54 15.10
C LEU A 65 16.36 7.44 16.34
N LEU A 66 16.28 6.82 17.52
CA LEU A 66 16.27 7.42 18.84
C LEU A 66 17.68 7.72 19.39
N LYS A 67 18.71 7.63 18.55
CA LYS A 67 20.13 7.77 18.91
C LYS A 67 20.48 9.26 18.92
N GLY A 68 19.65 10.08 19.55
CA GLY A 68 19.83 11.52 19.63
C GLY A 68 19.33 12.23 18.37
N ASN A 69 19.83 11.86 17.18
CA ASN A 69 19.65 12.62 15.94
C ASN A 69 19.88 11.73 14.72
N SER A 70 18.96 11.75 13.74
CA SER A 70 19.12 11.13 12.44
C SER A 70 18.69 12.09 11.31
N ARG A 71 19.26 11.88 10.12
CA ARG A 71 18.74 12.35 8.85
C ARG A 71 17.64 11.39 8.43
N GLN A 72 16.51 11.43 9.12
CA GLN A 72 15.27 10.75 8.82
C GLN A 72 14.18 11.20 9.80
N THR A 73 12.93 10.83 9.55
CA THR A 73 11.81 10.93 10.47
C THR A 73 11.31 9.52 10.75
N VAL A 74 10.40 9.41 11.72
CA VAL A 74 9.54 8.30 12.00
C VAL A 74 8.15 8.84 12.33
N TRP A 75 7.14 8.46 11.54
CA TRP A 75 5.73 8.72 11.85
C TRP A 75 4.97 7.39 11.95
N ARG A 76 3.72 7.44 12.38
CA ARG A 76 2.83 6.31 12.59
C ARG A 76 1.55 6.55 11.78
N GLY A 77 1.67 6.25 10.49
CA GLY A 77 0.53 6.18 9.59
C GLY A 77 -0.13 4.82 9.76
N TYR A 78 -1.43 4.77 9.48
CA TYR A 78 -2.28 3.59 9.51
C TYR A 78 -3.20 3.68 8.29
N LEU A 79 -3.68 2.54 7.83
CA LEU A 79 -4.66 2.44 6.76
C LEU A 79 -5.87 1.71 7.35
N THR A 80 -7.02 1.86 6.70
CA THR A 80 -8.26 1.17 7.07
C THR A 80 -9.06 0.92 5.79
N THR A 81 -10.16 0.18 5.92
CA THR A 81 -10.98 -0.32 4.81
C THR A 81 -12.44 0.07 4.97
N ASP A 82 -12.81 0.86 5.98
CA ASP A 82 -14.18 1.36 6.14
C ASP A 82 -14.16 2.86 6.31
N LYS A 83 -15.23 3.50 5.85
CA LYS A 83 -15.44 4.94 5.84
C LYS A 83 -15.82 5.46 7.24
N GLU A 84 -15.98 4.55 8.19
CA GLU A 84 -16.50 4.77 9.53
C GLU A 84 -15.40 5.23 10.49
N VAL A 85 -14.60 6.22 10.08
CA VAL A 85 -13.53 6.78 10.89
C VAL A 85 -13.61 8.31 10.77
N PRO A 86 -13.51 9.08 11.86
CA PRO A 86 -13.57 10.53 11.78
C PRO A 86 -12.24 11.06 11.23
N GLY A 87 -12.26 12.23 10.59
CA GLY A 87 -11.05 12.83 10.05
C GLY A 87 -10.47 12.09 8.84
N LEU A 88 -11.19 11.12 8.25
CA LEU A 88 -10.67 10.37 7.12
C LEU A 88 -10.29 11.26 5.94
N VAL A 89 -9.25 10.87 5.20
CA VAL A 89 -8.64 11.53 4.05
C VAL A 89 -8.45 10.45 2.98
N LEU A 90 -8.90 10.70 1.76
CA LEU A 90 -8.72 9.80 0.63
C LEU A 90 -7.24 9.66 0.31
N MET A 91 -6.86 8.50 -0.21
CA MET A 91 -5.57 8.27 -0.88
C MET A 91 -5.42 9.13 -2.15
N GLN A 92 -4.37 8.87 -2.94
CA GLN A 92 -4.08 9.56 -4.19
C GLN A 92 -3.94 8.58 -5.36
N ASP A 93 -3.63 7.31 -5.12
CA ASP A 93 -3.25 6.35 -6.15
C ASP A 93 -3.39 4.90 -5.68
N LEU A 94 -4.41 4.61 -4.86
CA LEU A 94 -4.55 3.30 -4.20
C LEU A 94 -5.89 2.65 -4.53
N ALA A 95 -5.99 1.33 -4.48
CA ALA A 95 -7.11 0.53 -4.95
C ALA A 95 -7.24 -0.69 -4.05
N PHE A 96 -8.36 -0.79 -3.30
CA PHE A 96 -8.57 -1.80 -2.26
C PHE A 96 -9.59 -2.80 -2.74
N LEU A 97 -9.10 -3.83 -3.40
CA LEU A 97 -9.91 -4.83 -4.06
C LEU A 97 -10.20 -5.94 -3.09
N SER A 98 -11.47 -6.30 -2.97
CA SER A 98 -11.97 -7.35 -2.10
C SER A 98 -13.08 -8.15 -2.82
N GLY A 99 -13.71 -9.12 -2.15
CA GLY A 99 -14.85 -9.86 -2.66
C GLY A 99 -14.48 -11.02 -3.59
N PHE A 100 -13.20 -11.19 -3.94
CA PHE A 100 -12.70 -12.26 -4.79
C PHE A 100 -12.95 -13.65 -4.15
N PRO A 101 -12.91 -14.74 -4.94
CA PRO A 101 -13.09 -16.08 -4.40
C PRO A 101 -11.86 -16.51 -3.59
N PRO A 102 -11.97 -17.52 -2.72
CA PRO A 102 -10.90 -17.92 -1.79
C PRO A 102 -9.72 -18.62 -2.46
N THR A 103 -9.78 -18.87 -3.77
CA THR A 103 -8.69 -19.38 -4.60
C THR A 103 -7.69 -18.25 -4.87
N PHE A 104 -7.29 -17.51 -3.83
CA PHE A 104 -6.21 -16.54 -3.88
C PHE A 104 -5.39 -16.60 -2.60
N LYS A 105 -4.08 -16.80 -2.77
CA LYS A 105 -3.12 -17.09 -1.71
C LYS A 105 -1.68 -16.70 -2.14
N GLU A 106 -1.53 -15.99 -3.25
CA GLU A 106 -0.23 -15.50 -3.71
C GLU A 106 -0.44 -14.13 -4.37
N THR A 107 0.47 -13.17 -4.18
CA THR A 107 0.43 -11.90 -4.90
C THR A 107 0.51 -12.15 -6.42
N ASN A 108 1.30 -13.11 -6.87
CA ASN A 108 1.49 -13.38 -8.29
C ASN A 108 0.21 -13.90 -8.94
N GLN A 109 -0.59 -14.64 -8.16
CA GLN A 109 -1.77 -15.34 -8.62
C GLN A 109 -2.79 -14.36 -9.19
N LEU A 110 -3.05 -13.26 -8.48
CA LEU A 110 -4.02 -12.27 -8.90
C LEU A 110 -3.39 -11.15 -9.71
N LYS A 111 -2.06 -11.00 -9.70
CA LYS A 111 -1.31 -9.97 -10.41
C LYS A 111 -1.66 -9.85 -11.90
N THR A 112 -2.16 -10.92 -12.54
CA THR A 112 -2.55 -10.94 -13.94
C THR A 112 -4.02 -11.38 -14.14
N LYS A 113 -4.72 -11.79 -13.09
CA LYS A 113 -6.06 -12.38 -13.19
C LYS A 113 -7.15 -11.33 -12.93
N LEU A 114 -6.86 -10.06 -13.23
CA LEU A 114 -7.77 -8.95 -12.98
C LEU A 114 -8.38 -8.49 -14.29
N PRO A 115 -9.59 -7.89 -14.25
CA PRO A 115 -10.20 -7.33 -15.44
C PRO A 115 -9.42 -6.09 -15.89
N GLU A 116 -9.56 -5.72 -17.16
CA GLU A 116 -8.80 -4.64 -17.79
C GLU A 116 -8.93 -3.31 -17.05
N ASN A 117 -10.12 -3.00 -16.52
CA ASN A 117 -10.35 -1.80 -15.72
C ASN A 117 -9.40 -1.68 -14.52
N LEU A 118 -8.79 -2.78 -14.07
CA LEU A 118 -7.84 -2.87 -12.98
C LEU A 118 -6.69 -3.82 -13.33
N SER A 119 -6.28 -3.87 -14.60
CA SER A 119 -5.17 -4.71 -15.07
C SER A 119 -4.37 -4.05 -16.22
N SER A 120 -4.79 -2.87 -16.69
CA SER A 120 -4.18 -2.19 -17.83
C SER A 120 -2.77 -1.67 -17.51
N LYS A 121 -2.62 -0.89 -16.44
CA LYS A 121 -1.40 -0.12 -16.17
C LYS A 121 -1.10 -0.15 -14.66
N VAL A 122 -1.12 -1.33 -14.05
CA VAL A 122 -1.17 -1.48 -12.59
C VAL A 122 -0.13 -2.52 -12.10
N LYS A 123 -0.08 -2.79 -10.78
CA LYS A 123 0.77 -3.80 -10.14
C LYS A 123 0.31 -4.12 -8.72
N LEU A 124 0.45 -5.36 -8.26
CA LEU A 124 0.02 -5.81 -6.93
C LEU A 124 1.25 -6.03 -6.07
N LEU A 125 1.41 -5.23 -5.01
CA LEU A 125 2.62 -5.16 -4.19
C LEU A 125 2.35 -5.33 -2.69
N GLN A 126 1.12 -5.68 -2.30
CA GLN A 126 0.83 -6.18 -0.96
C GLN A 126 -0.35 -7.13 -1.10
N LEU A 127 -0.19 -8.37 -0.63
CA LEU A 127 -1.30 -9.29 -0.45
C LEU A 127 -2.00 -8.95 0.88
N TYR A 128 -2.97 -9.76 1.28
CA TYR A 128 -3.76 -9.65 2.49
C TYR A 128 -3.31 -10.73 3.48
N SER A 129 -2.74 -10.27 4.57
CA SER A 129 -2.50 -11.01 5.79
C SER A 129 -3.86 -11.29 6.46
N GLU A 130 -4.55 -12.34 6.00
CA GLU A 130 -5.81 -12.89 6.51
C GLU A 130 -7.03 -11.94 6.43
N ALA A 131 -6.81 -10.67 6.10
CA ALA A 131 -7.76 -9.76 5.47
C ALA A 131 -8.21 -10.33 4.11
N SER A 132 -9.01 -9.57 3.36
CA SER A 132 -9.39 -9.88 1.99
C SER A 132 -9.24 -8.64 1.13
N VAL A 133 -8.08 -7.98 1.16
CA VAL A 133 -7.89 -6.67 0.55
C VAL A 133 -6.53 -6.68 -0.18
N ALA A 134 -6.57 -6.90 -1.49
CA ALA A 134 -5.39 -6.83 -2.35
C ALA A 134 -4.99 -5.37 -2.45
N LEU A 135 -3.74 -5.05 -2.10
CA LEU A 135 -3.25 -3.68 -2.14
C LEU A 135 -2.76 -3.32 -3.54
N LEU A 136 -3.66 -2.82 -4.39
CA LEU A 136 -3.28 -2.36 -5.72
C LEU A 136 -2.93 -0.88 -5.67
N LYS A 137 -1.80 -0.51 -6.27
CA LYS A 137 -1.39 0.86 -6.56
C LYS A 137 -1.75 1.17 -8.02
N LEU A 138 -2.65 2.10 -8.26
CA LEU A 138 -3.04 2.51 -9.61
C LEU A 138 -2.00 3.48 -10.16
N ASN A 139 -1.90 3.61 -11.47
CA ASN A 139 -1.04 4.61 -12.13
C ASN A 139 -1.84 5.58 -13.02
N ASN A 140 -3.16 5.46 -13.10
CA ASN A 140 -4.02 6.41 -13.80
C ASN A 140 -4.95 7.12 -12.81
N PRO A 141 -4.48 8.11 -12.04
CA PRO A 141 -5.30 8.83 -11.07
C PRO A 141 -6.44 9.66 -11.69
N LYS A 142 -6.58 9.70 -13.02
CA LYS A 142 -7.77 10.28 -13.64
C LYS A 142 -8.92 9.28 -13.54
N ASP A 143 -10.09 9.77 -13.16
CA ASP A 143 -11.41 9.19 -13.25
C ASP A 143 -11.49 7.73 -12.81
N PHE A 144 -10.58 7.27 -11.95
CA PHE A 144 -10.36 5.85 -11.73
C PHE A 144 -11.61 5.17 -11.17
N GLN A 145 -12.29 5.79 -10.22
CA GLN A 145 -13.51 5.24 -9.64
C GLN A 145 -14.65 5.17 -10.66
N GLU A 146 -14.59 5.95 -11.73
CA GLU A 146 -15.56 5.96 -12.84
C GLU A 146 -15.16 4.99 -13.95
N LEU A 147 -13.92 4.49 -13.96
CA LEU A 147 -13.54 3.32 -14.74
C LEU A 147 -13.98 2.03 -14.05
N ASN A 148 -13.68 1.95 -12.75
CA ASN A 148 -13.27 0.69 -12.16
C ASN A 148 -14.47 -0.19 -11.87
N LYS A 149 -15.44 0.35 -11.12
CA LYS A 149 -16.72 -0.31 -10.84
C LYS A 149 -17.85 0.33 -11.64
N GLN A 150 -17.59 0.74 -12.89
CA GLN A 150 -18.49 1.58 -13.68
C GLN A 150 -19.80 0.92 -14.12
N THR A 151 -20.04 -0.30 -13.70
CA THR A 151 -21.27 -1.03 -13.91
C THR A 151 -21.35 -2.14 -12.88
N LYS A 152 -22.56 -2.66 -12.69
CA LYS A 152 -22.85 -3.79 -11.81
C LYS A 152 -22.43 -5.14 -12.38
N LYS A 153 -22.17 -5.25 -13.69
CA LYS A 153 -21.89 -6.51 -14.35
C LYS A 153 -20.70 -6.34 -15.31
N ASN A 154 -19.48 -6.46 -14.78
CA ASN A 154 -18.27 -6.51 -15.60
C ASN A 154 -17.07 -7.06 -14.84
N MET A 155 -16.98 -6.85 -13.52
CA MET A 155 -15.87 -7.33 -12.71
C MET A 155 -16.14 -8.80 -12.36
N THR A 156 -15.25 -9.70 -12.75
CA THR A 156 -15.18 -11.09 -12.29
C THR A 156 -13.72 -11.45 -12.00
N ILE A 157 -13.51 -12.53 -11.26
CA ILE A 157 -12.34 -13.38 -11.35
C ILE A 157 -12.79 -14.82 -11.12
N ASP A 158 -12.27 -15.75 -11.92
CA ASP A 158 -12.31 -17.20 -11.67
C ASP A 158 -13.73 -17.76 -11.56
N GLY A 159 -14.72 -16.98 -11.99
CA GLY A 159 -16.15 -17.30 -11.98
C GLY A 159 -16.94 -16.64 -10.85
N LYS A 160 -16.32 -15.80 -10.02
CA LYS A 160 -17.00 -14.98 -9.03
C LYS A 160 -16.92 -13.53 -9.46
N GLU A 161 -18.04 -12.81 -9.46
CA GLU A 161 -18.02 -11.37 -9.39
C GLU A 161 -17.49 -10.95 -8.02
N LEU A 162 -16.93 -9.74 -7.98
CA LEU A 162 -16.23 -9.15 -6.85
C LEU A 162 -16.32 -7.62 -6.96
N THR A 163 -15.72 -6.86 -6.04
CA THR A 163 -15.90 -5.42 -5.99
C THR A 163 -14.71 -4.75 -5.31
N ILE A 164 -14.20 -3.67 -5.91
CA ILE A 164 -13.18 -2.83 -5.30
C ILE A 164 -13.87 -1.82 -4.37
N SER A 165 -13.11 -1.27 -3.43
CA SER A 165 -13.50 -0.19 -2.54
C SER A 165 -12.46 0.92 -2.56
N PRO A 166 -12.85 2.14 -2.15
CA PRO A 166 -11.92 3.22 -1.89
C PRO A 166 -11.06 2.94 -0.65
N ALA A 167 -9.99 3.73 -0.49
CA ALA A 167 -8.90 3.56 0.45
C ALA A 167 -8.62 4.90 1.13
N TYR A 168 -8.47 4.91 2.45
CA TYR A 168 -8.32 6.15 3.20
C TYR A 168 -7.09 5.99 4.11
N LEU A 169 -6.38 7.09 4.33
CA LEU A 169 -5.06 7.18 4.92
C LEU A 169 -5.12 8.02 6.19
N LEU A 170 -4.59 7.48 7.28
CA LEU A 170 -4.73 8.05 8.61
C LEU A 170 -3.36 8.28 9.25
N TRP A 171 -2.98 9.52 9.54
CA TRP A 171 -1.71 9.82 10.21
C TRP A 171 -1.88 10.37 11.62
N ASP A 172 -0.86 10.18 12.45
CA ASP A 172 -0.55 11.03 13.58
C ASP A 172 -0.33 12.45 13.09
N MET A 1 -10.12 0.04 13.67
CA MET A 1 -9.32 -0.93 12.90
C MET A 1 -8.10 -0.21 12.32
N LYS A 2 -7.06 -0.93 11.87
CA LYS A 2 -5.91 -0.45 11.08
C LYS A 2 -4.92 -1.60 10.90
N VAL A 3 -3.79 -1.40 10.20
CA VAL A 3 -2.78 -2.45 9.97
C VAL A 3 -1.39 -1.91 10.39
N PRO A 4 -0.46 -2.70 10.95
CA PRO A 4 0.84 -2.21 11.39
C PRO A 4 1.82 -2.00 10.21
N MET A 5 2.05 -0.74 9.81
CA MET A 5 3.04 -0.37 8.79
C MET A 5 3.68 0.96 9.16
N LEU A 6 4.53 1.55 8.29
CA LEU A 6 5.27 2.78 8.57
C LEU A 6 5.15 3.82 7.44
N VAL A 7 5.43 5.09 7.74
CA VAL A 7 5.56 6.18 6.77
C VAL A 7 6.78 7.02 7.19
N LEU A 8 7.60 7.45 6.22
CA LEU A 8 8.80 8.25 6.37
C LEU A 8 8.87 9.27 5.25
N ASP A 9 9.87 10.16 5.28
CA ASP A 9 10.11 11.15 4.22
C ASP A 9 11.54 11.05 3.63
N PRO A 10 12.00 9.89 3.13
CA PRO A 10 13.25 9.75 2.39
C PRO A 10 13.10 10.23 0.94
N ALA A 11 14.08 9.93 0.08
CA ALA A 11 13.93 9.76 -1.36
C ALA A 11 15.04 8.85 -1.90
N LEU A 12 14.94 7.53 -1.66
CA LEU A 12 15.85 6.54 -2.26
C LEU A 12 15.76 6.66 -3.78
N PRO A 13 16.86 6.45 -4.51
CA PRO A 13 16.86 6.64 -5.96
C PRO A 13 16.08 5.55 -6.67
N ALA A 14 15.80 5.77 -7.96
CA ALA A 14 15.17 4.83 -8.88
C ALA A 14 16.07 3.63 -9.24
N ASN A 15 16.92 3.15 -8.31
CA ASN A 15 17.62 1.88 -8.45
C ASN A 15 17.79 1.17 -7.11
N ILE A 16 16.75 1.24 -6.27
CA ILE A 16 16.64 0.48 -5.02
C ILE A 16 15.32 -0.30 -5.11
N THR A 17 15.32 -1.46 -4.49
CA THR A 17 14.20 -2.39 -4.33
C THR A 17 14.22 -2.88 -2.88
N LEU A 18 13.38 -3.87 -2.55
CA LEU A 18 13.42 -4.56 -1.28
C LEU A 18 14.82 -5.14 -1.06
N LYS A 19 15.51 -5.63 -2.10
CA LYS A 19 16.86 -6.16 -1.91
C LYS A 19 17.84 -5.12 -1.38
N ASP A 20 17.64 -3.84 -1.65
CA ASP A 20 18.51 -2.78 -1.17
C ASP A 20 17.84 -1.91 -0.11
N LEU A 21 16.63 -2.26 0.35
CA LEU A 21 15.92 -1.55 1.41
C LEU A 21 16.88 -1.21 2.54
N PRO A 22 17.42 -2.18 3.29
CA PRO A 22 18.05 -1.79 4.53
C PRO A 22 19.28 -1.02 4.11
N SER A 23 20.16 -1.63 3.32
CA SER A 23 21.49 -1.17 2.88
C SER A 23 22.33 -0.52 4.00
N LEU A 24 21.87 0.62 4.49
CA LEU A 24 22.44 1.53 5.47
C LEU A 24 21.52 1.68 6.69
N TYR A 25 20.38 0.97 6.73
CA TYR A 25 19.31 1.00 7.71
C TYR A 25 19.21 -0.39 8.35
N PRO A 26 20.17 -0.80 9.21
CA PRO A 26 19.97 -1.98 10.03
C PRO A 26 18.71 -1.80 10.88
N SER A 27 18.38 -0.56 11.26
CA SER A 27 17.16 -0.21 11.96
C SER A 27 15.87 -0.40 11.18
N PHE A 28 15.93 -0.75 9.89
CA PHE A 28 14.79 -1.11 9.06
C PHE A 28 14.92 -2.52 8.49
N HIS A 29 15.92 -3.31 8.91
CA HIS A 29 16.18 -4.61 8.28
C HIS A 29 15.04 -5.62 8.45
N SER A 30 14.14 -5.41 9.42
CA SER A 30 13.10 -6.35 9.80
C SER A 30 11.79 -6.18 9.00
N ALA A 31 11.78 -5.41 7.91
CA ALA A 31 10.67 -5.38 6.98
C ALA A 31 10.93 -6.41 5.89
N SER A 32 9.92 -6.73 5.10
CA SER A 32 10.05 -7.64 3.97
C SER A 32 9.41 -7.08 2.71
N ASP A 33 9.12 -5.77 2.66
CA ASP A 33 8.94 -5.08 1.37
C ASP A 33 9.13 -3.57 1.53
N ILE A 34 9.23 -2.88 0.40
CA ILE A 34 9.36 -1.44 0.27
C ILE A 34 8.62 -1.04 -1.02
N PHE A 35 8.14 0.20 -1.11
CA PHE A 35 7.82 0.79 -2.41
C PHE A 35 8.08 2.29 -2.37
N ASN A 36 8.70 2.80 -3.44
CA ASN A 36 8.89 4.20 -3.73
C ASN A 36 7.58 4.78 -4.29
N VAL A 37 7.19 5.95 -3.78
CA VAL A 37 5.96 6.67 -4.11
C VAL A 37 6.24 8.18 -3.91
N ALA A 38 5.42 9.07 -4.47
CA ALA A 38 5.43 10.49 -4.13
C ALA A 38 4.45 10.77 -2.98
N LYS A 39 4.54 11.95 -2.36
CA LYS A 39 3.63 12.43 -1.33
C LYS A 39 2.17 12.46 -1.83
N PRO A 40 1.20 12.58 -0.92
CA PRO A 40 -0.18 12.89 -1.26
C PRO A 40 -0.44 14.37 -1.58
N LYS A 41 0.30 15.30 -0.94
CA LYS A 41 0.27 16.72 -1.28
C LYS A 41 1.68 17.28 -1.17
N ASN A 42 2.63 16.72 -1.92
CA ASN A 42 3.75 17.51 -2.44
C ASN A 42 4.43 16.82 -3.61
N PRO A 43 3.96 16.98 -4.85
CA PRO A 43 4.61 16.34 -5.99
C PRO A 43 6.01 16.91 -6.28
N SER A 44 6.43 18.00 -5.62
CA SER A 44 7.77 18.57 -5.74
C SER A 44 8.86 17.68 -5.09
N THR A 45 8.53 16.57 -4.43
CA THR A 45 9.48 15.67 -3.79
C THR A 45 9.14 14.21 -4.15
N ASN A 46 9.85 13.23 -3.59
CA ASN A 46 9.50 11.80 -3.63
C ASN A 46 9.76 11.23 -2.24
N VAL A 47 9.20 10.06 -1.92
CA VAL A 47 9.30 9.38 -0.61
C VAL A 47 9.22 7.87 -0.82
N SER A 48 9.09 7.07 0.23
CA SER A 48 8.82 5.64 0.13
C SER A 48 8.15 5.14 1.41
N VAL A 49 7.72 3.88 1.39
CA VAL A 49 6.96 3.21 2.43
C VAL A 49 7.63 1.84 2.64
N VAL A 50 7.35 1.18 3.77
CA VAL A 50 7.97 -0.07 4.20
C VAL A 50 6.86 -1.04 4.67
N VAL A 51 7.07 -2.36 4.57
CA VAL A 51 6.09 -3.39 4.95
C VAL A 51 6.72 -4.29 6.04
N PHE A 52 6.08 -4.39 7.20
CA PHE A 52 6.42 -5.30 8.29
C PHE A 52 5.17 -6.11 8.66
N ASP A 53 5.35 -7.14 9.49
CA ASP A 53 4.27 -8.01 9.96
C ASP A 53 3.54 -7.40 11.16
N SER A 54 4.26 -6.93 12.20
CA SER A 54 3.64 -6.47 13.43
C SER A 54 4.43 -5.42 14.19
N THR A 55 3.85 -4.95 15.30
CA THR A 55 4.46 -4.06 16.27
C THR A 55 5.73 -4.63 16.93
N LYS A 56 5.98 -5.93 16.82
CA LYS A 56 7.23 -6.55 17.23
C LYS A 56 8.44 -5.89 16.56
N ASP A 57 8.25 -5.33 15.36
CA ASP A 57 9.33 -4.84 14.52
C ASP A 57 9.07 -3.41 14.07
N VAL A 58 7.80 -3.02 13.86
CA VAL A 58 7.37 -1.67 13.50
C VAL A 58 7.79 -0.67 14.58
N GLU A 59 7.65 -1.04 15.86
CA GLU A 59 7.86 -0.10 16.95
C GLU A 59 9.36 0.19 17.10
N ASP A 60 10.16 -0.88 17.15
CA ASP A 60 11.63 -0.82 17.04
C ASP A 60 12.08 0.02 15.85
N ALA A 61 11.50 -0.21 14.66
CA ALA A 61 11.90 0.53 13.47
C ALA A 61 11.63 2.04 13.61
N HIS A 62 10.63 2.45 14.39
CA HIS A 62 10.33 3.86 14.62
C HIS A 62 11.17 4.41 15.77
N SER A 63 11.56 3.55 16.70
CA SER A 63 12.75 3.72 17.53
C SER A 63 14.03 3.91 16.67
N GLY A 64 14.01 3.54 15.38
CA GLY A 64 15.14 3.55 14.47
C GLY A 64 15.85 4.89 14.31
N LEU A 65 15.21 6.03 14.61
CA LEU A 65 15.79 7.36 14.46
C LEU A 65 15.95 8.09 15.78
N LEU A 66 15.84 7.36 16.89
CA LEU A 66 15.88 7.93 18.22
C LEU A 66 17.33 8.02 18.69
N LYS A 67 17.97 9.15 18.39
CA LYS A 67 19.21 9.58 19.00
C LYS A 67 19.30 11.12 19.02
N GLY A 68 18.20 11.83 18.77
CA GLY A 68 18.16 13.28 18.61
C GLY A 68 18.70 13.71 17.25
N ASN A 69 19.92 13.27 16.91
CA ASN A 69 20.63 13.59 15.69
C ASN A 69 20.10 12.71 14.55
N SER A 70 18.94 13.05 14.01
CA SER A 70 18.32 12.41 12.86
C SER A 70 18.50 13.31 11.64
N ARG A 71 18.85 12.73 10.49
CA ARG A 71 18.78 13.37 9.17
C ARG A 71 17.75 12.65 8.28
N GLN A 72 16.74 12.05 8.92
CA GLN A 72 15.55 11.51 8.33
C GLN A 72 14.36 11.91 9.20
N THR A 73 13.16 11.71 8.66
CA THR A 73 11.90 11.98 9.31
C THR A 73 11.06 10.71 9.23
N VAL A 74 10.33 10.39 10.30
CA VAL A 74 9.49 9.21 10.45
C VAL A 74 8.18 9.64 11.11
N TRP A 75 7.04 9.11 10.68
CA TRP A 75 5.70 9.41 11.19
C TRP A 75 4.97 8.07 11.44
N ARG A 76 3.67 8.08 11.77
CA ARG A 76 2.90 6.84 11.96
C ARG A 76 1.62 6.87 11.16
N GLY A 77 1.67 6.38 9.92
CA GLY A 77 0.49 6.18 9.09
C GLY A 77 -0.01 4.75 9.20
N TYR A 78 -1.33 4.58 9.13
CA TYR A 78 -2.01 3.31 8.88
C TYR A 78 -3.06 3.50 7.79
N LEU A 79 -3.69 2.39 7.43
CA LEU A 79 -4.65 2.17 6.39
C LEU A 79 -5.73 1.32 7.04
N THR A 80 -6.97 1.65 6.73
CA THR A 80 -8.17 1.02 7.21
C THR A 80 -9.23 1.25 6.12
N THR A 81 -10.39 0.60 6.26
CA THR A 81 -11.48 0.68 5.29
C THR A 81 -12.75 1.25 5.93
N ASP A 82 -12.66 1.74 7.18
CA ASP A 82 -13.78 2.31 7.92
C ASP A 82 -14.08 3.74 7.45
N LYS A 83 -15.30 4.22 7.69
CA LYS A 83 -15.77 5.54 7.31
C LYS A 83 -16.46 6.27 8.46
N GLU A 84 -16.04 6.00 9.70
CA GLU A 84 -16.80 6.41 10.88
C GLU A 84 -15.90 7.21 11.82
N VAL A 85 -15.25 8.25 11.26
CA VAL A 85 -14.39 9.21 11.93
C VAL A 85 -14.67 10.58 11.29
N PRO A 86 -14.61 11.71 12.01
CA PRO A 86 -14.70 13.04 11.42
C PRO A 86 -13.40 13.40 10.68
N GLY A 87 -13.46 13.57 9.35
CA GLY A 87 -12.36 14.13 8.56
C GLY A 87 -11.54 13.06 7.85
N LEU A 88 -12.18 12.02 7.32
CA LEU A 88 -11.50 10.93 6.61
C LEU A 88 -10.97 11.41 5.26
N VAL A 89 -9.81 10.88 4.84
CA VAL A 89 -9.09 11.33 3.66
C VAL A 89 -8.94 10.13 2.72
N LEU A 90 -9.68 10.12 1.60
CA LEU A 90 -9.57 9.08 0.58
C LEU A 90 -8.16 9.04 -0.01
N MET A 91 -7.70 7.87 -0.43
CA MET A 91 -6.37 7.70 -1.01
C MET A 91 -6.35 8.21 -2.45
N GLN A 92 -5.16 8.57 -2.93
CA GLN A 92 -4.84 8.85 -4.32
C GLN A 92 -3.95 7.77 -4.92
N ASP A 93 -3.47 6.87 -4.07
CA ASP A 93 -2.93 5.59 -4.39
C ASP A 93 -3.20 4.75 -3.16
N LEU A 94 -4.33 4.05 -3.18
CA LEU A 94 -4.47 2.72 -2.63
C LEU A 94 -5.73 2.07 -3.19
N ALA A 95 -5.89 0.78 -2.90
CA ALA A 95 -7.14 0.04 -2.98
C ALA A 95 -6.90 -1.32 -2.35
N PHE A 96 -7.98 -2.07 -2.17
CA PHE A 96 -7.92 -3.47 -1.81
C PHE A 96 -8.85 -4.21 -2.75
N LEU A 97 -8.38 -5.33 -3.28
CA LEU A 97 -9.16 -6.23 -4.12
C LEU A 97 -9.48 -7.44 -3.28
N SER A 98 -10.66 -8.02 -3.47
CA SER A 98 -11.13 -9.14 -2.69
C SER A 98 -12.29 -9.84 -3.42
N GLY A 99 -12.79 -10.96 -2.90
CA GLY A 99 -13.99 -11.63 -3.39
C GLY A 99 -13.72 -12.72 -4.43
N PHE A 100 -12.46 -12.98 -4.77
CA PHE A 100 -12.05 -14.02 -5.70
C PHE A 100 -12.38 -15.43 -5.16
N PRO A 101 -12.49 -16.45 -6.03
CA PRO A 101 -12.68 -17.84 -5.61
C PRO A 101 -11.44 -18.39 -4.87
N PRO A 102 -11.54 -19.56 -4.21
CA PRO A 102 -10.43 -20.14 -3.45
C PRO A 102 -9.30 -20.69 -4.32
N THR A 103 -9.43 -20.69 -5.65
CA THR A 103 -8.40 -21.12 -6.60
C THR A 103 -7.34 -20.03 -6.78
N PHE A 104 -6.95 -19.39 -5.66
CA PHE A 104 -6.08 -18.24 -5.57
C PHE A 104 -5.41 -18.23 -4.18
N LYS A 105 -4.11 -18.57 -4.11
CA LYS A 105 -3.29 -18.59 -2.89
C LYS A 105 -1.82 -18.21 -3.20
N GLU A 106 -1.60 -17.02 -3.76
CA GLU A 106 -0.29 -16.39 -4.03
C GLU A 106 -0.53 -14.87 -4.17
N THR A 107 0.52 -14.05 -4.40
CA THR A 107 0.35 -12.68 -4.91
C THR A 107 0.42 -12.66 -6.45
N ASN A 108 1.37 -13.39 -7.06
CA ASN A 108 1.63 -13.31 -8.51
C ASN A 108 0.47 -13.79 -9.37
N GLN A 109 -0.38 -14.66 -8.82
CA GLN A 109 -1.59 -15.19 -9.42
C GLN A 109 -2.44 -14.11 -10.12
N LEU A 110 -3.11 -13.29 -9.31
CA LEU A 110 -4.12 -12.38 -9.80
C LEU A 110 -3.51 -11.17 -10.48
N LYS A 111 -2.20 -10.94 -10.33
CA LYS A 111 -1.43 -9.80 -10.81
C LYS A 111 -1.71 -9.45 -12.28
N THR A 112 -2.08 -10.44 -13.08
CA THR A 112 -2.45 -10.33 -14.48
C THR A 112 -3.83 -10.95 -14.73
N LYS A 113 -4.28 -11.91 -13.92
CA LYS A 113 -5.66 -12.40 -13.91
C LYS A 113 -6.56 -11.36 -13.20
N LEU A 114 -6.42 -10.09 -13.57
CA LEU A 114 -7.25 -8.99 -13.13
C LEU A 114 -8.50 -8.93 -14.03
N PRO A 115 -9.61 -8.32 -13.58
CA PRO A 115 -10.84 -8.21 -14.37
C PRO A 115 -10.72 -7.39 -15.67
N GLU A 116 -9.56 -6.80 -16.00
CA GLU A 116 -9.30 -5.84 -17.08
C GLU A 116 -9.83 -4.47 -16.68
N ASN A 117 -11.13 -4.37 -16.37
CA ASN A 117 -11.79 -3.14 -15.92
C ASN A 117 -11.28 -2.64 -14.56
N LEU A 118 -10.30 -3.31 -13.96
CA LEU A 118 -9.51 -2.82 -12.83
C LEU A 118 -8.03 -3.19 -13.04
N SER A 119 -7.51 -2.95 -14.26
CA SER A 119 -6.19 -3.35 -14.69
C SER A 119 -5.62 -2.36 -15.71
N SER A 120 -6.09 -1.11 -15.74
CA SER A 120 -5.70 -0.16 -16.77
C SER A 120 -4.19 0.13 -16.66
N LYS A 121 -3.75 0.69 -15.53
CA LYS A 121 -2.34 0.95 -15.24
C LYS A 121 -1.95 0.46 -13.86
N VAL A 122 -2.78 -0.38 -13.23
CA VAL A 122 -2.55 -0.92 -11.90
C VAL A 122 -2.10 -2.37 -11.99
N LYS A 123 -1.43 -2.83 -10.93
CA LYS A 123 -1.12 -4.24 -10.69
C LYS A 123 -1.06 -4.47 -9.19
N LEU A 124 -0.99 -5.74 -8.83
CA LEU A 124 -0.83 -6.18 -7.45
C LEU A 124 0.66 -6.16 -7.10
N LEU A 125 0.98 -5.75 -5.86
CA LEU A 125 2.31 -5.94 -5.28
C LEU A 125 2.27 -6.02 -3.74
N GLN A 126 1.12 -6.31 -3.12
CA GLN A 126 1.10 -6.88 -1.78
C GLN A 126 -0.15 -7.71 -1.60
N LEU A 127 -0.14 -8.59 -0.61
CA LEU A 127 -1.29 -9.33 -0.12
C LEU A 127 -1.31 -9.12 1.41
N TYR A 128 -2.45 -9.43 2.02
CA TYR A 128 -2.68 -9.35 3.45
C TYR A 128 -2.01 -10.50 4.21
N SER A 129 -2.02 -10.43 5.54
CA SER A 129 -1.82 -11.57 6.43
C SER A 129 -3.03 -12.50 6.26
N GLU A 130 -2.91 -13.52 5.41
CA GLU A 130 -3.77 -14.69 5.18
C GLU A 130 -5.23 -14.43 4.74
N ALA A 131 -5.73 -13.20 4.89
CA ALA A 131 -7.10 -12.82 4.57
C ALA A 131 -7.30 -12.85 3.07
N SER A 132 -8.51 -13.15 2.64
CA SER A 132 -8.88 -13.30 1.25
C SER A 132 -9.01 -11.94 0.52
N VAL A 133 -8.07 -11.03 0.69
CA VAL A 133 -7.96 -9.74 0.07
C VAL A 133 -6.52 -9.53 -0.39
N ALA A 134 -6.24 -8.48 -1.18
CA ALA A 134 -4.88 -8.07 -1.52
C ALA A 134 -4.83 -6.55 -1.73
N LEU A 135 -3.63 -5.95 -1.81
CA LEU A 135 -3.38 -4.50 -1.85
C LEU A 135 -3.43 -3.98 -3.30
N LEU A 136 -2.81 -2.84 -3.62
CA LEU A 136 -2.59 -2.29 -4.96
C LEU A 136 -1.45 -1.28 -4.89
N LYS A 137 -0.97 -0.81 -6.03
CA LYS A 137 -0.18 0.42 -6.16
C LYS A 137 -0.49 1.06 -7.51
N LEU A 138 -1.44 1.98 -7.53
CA LEU A 138 -1.78 2.68 -8.77
C LEU A 138 -0.72 3.71 -9.15
N ASN A 139 -0.57 3.89 -10.46
CA ASN A 139 0.45 4.72 -11.07
C ASN A 139 0.16 6.21 -10.89
N ASN A 140 -1.12 6.55 -11.02
CA ASN A 140 -1.72 7.85 -10.81
C ASN A 140 -3.17 7.63 -10.40
N PRO A 141 -3.83 8.59 -9.72
CA PRO A 141 -5.22 8.44 -9.26
C PRO A 141 -6.25 8.30 -10.39
N LYS A 142 -5.85 8.55 -11.64
CA LYS A 142 -6.72 8.67 -12.80
C LYS A 142 -7.74 7.52 -12.86
N ASP A 143 -7.27 6.27 -12.93
CA ASP A 143 -8.14 5.12 -13.15
C ASP A 143 -8.81 4.59 -11.88
N PHE A 144 -8.34 4.99 -10.69
CA PHE A 144 -9.07 4.76 -9.45
C PHE A 144 -10.35 5.59 -9.44
N GLN A 145 -10.24 6.88 -9.75
CA GLN A 145 -11.37 7.79 -9.77
C GLN A 145 -12.49 7.22 -10.65
N GLU A 146 -12.15 6.68 -11.81
CA GLU A 146 -13.12 6.13 -12.75
C GLU A 146 -13.95 5.06 -12.08
N LEU A 147 -13.32 4.03 -11.52
CA LEU A 147 -14.01 2.92 -10.85
C LEU A 147 -15.01 3.47 -9.84
N ASN A 148 -14.52 4.26 -8.88
CA ASN A 148 -15.33 4.73 -7.76
C ASN A 148 -16.52 5.56 -8.25
N LYS A 149 -16.34 6.29 -9.35
CA LYS A 149 -17.31 7.15 -10.00
C LYS A 149 -17.98 6.43 -11.18
N GLN A 150 -18.06 5.10 -11.17
CA GLN A 150 -18.76 4.29 -12.17
C GLN A 150 -19.80 3.42 -11.48
N THR A 151 -20.77 2.95 -12.26
CA THR A 151 -21.77 1.98 -11.84
C THR A 151 -22.21 1.11 -13.03
N LYS A 152 -21.48 1.14 -14.15
CA LYS A 152 -21.99 0.61 -15.43
C LYS A 152 -21.49 -0.79 -15.79
N LYS A 153 -20.41 -1.27 -15.17
CA LYS A 153 -19.66 -2.43 -15.64
C LYS A 153 -19.02 -3.16 -14.48
N ASN A 154 -19.01 -4.49 -14.54
CA ASN A 154 -18.76 -5.37 -13.40
C ASN A 154 -17.39 -6.04 -13.54
N MET A 155 -16.92 -6.71 -12.49
CA MET A 155 -15.67 -7.48 -12.47
C MET A 155 -16.00 -8.96 -12.60
N THR A 156 -15.11 -9.74 -13.21
CA THR A 156 -15.11 -11.20 -13.14
C THR A 156 -13.66 -11.70 -13.18
N ILE A 157 -13.42 -12.90 -12.64
CA ILE A 157 -12.22 -13.70 -12.79
C ILE A 157 -12.68 -15.15 -12.92
N ASP A 158 -12.27 -15.80 -14.01
CA ASP A 158 -12.52 -17.23 -14.28
C ASP A 158 -14.01 -17.61 -14.19
N GLY A 159 -14.91 -16.63 -14.30
CA GLY A 159 -16.36 -16.83 -14.19
C GLY A 159 -16.92 -16.64 -12.79
N LYS A 160 -16.21 -15.96 -11.88
CA LYS A 160 -16.68 -15.51 -10.56
C LYS A 160 -16.55 -14.00 -10.51
N GLU A 161 -17.54 -13.27 -10.00
CA GLU A 161 -17.49 -11.82 -9.81
C GLU A 161 -16.77 -11.45 -8.51
N LEU A 162 -16.43 -10.16 -8.35
CA LEU A 162 -15.57 -9.62 -7.29
C LEU A 162 -16.01 -8.21 -6.91
N THR A 163 -15.32 -7.57 -5.96
CA THR A 163 -15.52 -6.19 -5.57
C THR A 163 -14.16 -5.60 -5.15
N ILE A 164 -14.04 -4.27 -5.07
CA ILE A 164 -12.92 -3.55 -4.50
C ILE A 164 -13.43 -2.86 -3.25
N SER A 165 -12.58 -2.70 -2.25
CA SER A 165 -12.91 -1.90 -1.09
C SER A 165 -12.54 -0.43 -1.35
N PRO A 166 -13.21 0.51 -0.65
CA PRO A 166 -12.61 1.77 -0.25
C PRO A 166 -11.34 1.53 0.56
N ALA A 167 -10.51 2.57 0.71
CA ALA A 167 -9.34 2.63 1.57
C ALA A 167 -9.09 4.09 1.88
N TYR A 168 -8.64 4.41 3.10
CA TYR A 168 -8.53 5.79 3.55
C TYR A 168 -7.24 5.98 4.36
N LEU A 169 -6.73 7.21 4.35
CA LEU A 169 -5.51 7.65 5.02
C LEU A 169 -5.87 7.94 6.47
N LEU A 170 -5.30 7.18 7.40
CA LEU A 170 -5.36 7.49 8.83
C LEU A 170 -3.91 7.58 9.32
N TRP A 171 -3.64 8.40 10.33
CA TRP A 171 -2.27 8.67 10.74
C TRP A 171 -2.08 8.96 12.24
N ASP A 172 -2.86 8.24 13.03
CA ASP A 172 -3.21 8.48 14.44
C ASP A 172 -4.10 9.72 14.46
N MET A 1 -11.47 -0.29 12.07
CA MET A 1 -11.08 1.09 12.39
C MET A 1 -9.66 1.44 11.94
N LYS A 2 -8.69 0.52 11.89
CA LYS A 2 -7.37 0.80 11.30
C LYS A 2 -6.55 -0.48 11.12
N VAL A 3 -5.37 -0.38 10.52
CA VAL A 3 -4.32 -1.40 10.44
C VAL A 3 -2.97 -0.66 10.47
N PRO A 4 -1.92 -1.21 11.12
CA PRO A 4 -0.62 -0.53 11.26
C PRO A 4 0.25 -0.68 10.01
N MET A 5 1.15 0.29 9.81
CA MET A 5 2.18 0.34 8.77
C MET A 5 3.19 1.40 9.20
N LEU A 6 4.30 1.53 8.46
CA LEU A 6 5.23 2.65 8.65
C LEU A 6 5.03 3.65 7.54
N VAL A 7 5.36 4.90 7.83
CA VAL A 7 5.42 6.01 6.90
C VAL A 7 6.73 6.71 7.21
N LEU A 8 7.60 6.78 6.22
CA LEU A 8 8.91 7.37 6.30
C LEU A 8 8.90 8.66 5.49
N ASP A 9 9.91 9.49 5.73
CA ASP A 9 10.10 10.74 5.00
C ASP A 9 11.51 10.81 4.36
N PRO A 10 11.92 9.81 3.53
CA PRO A 10 13.17 9.82 2.77
C PRO A 10 12.99 10.61 1.46
N ALA A 11 13.96 10.53 0.54
CA ALA A 11 13.69 10.38 -0.88
C ALA A 11 14.87 9.66 -1.52
N LEU A 12 14.76 8.36 -1.72
CA LEU A 12 15.70 7.55 -2.48
C LEU A 12 15.49 7.81 -3.97
N PRO A 13 16.44 7.39 -4.82
CA PRO A 13 16.28 7.36 -6.27
C PRO A 13 15.34 6.24 -6.77
N ALA A 14 15.05 6.28 -8.07
CA ALA A 14 14.15 5.39 -8.79
C ALA A 14 14.75 4.00 -9.06
N ASN A 15 15.88 3.65 -8.46
CA ASN A 15 16.71 2.49 -8.78
C ASN A 15 17.06 1.68 -7.54
N ILE A 16 16.21 1.74 -6.51
CA ILE A 16 16.26 0.86 -5.35
C ILE A 16 15.26 -0.27 -5.58
N THR A 17 15.38 -1.34 -4.80
CA THR A 17 14.39 -2.39 -4.64
C THR A 17 14.32 -2.79 -3.16
N LEU A 18 13.47 -3.78 -2.88
CA LEU A 18 13.40 -4.54 -1.63
C LEU A 18 14.75 -5.09 -1.15
N LYS A 19 15.79 -5.13 -1.99
CA LYS A 19 17.10 -5.66 -1.64
C LYS A 19 18.14 -4.55 -1.51
N ASP A 20 18.07 -3.47 -2.30
CA ASP A 20 18.92 -2.32 -2.05
C ASP A 20 18.46 -1.58 -0.79
N LEU A 21 17.16 -1.60 -0.48
CA LEU A 21 16.56 -1.04 0.74
C LEU A 21 17.40 -1.41 1.97
N PRO A 22 17.49 -2.68 2.40
CA PRO A 22 18.16 -3.02 3.65
C PRO A 22 19.67 -2.78 3.62
N SER A 23 20.29 -2.45 2.48
CA SER A 23 21.71 -2.11 2.46
C SER A 23 21.80 -0.73 3.10
N LEU A 24 20.93 0.19 2.67
CA LEU A 24 20.93 1.56 3.16
C LEU A 24 20.23 1.66 4.53
N TYR A 25 19.41 0.66 4.87
CA TYR A 25 18.55 0.63 6.05
C TYR A 25 18.58 -0.76 6.69
N PRO A 26 19.65 -1.10 7.43
CA PRO A 26 19.76 -2.39 8.12
C PRO A 26 18.62 -2.63 9.10
N SER A 27 18.04 -1.54 9.63
CA SER A 27 16.93 -1.52 10.56
C SER A 27 15.57 -1.30 9.86
N PHE A 28 15.48 -1.52 8.54
CA PHE A 28 14.21 -1.78 7.84
C PHE A 28 14.30 -3.11 7.05
N HIS A 29 15.22 -4.02 7.41
CA HIS A 29 15.31 -5.34 6.77
C HIS A 29 14.06 -6.21 7.03
N SER A 30 13.27 -5.92 8.06
CA SER A 30 12.17 -6.76 8.51
C SER A 30 10.88 -6.49 7.72
N ALA A 31 11.00 -6.12 6.46
CA ALA A 31 9.91 -5.64 5.63
C ALA A 31 9.90 -6.45 4.34
N SER A 32 8.74 -7.03 4.02
CA SER A 32 8.51 -7.84 2.82
C SER A 32 8.06 -7.01 1.61
N ASP A 33 8.05 -5.67 1.66
CA ASP A 33 7.62 -4.85 0.52
C ASP A 33 8.10 -3.40 0.66
N ILE A 34 8.25 -2.68 -0.46
CA ILE A 34 8.55 -1.25 -0.50
C ILE A 34 8.08 -0.65 -1.84
N PHE A 35 7.66 0.61 -1.86
CA PHE A 35 7.41 1.40 -3.06
C PHE A 35 7.74 2.88 -2.79
N ASN A 36 7.77 3.71 -3.84
CA ASN A 36 8.32 5.07 -3.84
C ASN A 36 7.33 6.00 -4.56
N VAL A 37 6.93 7.09 -3.92
CA VAL A 37 5.81 7.97 -4.30
C VAL A 37 6.07 9.40 -3.80
N ALA A 38 5.20 10.38 -4.10
CA ALA A 38 5.25 11.72 -3.51
C ALA A 38 4.37 11.83 -2.26
N LYS A 39 4.60 12.87 -1.45
CA LYS A 39 3.92 13.09 -0.17
C LYS A 39 2.45 13.50 -0.35
N PRO A 40 1.53 13.08 0.55
CA PRO A 40 0.08 13.29 0.40
C PRO A 40 -0.38 14.75 0.43
N LYS A 41 0.41 15.67 0.99
CA LYS A 41 0.10 17.10 1.04
C LYS A 41 1.24 17.92 0.45
N ASN A 42 2.28 17.29 -0.12
CA ASN A 42 3.38 18.05 -0.71
C ASN A 42 3.97 17.30 -1.89
N PRO A 43 3.31 17.33 -3.07
CA PRO A 43 3.64 16.45 -4.19
C PRO A 43 4.97 16.76 -4.88
N SER A 44 5.55 17.93 -4.60
CA SER A 44 6.90 18.27 -5.00
C SER A 44 7.96 17.46 -4.23
N THR A 45 7.59 16.85 -3.09
CA THR A 45 8.54 16.13 -2.27
C THR A 45 8.25 14.64 -2.33
N ASN A 46 9.29 13.91 -2.70
CA ASN A 46 9.32 12.47 -2.86
C ASN A 46 9.51 11.81 -1.49
N VAL A 47 9.03 10.57 -1.31
CA VAL A 47 9.20 9.69 -0.15
C VAL A 47 9.08 8.22 -0.60
N SER A 48 9.07 7.27 0.34
CA SER A 48 8.80 5.87 0.06
C SER A 48 8.15 5.22 1.28
N VAL A 49 7.60 4.02 1.09
CA VAL A 49 6.59 3.43 1.94
C VAL A 49 6.92 1.95 2.06
N VAL A 50 6.68 1.37 3.23
CA VAL A 50 7.13 0.02 3.58
C VAL A 50 5.96 -0.72 4.26
N VAL A 51 6.01 -2.05 4.27
CA VAL A 51 5.04 -2.96 4.88
C VAL A 51 5.80 -3.95 5.76
N PHE A 52 5.20 -4.42 6.85
CA PHE A 52 5.76 -5.36 7.81
C PHE A 52 4.77 -6.48 8.05
N ASP A 53 5.20 -7.55 8.73
CA ASP A 53 4.25 -8.56 9.19
C ASP A 53 3.47 -8.08 10.40
N SER A 54 4.12 -7.72 11.52
CA SER A 54 3.42 -7.31 12.73
C SER A 54 4.26 -6.38 13.62
N THR A 55 3.68 -6.03 14.76
CA THR A 55 4.30 -5.35 15.89
C THR A 55 5.61 -5.98 16.35
N LYS A 56 5.86 -7.26 16.02
CA LYS A 56 7.14 -7.93 16.28
C LYS A 56 8.32 -7.12 15.76
N ASP A 57 8.18 -6.44 14.63
CA ASP A 57 9.28 -5.73 13.98
C ASP A 57 8.93 -4.28 13.67
N VAL A 58 7.65 -3.93 13.51
CA VAL A 58 7.20 -2.53 13.39
C VAL A 58 7.75 -1.69 14.55
N GLU A 59 7.66 -2.20 15.78
CA GLU A 59 7.99 -1.43 16.97
C GLU A 59 9.49 -1.08 17.02
N ASP A 60 10.33 -2.08 16.74
CA ASP A 60 11.79 -1.98 16.67
C ASP A 60 12.16 -1.01 15.55
N ALA A 61 11.69 -1.26 14.33
CA ALA A 61 12.07 -0.54 13.13
C ALA A 61 11.67 0.94 13.22
N HIS A 62 10.46 1.23 13.71
CA HIS A 62 9.99 2.59 13.95
C HIS A 62 10.94 3.34 14.88
N SER A 63 11.49 2.64 15.87
CA SER A 63 12.41 3.21 16.83
C SER A 63 13.87 3.16 16.36
N GLY A 64 14.15 2.80 15.10
CA GLY A 64 15.51 2.85 14.56
C GLY A 64 15.91 4.27 14.19
N LEU A 65 14.94 5.12 13.77
CA LEU A 65 15.26 6.46 13.31
C LEU A 65 14.88 7.45 14.41
N LEU A 66 15.61 7.41 15.53
CA LEU A 66 15.29 8.19 16.73
C LEU A 66 15.57 9.67 16.53
N LYS A 67 15.11 10.49 17.47
CA LYS A 67 15.30 11.94 17.51
C LYS A 67 16.79 12.23 17.60
N GLY A 68 17.40 12.72 16.51
CA GLY A 68 18.80 13.08 16.48
C GLY A 68 19.76 11.90 16.35
N ASN A 69 19.27 10.65 16.40
CA ASN A 69 20.09 9.49 16.04
C ASN A 69 19.95 9.17 14.55
N SER A 70 19.20 9.97 13.78
CA SER A 70 19.02 9.75 12.36
C SER A 70 18.72 11.08 11.65
N ARG A 71 18.55 10.97 10.32
CA ARG A 71 18.55 12.07 9.35
C ARG A 71 17.30 12.01 8.47
N GLN A 72 16.17 11.64 9.06
CA GLN A 72 14.93 11.35 8.36
C GLN A 72 13.76 11.69 9.27
N THR A 73 12.55 11.23 8.97
CA THR A 73 11.41 11.34 9.88
C THR A 73 10.54 10.10 9.72
N VAL A 74 10.29 9.38 10.82
CA VAL A 74 9.23 8.37 10.90
C VAL A 74 7.94 9.09 11.31
N TRP A 75 6.80 8.60 10.84
CA TRP A 75 5.43 8.96 11.20
C TRP A 75 4.64 7.67 11.47
N ARG A 76 3.39 7.79 11.96
CA ARG A 76 2.49 6.66 12.18
C ARG A 76 1.42 6.73 11.10
N GLY A 77 1.33 5.71 10.25
CA GLY A 77 0.29 5.64 9.24
C GLY A 77 -0.63 4.48 9.52
N TYR A 78 -1.91 4.67 9.24
CA TYR A 78 -2.95 3.70 9.48
C TYR A 78 -3.94 3.71 8.32
N LEU A 79 -4.58 2.58 8.09
CA LEU A 79 -5.34 2.29 6.88
C LEU A 79 -6.74 1.83 7.31
N THR A 80 -7.78 2.60 7.01
CA THR A 80 -9.17 2.30 7.31
C THR A 80 -10.03 2.59 6.07
N THR A 81 -11.23 2.01 6.08
CA THR A 81 -12.23 2.15 5.02
C THR A 81 -13.51 2.83 5.53
N ASP A 82 -13.49 3.42 6.73
CA ASP A 82 -14.68 3.98 7.40
C ASP A 82 -15.05 5.33 6.78
N LYS A 83 -15.85 5.29 5.72
CA LYS A 83 -16.34 6.47 5.04
C LYS A 83 -17.44 7.12 5.85
N GLU A 84 -17.04 7.89 6.85
CA GLU A 84 -17.91 8.68 7.68
C GLU A 84 -17.14 9.71 8.51
N VAL A 85 -15.85 9.47 8.73
CA VAL A 85 -15.05 10.24 9.65
C VAL A 85 -14.74 11.59 8.98
N PRO A 86 -14.98 12.73 9.64
CA PRO A 86 -14.62 14.02 9.11
C PRO A 86 -13.10 14.15 9.20
N GLY A 87 -12.51 14.61 8.11
CA GLY A 87 -11.07 14.64 7.94
C GLY A 87 -10.51 13.36 7.32
N LEU A 88 -11.33 12.38 6.90
CA LEU A 88 -10.82 11.36 5.98
C LEU A 88 -10.38 12.06 4.69
N VAL A 89 -9.27 11.58 4.12
CA VAL A 89 -8.63 12.07 2.91
C VAL A 89 -8.33 10.86 2.02
N LEU A 90 -8.34 11.04 0.71
CA LEU A 90 -7.97 10.01 -0.24
C LEU A 90 -6.50 9.62 -0.06
N MET A 91 -6.14 8.48 -0.67
CA MET A 91 -4.77 8.07 -0.89
C MET A 91 -4.16 8.91 -2.02
N GLN A 92 -3.03 8.47 -2.56
CA GLN A 92 -2.41 9.00 -3.76
C GLN A 92 -2.17 7.87 -4.77
N ASP A 93 -1.68 6.70 -4.32
CA ASP A 93 -1.24 5.62 -5.21
C ASP A 93 -1.64 4.23 -4.67
N LEU A 94 -2.69 4.12 -3.85
CA LEU A 94 -3.12 2.85 -3.22
C LEU A 94 -4.56 2.49 -3.57
N ALA A 95 -4.88 1.20 -3.54
CA ALA A 95 -6.21 0.63 -3.69
C ALA A 95 -6.19 -0.79 -3.10
N PHE A 96 -7.33 -1.34 -2.66
CA PHE A 96 -7.46 -2.71 -2.15
C PHE A 96 -8.01 -3.61 -3.26
N LEU A 97 -8.28 -4.90 -2.98
CA LEU A 97 -9.17 -5.77 -3.76
C LEU A 97 -9.53 -7.00 -2.90
N SER A 98 -10.70 -7.61 -3.13
CA SER A 98 -11.20 -8.79 -2.43
C SER A 98 -12.31 -9.41 -3.28
N GLY A 99 -13.00 -10.41 -2.73
CA GLY A 99 -14.08 -11.11 -3.43
C GLY A 99 -13.54 -12.11 -4.46
N PHE A 100 -12.36 -12.65 -4.18
CA PHE A 100 -11.67 -13.64 -5.00
C PHE A 100 -11.54 -14.96 -4.21
N PRO A 101 -11.37 -16.10 -4.89
CA PRO A 101 -11.34 -17.41 -4.23
C PRO A 101 -9.99 -17.65 -3.53
N PRO A 102 -9.92 -18.61 -2.59
CA PRO A 102 -8.73 -18.90 -1.77
C PRO A 102 -7.55 -19.47 -2.56
N THR A 103 -7.69 -19.75 -3.86
CA THR A 103 -6.67 -20.31 -4.73
C THR A 103 -5.55 -19.30 -5.06
N PHE A 104 -5.72 -18.03 -4.72
CA PHE A 104 -4.81 -16.96 -5.13
C PHE A 104 -3.97 -16.47 -3.94
N LYS A 105 -2.96 -17.25 -3.58
CA LYS A 105 -2.06 -16.97 -2.44
C LYS A 105 -0.69 -16.48 -2.91
N GLU A 106 -0.51 -16.25 -4.21
CA GLU A 106 0.70 -15.77 -4.86
C GLU A 106 0.35 -14.39 -5.45
N THR A 107 1.08 -13.32 -5.12
CA THR A 107 0.81 -11.99 -5.69
C THR A 107 1.06 -12.02 -7.21
N ASN A 108 2.05 -12.80 -7.66
CA ASN A 108 2.33 -12.95 -9.08
C ASN A 108 1.31 -13.81 -9.82
N GLN A 109 0.53 -14.62 -9.11
CA GLN A 109 -0.49 -15.46 -9.72
C GLN A 109 -1.60 -14.57 -10.25
N LEU A 110 -2.35 -13.93 -9.36
CA LEU A 110 -3.51 -13.15 -9.77
C LEU A 110 -3.14 -11.89 -10.54
N LYS A 111 -1.86 -11.48 -10.57
CA LYS A 111 -1.33 -10.48 -11.47
C LYS A 111 -1.62 -10.74 -12.95
N THR A 112 -1.98 -11.96 -13.34
CA THR A 112 -2.39 -12.28 -14.71
C THR A 112 -3.91 -12.34 -14.88
N LYS A 113 -4.69 -12.25 -13.80
CA LYS A 113 -6.12 -12.58 -13.73
C LYS A 113 -6.96 -11.36 -13.38
N LEU A 114 -6.37 -10.19 -13.13
CA LEU A 114 -7.13 -8.99 -12.84
C LEU A 114 -7.90 -8.58 -14.09
N PRO A 115 -9.12 -8.04 -13.95
CA PRO A 115 -9.94 -7.61 -15.09
C PRO A 115 -9.35 -6.35 -15.73
N GLU A 116 -9.73 -6.06 -16.98
CA GLU A 116 -9.08 -5.00 -17.77
C GLU A 116 -9.20 -3.65 -17.08
N ASN A 117 -10.40 -3.37 -16.56
CA ASN A 117 -10.74 -2.16 -15.80
C ASN A 117 -9.96 -2.04 -14.48
N LEU A 118 -9.12 -3.01 -14.11
CA LEU A 118 -8.27 -2.99 -12.92
C LEU A 118 -6.90 -3.67 -13.23
N SER A 119 -6.40 -3.60 -14.47
CA SER A 119 -5.16 -4.28 -14.88
C SER A 119 -4.35 -3.50 -15.94
N SER A 120 -4.71 -2.25 -16.28
CA SER A 120 -4.19 -1.57 -17.46
C SER A 120 -3.36 -0.32 -17.12
N LYS A 121 -3.30 0.06 -15.83
CA LYS A 121 -2.44 1.11 -15.29
C LYS A 121 -1.87 0.73 -13.91
N VAL A 122 -2.19 -0.47 -13.43
CA VAL A 122 -2.09 -0.86 -12.04
C VAL A 122 -1.47 -2.25 -11.96
N LYS A 123 -0.98 -2.65 -10.78
CA LYS A 123 -0.49 -4.00 -10.53
C LYS A 123 -0.81 -4.43 -9.11
N LEU A 124 -0.89 -5.75 -8.89
CA LEU A 124 -0.71 -6.30 -7.54
C LEU A 124 0.77 -6.15 -7.24
N LEU A 125 1.09 -5.90 -5.98
CA LEU A 125 2.40 -6.18 -5.44
C LEU A 125 2.35 -6.58 -3.97
N GLN A 126 1.27 -6.31 -3.23
CA GLN A 126 1.22 -6.56 -1.79
C GLN A 126 0.09 -7.53 -1.49
N LEU A 127 0.45 -8.73 -1.06
CA LEU A 127 -0.41 -9.69 -0.39
C LEU A 127 -0.33 -9.48 1.13
N TYR A 128 -1.32 -10.02 1.84
CA TYR A 128 -1.34 -10.16 3.28
C TYR A 128 -0.82 -11.55 3.67
N SER A 129 -0.47 -11.72 4.94
CA SER A 129 -0.25 -13.00 5.58
C SER A 129 -1.55 -13.81 5.61
N GLU A 130 -1.62 -14.78 4.69
CA GLU A 130 -2.59 -15.87 4.58
C GLU A 130 -4.05 -15.42 4.78
N ALA A 131 -4.35 -14.26 4.19
CA ALA A 131 -5.66 -13.62 4.18
C ALA A 131 -6.38 -13.94 2.88
N SER A 132 -7.44 -13.19 2.55
CA SER A 132 -7.96 -13.04 1.19
C SER A 132 -8.09 -11.54 0.87
N VAL A 133 -7.08 -10.74 1.21
CA VAL A 133 -7.03 -9.31 0.95
C VAL A 133 -5.69 -9.01 0.27
N ALA A 134 -5.66 -8.05 -0.65
CA ALA A 134 -4.45 -7.58 -1.31
C ALA A 134 -4.52 -6.07 -1.50
N LEU A 135 -3.37 -5.45 -1.72
CA LEU A 135 -3.22 -4.03 -2.03
C LEU A 135 -2.56 -3.91 -3.41
N LEU A 136 -3.04 -2.91 -4.14
CA LEU A 136 -2.70 -2.64 -5.54
C LEU A 136 -1.84 -1.39 -5.60
N LYS A 137 -1.18 -1.23 -6.74
CA LYS A 137 -0.30 -0.09 -7.03
C LYS A 137 -0.61 0.48 -8.40
N LEU A 138 -1.33 1.61 -8.44
CA LEU A 138 -1.27 2.51 -9.58
C LEU A 138 0.05 3.25 -9.53
N ASN A 139 0.52 3.71 -10.70
CA ASN A 139 1.70 4.53 -10.83
C ASN A 139 1.45 5.93 -11.37
N ASN A 140 0.22 6.26 -11.72
CA ASN A 140 -0.24 7.59 -12.11
C ASN A 140 -1.73 7.65 -11.78
N PRO A 141 -2.32 8.78 -11.33
CA PRO A 141 -3.74 8.98 -10.97
C PRO A 141 -4.80 8.62 -12.04
N LYS A 142 -4.37 8.22 -13.25
CA LYS A 142 -5.25 7.72 -14.29
C LYS A 142 -6.16 6.65 -13.67
N ASP A 143 -7.48 6.86 -13.73
CA ASP A 143 -8.51 6.05 -13.11
C ASP A 143 -8.19 5.66 -11.67
N PHE A 144 -7.80 6.63 -10.84
CA PHE A 144 -7.70 6.45 -9.40
C PHE A 144 -9.05 6.78 -8.75
N GLN A 145 -9.34 8.06 -8.51
CA GLN A 145 -10.47 8.47 -7.69
C GLN A 145 -11.81 8.04 -8.26
N GLU A 146 -11.91 7.98 -9.59
CA GLU A 146 -13.14 7.59 -10.26
C GLU A 146 -13.39 6.10 -9.97
N LEU A 147 -12.42 5.27 -10.35
CA LEU A 147 -12.39 3.83 -10.15
C LEU A 147 -12.74 3.45 -8.72
N ASN A 148 -12.18 4.18 -7.74
CA ASN A 148 -12.38 3.92 -6.33
C ASN A 148 -13.85 4.05 -5.90
N LYS A 149 -14.65 4.84 -6.61
CA LYS A 149 -16.08 5.00 -6.32
C LYS A 149 -16.97 4.05 -7.15
N GLN A 150 -16.41 3.33 -8.12
CA GLN A 150 -17.16 2.44 -8.99
C GLN A 150 -17.27 1.06 -8.31
N THR A 151 -18.33 0.30 -8.65
CA THR A 151 -18.71 -0.96 -8.01
C THR A 151 -19.72 -1.72 -8.90
N LYS A 152 -19.69 -1.52 -10.22
CA LYS A 152 -20.63 -2.17 -11.14
C LYS A 152 -20.27 -3.64 -11.33
N LYS A 153 -21.15 -4.36 -12.02
CA LYS A 153 -20.78 -5.56 -12.77
C LYS A 153 -19.74 -5.14 -13.81
N ASN A 154 -18.47 -5.54 -13.64
CA ASN A 154 -17.49 -5.56 -14.73
C ASN A 154 -16.24 -6.39 -14.41
N MET A 155 -16.08 -6.89 -13.19
CA MET A 155 -14.93 -7.69 -12.77
C MET A 155 -15.34 -9.14 -12.64
N THR A 156 -14.60 -10.04 -13.28
CA THR A 156 -14.78 -11.48 -13.20
C THR A 156 -13.41 -12.14 -12.99
N ILE A 157 -13.38 -13.28 -12.27
CA ILE A 157 -12.33 -14.29 -12.29
C ILE A 157 -13.06 -15.62 -12.29
N ASP A 158 -12.76 -16.47 -13.28
CA ASP A 158 -13.22 -17.86 -13.42
C ASP A 158 -14.72 -17.98 -13.79
N GLY A 159 -15.42 -16.84 -13.77
CA GLY A 159 -16.85 -16.71 -13.98
C GLY A 159 -17.53 -16.13 -12.74
N LYS A 160 -16.87 -16.07 -11.58
CA LYS A 160 -17.37 -15.38 -10.39
C LYS A 160 -17.00 -13.90 -10.54
N GLU A 161 -17.67 -13.00 -9.83
CA GLU A 161 -17.39 -11.57 -9.89
C GLU A 161 -16.77 -11.07 -8.59
N LEU A 162 -16.15 -9.89 -8.68
CA LEU A 162 -15.35 -9.24 -7.63
C LEU A 162 -15.91 -7.85 -7.33
N THR A 163 -15.31 -7.18 -6.35
CA THR A 163 -15.56 -5.78 -6.05
C THR A 163 -14.23 -5.26 -5.49
N ILE A 164 -13.74 -4.12 -5.97
CA ILE A 164 -12.64 -3.43 -5.32
C ILE A 164 -13.18 -2.79 -4.03
N SER A 165 -12.28 -2.36 -3.15
CA SER A 165 -12.59 -1.76 -1.88
C SER A 165 -11.93 -0.38 -1.85
N PRO A 166 -12.55 0.60 -1.16
CA PRO A 166 -12.03 1.95 -1.07
C PRO A 166 -10.69 2.01 -0.33
N ALA A 167 -9.98 3.13 -0.43
CA ALA A 167 -8.65 3.29 0.12
C ALA A 167 -8.44 4.75 0.51
N TYR A 168 -8.38 5.05 1.81
CA TYR A 168 -8.19 6.40 2.34
C TYR A 168 -6.86 6.49 3.09
N LEU A 169 -6.50 7.67 3.56
CA LEU A 169 -5.25 7.93 4.24
C LEU A 169 -5.56 8.41 5.65
N LEU A 170 -5.20 7.59 6.63
CA LEU A 170 -5.32 7.89 8.04
C LEU A 170 -3.89 7.94 8.62
N TRP A 171 -3.76 8.56 9.79
CA TRP A 171 -2.59 8.52 10.63
C TRP A 171 -3.05 8.57 12.08
N ASP A 172 -2.12 8.27 12.99
CA ASP A 172 -2.22 8.14 14.44
C ASP A 172 -3.33 7.25 14.99
N MET A 1 -11.40 -0.88 11.60
CA MET A 1 -10.32 -1.80 11.21
C MET A 1 -9.18 -0.99 10.60
N LYS A 2 -7.92 -1.41 10.75
CA LYS A 2 -6.75 -0.80 10.10
C LYS A 2 -5.71 -1.85 9.74
N VAL A 3 -4.58 -1.41 9.19
CA VAL A 3 -3.43 -2.24 8.83
C VAL A 3 -2.14 -1.62 9.36
N PRO A 4 -1.09 -2.40 9.73
CA PRO A 4 0.25 -1.90 10.03
C PRO A 4 1.12 -1.80 8.74
N MET A 5 1.40 -0.58 8.28
CA MET A 5 2.54 -0.29 7.39
C MET A 5 3.18 1.01 7.85
N LEU A 6 4.50 1.09 7.68
CA LEU A 6 5.34 2.16 8.22
C LEU A 6 5.98 2.87 7.04
N VAL A 7 6.19 4.19 7.14
CA VAL A 7 6.64 5.01 6.02
C VAL A 7 7.59 6.11 6.51
N LEU A 8 8.37 6.69 5.60
CA LEU A 8 9.45 7.63 5.87
C LEU A 8 9.46 8.66 4.74
N ASP A 9 10.26 9.72 4.85
CA ASP A 9 10.40 10.75 3.80
C ASP A 9 11.83 10.93 3.20
N PRO A 10 12.50 9.86 2.72
CA PRO A 10 13.87 9.92 2.21
C PRO A 10 13.92 10.47 0.79
N ALA A 11 15.03 10.29 0.08
CA ALA A 11 15.00 10.03 -1.35
C ALA A 11 16.17 9.09 -1.65
N LEU A 12 15.98 8.13 -2.55
CA LEU A 12 17.03 7.17 -2.91
C LEU A 12 17.63 7.57 -4.26
N PRO A 13 18.90 7.22 -4.52
CA PRO A 13 19.42 7.27 -5.86
C PRO A 13 18.78 6.14 -6.66
N ALA A 14 18.71 6.30 -7.99
CA ALA A 14 18.13 5.36 -8.93
C ALA A 14 18.91 4.04 -9.04
N ASN A 15 19.78 3.71 -8.09
CA ASN A 15 20.68 2.55 -8.10
C ASN A 15 20.36 1.54 -7.00
N ILE A 16 19.53 1.90 -6.01
CA ILE A 16 19.22 1.05 -4.87
C ILE A 16 18.22 -0.03 -5.29
N THR A 17 18.25 -1.13 -4.55
CA THR A 17 17.34 -2.26 -4.60
C THR A 17 16.86 -2.51 -3.16
N LEU A 18 15.86 -3.37 -2.95
CA LEU A 18 15.56 -3.91 -1.63
C LEU A 18 16.82 -4.51 -1.01
N LYS A 19 17.64 -5.17 -1.83
CA LYS A 19 18.91 -5.76 -1.41
C LYS A 19 19.96 -4.74 -0.96
N ASP A 20 19.77 -3.44 -1.23
CA ASP A 20 20.62 -2.37 -0.71
C ASP A 20 19.94 -1.56 0.40
N LEU A 21 18.65 -1.77 0.66
CA LEU A 21 17.85 -1.03 1.64
C LEU A 21 18.61 -0.73 2.94
N PRO A 22 19.07 -1.75 3.72
CA PRO A 22 19.53 -1.53 5.08
C PRO A 22 20.82 -0.72 5.16
N SER A 23 21.50 -0.46 4.02
CA SER A 23 22.70 0.37 3.98
C SER A 23 22.46 1.74 4.62
N LEU A 24 21.24 2.28 4.54
CA LEU A 24 20.93 3.65 4.95
C LEU A 24 19.97 3.71 6.14
N TYR A 25 19.34 2.58 6.50
CA TYR A 25 18.40 2.42 7.58
C TYR A 25 18.69 1.07 8.25
N PRO A 26 19.69 0.97 9.13
CA PRO A 26 20.06 -0.31 9.72
C PRO A 26 18.91 -0.97 10.50
N SER A 27 17.97 -0.19 11.05
CA SER A 27 16.81 -0.66 11.79
C SER A 27 15.70 -1.20 10.86
N PHE A 28 15.59 -0.70 9.62
CA PHE A 28 14.51 -1.10 8.70
C PHE A 28 14.84 -2.40 7.93
N HIS A 29 15.81 -3.17 8.42
CA HIS A 29 16.30 -4.42 7.86
C HIS A 29 15.21 -5.46 7.55
N SER A 30 14.12 -5.49 8.30
CA SER A 30 13.12 -6.55 8.27
C SER A 30 12.16 -6.49 7.07
N ALA A 31 12.01 -5.34 6.40
CA ALA A 31 10.97 -5.08 5.43
C ALA A 31 11.15 -5.98 4.21
N SER A 32 10.10 -6.70 3.81
CA SER A 32 10.14 -7.50 2.60
C SER A 32 9.65 -6.73 1.37
N ASP A 33 9.45 -5.41 1.45
CA ASP A 33 9.27 -4.62 0.22
C ASP A 33 9.64 -3.16 0.44
N ILE A 34 9.78 -2.44 -0.67
CA ILE A 34 9.96 -1.00 -0.68
C ILE A 34 9.42 -0.47 -2.02
N PHE A 35 8.89 0.74 -2.03
CA PHE A 35 8.62 1.51 -3.24
C PHE A 35 9.42 2.80 -3.16
N ASN A 36 9.68 3.42 -4.31
CA ASN A 36 10.26 4.74 -4.43
C ASN A 36 9.33 5.52 -5.35
N VAL A 37 8.66 6.52 -4.79
CA VAL A 37 7.58 7.30 -5.39
C VAL A 37 7.67 8.72 -4.79
N ALA A 38 6.79 9.64 -5.19
CA ALA A 38 6.72 10.96 -4.56
C ALA A 38 5.80 10.94 -3.34
N LYS A 39 5.86 12.01 -2.56
CA LYS A 39 4.92 12.34 -1.50
C LYS A 39 3.56 12.57 -2.14
N PRO A 40 2.47 12.18 -1.48
CA PRO A 40 1.11 12.35 -1.99
C PRO A 40 0.64 13.81 -1.92
N LYS A 41 1.44 14.70 -1.33
CA LYS A 41 1.16 16.13 -1.22
C LYS A 41 2.40 16.99 -1.47
N ASN A 42 3.45 16.43 -2.11
CA ASN A 42 4.61 17.22 -2.56
C ASN A 42 5.27 16.55 -3.77
N PRO A 43 4.84 16.79 -5.00
CA PRO A 43 5.43 16.16 -6.19
C PRO A 43 6.85 16.63 -6.50
N SER A 44 7.32 17.72 -5.88
CA SER A 44 8.62 18.32 -6.14
C SER A 44 9.79 17.43 -5.69
N THR A 45 9.52 16.39 -4.91
CA THR A 45 10.55 15.57 -4.27
C THR A 45 10.31 14.10 -4.58
N ASN A 46 11.07 13.19 -3.96
CA ASN A 46 10.76 11.76 -3.92
C ASN A 46 10.87 11.30 -2.47
N VAL A 47 10.40 10.09 -2.17
CA VAL A 47 10.38 9.39 -0.89
C VAL A 47 10.38 7.88 -1.15
N SER A 48 10.04 7.08 -0.14
CA SER A 48 9.81 5.66 -0.27
C SER A 48 8.49 5.28 0.42
N VAL A 49 8.10 4.03 0.23
CA VAL A 49 7.11 3.32 1.02
C VAL A 49 7.81 2.06 1.48
N VAL A 50 7.45 1.50 2.63
CA VAL A 50 7.98 0.25 3.15
C VAL A 50 6.78 -0.64 3.51
N VAL A 51 6.98 -1.95 3.63
CA VAL A 51 6.02 -2.91 4.19
C VAL A 51 6.77 -3.73 5.26
N PHE A 52 6.08 -4.25 6.27
CA PHE A 52 6.58 -5.12 7.33
C PHE A 52 5.55 -6.22 7.59
N ASP A 53 5.90 -7.26 8.34
CA ASP A 53 4.99 -8.38 8.60
C ASP A 53 3.84 -7.96 9.52
N SER A 54 4.14 -7.24 10.61
CA SER A 54 3.14 -6.86 11.61
C SER A 54 3.61 -5.68 12.48
N THR A 55 2.78 -5.24 13.44
CA THR A 55 3.11 -4.14 14.34
C THR A 55 4.42 -4.36 15.07
N LYS A 56 4.74 -5.57 15.54
CA LYS A 56 5.93 -5.80 16.33
C LYS A 56 7.17 -5.38 15.53
N ASP A 57 7.23 -5.83 14.30
CA ASP A 57 8.34 -5.62 13.40
C ASP A 57 8.49 -4.14 13.05
N VAL A 58 7.37 -3.46 12.84
CA VAL A 58 7.25 -2.01 12.77
C VAL A 58 7.84 -1.31 13.99
N GLU A 59 7.36 -1.65 15.19
CA GLU A 59 7.40 -0.70 16.28
C GLU A 59 8.81 -0.56 16.85
N ASP A 60 9.48 -1.70 16.91
CA ASP A 60 10.92 -1.86 17.15
C ASP A 60 11.76 -1.10 16.12
N ALA A 61 11.44 -1.20 14.83
CA ALA A 61 12.18 -0.48 13.80
C ALA A 61 12.05 1.03 14.03
N HIS A 62 10.85 1.51 14.37
CA HIS A 62 10.63 2.90 14.76
C HIS A 62 11.40 3.22 16.06
N SER A 63 11.54 2.25 16.97
CA SER A 63 12.30 2.38 18.22
C SER A 63 13.81 2.58 17.99
N GLY A 64 14.30 2.41 16.76
CA GLY A 64 15.71 2.58 16.40
C GLY A 64 16.18 4.01 16.60
N LEU A 65 15.26 4.96 16.45
CA LEU A 65 15.57 6.37 16.33
C LEU A 65 15.64 7.04 17.70
N LEU A 66 15.69 6.25 18.76
CA LEU A 66 15.59 6.68 20.15
C LEU A 66 16.99 6.87 20.74
N LYS A 67 17.84 7.54 19.96
CA LYS A 67 19.24 7.86 20.28
C LYS A 67 19.57 9.30 19.90
N GLY A 68 18.60 10.09 19.44
CA GLY A 68 18.80 11.47 18.95
C GLY A 68 19.54 11.55 17.62
N ASN A 69 20.20 10.48 17.18
CA ASN A 69 20.91 10.37 15.92
C ASN A 69 19.95 9.93 14.83
N SER A 70 19.17 10.86 14.31
CA SER A 70 18.31 10.67 13.16
C SER A 70 18.21 12.00 12.40
N ARG A 71 18.03 11.96 11.07
CA ARG A 71 17.81 13.16 10.24
C ARG A 71 16.72 12.95 9.19
N GLN A 72 15.52 12.56 9.62
CA GLN A 72 14.45 12.16 8.73
C GLN A 72 13.10 12.61 9.26
N THR A 73 12.05 12.13 8.62
CA THR A 73 10.70 12.10 9.15
C THR A 73 10.28 10.64 9.12
N VAL A 74 10.03 10.06 10.29
CA VAL A 74 9.15 8.91 10.44
C VAL A 74 7.70 9.42 10.30
N TRP A 75 6.84 8.60 9.71
CA TRP A 75 5.42 8.84 9.50
C TRP A 75 4.61 7.65 9.99
N ARG A 76 3.32 7.89 10.22
CA ARG A 76 2.31 6.93 10.65
C ARG A 76 1.12 7.09 9.71
N GLY A 77 0.73 6.00 9.04
CA GLY A 77 -0.47 5.94 8.23
C GLY A 77 -1.11 4.58 8.39
N TYR A 78 -2.44 4.49 8.37
CA TYR A 78 -3.21 3.30 8.71
C TYR A 78 -4.33 3.15 7.69
N LEU A 79 -4.02 2.46 6.61
CA LEU A 79 -4.90 2.34 5.47
C LEU A 79 -6.08 1.47 5.88
N THR A 80 -7.26 1.76 5.35
CA THR A 80 -8.43 0.95 5.59
C THR A 80 -9.52 1.30 4.58
N THR A 81 -10.54 0.44 4.56
CA THR A 81 -11.80 0.53 3.85
C THR A 81 -12.90 1.05 4.80
N ASP A 82 -12.61 1.24 6.09
CA ASP A 82 -13.63 1.61 7.08
C ASP A 82 -13.89 3.10 7.12
N LYS A 83 -15.09 3.50 6.68
CA LYS A 83 -15.64 4.82 6.88
C LYS A 83 -16.47 4.79 8.16
N GLU A 84 -15.86 5.10 9.28
CA GLU A 84 -16.53 5.20 10.57
C GLU A 84 -15.72 6.04 11.57
N VAL A 85 -14.82 6.91 11.11
CA VAL A 85 -13.86 7.66 11.92
C VAL A 85 -14.01 9.14 11.55
N PRO A 86 -13.97 10.11 12.48
CA PRO A 86 -13.99 11.52 12.13
C PRO A 86 -12.66 11.89 11.45
N GLY A 87 -12.65 12.93 10.61
CA GLY A 87 -11.42 13.40 10.00
C GLY A 87 -10.81 12.44 8.98
N LEU A 88 -11.57 11.46 8.47
CA LEU A 88 -11.21 10.65 7.30
C LEU A 88 -10.77 11.56 6.15
N VAL A 89 -9.80 11.12 5.36
CA VAL A 89 -9.45 11.73 4.10
C VAL A 89 -9.72 10.65 3.04
N LEU A 90 -10.36 11.01 1.92
CA LEU A 90 -10.51 10.05 0.82
C LEU A 90 -9.14 9.80 0.21
N MET A 91 -8.90 8.60 -0.33
CA MET A 91 -7.69 8.35 -1.11
C MET A 91 -7.84 8.93 -2.52
N GLN A 92 -6.71 9.18 -3.16
CA GLN A 92 -6.61 9.73 -4.51
C GLN A 92 -5.58 8.94 -5.35
N ASP A 93 -5.25 7.72 -4.93
CA ASP A 93 -4.35 6.75 -5.60
C ASP A 93 -4.33 5.36 -4.92
N LEU A 94 -5.30 5.02 -4.07
CA LEU A 94 -5.42 3.71 -3.43
C LEU A 94 -6.83 3.15 -3.55
N ALA A 95 -6.93 1.83 -3.60
CA ALA A 95 -8.16 1.06 -3.74
C ALA A 95 -7.94 -0.31 -3.10
N PHE A 96 -9.01 -1.02 -2.74
CA PHE A 96 -8.96 -2.35 -2.12
C PHE A 96 -9.69 -3.32 -3.05
N LEU A 97 -9.84 -4.58 -2.66
CA LEU A 97 -10.57 -5.60 -3.40
C LEU A 97 -11.09 -6.58 -2.32
N SER A 98 -12.21 -7.24 -2.57
CA SER A 98 -12.61 -8.45 -1.86
C SER A 98 -13.40 -9.32 -2.84
N GLY A 99 -14.26 -10.22 -2.37
CA GLY A 99 -15.13 -11.08 -3.16
C GLY A 99 -14.43 -12.23 -3.89
N PHE A 100 -13.11 -12.16 -4.12
CA PHE A 100 -12.38 -13.18 -4.88
C PHE A 100 -12.36 -14.53 -4.15
N PRO A 101 -12.31 -15.66 -4.90
CA PRO A 101 -12.32 -17.00 -4.33
C PRO A 101 -11.04 -17.31 -3.52
N PRO A 102 -10.98 -18.42 -2.77
CA PRO A 102 -9.83 -18.80 -1.95
C PRO A 102 -8.56 -19.13 -2.75
N THR A 103 -8.60 -19.14 -4.09
CA THR A 103 -7.51 -19.49 -4.99
C THR A 103 -6.45 -18.37 -5.10
N PHE A 104 -6.40 -17.46 -4.13
CA PHE A 104 -5.54 -16.28 -4.12
C PHE A 104 -4.67 -16.31 -2.87
N LYS A 105 -3.56 -17.07 -2.94
CA LYS A 105 -2.58 -17.22 -1.88
C LYS A 105 -1.18 -16.77 -2.31
N GLU A 106 -1.04 -16.17 -3.50
CA GLU A 106 0.21 -15.57 -3.97
C GLU A 106 -0.11 -14.21 -4.61
N THR A 107 0.90 -13.32 -4.66
CA THR A 107 0.76 -12.05 -5.37
C THR A 107 0.68 -12.33 -6.89
N ASN A 108 1.44 -13.32 -7.37
CA ASN A 108 1.59 -13.61 -8.79
C ASN A 108 0.29 -14.06 -9.44
N GLN A 109 -0.64 -14.66 -8.69
CA GLN A 109 -1.96 -15.04 -9.18
C GLN A 109 -2.66 -13.81 -9.77
N LEU A 110 -3.04 -12.89 -8.88
CA LEU A 110 -3.87 -11.75 -9.23
C LEU A 110 -3.15 -10.77 -10.14
N LYS A 111 -1.82 -10.72 -10.08
CA LYS A 111 -0.96 -9.92 -10.95
C LYS A 111 -1.30 -10.07 -12.42
N THR A 112 -1.85 -11.22 -12.84
CA THR A 112 -2.23 -11.50 -14.21
C THR A 112 -3.54 -12.31 -14.22
N LYS A 113 -4.51 -11.94 -13.38
CA LYS A 113 -5.87 -12.51 -13.40
C LYS A 113 -6.98 -11.46 -13.29
N LEU A 114 -6.69 -10.26 -12.81
CA LEU A 114 -7.69 -9.29 -12.40
C LEU A 114 -8.39 -8.63 -13.60
N PRO A 115 -9.65 -8.18 -13.45
CA PRO A 115 -10.43 -7.68 -14.57
C PRO A 115 -9.95 -6.29 -15.04
N GLU A 116 -10.35 -5.90 -16.25
CA GLU A 116 -9.89 -4.69 -16.94
C GLU A 116 -9.91 -3.46 -16.03
N ASN A 117 -11.04 -3.22 -15.39
CA ASN A 117 -11.33 -2.06 -14.57
C ASN A 117 -10.33 -1.88 -13.43
N LEU A 118 -9.77 -2.98 -12.92
CA LEU A 118 -8.85 -2.98 -11.79
C LEU A 118 -7.41 -3.21 -12.24
N SER A 119 -7.19 -3.55 -13.51
CA SER A 119 -5.94 -4.06 -14.06
C SER A 119 -5.56 -3.27 -15.32
N SER A 120 -6.01 -2.02 -15.42
CA SER A 120 -5.59 -1.01 -16.39
C SER A 120 -4.07 -0.84 -16.32
N LYS A 121 -3.50 -0.53 -15.14
CA LYS A 121 -2.10 -0.10 -15.05
C LYS A 121 -1.43 -0.33 -13.69
N VAL A 122 -2.11 -0.83 -12.66
CA VAL A 122 -1.51 -0.92 -11.32
C VAL A 122 -0.41 -2.01 -11.22
N LYS A 123 0.13 -2.21 -10.01
CA LYS A 123 1.00 -3.31 -9.61
C LYS A 123 0.26 -4.05 -8.48
N LEU A 124 0.96 -4.74 -7.59
CA LEU A 124 0.47 -5.09 -6.26
C LEU A 124 1.69 -5.15 -5.34
N LEU A 125 1.53 -4.79 -4.07
CA LEU A 125 2.60 -4.60 -3.09
C LEU A 125 2.15 -4.75 -1.63
N GLN A 126 0.96 -5.30 -1.36
CA GLN A 126 0.44 -5.41 0.00
C GLN A 126 -0.59 -6.53 0.04
N LEU A 127 -0.12 -7.78 0.03
CA LEU A 127 -0.96 -8.95 0.16
C LEU A 127 -0.73 -9.59 1.53
N TYR A 128 -1.78 -10.09 2.16
CA TYR A 128 -1.69 -10.92 3.36
C TYR A 128 -1.50 -12.38 2.90
N SER A 129 -0.59 -13.14 3.52
CA SER A 129 -0.31 -14.53 3.15
C SER A 129 -1.41 -15.53 3.51
N GLU A 130 -2.57 -15.06 3.99
CA GLU A 130 -3.50 -15.90 4.74
C GLU A 130 -4.92 -15.40 4.57
N ALA A 131 -5.13 -14.09 4.76
CA ALA A 131 -6.40 -13.45 4.57
C ALA A 131 -6.64 -13.18 3.08
N SER A 132 -7.89 -13.29 2.65
CA SER A 132 -8.34 -12.87 1.35
C SER A 132 -8.64 -11.37 1.39
N VAL A 133 -7.60 -10.54 1.54
CA VAL A 133 -7.66 -9.09 1.42
C VAL A 133 -6.29 -8.62 0.92
N ALA A 134 -6.25 -7.52 0.17
CA ALA A 134 -5.06 -6.86 -0.33
C ALA A 134 -5.29 -5.34 -0.24
N LEU A 135 -4.25 -4.53 -0.49
CA LEU A 135 -4.36 -3.10 -0.84
C LEU A 135 -3.99 -2.95 -2.33
N LEU A 136 -3.52 -1.77 -2.75
CA LEU A 136 -3.08 -1.45 -4.10
C LEU A 136 -2.12 -0.26 -4.07
N LYS A 137 -1.81 0.32 -5.24
CA LYS A 137 -1.20 1.61 -5.52
C LYS A 137 -1.48 1.82 -7.01
N LEU A 138 -1.90 3.01 -7.43
CA LEU A 138 -2.06 3.33 -8.83
C LEU A 138 -1.27 4.58 -9.13
N ASN A 139 -0.72 4.64 -10.33
CA ASN A 139 0.12 5.70 -10.81
C ASN A 139 -0.59 6.63 -11.79
N ASN A 140 -1.80 6.30 -12.26
CA ASN A 140 -2.57 7.14 -13.17
C ASN A 140 -3.95 7.39 -12.56
N PRO A 141 -4.11 8.33 -11.62
CA PRO A 141 -5.39 8.65 -10.99
C PRO A 141 -6.40 9.32 -11.92
N LYS A 142 -6.04 9.64 -13.16
CA LYS A 142 -6.92 10.34 -14.11
C LYS A 142 -8.21 9.56 -14.37
N ASP A 143 -8.22 8.24 -14.18
CA ASP A 143 -9.37 7.36 -14.37
C ASP A 143 -9.95 6.84 -13.06
N PHE A 144 -9.34 7.11 -11.90
CA PHE A 144 -9.76 6.45 -10.66
C PHE A 144 -11.18 6.85 -10.25
N GLN A 145 -11.54 8.12 -10.41
CA GLN A 145 -12.87 8.62 -10.05
C GLN A 145 -13.95 7.96 -10.91
N GLU A 146 -13.64 7.63 -12.16
CA GLU A 146 -14.56 6.96 -13.06
C GLU A 146 -14.69 5.50 -12.63
N LEU A 147 -13.55 4.83 -12.39
CA LEU A 147 -13.46 3.47 -11.85
C LEU A 147 -14.32 3.32 -10.59
N ASN A 148 -14.04 4.11 -9.56
CA ASN A 148 -14.64 4.03 -8.24
C ASN A 148 -16.17 4.02 -8.29
N LYS A 149 -16.76 4.86 -9.14
CA LYS A 149 -18.20 5.08 -9.22
C LYS A 149 -18.73 4.65 -10.59
N GLN A 150 -18.13 3.63 -11.20
CA GLN A 150 -18.41 3.22 -12.56
C GLN A 150 -19.87 2.86 -12.81
N THR A 151 -20.18 2.67 -14.10
CA THR A 151 -21.40 2.04 -14.58
C THR A 151 -21.70 0.73 -13.85
N LYS A 152 -22.94 0.27 -14.00
CA LYS A 152 -23.39 -1.09 -13.72
C LYS A 152 -22.49 -2.12 -14.41
N LYS A 153 -21.43 -2.55 -13.71
CA LYS A 153 -20.41 -3.49 -14.17
C LYS A 153 -19.95 -4.26 -12.94
N ASN A 154 -20.70 -5.29 -12.63
CA ASN A 154 -20.22 -6.48 -11.94
C ASN A 154 -18.96 -7.02 -12.64
N MET A 155 -18.15 -7.81 -11.94
CA MET A 155 -16.95 -8.44 -12.46
C MET A 155 -16.84 -9.88 -11.96
N THR A 156 -16.01 -10.71 -12.60
CA THR A 156 -15.88 -12.14 -12.32
C THR A 156 -14.44 -12.62 -12.60
N ILE A 157 -13.99 -13.60 -11.83
CA ILE A 157 -12.68 -14.22 -11.89
C ILE A 157 -12.87 -15.70 -11.58
N ASP A 158 -12.35 -16.58 -12.43
CA ASP A 158 -12.35 -18.03 -12.25
C ASP A 158 -13.79 -18.53 -11.95
N GLY A 159 -14.78 -17.85 -12.54
CA GLY A 159 -16.21 -18.11 -12.45
C GLY A 159 -16.89 -17.54 -11.22
N LYS A 160 -16.16 -16.90 -10.30
CA LYS A 160 -16.72 -16.31 -9.08
C LYS A 160 -16.75 -14.80 -9.25
N GLU A 161 -17.80 -14.12 -8.82
CA GLU A 161 -17.87 -12.66 -8.93
C GLU A 161 -17.22 -11.95 -7.74
N LEU A 162 -17.04 -10.64 -7.84
CA LEU A 162 -16.39 -9.78 -6.87
C LEU A 162 -16.71 -8.31 -7.13
N THR A 163 -16.22 -7.41 -6.27
CA THR A 163 -16.38 -5.97 -6.39
C THR A 163 -15.18 -5.29 -5.71
N ILE A 164 -14.99 -3.99 -5.93
CA ILE A 164 -13.92 -3.22 -5.31
C ILE A 164 -14.40 -2.79 -3.93
N SER A 165 -13.48 -2.36 -3.09
CA SER A 165 -13.74 -1.80 -1.77
C SER A 165 -13.20 -0.36 -1.70
N PRO A 166 -13.72 0.48 -0.80
CA PRO A 166 -13.26 1.85 -0.58
C PRO A 166 -11.87 1.90 0.06
N ALA A 167 -11.27 3.10 0.08
CA ALA A 167 -9.94 3.35 0.61
C ALA A 167 -9.90 4.77 1.16
N TYR A 168 -9.45 4.93 2.41
CA TYR A 168 -9.33 6.22 3.10
C TYR A 168 -7.93 6.37 3.69
N LEU A 169 -7.39 7.58 3.69
CA LEU A 169 -6.15 7.91 4.35
C LEU A 169 -6.50 8.24 5.79
N LEU A 170 -5.85 7.56 6.74
CA LEU A 170 -5.86 7.88 8.15
C LEU A 170 -4.39 7.93 8.54
N TRP A 171 -3.99 8.96 9.28
CA TRP A 171 -2.65 9.16 9.81
C TRP A 171 -2.73 9.46 11.30
N ASP A 172 -1.60 9.48 11.99
CA ASP A 172 -1.46 9.92 13.37
C ASP A 172 -0.69 11.23 13.28
#